data_6CUE
#
_entry.id   6CUE
#
_cell.length_a   1
_cell.length_b   1
_cell.length_c   1
_cell.angle_alpha   90.00
_cell.angle_beta   90.00
_cell.angle_gamma   90.00
#
_symmetry.space_group_name_H-M   'P 1'
#
loop_
_entity.id
_entity.type
_entity.pdbx_description
1 polymer 'Envelope glycoprotein gp120'
2 polymer 'Envelope glycoprotein gp41'
3 polymer 'vFP7.04 Heavy chain'
4 polymer 'vFP7.04 light chain'
5 polymer 'PGT122 heavy Chain'
6 polymer 'PGT122 Light chain'
7 polymer 'VRC03 Heavy chain'
8 polymer 'VRC03 light chain'
9 branched 2-acetamido-2-deoxy-beta-D-glucopyranose-(1-4)-2-acetamido-2-deoxy-beta-D-glucopyranose
10 branched beta-D-mannopyranose-(1-4)-2-acetamido-2-deoxy-beta-D-glucopyranose-(1-4)-2-acetamido-2-deoxy-beta-D-glucopyranose
11 branched alpha-D-mannopyranose-(1-3)-[alpha-D-mannopyranose-(1-6)]beta-D-mannopyranose-(1-4)-2-acetamido-2-deoxy-beta-D-glucopyranose-(1-4)-2-acetamido-2-deoxy-beta-D-glucopyranose
12 branched alpha-D-mannopyranose-(1-2)-alpha-D-mannopyranose-(1-3)-beta-D-mannopyranose-(1-4)-2-acetamido-2-deoxy-beta-D-glucopyranose-(1-4)-2-acetamido-2-deoxy-beta-D-glucopyranose
13 branched alpha-D-mannopyranose-(1-3)-beta-D-mannopyranose-(1-4)-2-acetamido-2-deoxy-beta-D-glucopyranose-(1-4)-2-acetamido-2-deoxy-beta-D-glucopyranose
14 non-polymer 2-acetamido-2-deoxy-beta-D-glucopyranose
#
loop_
_entity_poly.entity_id
_entity_poly.type
_entity_poly.pdbx_seq_one_letter_code
_entity_poly.pdbx_strand_id
1 'polypeptide(L)'
;AENLWVTVYYGVPVWKDAETTLFCASDAKAYETEKHNVWATHACVPTDPNPQEIHLENVTEEFNMWKNNMVEQMHTDIIS
LWDQSLKPCVKLTPLCVTLQCTNVTNNITDDMRGELKNCSFNMTTELRDKKQKVYSLFYRLDVVQINENQGNRSNNSNKE
YRLINCNTSACTQACPKVSFEPIPIHYCAPAGFAILKCKDKKFNGTGPCPSVSTVQCTHGIKPVVSTQLLLNGSLAEEEV
MIRSENITNNAKNILVQFNTPVQINCTRPNNNTRKSIRIGPGQAFYATGDIIGDIRQAHCNVSKATWNETLGKVVKQLRK
HFGNNTIIRFANSSGGDLEVTTHSFNCGGEFFYCNTSGLFNSTWISNTSVQGSNSTGSNDSITLPCRIKQIINMWQRIGQ
CMYAPPIQGVIRCVSNITGLILTRDGGSTNSTTETFRPGGGDMRDNWRSELYKYKVVKIEPLGVAPTRCKRRV
;
c,2,C
2 'polypeptide(L)'
;AVGIGAVFLGFLGAAGSTMGAASMTLTVQARNLLSGIVQQQSNLLRAIEAQQHLLKLTVWGIKQLQARVLAVERYLRDQQ
LLGIWGCSGKLICCTNVPWNSSWSNRNLSEIWDNMTWLQWDKEISNYTQIIYGLLEESQNQQEKNEQDLLALD
;
1,D,d
3 'polypeptide(L)'
;QVQLQQSGAELVRPGASVTLSCKASGYTFTDYEMHWVKQTPVHGLEWIGAIVPETGFTAYTQKFKGKAMLTADKSSSTAY
MELRSLTSEDSAVYFCSRLRLYWYFDVWGTGTTVTVSS
;
3,H,h
4 'polypeptide(L)'
;GVLMTQSPLSLPVRLGDQASISCRSSQSIVYSNGNTYLEWYLQRPGQSPKLLIYKVSNRFSGVPDRVSGSGSGTDFTLKI
SRVEAEDLGVYYCFQGSHVPYTFGGGTKLEIK
;
4,L,l
5 'polypeptide(L)'
;QVHLQESGPGLVKPSETLSLTCNVSGTLVRDNYWSWIRQPLGKQPEWIGYVHDSGDTNYNPSLKSRVHLSLDKSKNLVSL
RLTGVTAADSAIYYCATTKHGRRIYGVVAFKEWFTYFYMDVWGKGTSVTVSS
;
5,M,m
6 'polypeptide(L)'
;APTFVSVAPGQTARITCGEESLGSRSVIWYQQRPGQAPSLIIYNNNDRPSGIPDRFSGSPGSTFGTTATLTITSVEAGDE
ADYYCHIWDSRRPTNWVFGEGTTLIVL
;
6,N,n
7 'polypeptide(L)'
;QVQLVQSGAVIKTPGSSVKISCRASGYNFRDYSIHWVRLIPDKGFEWIGWIKPLWGAVSYARQLQGRVSMTRQLSQDPDD
PDWGVAYMEFSGLTPADTAEYFCVRRGSCDYCGDFPWQYWCQGTVVVVS
;
7,Q,q
8 'polypeptide(L)'
;EIVLTQSPGILSLSPGETATLFCKASQGGNAMTWYQKRRGQVPRLLIYDTSRRASGVPDRFVGSGSGTDFFLTINKLDRE
DFAVYYCQQFEFFGLGSELEVH
;
8,R,r
#
loop_
_chem_comp.id
_chem_comp.type
_chem_comp.name
_chem_comp.formula
BMA D-saccharide, beta linking beta-D-mannopyranose 'C6 H12 O6'
MAN D-saccharide, alpha linking alpha-D-mannopyranose 'C6 H12 O6'
NAG D-saccharide, beta linking 2-acetamido-2-deoxy-beta-D-glucopyranose 'C8 H15 N O6'
#
# COMPACT_ATOMS: atom_id res chain seq x y z
N ALA A 1 -14.02 -49.09 41.25
CA ALA A 1 -13.14 -48.29 42.10
C ALA A 1 -11.79 -48.11 41.43
N GLU A 2 -11.10 -49.23 41.20
CA GLU A 2 -9.85 -49.23 40.44
C GLU A 2 -10.10 -49.37 38.96
N ASN A 3 -11.36 -49.39 38.54
CA ASN A 3 -11.75 -49.33 37.14
C ASN A 3 -11.88 -47.87 36.68
N LEU A 4 -10.76 -47.16 36.79
CA LEU A 4 -10.77 -45.73 36.51
C LEU A 4 -10.95 -45.50 35.02
N TRP A 5 -11.81 -44.55 34.70
CA TRP A 5 -12.00 -44.09 33.35
C TRP A 5 -11.34 -42.72 33.23
N VAL A 6 -11.46 -42.10 32.08
CA VAL A 6 -10.82 -40.81 31.90
C VAL A 6 -11.88 -39.80 31.53
N THR A 7 -11.62 -38.54 31.87
CA THR A 7 -12.45 -37.42 31.45
C THR A 7 -11.55 -36.30 30.98
N VAL A 8 -11.92 -35.64 29.90
CA VAL A 8 -11.17 -34.48 29.43
C VAL A 8 -11.91 -33.23 29.88
N TYR A 9 -11.22 -32.44 30.68
CA TYR A 9 -11.74 -31.18 31.17
C TYR A 9 -11.31 -30.08 30.20
N TYR A 10 -12.25 -29.26 29.78
CA TYR A 10 -11.96 -28.17 28.88
C TYR A 10 -11.92 -26.86 29.63
N GLY A 11 -10.94 -26.02 29.29
CA GLY A 11 -10.78 -24.75 29.96
C GLY A 11 -9.86 -24.79 31.15
N VAL A 12 -8.93 -25.72 31.18
CA VAL A 12 -8.10 -25.95 32.37
C VAL A 12 -7.05 -24.85 32.46
N PRO A 13 -6.88 -24.21 33.61
CA PRO A 13 -5.80 -23.24 33.76
C PRO A 13 -4.42 -23.91 33.75
N VAL A 14 -3.77 -23.79 32.60
CA VAL A 14 -2.40 -24.26 32.41
C VAL A 14 -1.91 -23.56 31.14
N TRP A 15 -0.61 -23.45 30.99
CA TRP A 15 -0.10 -22.67 29.87
C TRP A 15 1.24 -23.23 29.41
N LYS A 16 1.72 -22.69 28.30
CA LYS A 16 3.10 -22.84 27.90
C LYS A 16 3.69 -21.47 27.61
N ASP A 17 4.95 -21.47 27.21
CA ASP A 17 5.63 -20.25 26.81
C ASP A 17 5.64 -20.16 25.30
N ALA A 18 5.36 -18.98 24.77
CA ALA A 18 5.27 -18.82 23.33
C ALA A 18 5.69 -17.41 22.97
N GLU A 19 5.61 -17.11 21.68
CA GLU A 19 5.94 -15.80 21.15
C GLU A 19 4.83 -15.41 20.18
N THR A 20 4.18 -14.29 20.45
CA THR A 20 3.11 -13.80 19.60
C THR A 20 3.33 -12.32 19.36
N THR A 21 2.53 -11.77 18.46
CA THR A 21 2.50 -10.34 18.34
C THR A 21 1.55 -9.76 19.38
N LEU A 22 1.77 -8.50 19.71
CA LEU A 22 0.93 -7.82 20.67
C LEU A 22 0.21 -6.68 19.98
N PHE A 23 -0.52 -5.89 20.76
CA PHE A 23 -1.36 -4.85 20.19
C PHE A 23 -1.31 -3.64 21.10
N CYS A 24 -0.88 -2.51 20.55
CA CYS A 24 -0.75 -1.30 21.35
C CYS A 24 -2.11 -0.66 21.61
N ALA A 25 -2.19 0.11 22.68
CA ALA A 25 -3.42 0.79 23.06
C ALA A 25 -3.03 2.01 23.90
N SER A 26 -3.35 3.19 23.39
CA SER A 26 -2.94 4.44 24.02
C SER A 26 -4.18 5.21 24.49
N ASP A 27 -3.95 6.12 25.44
CA ASP A 27 -5.03 6.80 26.13
C ASP A 27 -5.65 7.88 25.26
N ALA A 28 -6.82 8.34 25.68
CA ALA A 28 -7.63 9.28 24.90
C ALA A 28 -7.11 10.71 24.94
N LYS A 29 -6.13 11.01 25.79
CA LYS A 29 -5.55 12.35 25.82
C LYS A 29 -4.72 12.63 24.56
N ALA A 30 -4.13 11.59 23.97
CA ALA A 30 -3.50 11.75 22.67
C ALA A 30 -4.52 11.85 21.55
N TYR A 31 -5.76 11.45 21.79
CA TYR A 31 -6.84 11.59 20.83
C TYR A 31 -7.63 12.88 21.01
N GLU A 32 -7.26 13.71 22.00
CA GLU A 32 -7.91 15.01 22.14
C GLU A 32 -7.48 15.94 21.02
N THR A 33 -6.18 16.13 20.86
CA THR A 33 -5.66 16.72 19.64
C THR A 33 -5.61 15.61 18.59
N GLU A 34 -6.13 15.89 17.41
CA GLU A 34 -6.41 14.84 16.45
C GLU A 34 -5.65 15.09 15.15
N LYS A 35 -5.85 14.17 14.20
CA LYS A 35 -5.43 14.30 12.80
C LYS A 35 -3.92 14.48 12.68
N HIS A 36 -3.20 13.40 13.00
CA HIS A 36 -1.74 13.29 12.83
C HIS A 36 -1.00 14.27 13.72
N ASN A 37 -1.47 14.43 14.95
CA ASN A 37 -0.77 15.27 15.91
C ASN A 37 0.60 14.71 16.27
N VAL A 38 0.62 13.48 16.79
CA VAL A 38 1.82 12.67 16.94
C VAL A 38 1.50 11.30 16.37
N TRP A 39 2.46 10.40 16.49
CA TRP A 39 2.19 9.04 16.07
C TRP A 39 1.33 8.32 17.10
N ALA A 40 0.84 7.14 16.70
CA ALA A 40 -0.15 6.32 17.43
C ALA A 40 -1.47 7.07 17.66
N THR A 41 -1.78 8.03 16.81
CA THR A 41 -3.14 8.56 16.79
C THR A 41 -4.01 7.81 15.80
N HIS A 42 -3.41 7.09 14.87
CA HIS A 42 -4.12 6.25 13.92
C HIS A 42 -3.64 4.81 13.96
N ALA A 43 -2.52 4.52 14.62
CA ALA A 43 -1.95 3.19 14.64
C ALA A 43 -2.44 2.36 15.80
N CYS A 44 -2.65 2.98 16.96
CA CYS A 44 -3.13 2.27 18.13
C CYS A 44 -4.62 2.57 18.33
N VAL A 45 -5.31 1.63 18.94
CA VAL A 45 -6.72 1.81 19.28
C VAL A 45 -6.77 2.74 20.49
N PRO A 46 -7.85 3.47 20.73
CA PRO A 46 -8.06 4.03 22.08
C PRO A 46 -8.30 2.93 23.08
N THR A 47 -7.86 3.17 24.31
CA THR A 47 -7.81 2.14 25.33
C THR A 47 -9.19 1.68 25.76
N ASP A 48 -9.40 0.39 25.74
CA ASP A 48 -10.27 -0.23 26.73
C ASP A 48 -9.58 -0.04 28.08
N PRO A 49 -10.20 0.61 29.04
CA PRO A 49 -9.48 1.07 30.23
C PRO A 49 -9.25 -0.06 31.22
N ASN A 50 -8.62 0.30 32.36
CA ASN A 50 -8.54 -0.33 33.68
C ASN A 50 -8.41 -1.86 33.63
N PRO A 51 -7.21 -2.36 33.33
CA PRO A 51 -7.04 -3.80 33.08
C PRO A 51 -7.21 -4.65 34.33
N GLN A 52 -7.65 -5.89 34.10
CA GLN A 52 -8.00 -6.80 35.18
C GLN A 52 -6.78 -7.38 35.90
N GLU A 53 -6.01 -6.52 36.55
CA GLU A 53 -4.77 -6.94 37.19
C GLU A 53 -5.13 -7.63 38.50
N ILE A 54 -5.21 -8.96 38.45
CA ILE A 54 -5.54 -9.75 39.62
C ILE A 54 -4.30 -10.53 40.04
N HIS A 55 -4.40 -11.18 41.19
CA HIS A 55 -3.27 -11.83 41.83
C HIS A 55 -3.44 -13.34 41.73
N LEU A 56 -2.37 -14.07 42.06
CA LEU A 56 -2.33 -15.50 41.91
C LEU A 56 -1.42 -16.05 42.99
N GLU A 57 -1.65 -17.28 43.43
CA GLU A 57 -0.96 -17.82 44.60
C GLU A 57 -0.25 -19.12 44.25
N ASN A 58 0.67 -19.52 45.12
CA ASN A 58 1.35 -20.84 45.12
C ASN A 58 1.97 -21.18 43.77
N VAL A 59 2.62 -20.20 43.17
CA VAL A 59 2.92 -20.23 41.74
C VAL A 59 4.33 -19.73 41.52
N THR A 60 5.02 -20.33 40.56
CA THR A 60 6.40 -19.94 40.25
C THR A 60 6.69 -20.28 38.80
N GLU A 61 6.87 -19.25 37.99
CA GLU A 61 7.42 -19.40 36.64
C GLU A 61 8.81 -18.80 36.61
N GLU A 62 9.75 -19.50 36.00
CA GLU A 62 11.06 -18.92 35.80
C GLU A 62 10.98 -17.82 34.76
N PHE A 63 11.69 -16.73 34.99
CA PHE A 63 11.67 -15.66 34.02
C PHE A 63 13.01 -15.56 33.32
N ASN A 64 13.10 -14.58 32.43
CA ASN A 64 14.33 -14.14 31.80
C ASN A 64 14.03 -12.79 31.19
N MET A 65 14.93 -11.85 31.36
CA MET A 65 14.85 -10.65 30.55
C MET A 65 15.70 -10.75 29.30
N TRP A 66 16.63 -11.69 29.25
CA TRP A 66 17.65 -11.61 28.22
C TRP A 66 17.22 -12.31 26.96
N LYS A 67 16.73 -13.55 27.07
CA LYS A 67 16.14 -14.22 25.93
C LYS A 67 14.64 -14.06 25.89
N ASN A 68 14.12 -12.97 26.45
CA ASN A 68 12.71 -12.66 26.37
C ASN A 68 12.39 -12.09 25.00
N ASN A 69 11.21 -12.42 24.50
CA ASN A 69 10.70 -11.74 23.32
C ASN A 69 9.89 -10.53 23.81
N MET A 70 9.13 -9.91 22.90
CA MET A 70 8.30 -8.70 22.98
C MET A 70 9.15 -7.44 23.17
N VAL A 71 10.45 -7.60 23.36
CA VAL A 71 11.38 -6.50 23.24
C VAL A 71 11.93 -6.44 21.83
N GLU A 72 12.02 -7.59 21.15
CA GLU A 72 12.45 -7.60 19.76
C GLU A 72 11.41 -6.95 18.86
N GLN A 73 10.14 -7.31 19.06
CA GLN A 73 9.14 -6.77 18.17
C GLN A 73 8.83 -5.33 18.50
N MET A 74 9.15 -4.85 19.70
CA MET A 74 8.98 -3.43 19.96
C MET A 74 10.05 -2.62 19.25
N HIS A 75 11.27 -3.13 19.22
CA HIS A 75 12.31 -2.48 18.44
C HIS A 75 12.05 -2.61 16.94
N THR A 76 11.22 -3.56 16.51
CA THR A 76 10.74 -3.49 15.13
C THR A 76 9.59 -2.51 14.96
N ASP A 77 8.70 -2.43 15.95
CA ASP A 77 7.47 -1.65 15.82
C ASP A 77 7.75 -0.17 15.84
N ILE A 78 8.68 0.26 16.70
CA ILE A 78 8.94 1.68 16.83
C ILE A 78 9.64 2.22 15.60
N ILE A 79 10.58 1.45 15.03
CA ILE A 79 11.19 1.85 13.77
C ILE A 79 10.16 1.86 12.64
N SER A 80 9.30 0.83 12.59
CA SER A 80 8.33 0.73 11.50
C SER A 80 7.27 1.82 11.59
N LEU A 81 6.93 2.23 12.82
CA LEU A 81 6.06 3.38 12.99
C LEU A 81 6.78 4.68 12.69
N TRP A 82 8.06 4.75 13.04
CA TRP A 82 8.87 5.95 12.86
C TRP A 82 9.03 6.28 11.39
N ASP A 83 9.04 5.26 10.54
CA ASP A 83 9.05 5.53 9.12
C ASP A 83 7.72 6.08 8.61
N GLN A 84 6.60 5.66 9.22
CA GLN A 84 5.30 6.03 8.69
C GLN A 84 4.94 7.47 8.97
N SER A 85 5.66 8.15 9.87
CA SER A 85 5.42 9.56 10.12
C SER A 85 6.35 10.44 9.30
N LEU A 86 6.93 9.91 8.23
CA LEU A 86 7.87 10.67 7.42
C LEU A 86 7.48 10.73 5.96
N LYS A 87 6.86 9.68 5.43
CA LYS A 87 6.43 9.66 4.04
C LYS A 87 5.46 10.78 3.62
N PRO A 88 4.61 11.36 4.47
CA PRO A 88 3.91 12.57 4.04
C PRO A 88 4.76 13.83 4.01
N CYS A 89 6.05 13.78 4.31
CA CYS A 89 6.83 14.99 4.49
C CYS A 89 7.81 15.21 3.34
N VAL A 90 8.44 16.38 3.37
CA VAL A 90 9.20 16.90 2.24
C VAL A 90 10.52 16.16 2.10
N LYS A 91 10.94 15.91 0.86
CA LYS A 91 12.31 15.48 0.59
C LYS A 91 13.15 16.68 0.16
N LEU A 92 14.45 16.62 0.47
CA LEU A 92 15.36 17.74 0.25
C LEU A 92 16.33 17.47 -0.90
N THR A 93 15.82 16.92 -1.99
CA THR A 93 16.62 16.87 -3.21
C THR A 93 17.09 18.23 -3.72
N PRO A 94 16.28 19.31 -3.79
CA PRO A 94 16.83 20.56 -4.33
C PRO A 94 17.77 21.31 -3.41
N LEU A 95 18.09 20.80 -2.23
CA LEU A 95 18.87 21.59 -1.29
C LEU A 95 20.32 21.15 -1.17
N CYS A 96 20.65 19.93 -1.58
CA CYS A 96 22.04 19.53 -1.63
C CYS A 96 22.69 20.30 -2.76
N VAL A 97 23.40 21.38 -2.41
CA VAL A 97 23.86 22.34 -3.39
C VAL A 97 25.10 23.02 -2.82
N THR A 98 25.85 23.69 -3.69
CA THR A 98 27.00 24.49 -3.29
C THR A 98 26.58 25.57 -2.30
N LEU A 99 27.30 25.67 -1.20
CA LEU A 99 27.04 26.69 -0.21
C LEU A 99 28.17 27.71 -0.21
N GLN A 100 27.84 28.94 0.16
CA GLN A 100 28.81 30.01 0.32
C GLN A 100 28.68 30.46 1.76
N CYS A 101 29.50 29.88 2.62
CA CYS A 101 29.40 30.10 4.05
C CYS A 101 30.43 31.12 4.51
N THR A 102 30.10 31.76 5.62
CA THR A 102 31.00 32.68 6.29
C THR A 102 30.64 32.67 7.76
N ASN A 103 31.46 33.33 8.56
CA ASN A 103 31.23 33.31 10.00
C ASN A 103 30.06 34.20 10.37
N VAL A 104 29.38 33.83 11.44
CA VAL A 104 28.32 34.65 11.99
C VAL A 104 28.95 35.93 12.54
N THR A 105 28.18 37.02 12.51
CA THR A 105 28.65 38.28 13.07
C THR A 105 28.76 38.12 14.57
N ASN A 106 30.00 37.97 15.05
CA ASN A 106 30.26 37.74 16.47
C ASN A 106 31.72 38.06 16.73
N ASN A 107 32.01 38.45 17.96
CA ASN A 107 33.38 38.54 18.44
C ASN A 107 33.93 37.13 18.48
N ILE A 108 34.77 36.80 17.51
CA ILE A 108 35.38 35.48 17.44
C ILE A 108 36.83 35.59 17.86
N THR A 109 37.30 34.58 18.57
CA THR A 109 38.70 34.47 18.92
C THR A 109 39.44 33.81 17.75
N ASP A 110 40.75 33.70 17.90
CA ASP A 110 41.51 32.94 16.91
C ASP A 110 41.47 31.44 17.20
N ASP A 111 41.51 31.06 18.47
CA ASP A 111 41.54 29.64 18.82
C ASP A 111 40.14 29.05 18.92
N MET A 112 39.31 29.60 19.82
CA MET A 112 37.97 29.06 20.01
C MET A 112 37.07 29.41 18.83
N ARG A 113 36.20 28.47 18.48
CA ARG A 113 35.51 28.49 17.21
C ARG A 113 34.02 28.70 17.45
N GLY A 114 33.41 29.54 16.60
CA GLY A 114 31.97 29.65 16.60
C GLY A 114 31.32 28.39 16.06
N GLU A 115 30.08 28.17 16.50
CA GLU A 115 29.31 27.01 16.08
C GLU A 115 28.21 27.37 15.10
N LEU A 116 28.25 28.56 14.53
CA LEU A 116 27.23 29.00 13.60
C LEU A 116 27.89 29.51 12.34
N LYS A 117 27.38 29.09 11.19
CA LYS A 117 27.88 29.57 9.90
C LYS A 117 26.72 30.18 9.13
N ASN A 118 26.90 31.43 8.72
CA ASN A 118 25.95 32.18 7.91
C ASN A 118 26.22 31.82 6.46
N CYS A 119 25.32 31.06 5.84
CA CYS A 119 25.56 30.50 4.52
C CYS A 119 24.50 30.98 3.54
N SER A 120 24.95 31.49 2.40
CA SER A 120 24.07 31.89 1.31
C SER A 120 24.19 30.90 0.16
N PHE A 121 23.11 30.72 -0.58
CA PHE A 121 23.12 29.78 -1.70
C PHE A 121 21.96 30.03 -2.63
N ASN A 122 22.17 29.70 -3.91
CA ASN A 122 21.14 29.78 -4.93
C ASN A 122 20.02 28.80 -4.60
N MET A 123 18.83 29.09 -5.11
CA MET A 123 17.70 28.21 -4.86
C MET A 123 16.66 28.43 -5.95
N THR A 124 15.85 27.40 -6.20
CA THR A 124 14.75 27.57 -7.13
C THR A 124 13.64 28.38 -6.46
N THR A 125 12.74 28.88 -7.30
CA THR A 125 11.53 29.51 -6.82
C THR A 125 10.38 28.53 -7.03
N GLU A 126 9.17 29.01 -6.75
CA GLU A 126 7.97 28.30 -7.19
C GLU A 126 7.97 28.15 -8.70
N LEU A 127 8.37 29.20 -9.40
CA LEU A 127 8.53 29.15 -10.84
C LEU A 127 9.82 28.41 -11.18
N ARG A 128 9.99 28.11 -12.46
CA ARG A 128 11.16 27.35 -12.90
C ARG A 128 12.21 28.21 -13.57
N ASP A 129 11.80 29.23 -14.32
CA ASP A 129 12.77 30.07 -15.01
C ASP A 129 13.54 30.94 -14.01
N LYS A 130 12.85 31.54 -13.06
CA LYS A 130 13.51 32.41 -12.13
C LYS A 130 14.14 31.61 -11.00
N LYS A 131 15.12 32.21 -10.35
CA LYS A 131 15.77 31.62 -9.20
C LYS A 131 16.08 32.72 -8.20
N GLN A 132 16.25 32.32 -6.95
CA GLN A 132 16.40 33.26 -5.86
C GLN A 132 17.70 33.00 -5.10
N LYS A 133 18.11 34.00 -4.33
CA LYS A 133 19.25 33.88 -3.45
C LYS A 133 18.78 34.08 -2.02
N VAL A 134 19.23 33.22 -1.11
CA VAL A 134 18.76 33.27 0.27
C VAL A 134 19.85 32.66 1.14
N TYR A 135 19.79 32.95 2.44
CA TYR A 135 20.81 32.55 3.39
C TYR A 135 20.15 32.01 4.65
N SER A 136 20.91 31.22 5.39
CA SER A 136 20.46 30.70 6.67
C SER A 136 21.66 30.45 7.57
N LEU A 137 21.44 29.75 8.67
CA LEU A 137 22.49 29.45 9.63
C LEU A 137 22.61 27.94 9.78
N PHE A 138 23.84 27.47 10.00
CA PHE A 138 24.05 26.05 10.19
C PHE A 138 25.09 25.80 11.24
N TYR A 139 24.98 24.66 11.91
CA TYR A 139 25.97 24.29 12.90
C TYR A 139 27.21 23.71 12.24
N ARG A 140 28.28 23.60 13.01
CA ARG A 140 29.55 23.10 12.50
C ARG A 140 29.50 21.63 12.13
N LEU A 141 28.50 20.89 12.59
CA LEU A 141 28.44 19.45 12.39
C LEU A 141 27.56 19.05 11.22
N ASP A 142 27.15 19.99 10.39
CA ASP A 142 26.37 19.67 9.21
C ASP A 142 26.99 20.15 7.92
N VAL A 143 28.07 20.91 7.97
CA VAL A 143 28.74 21.32 6.75
C VAL A 143 30.14 20.76 6.75
N VAL A 144 30.62 20.40 5.57
CA VAL A 144 32.01 20.03 5.38
C VAL A 144 32.53 20.85 4.22
N GLN A 145 33.85 20.90 4.11
CA GLN A 145 34.50 21.73 3.12
C GLN A 145 34.73 20.92 1.86
N ILE A 146 34.15 21.34 0.78
CA ILE A 146 34.42 20.72 -0.50
C ILE A 146 35.68 21.37 -1.05
N ASN A 147 36.45 20.63 -1.82
CA ASN A 147 37.76 21.11 -2.23
C ASN A 147 38.20 20.43 -3.52
N SER A 157 41.43 32.33 -0.93
CA SER A 157 40.38 32.49 -1.91
C SER A 157 39.00 32.32 -1.28
N ASN A 158 38.11 31.64 -1.99
CA ASN A 158 36.79 31.31 -1.48
C ASN A 158 36.87 30.16 -0.47
N LYS A 159 35.74 29.91 0.18
CA LYS A 159 35.62 28.74 1.05
C LYS A 159 34.18 28.26 0.95
N GLU A 160 33.94 27.31 0.06
CA GLU A 160 32.60 26.82 -0.22
C GLU A 160 32.40 25.46 0.41
N TYR A 161 31.22 25.24 0.96
CA TYR A 161 30.93 24.06 1.75
C TYR A 161 29.87 23.22 1.05
N ARG A 162 29.52 22.12 1.70
CA ARG A 162 28.35 21.35 1.30
C ARG A 162 27.83 20.64 2.53
N LEU A 163 26.62 20.11 2.42
CA LEU A 163 26.09 19.38 3.56
C LEU A 163 26.76 18.02 3.66
N ILE A 164 26.67 17.44 4.84
CA ILE A 164 27.45 16.24 5.14
C ILE A 164 26.83 15.00 4.52
N ASN A 165 25.51 14.87 4.57
CA ASN A 165 24.88 13.65 4.11
C ASN A 165 24.57 13.65 2.62
N CYS A 166 24.96 14.68 1.89
CA CYS A 166 24.57 14.75 0.49
C CYS A 166 25.47 13.96 -0.44
N ASN A 167 26.35 13.11 0.07
CA ASN A 167 26.98 12.12 -0.80
C ASN A 167 26.46 10.72 -0.55
N THR A 168 25.50 10.54 0.34
CA THR A 168 25.01 9.21 0.62
C THR A 168 23.49 9.08 0.57
N SER A 169 22.75 10.14 0.89
CA SER A 169 21.30 10.02 1.00
C SER A 169 20.66 11.40 0.97
N ALA A 170 19.63 11.56 0.16
CA ALA A 170 18.83 12.76 0.19
C ALA A 170 17.97 12.77 1.44
N CYS A 171 17.77 13.95 2.02
CA CYS A 171 17.33 14.03 3.39
C CYS A 171 15.84 14.35 3.47
N THR A 172 15.21 13.87 4.53
CA THR A 172 13.79 14.06 4.75
C THR A 172 13.59 15.08 5.86
N GLN A 173 12.92 16.18 5.54
CA GLN A 173 12.53 17.11 6.58
C GLN A 173 11.40 16.50 7.37
N ALA A 174 11.44 16.64 8.70
CA ALA A 174 10.29 16.32 9.50
C ALA A 174 9.26 17.41 9.34
N CYS A 175 8.00 17.03 9.32
CA CYS A 175 6.96 18.04 9.27
C CYS A 175 6.84 18.70 10.64
N PRO A 176 6.84 20.03 10.72
CA PRO A 176 6.77 20.69 12.03
C PRO A 176 5.42 20.57 12.70
N LYS A 177 4.41 20.12 11.97
CA LYS A 177 3.11 19.86 12.54
C LYS A 177 3.14 18.69 13.51
N VAL A 178 3.86 17.63 13.17
CA VAL A 178 3.94 16.46 14.03
C VAL A 178 4.96 16.73 15.13
N SER A 179 4.82 16.05 16.26
CA SER A 179 5.73 16.20 17.38
C SER A 179 6.32 14.85 17.77
N PHE A 180 7.43 14.92 18.50
CA PHE A 180 8.15 13.73 18.95
C PHE A 180 8.11 13.54 20.45
N GLU A 181 7.10 14.09 21.12
CA GLU A 181 7.01 13.92 22.55
C GLU A 181 6.63 12.48 22.88
N PRO A 182 7.11 11.95 24.00
CA PRO A 182 6.70 10.61 24.39
C PRO A 182 5.25 10.59 24.85
N ILE A 183 4.65 9.42 24.71
CA ILE A 183 3.25 9.19 25.06
C ILE A 183 3.17 7.80 25.67
N PRO A 184 2.24 7.53 26.57
CA PRO A 184 2.11 6.17 27.11
C PRO A 184 1.58 5.21 26.06
N ILE A 185 2.15 4.01 26.06
CA ILE A 185 1.66 2.90 25.27
C ILE A 185 1.38 1.74 26.20
N HIS A 186 0.17 1.22 26.16
CA HIS A 186 -0.19 0.02 26.89
C HIS A 186 -0.22 -1.12 25.90
N TYR A 187 0.72 -2.04 26.01
CA TYR A 187 0.64 -3.25 25.22
C TYR A 187 -0.44 -4.17 25.76
N CYS A 188 -1.08 -4.90 24.85
CA CYS A 188 -2.10 -5.86 25.22
C CYS A 188 -1.86 -7.14 24.43
N ALA A 189 -2.26 -8.26 25.01
CA ALA A 189 -2.23 -9.57 24.41
C ALA A 189 -3.62 -9.95 23.94
N PRO A 190 -3.76 -10.57 22.77
CA PRO A 190 -5.10 -10.89 22.25
C PRO A 190 -5.70 -12.07 23.00
N ALA A 191 -6.90 -12.46 22.57
CA ALA A 191 -7.59 -13.57 23.21
C ALA A 191 -6.87 -14.88 22.92
N GLY A 192 -6.67 -15.67 23.96
CA GLY A 192 -5.87 -16.85 23.85
C GLY A 192 -4.45 -16.71 24.35
N PHE A 193 -4.14 -15.65 25.08
CA PHE A 193 -2.83 -15.45 25.67
C PHE A 193 -2.98 -14.77 27.01
N ALA A 194 -1.87 -14.62 27.71
CA ALA A 194 -1.88 -13.93 28.98
C ALA A 194 -0.51 -13.32 29.22
N ILE A 195 -0.48 -12.29 30.03
CA ILE A 195 0.74 -11.59 30.37
C ILE A 195 0.94 -11.70 31.87
N LEU A 196 2.05 -12.32 32.26
CA LEU A 196 2.39 -12.44 33.66
C LEU A 196 3.21 -11.24 34.10
N LYS A 197 3.29 -11.04 35.42
CA LYS A 197 4.03 -9.93 35.99
C LYS A 197 4.61 -10.36 37.33
N CYS A 198 5.94 -10.30 37.45
CA CYS A 198 6.60 -10.57 38.73
C CYS A 198 6.33 -9.43 39.70
N LYS A 199 5.56 -9.70 40.74
CA LYS A 199 5.23 -8.69 41.72
C LYS A 199 6.21 -8.72 42.89
N ASP A 200 7.27 -9.50 42.80
CA ASP A 200 8.25 -9.61 43.86
C ASP A 200 9.05 -8.31 43.95
N LYS A 201 9.57 -8.04 45.16
CA LYS A 201 10.40 -6.88 45.39
C LYS A 201 11.83 -7.13 44.93
N LYS A 202 12.50 -8.09 45.53
CA LYS A 202 13.91 -8.35 45.26
C LYS A 202 14.00 -9.39 44.16
N PHE A 203 14.21 -8.93 42.93
CA PHE A 203 14.23 -9.83 41.79
C PHE A 203 15.15 -9.26 40.74
N ASN A 204 16.24 -9.98 40.46
CA ASN A 204 17.27 -9.46 39.57
C ASN A 204 17.01 -9.77 38.11
N GLY A 205 15.76 -10.05 37.73
CA GLY A 205 15.42 -10.25 36.35
C GLY A 205 15.72 -11.63 35.81
N THR A 206 16.27 -12.52 36.60
CA THR A 206 16.64 -13.84 36.14
C THR A 206 16.35 -14.82 37.25
N GLY A 207 15.95 -16.03 36.90
CA GLY A 207 15.64 -17.01 37.89
C GLY A 207 14.20 -16.90 38.34
N PRO A 208 13.78 -17.78 39.23
CA PRO A 208 12.35 -17.91 39.55
C PRO A 208 11.85 -16.77 40.42
N CYS A 209 10.72 -16.20 40.03
CA CYS A 209 9.97 -15.22 40.79
C CYS A 209 8.88 -15.92 41.57
N PRO A 210 8.71 -15.63 42.86
CA PRO A 210 7.80 -16.42 43.68
C PRO A 210 6.35 -15.95 43.69
N SER A 211 6.05 -14.74 43.23
CA SER A 211 4.68 -14.22 43.30
C SER A 211 4.32 -13.55 41.99
N VAL A 212 3.82 -14.33 41.04
CA VAL A 212 3.46 -13.77 39.75
C VAL A 212 2.03 -13.27 39.84
N SER A 213 1.61 -12.48 38.86
CA SER A 213 0.21 -12.06 38.76
C SER A 213 -0.10 -11.77 37.31
N THR A 214 -1.23 -12.27 36.84
CA THR A 214 -1.62 -12.03 35.46
C THR A 214 -2.16 -10.62 35.29
N VAL A 215 -2.29 -10.20 34.04
CA VAL A 215 -2.79 -8.86 33.73
C VAL A 215 -3.42 -8.91 32.35
N GLN A 216 -4.31 -7.96 32.08
CA GLN A 216 -4.87 -7.80 30.74
C GLN A 216 -3.92 -7.03 29.84
N CYS A 217 -3.46 -5.87 30.29
CA CYS A 217 -2.59 -5.00 29.52
C CYS A 217 -1.57 -4.39 30.46
N THR A 218 -0.38 -4.09 29.94
CA THR A 218 0.65 -3.49 30.77
C THR A 218 0.32 -2.06 31.14
N HIS A 219 1.06 -1.53 32.09
CA HIS A 219 0.87 -0.15 32.50
C HIS A 219 1.67 0.76 31.56
N GLY A 220 1.82 2.02 31.93
CA GLY A 220 2.44 3.02 31.08
C GLY A 220 3.89 2.77 30.73
N ILE A 221 4.17 2.65 29.44
CA ILE A 221 5.51 2.38 28.94
C ILE A 221 5.83 3.50 27.97
N LYS A 222 6.51 4.50 28.43
CA LYS A 222 6.73 5.51 27.42
C LYS A 222 8.00 5.24 26.65
N PRO A 223 8.05 5.59 25.39
CA PRO A 223 9.29 5.51 24.64
C PRO A 223 10.13 6.76 24.76
N VAL A 224 11.41 6.59 25.10
CA VAL A 224 12.36 7.69 25.07
C VAL A 224 13.50 7.26 24.15
N VAL A 225 14.28 8.23 23.73
CA VAL A 225 15.52 7.96 23.02
C VAL A 225 16.67 8.61 23.79
N SER A 226 17.55 7.77 24.32
CA SER A 226 18.67 8.19 25.14
C SER A 226 19.64 7.03 25.26
N THR A 227 20.93 7.33 25.17
CA THR A 227 21.95 6.29 25.13
C THR A 227 22.56 6.04 26.50
N GLN A 228 23.15 7.04 27.10
CA GLN A 228 23.54 6.99 28.49
C GLN A 228 22.46 7.73 29.28
N LEU A 229 22.26 7.31 30.53
CA LEU A 229 21.40 7.99 31.50
C LEU A 229 19.96 8.09 31.00
N LEU A 230 19.30 6.93 30.98
CA LEU A 230 17.92 6.87 30.52
C LEU A 230 17.00 7.72 31.38
N LEU A 231 16.03 8.36 30.72
CA LEU A 231 15.30 9.49 31.26
C LEU A 231 13.82 9.16 31.43
N ASN A 232 13.19 9.84 32.40
CA ASN A 232 11.76 9.71 32.71
C ASN A 232 11.33 8.26 32.97
N GLY A 233 12.24 7.43 33.46
CA GLY A 233 12.00 6.01 33.51
C GLY A 233 11.12 5.61 34.67
N SER A 234 11.01 4.30 34.86
CA SER A 234 10.24 3.73 35.95
C SER A 234 11.14 3.59 37.17
N LEU A 235 10.67 4.09 38.31
CA LEU A 235 11.49 4.12 39.51
C LEU A 235 11.59 2.74 40.13
N ALA A 236 12.74 2.47 40.76
CA ALA A 236 12.88 1.27 41.56
C ALA A 236 12.03 1.36 42.81
N GLU A 237 11.73 0.21 43.41
CA GLU A 237 10.70 0.18 44.43
C GLU A 237 11.20 0.74 45.77
N GLU A 238 12.15 0.07 46.39
CA GLU A 238 12.65 0.64 47.64
C GLU A 238 14.16 0.82 47.65
N GLU A 239 14.91 -0.13 47.15
CA GLU A 239 16.35 -0.11 47.20
C GLU A 239 16.92 0.47 45.92
N VAL A 240 18.22 0.27 45.72
CA VAL A 240 18.88 0.49 44.45
C VAL A 240 19.30 -0.87 43.93
N MET A 241 18.96 -1.16 42.67
CA MET A 241 19.21 -2.48 42.12
C MET A 241 20.11 -2.39 40.90
N ILE A 242 20.99 -3.36 40.76
CA ILE A 242 21.74 -3.56 39.53
C ILE A 242 21.33 -4.91 38.96
N ARG A 243 21.41 -5.02 37.64
CA ARG A 243 20.99 -6.22 36.95
C ARG A 243 21.97 -6.45 35.81
N SER A 244 22.23 -7.72 35.52
CA SER A 244 23.06 -8.09 34.39
C SER A 244 22.69 -9.50 33.95
N GLU A 245 23.33 -9.94 32.87
CA GLU A 245 23.15 -11.32 32.43
C GLU A 245 24.14 -12.25 33.11
N ASN A 246 25.42 -11.88 33.08
CA ASN A 246 26.46 -12.69 33.67
C ASN A 246 27.61 -11.73 33.94
N ILE A 247 27.82 -11.40 35.22
CA ILE A 247 28.54 -10.18 35.55
C ILE A 247 30.03 -10.34 35.33
N THR A 248 30.57 -11.54 35.47
CA THR A 248 31.99 -11.73 35.21
C THR A 248 32.29 -11.67 33.71
N ASN A 249 31.31 -11.92 32.87
CA ASN A 249 31.40 -11.48 31.47
C ASN A 249 31.29 -9.97 31.41
N ASN A 250 32.08 -9.35 30.54
CA ASN A 250 32.01 -7.91 30.37
C ASN A 250 31.32 -7.45 29.10
N ALA A 251 31.15 -8.34 28.12
CA ALA A 251 30.63 -7.91 26.82
C ALA A 251 29.14 -7.58 26.87
N LYS A 252 28.46 -7.92 27.94
CA LYS A 252 27.08 -7.52 28.15
C LYS A 252 27.05 -6.30 29.06
N ASN A 253 26.07 -5.43 28.84
CA ASN A 253 25.98 -4.22 29.63
C ASN A 253 25.45 -4.53 31.03
N ILE A 254 25.46 -3.50 31.88
CA ILE A 254 24.96 -3.59 33.24
C ILE A 254 23.89 -2.53 33.42
N LEU A 255 22.67 -2.96 33.71
CA LEU A 255 21.57 -2.03 33.89
C LEU A 255 21.48 -1.66 35.37
N VAL A 256 21.59 -0.37 35.67
CA VAL A 256 21.45 0.12 37.03
C VAL A 256 20.13 0.86 37.11
N GLN A 257 19.25 0.43 38.00
CA GLN A 257 18.00 1.14 38.25
C GLN A 257 18.00 1.53 39.71
N PHE A 258 18.12 2.83 39.96
CA PHE A 258 18.13 3.32 41.32
C PHE A 258 16.80 3.95 41.68
N ASN A 259 16.73 4.45 42.91
CA ASN A 259 15.45 4.69 43.58
C ASN A 259 14.97 6.13 43.42
N THR A 260 15.71 7.06 43.91
CA THR A 260 15.21 8.42 43.85
C THR A 260 15.67 9.10 42.58
N PRO A 261 14.78 9.77 41.87
CA PRO A 261 15.17 10.40 40.61
C PRO A 261 16.03 11.62 40.87
N VAL A 262 16.97 11.84 39.96
CA VAL A 262 17.79 13.05 39.97
C VAL A 262 17.19 14.04 38.99
N GLN A 263 16.84 15.22 39.46
CA GLN A 263 16.29 16.21 38.55
C GLN A 263 17.39 16.78 37.67
N ILE A 264 17.10 16.90 36.38
CA ILE A 264 18.04 17.46 35.41
C ILE A 264 17.36 18.58 34.66
N ASN A 265 18.00 19.73 34.60
CA ASN A 265 17.53 20.86 33.83
C ASN A 265 18.38 20.97 32.59
N CYS A 266 17.77 21.10 31.43
CA CYS A 266 18.55 21.30 30.22
C CYS A 266 17.99 22.45 29.43
N THR A 267 18.86 23.21 28.79
CA THR A 267 18.39 24.37 28.06
C THR A 267 19.30 24.74 26.91
N ARG A 268 18.70 25.46 25.98
CA ARG A 268 19.38 26.30 25.01
C ARG A 268 18.91 27.71 25.30
N PRO A 269 19.81 28.60 25.72
CA PRO A 269 19.43 29.97 26.05
C PRO A 269 19.30 30.88 24.85
N ASN A 270 19.59 30.40 23.65
CA ASN A 270 19.52 31.25 22.48
C ASN A 270 18.08 31.43 22.03
N ASN A 271 17.78 32.60 21.51
CA ASN A 271 16.46 32.94 21.01
C ASN A 271 16.55 32.96 19.48
N ASN A 272 15.83 32.06 18.83
CA ASN A 272 15.97 31.89 17.40
C ASN A 272 14.81 32.53 16.65
N THR A 273 14.80 32.29 15.35
CA THR A 273 13.73 32.69 14.45
C THR A 273 13.70 31.66 13.33
N ARG A 274 12.52 31.19 12.97
CA ARG A 274 12.46 30.35 11.78
C ARG A 274 12.10 31.22 10.58
N LYS A 275 12.55 30.78 9.41
CA LYS A 275 12.44 31.53 8.18
C LYS A 275 11.97 30.58 7.10
N SER A 276 10.77 30.79 6.59
CA SER A 276 10.22 29.89 5.58
C SER A 276 10.80 30.24 4.22
N ILE A 277 11.25 29.22 3.50
CA ILE A 277 11.78 29.38 2.15
C ILE A 277 11.00 28.46 1.24
N ARG A 278 10.35 29.01 0.23
CA ARG A 278 9.61 28.18 -0.70
C ARG A 278 10.55 27.59 -1.73
N ILE A 279 10.54 26.27 -1.85
CA ILE A 279 11.37 25.57 -2.82
C ILE A 279 10.65 25.40 -4.14
N GLY A 280 9.41 24.93 -4.10
CA GLY A 280 8.58 24.83 -5.27
C GLY A 280 7.11 24.98 -4.92
N PRO A 281 6.24 24.30 -5.65
CA PRO A 281 4.82 24.32 -5.31
C PRO A 281 4.53 23.51 -4.06
N GLY A 282 4.17 24.19 -2.97
CA GLY A 282 3.84 23.48 -1.75
C GLY A 282 5.01 22.92 -0.99
N GLN A 283 6.20 23.46 -1.21
CA GLN A 283 7.42 22.95 -0.59
C GLN A 283 7.99 24.06 0.29
N ALA A 284 7.94 23.87 1.60
CA ALA A 284 8.34 24.91 2.53
C ALA A 284 9.50 24.41 3.39
N PHE A 285 10.64 25.06 3.28
CA PHE A 285 11.84 24.71 4.03
C PHE A 285 12.02 25.71 5.16
N TYR A 286 11.87 25.23 6.38
CA TYR A 286 11.98 26.06 7.57
C TYR A 286 13.45 26.14 7.95
N ALA A 287 14.12 27.20 7.55
CA ALA A 287 15.51 27.37 7.92
C ALA A 287 15.60 28.19 9.20
N THR A 288 16.81 28.34 9.71
CA THR A 288 17.05 29.15 10.89
C THR A 288 17.23 30.60 10.45
N GLY A 289 16.47 31.50 11.05
CA GLY A 289 16.55 32.89 10.68
C GLY A 289 17.68 33.60 11.39
N ASP A 290 17.38 34.69 12.07
CA ASP A 290 18.38 35.47 12.76
C ASP A 290 18.36 35.13 14.25
N ILE A 291 19.46 35.45 14.92
CA ILE A 291 19.62 35.19 16.34
C ILE A 291 19.52 36.51 17.08
N ILE A 292 18.50 36.63 17.92
CA ILE A 292 18.28 37.83 18.73
C ILE A 292 18.81 37.55 20.13
N GLY A 293 19.70 38.41 20.60
CA GLY A 293 20.24 38.30 21.94
C GLY A 293 21.72 37.99 21.94
N ASP A 294 22.14 37.22 22.93
CA ASP A 294 23.53 36.84 23.09
C ASP A 294 23.73 35.42 22.59
N ILE A 295 24.71 35.25 21.70
CA ILE A 295 25.05 33.93 21.20
C ILE A 295 25.69 33.15 22.35
N ARG A 296 24.97 32.15 22.86
CA ARG A 296 25.36 31.46 24.07
C ARG A 296 25.30 29.97 23.84
N GLN A 297 26.00 29.23 24.69
CA GLN A 297 26.12 27.79 24.53
C GLN A 297 25.05 27.07 25.33
N ALA A 298 24.43 26.07 24.71
CA ALA A 298 23.44 25.26 25.40
C ALA A 298 24.11 24.36 26.43
N HIS A 299 23.37 24.03 27.48
CA HIS A 299 23.99 23.28 28.58
C HIS A 299 22.92 22.54 29.37
N CYS A 300 23.39 21.80 30.38
CA CYS A 300 22.50 21.14 31.33
C CYS A 300 23.08 21.27 32.73
N ASN A 301 22.19 21.22 33.72
CA ASN A 301 22.56 21.20 35.12
C ASN A 301 21.98 19.97 35.81
N VAL A 302 22.77 19.43 36.74
CA VAL A 302 22.27 18.50 37.74
C VAL A 302 22.69 19.00 39.11
N SER A 303 22.02 18.49 40.14
CA SER A 303 22.36 18.88 41.50
C SER A 303 23.60 18.15 41.97
N LYS A 304 24.43 18.83 42.75
CA LYS A 304 25.71 18.27 43.19
C LYS A 304 25.50 17.17 44.23
N ALA A 305 24.78 17.50 45.30
CA ALA A 305 24.77 16.65 46.48
C ALA A 305 23.94 15.39 46.27
N THR A 306 22.86 15.49 45.51
CA THR A 306 22.06 14.31 45.23
C THR A 306 22.80 13.33 44.34
N TRP A 307 23.63 13.83 43.43
CA TRP A 307 24.41 12.94 42.60
C TRP A 307 25.54 12.28 43.39
N ASN A 308 26.17 13.05 44.28
CA ASN A 308 27.19 12.47 45.16
C ASN A 308 26.58 11.47 46.13
N GLU A 309 25.31 11.66 46.47
CA GLU A 309 24.60 10.70 47.30
C GLU A 309 24.29 9.42 46.54
N THR A 310 23.78 9.55 45.31
CA THR A 310 23.37 8.37 44.56
C THR A 310 24.55 7.54 44.10
N LEU A 311 25.71 8.16 43.87
CA LEU A 311 26.88 7.34 43.62
C LEU A 311 27.30 6.57 44.87
N GLY A 312 27.14 7.17 46.04
CA GLY A 312 27.39 6.44 47.28
C GLY A 312 26.41 5.32 47.52
N LYS A 313 25.19 5.45 47.00
CA LYS A 313 24.26 4.32 47.04
C LYS A 313 24.68 3.21 46.10
N VAL A 314 25.01 3.56 44.85
CA VAL A 314 25.25 2.49 43.89
C VAL A 314 26.59 1.81 44.13
N VAL A 315 27.53 2.47 44.80
CA VAL A 315 28.76 1.77 45.17
C VAL A 315 28.47 0.73 46.25
N LYS A 316 27.63 1.09 47.22
CA LYS A 316 27.19 0.15 48.24
C LYS A 316 26.44 -1.03 47.63
N GLN A 317 25.73 -0.80 46.55
CA GLN A 317 25.07 -1.91 45.87
C GLN A 317 26.00 -2.70 44.94
N LEU A 318 27.03 -2.05 44.40
CA LEU A 318 27.98 -2.74 43.53
C LEU A 318 28.92 -3.63 44.30
N ARG A 319 29.17 -3.34 45.57
CA ARG A 319 30.16 -4.13 46.29
C ARG A 319 29.68 -5.51 46.69
N LYS A 320 28.42 -5.87 46.44
CA LYS A 320 27.98 -7.21 46.77
C LYS A 320 28.55 -8.24 45.80
N HIS A 321 28.62 -7.90 44.53
CA HIS A 321 28.99 -8.86 43.50
C HIS A 321 30.48 -8.90 43.22
N PHE A 322 31.28 -8.12 43.95
CA PHE A 322 32.65 -7.85 43.56
C PHE A 322 33.64 -7.92 44.71
N GLY A 323 33.25 -8.48 45.85
CA GLY A 323 34.12 -8.46 47.01
C GLY A 323 33.97 -7.16 47.78
N ASN A 324 34.16 -7.22 49.10
CA ASN A 324 33.95 -6.04 49.93
C ASN A 324 35.07 -5.04 49.78
N ASN A 325 36.29 -5.51 49.60
CA ASN A 325 37.47 -4.64 49.57
C ASN A 325 37.93 -4.46 48.12
N THR A 326 37.33 -3.46 47.47
CA THR A 326 37.63 -3.21 46.06
C THR A 326 37.53 -1.71 45.77
N ILE A 327 38.58 -1.16 45.20
CA ILE A 327 38.58 0.22 44.75
C ILE A 327 37.73 0.32 43.50
N ILE A 328 36.75 1.23 43.49
CA ILE A 328 35.85 1.36 42.35
C ILE A 328 35.94 2.78 41.80
N ARG A 329 36.29 2.91 40.53
CA ARG A 329 36.41 4.23 39.94
C ARG A 329 35.59 4.32 38.66
N PHE A 330 35.52 5.53 38.11
CA PHE A 330 34.73 5.80 36.92
C PHE A 330 35.57 6.62 35.95
N ALA A 331 35.11 6.68 34.70
CA ALA A 331 35.91 7.30 33.67
C ALA A 331 35.02 7.84 32.58
N ASN A 332 35.57 8.72 31.75
CA ASN A 332 34.87 9.10 30.54
C ASN A 332 34.83 7.92 29.58
N SER A 333 33.93 8.01 28.60
CA SER A 333 33.78 6.93 27.64
C SER A 333 35.00 6.88 26.73
N SER A 334 35.30 5.67 26.24
CA SER A 334 36.59 5.45 25.60
C SER A 334 36.68 5.99 24.18
N GLY A 335 35.56 6.15 23.51
CA GLY A 335 35.58 6.74 22.19
C GLY A 335 34.56 6.06 21.30
N GLY A 336 34.57 6.48 20.04
CA GLY A 336 33.67 5.96 19.04
C GLY A 336 33.00 7.10 18.32
N ASP A 337 31.80 6.83 17.82
CA ASP A 337 31.00 7.85 17.15
C ASP A 337 30.42 8.80 18.21
N LEU A 338 29.75 9.86 17.74
CA LEU A 338 29.34 10.95 18.63
C LEU A 338 28.31 10.47 19.65
N GLU A 339 27.20 9.94 19.20
CA GLU A 339 26.08 9.65 20.08
C GLU A 339 26.19 8.32 20.79
N VAL A 340 27.41 7.85 21.03
CA VAL A 340 27.65 6.83 22.06
C VAL A 340 28.72 7.24 23.05
N THR A 341 29.57 8.22 22.74
CA THR A 341 30.47 8.77 23.75
C THR A 341 29.70 9.63 24.74
N THR A 342 29.02 10.64 24.25
CA THR A 342 28.16 11.48 25.06
C THR A 342 26.80 10.82 25.24
N HIS A 343 25.81 11.56 25.72
CA HIS A 343 24.46 11.05 25.75
C HIS A 343 23.56 12.03 25.02
N SER A 344 22.56 11.45 24.36
CA SER A 344 21.64 12.14 23.49
C SER A 344 20.24 12.10 24.09
N PHE A 345 19.43 13.10 23.73
CA PHE A 345 18.01 13.10 24.07
C PHE A 345 17.32 14.16 23.23
N ASN A 346 16.01 13.99 23.07
CA ASN A 346 15.18 14.99 22.42
C ASN A 346 14.47 15.79 23.50
N CYS A 347 14.57 17.12 23.41
CA CYS A 347 13.98 18.04 24.38
C CYS A 347 13.09 19.01 23.62
N GLY A 348 11.79 18.69 23.55
CA GLY A 348 10.86 19.56 22.89
C GLY A 348 11.06 19.69 21.39
N GLY A 349 11.47 18.63 20.74
CA GLY A 349 11.64 18.67 19.30
C GLY A 349 13.00 19.10 18.82
N GLU A 350 14.04 18.94 19.63
CA GLU A 350 15.40 19.22 19.18
C GLU A 350 16.36 18.36 19.97
N PHE A 351 17.40 17.89 19.31
CA PHE A 351 18.28 16.86 19.85
C PHE A 351 19.53 17.47 20.45
N PHE A 352 19.95 16.94 21.59
CA PHE A 352 21.18 17.36 22.21
C PHE A 352 22.21 16.24 22.20
N TYR A 353 23.46 16.63 22.41
CA TYR A 353 24.58 15.70 22.53
C TYR A 353 25.47 16.31 23.61
N CYS A 354 25.31 15.86 24.84
CA CYS A 354 25.77 16.69 25.96
C CYS A 354 26.81 15.95 26.79
N ASN A 355 27.98 16.56 26.94
CA ASN A 355 29.17 15.88 27.45
C ASN A 355 28.98 15.43 28.88
N THR A 356 29.45 14.23 29.18
CA THR A 356 29.29 13.64 30.49
C THR A 356 30.64 13.27 31.07
N SER A 357 31.66 14.10 30.82
CA SER A 357 32.89 13.89 31.54
C SER A 357 32.77 14.34 32.98
N GLY A 358 31.90 15.30 33.26
CA GLY A 358 31.79 15.90 34.57
C GLY A 358 31.04 15.07 35.60
N LEU A 359 30.39 14.00 35.19
CA LEU A 359 29.69 13.15 36.14
C LEU A 359 30.50 11.94 36.58
N PHE A 360 31.46 11.52 35.78
CA PHE A 360 32.09 10.24 36.00
C PHE A 360 33.59 10.35 36.30
N ASN A 361 33.95 11.35 37.09
CA ASN A 361 35.34 11.61 37.47
C ASN A 361 35.38 11.37 38.97
N SER A 362 35.60 10.13 39.38
CA SER A 362 35.54 9.77 40.79
C SER A 362 36.48 8.62 41.07
N THR A 363 36.59 8.29 42.36
CA THR A 363 37.19 7.06 42.83
C THR A 363 36.58 6.78 44.19
N TRP A 364 36.53 5.50 44.57
CA TRP A 364 35.79 5.11 45.75
C TRP A 364 36.57 4.04 46.49
N ILE A 365 36.91 4.34 47.74
CA ILE A 365 37.79 3.54 48.56
C ILE A 365 36.92 2.58 49.37
N SER A 366 37.53 1.51 49.88
CA SER A 366 36.81 0.45 50.59
C SER A 366 36.60 0.74 52.07
N ASN A 367 36.52 2.00 52.46
CA ASN A 367 36.22 2.37 53.84
C ASN A 367 34.84 1.93 54.29
N ASN A 379 24.60 24.03 47.54
CA ASN A 379 23.94 25.07 46.74
C ASN A 379 24.41 25.02 45.31
N ASP A 380 25.57 24.43 45.08
CA ASP A 380 26.17 24.40 43.75
C ASP A 380 25.44 23.41 42.85
N SER A 381 25.88 23.35 41.61
CA SER A 381 25.35 22.39 40.66
C SER A 381 26.49 21.97 39.75
N ILE A 382 26.22 20.98 38.93
CA ILE A 382 27.16 20.54 37.90
C ILE A 382 26.59 20.97 36.57
N THR A 383 27.31 21.88 35.91
CA THR A 383 27.02 22.27 34.54
C THR A 383 27.76 21.32 33.62
N LEU A 384 27.13 20.98 32.53
CA LEU A 384 27.84 20.23 31.51
C LEU A 384 27.37 20.67 30.13
N PRO A 385 28.31 21.04 29.26
CA PRO A 385 27.95 21.69 28.00
C PRO A 385 27.53 20.67 26.95
N CYS A 386 26.69 21.15 26.05
CA CYS A 386 26.08 20.30 25.04
C CYS A 386 26.54 20.73 23.64
N ARG A 387 26.08 19.99 22.64
CA ARG A 387 26.14 20.42 21.26
C ARG A 387 24.78 20.14 20.65
N ILE A 388 24.45 20.86 19.58
CA ILE A 388 23.17 20.68 18.91
C ILE A 388 23.43 20.36 17.45
N LYS A 389 23.18 19.12 17.05
CA LYS A 389 23.10 18.77 15.65
C LYS A 389 21.69 19.02 15.14
N GLN A 390 21.57 19.16 13.83
CA GLN A 390 20.27 19.30 13.23
C GLN A 390 19.82 18.07 12.47
N ILE A 391 20.71 17.37 11.78
CA ILE A 391 20.33 16.14 11.10
C ILE A 391 20.77 14.95 11.93
N ILE A 392 19.95 13.92 11.96
CA ILE A 392 20.22 12.74 12.76
C ILE A 392 20.31 11.55 11.83
N ASN A 393 20.83 10.45 12.37
CA ASN A 393 20.92 9.22 11.60
C ASN A 393 20.59 8.04 12.50
N MET A 394 19.49 8.16 13.26
CA MET A 394 19.15 7.19 14.28
C MET A 394 18.93 5.79 13.71
N TRP A 395 19.39 4.80 14.47
CA TRP A 395 19.47 3.37 14.18
C TRP A 395 20.42 3.03 13.04
N GLN A 396 21.15 4.02 12.51
CA GLN A 396 22.27 3.82 11.58
C GLN A 396 21.81 3.11 10.31
N ARG A 397 20.81 3.68 9.68
CA ARG A 397 20.21 3.12 8.49
C ARG A 397 20.94 3.62 7.25
N ILE A 398 20.97 2.78 6.21
CA ILE A 398 21.78 3.06 5.03
C ILE A 398 21.21 4.20 4.20
N GLY A 399 19.91 4.39 4.21
CA GLY A 399 19.28 5.37 3.34
C GLY A 399 18.45 6.39 4.07
N GLN A 400 18.90 6.85 5.22
CA GLN A 400 18.03 7.60 6.09
C GLN A 400 18.76 8.80 6.67
N CYS A 401 18.02 9.88 6.85
CA CYS A 401 18.41 11.01 7.67
C CYS A 401 17.13 11.76 8.02
N MET A 402 17.27 12.78 8.85
CA MET A 402 16.11 13.53 9.30
C MET A 402 16.58 14.92 9.70
N TYR A 403 16.35 15.89 8.83
CA TYR A 403 16.63 17.27 9.17
C TYR A 403 15.62 17.74 10.19
N ALA A 404 16.09 18.16 11.34
CA ALA A 404 15.12 18.60 12.33
C ALA A 404 14.73 20.05 12.05
N PRO A 405 13.45 20.39 12.20
CA PRO A 405 13.03 21.77 12.02
C PRO A 405 13.46 22.61 13.21
N PRO A 406 14.01 23.78 12.95
CA PRO A 406 14.43 24.66 14.05
C PRO A 406 13.23 25.27 14.75
N ILE A 407 13.25 25.24 16.08
CA ILE A 407 12.11 25.66 16.87
C ILE A 407 12.38 27.03 17.47
N GLN A 408 11.30 27.75 17.76
CA GLN A 408 11.38 29.13 18.18
C GLN A 408 11.83 29.24 19.63
N GLY A 409 12.32 30.42 19.99
CA GLY A 409 12.46 30.82 21.37
C GLY A 409 13.52 30.14 22.21
N VAL A 410 13.71 30.65 23.42
CA VAL A 410 14.60 30.01 24.38
C VAL A 410 13.95 28.74 24.88
N ILE A 411 14.70 27.64 24.89
CA ILE A 411 14.12 26.31 25.09
C ILE A 411 14.72 25.70 26.35
N ARG A 412 13.88 25.08 27.16
CA ARG A 412 14.39 24.28 28.27
C ARG A 412 13.40 23.17 28.58
N CYS A 413 13.91 22.15 29.27
CA CYS A 413 13.07 21.06 29.74
C CYS A 413 13.67 20.42 30.98
N VAL A 414 12.78 19.85 31.79
CA VAL A 414 13.09 19.30 33.10
C VAL A 414 12.79 17.81 33.04
N SER A 415 13.71 17.00 33.56
CA SER A 415 13.52 15.56 33.48
C SER A 415 14.04 14.87 34.71
N ASN A 416 13.74 13.58 34.81
CA ASN A 416 14.21 12.72 35.88
C ASN A 416 15.22 11.73 35.33
N ILE A 417 16.42 11.72 35.88
CA ILE A 417 17.38 10.67 35.62
C ILE A 417 17.07 9.54 36.59
N THR A 418 16.83 8.36 36.04
CA THR A 418 16.33 7.21 36.76
C THR A 418 17.33 6.07 36.85
N GLY A 419 18.03 5.75 35.76
CA GLY A 419 18.97 4.65 35.76
C GLY A 419 20.20 4.92 34.92
N LEU A 420 21.15 4.00 35.01
CA LEU A 420 22.37 4.03 34.23
C LEU A 420 22.52 2.77 33.39
N ILE A 421 23.38 2.87 32.38
CA ILE A 421 23.80 1.74 31.57
C ILE A 421 25.32 1.73 31.58
N LEU A 422 25.92 0.69 32.18
CA LEU A 422 27.34 0.69 32.45
C LEU A 422 28.04 -0.48 31.79
N THR A 423 29.37 -0.46 31.85
CA THR A 423 30.21 -1.47 31.21
C THR A 423 31.52 -1.56 31.96
N ARG A 424 31.86 -2.76 32.42
CA ARG A 424 33.13 -2.98 33.07
C ARG A 424 34.22 -3.15 32.03
N ASP A 425 35.39 -2.57 32.30
CA ASP A 425 36.57 -2.93 31.54
C ASP A 425 37.06 -4.28 32.03
N GLY A 426 37.07 -5.26 31.14
CA GLY A 426 37.48 -6.59 31.56
C GLY A 426 38.94 -6.86 31.31
N GLY A 427 39.81 -6.08 31.94
CA GLY A 427 41.24 -6.26 31.74
C GLY A 427 41.76 -7.47 32.49
N SER A 428 42.82 -8.07 31.94
CA SER A 428 43.55 -9.12 32.62
C SER A 428 44.53 -8.51 33.61
N THR A 429 45.47 -9.33 34.10
CA THR A 429 46.68 -8.94 34.83
C THR A 429 46.38 -8.21 36.14
N ASN A 430 45.75 -8.96 37.05
CA ASN A 430 45.78 -8.74 38.50
C ASN A 430 45.20 -7.38 38.89
N SER A 431 43.90 -7.26 38.67
CA SER A 431 43.18 -6.02 38.93
C SER A 431 42.62 -6.02 40.34
N THR A 432 42.85 -4.93 41.08
CA THR A 432 42.09 -4.63 42.28
C THR A 432 41.12 -3.49 42.08
N THR A 433 41.41 -2.58 41.17
CA THR A 433 40.44 -1.58 40.74
C THR A 433 39.55 -2.18 39.67
N GLU A 434 38.26 -1.89 39.74
CA GLU A 434 37.30 -2.36 38.76
C GLU A 434 36.65 -1.14 38.13
N THR A 435 37.31 -0.58 37.12
CA THR A 435 36.87 0.68 36.57
C THR A 435 35.65 0.47 35.68
N PHE A 436 34.73 1.44 35.72
CA PHE A 436 33.47 1.35 35.02
C PHE A 436 33.33 2.51 34.05
N ARG A 437 32.57 2.28 32.99
CA ARG A 437 32.35 3.33 32.01
C ARG A 437 30.92 3.28 31.52
N PRO A 438 30.34 4.42 31.20
CA PRO A 438 29.02 4.42 30.55
C PRO A 438 29.13 3.94 29.12
N GLY A 439 27.98 3.64 28.53
CA GLY A 439 27.96 3.27 27.13
C GLY A 439 26.59 2.92 26.60
N GLY A 440 26.24 3.44 25.42
CA GLY A 440 24.92 3.23 24.87
C GLY A 440 24.78 1.93 24.11
N GLY A 441 25.46 1.84 22.98
CA GLY A 441 25.39 0.67 22.13
C GLY A 441 24.02 0.48 21.51
N ASP A 442 23.38 -0.64 21.84
CA ASP A 442 22.06 -0.93 21.31
C ASP A 442 21.03 -0.03 21.97
N MET A 443 19.97 0.26 21.23
CA MET A 443 18.81 0.92 21.80
C MET A 443 17.95 -0.04 22.60
N ARG A 444 18.10 -1.35 22.38
CA ARG A 444 17.25 -2.33 23.03
C ARG A 444 17.51 -2.44 24.52
N ASP A 445 18.69 -2.06 24.97
CA ASP A 445 18.99 -2.11 26.39
C ASP A 445 18.28 -1.01 27.16
N ASN A 446 17.85 0.05 26.48
CA ASN A 446 16.88 0.96 27.09
C ASN A 446 15.57 0.24 27.33
N TRP A 447 15.14 -0.56 26.35
CA TRP A 447 13.81 -1.16 26.41
C TRP A 447 13.74 -2.27 27.43
N ARG A 448 14.83 -2.99 27.61
CA ARG A 448 14.82 -4.12 28.54
C ARG A 448 14.72 -3.65 29.99
N SER A 449 15.06 -2.39 30.25
CA SER A 449 14.82 -1.80 31.56
C SER A 449 13.34 -1.56 31.85
N GLU A 450 12.47 -1.69 30.86
CA GLU A 450 11.05 -1.48 31.08
C GLU A 450 10.21 -2.74 31.02
N LEU A 451 10.63 -3.74 30.25
CA LEU A 451 9.85 -4.95 30.10
C LEU A 451 10.45 -6.13 30.84
N TYR A 452 11.23 -5.87 31.87
CA TYR A 452 11.83 -6.97 32.61
C TYR A 452 10.83 -7.66 33.51
N LYS A 453 9.71 -7.02 33.81
CA LYS A 453 8.76 -7.61 34.73
C LYS A 453 7.82 -8.59 34.08
N TYR A 454 7.71 -8.61 32.76
CA TYR A 454 6.64 -9.33 32.10
C TYR A 454 7.15 -10.54 31.36
N LYS A 455 6.24 -11.48 31.11
CA LYS A 455 6.44 -12.47 30.07
C LYS A 455 5.08 -12.83 29.53
N VAL A 456 5.06 -13.50 28.39
CA VAL A 456 3.83 -13.79 27.68
C VAL A 456 3.67 -15.29 27.56
N VAL A 457 2.50 -15.79 27.96
CA VAL A 457 2.25 -17.22 27.95
C VAL A 457 0.99 -17.49 27.13
N LYS A 458 0.91 -18.73 26.64
CA LYS A 458 -0.16 -19.17 25.77
C LYS A 458 -0.99 -20.18 26.52
N ILE A 459 -2.30 -19.93 26.61
CA ILE A 459 -3.19 -20.86 27.26
C ILE A 459 -3.46 -22.04 26.35
N GLU A 460 -3.26 -23.25 26.87
CA GLU A 460 -3.68 -24.47 26.19
C GLU A 460 -4.70 -25.19 27.07
N PRO A 461 -5.97 -25.01 26.81
CA PRO A 461 -6.99 -25.80 27.53
C PRO A 461 -7.05 -27.24 27.05
N LEU A 462 -8.13 -27.92 27.45
CA LEU A 462 -8.40 -29.33 27.12
C LEU A 462 -7.32 -30.23 27.71
N GLY A 463 -7.33 -30.28 29.03
CA GLY A 463 -6.56 -31.25 29.77
C GLY A 463 -7.25 -32.61 29.77
N VAL A 464 -6.72 -33.50 30.61
CA VAL A 464 -7.18 -34.87 30.66
C VAL A 464 -6.84 -35.44 32.02
N ALA A 465 -7.76 -36.22 32.59
CA ALA A 465 -7.56 -36.68 33.96
C ALA A 465 -8.31 -37.97 34.25
N PRO A 466 -7.65 -38.94 34.91
CA PRO A 466 -8.37 -40.14 35.34
C PRO A 466 -9.27 -39.88 36.53
N THR A 467 -10.50 -40.39 36.43
CA THR A 467 -11.45 -40.32 37.52
C THR A 467 -12.40 -41.51 37.41
N ARG A 468 -13.50 -41.47 38.15
CA ARG A 468 -14.38 -42.62 38.33
C ARG A 468 -15.80 -42.23 37.93
N CYS A 469 -16.13 -42.47 36.67
CA CYS A 469 -17.46 -42.35 36.09
C CYS A 469 -17.44 -43.12 34.79
N LYS A 470 -18.54 -43.75 34.43
CA LYS A 470 -18.64 -44.44 33.15
C LYS A 470 -19.80 -43.85 32.37
N ARG A 471 -19.52 -43.47 31.13
CA ARG A 471 -20.56 -42.95 30.26
C ARG A 471 -21.43 -44.10 29.77
N ARG A 472 -22.73 -43.93 29.87
CA ARG A 472 -23.69 -44.98 29.56
C ARG A 472 -23.98 -45.01 28.06
N VAL A 473 -24.96 -45.81 27.66
CA VAL A 473 -25.36 -45.90 26.27
C VAL A 473 -26.38 -44.80 25.93
N ALA B 1 -48.68 -25.10 36.98
CA ALA B 1 -49.12 -24.15 35.96
C ALA B 1 -48.47 -22.79 36.19
N GLU B 2 -48.57 -22.31 37.43
CA GLU B 2 -47.92 -21.06 37.82
C GLU B 2 -46.48 -21.26 38.23
N ASN B 3 -45.97 -22.48 38.15
CA ASN B 3 -44.55 -22.79 38.31
C ASN B 3 -43.82 -22.61 36.97
N LEU B 4 -43.79 -21.38 36.49
CA LEU B 4 -43.26 -21.09 35.19
C LEU B 4 -41.74 -21.20 35.22
N TRP B 5 -41.20 -21.83 34.19
CA TRP B 5 -39.76 -21.89 33.99
C TRP B 5 -39.40 -20.95 32.86
N VAL B 6 -38.12 -20.82 32.58
CA VAL B 6 -37.71 -19.92 31.52
C VAL B 6 -37.16 -20.76 30.37
N THR B 7 -37.25 -20.19 29.17
CA THR B 7 -36.72 -20.84 27.98
C THR B 7 -36.04 -19.79 27.13
N VAL B 8 -34.88 -20.14 26.62
CA VAL B 8 -34.19 -19.28 25.68
C VAL B 8 -34.74 -19.51 24.28
N TYR B 9 -34.49 -18.55 23.40
CA TYR B 9 -34.90 -18.66 22.01
C TYR B 9 -33.80 -17.99 21.19
N TYR B 10 -33.12 -18.77 20.38
CA TYR B 10 -32.08 -18.23 19.52
C TYR B 10 -32.68 -17.90 18.16
N GLY B 11 -32.36 -16.72 17.66
CA GLY B 11 -32.89 -16.29 16.38
C GLY B 11 -34.15 -15.48 16.46
N VAL B 12 -34.41 -14.81 17.57
CA VAL B 12 -35.63 -14.02 17.75
C VAL B 12 -35.59 -12.80 16.83
N PRO B 13 -36.64 -12.54 16.06
CA PRO B 13 -36.66 -11.30 15.29
C PRO B 13 -36.84 -10.09 16.19
N VAL B 14 -35.73 -9.40 16.42
CA VAL B 14 -35.68 -8.20 17.25
C VAL B 14 -34.34 -7.55 16.94
N TRP B 15 -34.25 -6.24 17.13
CA TRP B 15 -33.05 -5.55 16.71
C TRP B 15 -32.77 -4.38 17.63
N LYS B 16 -31.60 -3.76 17.41
CA LYS B 16 -31.27 -2.48 17.99
C LYS B 16 -30.77 -1.56 16.88
N ASP B 17 -30.60 -0.29 17.23
CA ASP B 17 -30.06 0.68 16.31
C ASP B 17 -28.56 0.77 16.51
N ALA B 18 -27.81 0.45 15.47
CA ALA B 18 -26.36 0.43 15.56
C ALA B 18 -25.79 1.07 14.31
N GLU B 19 -24.47 1.17 14.27
CA GLU B 19 -23.79 1.79 13.15
C GLU B 19 -22.61 0.92 12.76
N THR B 20 -22.54 0.57 11.49
CA THR B 20 -21.48 -0.27 10.97
C THR B 20 -21.13 0.19 9.57
N THR B 21 -20.07 -0.38 9.04
CA THR B 21 -19.71 -0.07 7.66
C THR B 21 -20.61 -0.83 6.71
N LEU B 22 -20.56 -0.43 5.44
CA LEU B 22 -21.38 -1.07 4.42
C LEU B 22 -20.51 -1.55 3.27
N PHE B 23 -21.13 -1.97 2.19
CA PHE B 23 -20.39 -2.55 1.09
C PHE B 23 -21.08 -2.26 -0.23
N CYS B 24 -20.33 -1.71 -1.18
CA CYS B 24 -20.91 -1.33 -2.46
C CYS B 24 -21.02 -2.54 -3.37
N ALA B 25 -21.93 -2.44 -4.34
CA ALA B 25 -22.14 -3.47 -5.34
C ALA B 25 -22.88 -2.84 -6.51
N SER B 26 -22.36 -3.03 -7.72
CA SER B 26 -22.86 -2.34 -8.89
C SER B 26 -23.39 -3.33 -9.93
N ASP B 27 -24.19 -2.80 -10.85
CA ASP B 27 -24.93 -3.62 -11.80
C ASP B 27 -24.03 -4.08 -12.94
N ALA B 28 -24.52 -5.10 -13.65
CA ALA B 28 -23.72 -5.81 -14.66
C ALA B 28 -23.46 -4.97 -15.90
N LYS B 29 -24.24 -3.92 -16.14
CA LYS B 29 -24.01 -3.06 -17.30
C LYS B 29 -22.72 -2.25 -17.15
N ALA B 30 -22.32 -1.95 -15.92
CA ALA B 30 -21.04 -1.30 -15.69
C ALA B 30 -19.88 -2.24 -15.91
N TYR B 31 -20.09 -3.55 -15.80
CA TYR B 31 -19.06 -4.54 -16.04
C TYR B 31 -18.93 -4.92 -17.51
N GLU B 32 -19.79 -4.39 -18.37
CA GLU B 32 -19.70 -4.69 -19.79
C GLU B 32 -18.54 -3.95 -20.43
N THR B 33 -18.38 -2.67 -20.11
CA THR B 33 -17.17 -1.93 -20.41
C THR B 33 -16.23 -2.10 -19.23
N GLU B 34 -15.01 -2.54 -19.49
CA GLU B 34 -14.15 -3.05 -18.42
C GLU B 34 -12.85 -2.25 -18.35
N LYS B 35 -11.98 -2.70 -17.44
CA LYS B 35 -10.58 -2.29 -17.33
C LYS B 35 -10.42 -0.79 -17.07
N HIS B 36 -10.84 -0.40 -15.87
CA HIS B 36 -10.66 0.97 -15.34
C HIS B 36 -11.37 2.03 -16.17
N ASN B 37 -12.53 1.68 -16.72
CA ASN B 37 -13.34 2.65 -17.45
C ASN B 37 -13.78 3.81 -16.57
N VAL B 38 -14.57 3.52 -15.53
CA VAL B 38 -14.87 4.47 -14.48
C VAL B 38 -14.41 3.86 -13.17
N TRP B 39 -14.58 4.60 -12.10
CA TRP B 39 -14.25 4.07 -10.79
C TRP B 39 -15.30 3.04 -10.35
N ALA B 40 -14.93 2.31 -9.29
CA ALA B 40 -15.68 1.19 -8.72
C ALA B 40 -15.97 0.08 -9.71
N THR B 41 -15.17 -0.05 -10.76
CA THR B 41 -15.22 -1.27 -11.55
C THR B 41 -14.41 -2.37 -10.90
N HIS B 42 -13.47 -2.01 -10.03
CA HIS B 42 -12.70 -2.96 -9.25
C HIS B 42 -12.99 -2.88 -7.76
N ALA B 43 -13.64 -1.82 -7.30
CA ALA B 43 -13.89 -1.63 -5.88
C ALA B 43 -15.14 -2.31 -5.38
N CYS B 44 -16.08 -2.65 -6.26
CA CYS B 44 -17.32 -3.29 -5.88
C CYS B 44 -17.40 -4.68 -6.47
N VAL B 45 -18.09 -5.58 -5.78
CA VAL B 45 -18.36 -6.91 -6.31
C VAL B 45 -19.53 -6.73 -7.26
N PRO B 46 -19.73 -7.61 -8.24
CA PRO B 46 -21.00 -7.59 -8.99
C PRO B 46 -22.17 -8.01 -8.11
N THR B 47 -23.33 -7.43 -8.40
CA THR B 47 -24.51 -7.62 -7.58
C THR B 47 -25.07 -9.03 -7.71
N ASP B 48 -25.60 -9.52 -6.60
CA ASP B 48 -26.72 -10.44 -6.70
C ASP B 48 -27.92 -9.66 -7.21
N PRO B 49 -28.71 -10.23 -8.12
CA PRO B 49 -29.83 -9.47 -8.70
C PRO B 49 -30.96 -9.34 -7.69
N ASN B 50 -31.87 -8.39 -8.02
CA ASN B 50 -33.25 -8.17 -7.57
C ASN B 50 -33.52 -8.53 -6.11
N PRO B 51 -33.06 -7.69 -5.17
CA PRO B 51 -33.02 -8.08 -3.76
C PRO B 51 -34.40 -8.27 -3.15
N GLN B 52 -34.44 -9.10 -2.12
CA GLN B 52 -35.68 -9.58 -1.52
C GLN B 52 -36.39 -8.51 -0.69
N GLU B 53 -36.86 -7.46 -1.36
CA GLU B 53 -37.56 -6.39 -0.67
C GLU B 53 -38.95 -6.89 -0.29
N ILE B 54 -39.11 -7.24 0.98
CA ILE B 54 -40.38 -7.75 1.48
C ILE B 54 -40.95 -6.73 2.45
N HIS B 55 -42.17 -7.01 2.90
CA HIS B 55 -42.96 -6.07 3.68
C HIS B 55 -43.08 -6.59 5.11
N LEU B 56 -43.58 -5.75 6.00
CA LEU B 56 -43.59 -6.06 7.42
C LEU B 56 -44.76 -5.30 8.03
N GLU B 57 -45.52 -5.94 8.91
CA GLU B 57 -46.82 -5.41 9.31
C GLU B 57 -46.85 -5.05 10.79
N ASN B 58 -47.87 -4.27 11.16
CA ASN B 58 -48.17 -3.88 12.56
C ASN B 58 -46.95 -3.29 13.27
N VAL B 59 -46.16 -2.52 12.54
CA VAL B 59 -44.81 -2.18 12.94
C VAL B 59 -44.57 -0.69 12.74
N THR B 60 -43.82 -0.09 13.65
CA THR B 60 -43.52 1.33 13.56
C THR B 60 -42.15 1.58 14.15
N GLU B 61 -41.24 2.10 13.35
CA GLU B 61 -39.91 2.47 13.80
C GLU B 61 -39.70 3.97 13.59
N GLU B 62 -39.24 4.64 14.64
CA GLU B 62 -38.89 6.04 14.50
C GLU B 62 -37.61 6.20 13.70
N PHE B 63 -37.57 7.21 12.85
CA PHE B 63 -36.38 7.46 12.07
C PHE B 63 -35.75 8.77 12.48
N ASN B 64 -34.69 9.11 11.76
CA ASN B 64 -34.12 10.44 11.72
C ASN B 64 -33.28 10.47 10.47
N MET B 65 -33.43 11.50 9.65
CA MET B 65 -32.47 11.67 8.59
C MET B 65 -31.29 12.51 9.02
N TRP B 66 -31.42 13.24 10.13
CA TRP B 66 -30.45 14.28 10.41
C TRP B 66 -29.26 13.73 11.20
N LYS B 67 -29.53 12.97 12.25
CA LYS B 67 -28.47 12.24 12.94
C LYS B 67 -28.33 10.81 12.45
N ASN B 68 -28.69 10.57 11.19
CA ASN B 68 -28.49 9.26 10.59
C ASN B 68 -27.02 9.07 10.26
N ASN B 69 -26.57 7.84 10.36
CA ASN B 69 -25.28 7.47 9.82
C ASN B 69 -25.51 7.02 8.38
N MET B 70 -24.48 6.41 7.76
CA MET B 70 -24.33 5.93 6.38
C MET B 70 -24.32 7.07 5.37
N VAL B 71 -24.56 8.29 5.82
CA VAL B 71 -24.29 9.46 5.01
C VAL B 71 -22.92 10.03 5.37
N GLU B 72 -22.44 9.77 6.58
CA GLU B 72 -21.10 10.20 6.95
C GLU B 72 -20.07 9.37 6.24
N GLN B 73 -20.25 8.04 6.25
CA GLN B 73 -19.23 7.22 5.65
C GLN B 73 -19.29 7.24 4.14
N MET B 74 -20.43 7.62 3.55
CA MET B 74 -20.42 7.76 2.10
C MET B 74 -19.66 9.00 1.67
N HIS B 75 -19.81 10.10 2.41
CA HIS B 75 -19.00 11.27 2.16
C HIS B 75 -17.52 11.00 2.44
N THR B 76 -17.21 10.04 3.31
CA THR B 76 -15.82 9.60 3.40
C THR B 76 -15.43 8.70 2.22
N ASP B 77 -16.33 7.83 1.78
CA ASP B 77 -15.98 6.81 0.80
C ASP B 77 -15.77 7.40 -0.58
N ILE B 78 -16.60 8.38 -0.95
CA ILE B 78 -16.48 8.95 -2.28
C ILE B 78 -15.22 9.80 -2.39
N ILE B 79 -14.86 10.50 -1.33
CA ILE B 79 -13.57 11.20 -1.31
C ILE B 79 -12.41 10.20 -1.39
N SER B 80 -12.48 9.12 -0.60
CA SER B 80 -11.37 8.16 -0.57
C SER B 80 -11.25 7.41 -1.88
N LEU B 81 -12.36 7.11 -2.53
CA LEU B 81 -12.33 6.55 -3.86
C LEU B 81 -11.84 7.56 -4.88
N TRP B 82 -12.22 8.82 -4.70
CA TRP B 82 -11.89 9.88 -5.64
C TRP B 82 -10.40 10.13 -5.70
N ASP B 83 -9.72 9.94 -4.58
CA ASP B 83 -8.26 10.05 -4.62
C ASP B 83 -7.62 8.88 -5.35
N GLN B 84 -8.27 7.73 -5.35
CA GLN B 84 -7.62 6.53 -5.89
C GLN B 84 -7.53 6.54 -7.40
N SER B 85 -8.37 7.30 -8.09
CA SER B 85 -8.31 7.39 -9.54
C SER B 85 -7.46 8.57 -9.99
N LEU B 86 -6.53 9.02 -9.14
CA LEU B 86 -5.66 10.13 -9.49
C LEU B 86 -4.19 9.78 -9.40
N LYS B 87 -3.80 9.03 -8.38
CA LYS B 87 -2.43 8.56 -8.18
C LYS B 87 -1.78 7.81 -9.36
N PRO B 88 -2.50 7.10 -10.23
CA PRO B 88 -1.84 6.63 -11.47
C PRO B 88 -1.62 7.70 -12.52
N CYS B 89 -1.98 8.94 -12.29
CA CYS B 89 -1.93 9.94 -13.35
C CYS B 89 -0.84 10.97 -13.11
N VAL B 90 -0.71 11.89 -14.05
CA VAL B 90 0.47 12.73 -14.20
C VAL B 90 0.44 13.86 -13.19
N LYS B 91 1.59 14.18 -12.61
CA LYS B 91 1.74 15.39 -11.82
C LYS B 91 2.36 16.50 -12.67
N LEU B 92 2.03 17.74 -12.35
CA LEU B 92 2.37 18.89 -13.17
C LEU B 92 3.38 19.82 -12.50
N THR B 93 4.40 19.23 -11.88
CA THR B 93 5.55 20.02 -11.45
C THR B 93 6.24 20.83 -12.56
N PRO B 94 6.52 20.30 -13.76
CA PRO B 94 7.27 21.13 -14.71
C PRO B 94 6.47 22.24 -15.38
N LEU B 95 5.18 22.35 -15.13
CA LEU B 95 4.36 23.26 -15.91
C LEU B 95 4.10 24.59 -15.21
N CYS B 96 4.27 24.66 -13.90
CA CYS B 96 4.24 25.96 -13.24
C CYS B 96 5.46 26.74 -13.67
N VAL B 97 5.28 27.63 -14.64
CA VAL B 97 6.39 28.34 -15.25
C VAL B 97 5.84 29.66 -15.76
N THR B 98 6.74 30.59 -16.08
CA THR B 98 6.37 31.90 -16.61
C THR B 98 5.62 31.76 -17.92
N LEU B 99 4.49 32.46 -18.02
CA LEU B 99 3.70 32.45 -19.24
C LEU B 99 3.86 33.77 -19.96
N GLN B 100 3.60 33.74 -21.26
CA GLN B 100 3.53 34.94 -22.09
C GLN B 100 2.18 34.90 -22.78
N CYS B 101 1.22 35.62 -22.23
CA CYS B 101 -0.15 35.54 -22.71
C CYS B 101 -0.52 36.77 -23.51
N THR B 102 -1.43 36.56 -24.44
CA THR B 102 -1.98 37.62 -25.26
C THR B 102 -3.42 37.27 -25.58
N ASN B 103 -4.13 38.22 -26.15
CA ASN B 103 -5.53 37.97 -26.43
C ASN B 103 -5.69 37.06 -27.63
N VAL B 104 -6.74 36.25 -27.58
CA VAL B 104 -7.11 35.42 -28.71
C VAL B 104 -7.55 36.31 -29.86
N THR B 105 -7.28 35.87 -31.08
CA THR B 105 -7.69 36.61 -32.28
C THR B 105 -9.21 36.66 -32.33
N ASN B 106 -9.78 37.83 -32.07
CA ASN B 106 -11.21 38.02 -32.05
C ASN B 106 -11.49 39.51 -32.11
N ASN B 107 -12.63 39.87 -32.69
CA ASN B 107 -13.13 41.24 -32.55
C ASN B 107 -13.43 41.46 -31.08
N ILE B 108 -12.59 42.22 -30.41
CA ILE B 108 -12.73 42.47 -28.99
C ILE B 108 -13.40 43.82 -28.79
N THR B 109 -14.33 43.87 -27.86
CA THR B 109 -14.93 45.13 -27.45
C THR B 109 -14.07 45.76 -26.36
N ASP B 110 -14.33 47.04 -26.10
CA ASP B 110 -13.57 47.73 -25.07
C ASP B 110 -14.13 47.41 -23.68
N ASP B 111 -15.44 47.51 -23.52
CA ASP B 111 -16.05 47.23 -22.22
C ASP B 111 -16.09 45.73 -21.94
N MET B 112 -16.79 44.97 -22.78
CA MET B 112 -16.88 43.54 -22.55
C MET B 112 -15.58 42.86 -22.99
N ARG B 113 -15.33 41.71 -22.40
CA ARG B 113 -14.02 41.08 -22.43
C ARG B 113 -14.09 39.69 -23.03
N GLY B 114 -13.02 39.30 -23.71
CA GLY B 114 -12.85 37.92 -24.05
C GLY B 114 -12.53 37.07 -22.85
N GLU B 115 -12.73 35.76 -23.00
CA GLU B 115 -12.50 34.82 -21.92
C GLU B 115 -11.34 33.89 -22.19
N LEU B 116 -10.62 34.06 -23.28
CA LEU B 116 -9.57 33.15 -23.68
C LEU B 116 -8.27 33.90 -23.85
N LYS B 117 -7.18 33.30 -23.38
CA LYS B 117 -5.85 33.89 -23.50
C LYS B 117 -4.95 32.89 -24.21
N ASN B 118 -4.34 33.34 -25.30
CA ASN B 118 -3.37 32.58 -26.09
C ASN B 118 -2.02 32.76 -25.43
N CYS B 119 -1.53 31.72 -24.76
CA CYS B 119 -0.33 31.80 -23.97
C CYS B 119 0.77 30.92 -24.55
N SER B 120 2.00 31.43 -24.53
CA SER B 120 3.17 30.69 -24.99
C SER B 120 4.19 30.63 -23.86
N PHE B 121 4.95 29.54 -23.84
CA PHE B 121 5.90 29.31 -22.76
C PHE B 121 6.92 28.25 -23.16
N ASN B 122 8.07 28.31 -22.48
CA ASN B 122 9.09 27.29 -22.61
C ASN B 122 8.61 25.99 -21.98
N MET B 123 9.19 24.87 -22.43
CA MET B 123 8.91 23.59 -21.82
C MET B 123 10.06 22.66 -22.14
N THR B 124 10.19 21.60 -21.36
CA THR B 124 11.23 20.62 -21.63
C THR B 124 10.83 19.73 -22.79
N THR B 125 11.74 18.88 -23.20
CA THR B 125 11.48 17.88 -24.22
C THR B 125 11.52 16.51 -23.56
N GLU B 126 11.41 15.46 -24.37
CA GLU B 126 11.76 14.13 -23.90
C GLU B 126 13.22 14.07 -23.49
N LEU B 127 14.08 14.79 -24.22
CA LEU B 127 15.46 14.94 -23.83
C LEU B 127 15.58 15.95 -22.70
N ARG B 128 16.78 16.08 -22.15
CA ARG B 128 17.00 17.01 -21.05
C ARG B 128 17.79 18.24 -21.44
N ASP B 129 18.61 18.16 -22.48
CA ASP B 129 19.34 19.35 -22.90
C ASP B 129 18.44 20.32 -23.64
N LYS B 130 17.72 19.82 -24.65
CA LYS B 130 16.94 20.68 -25.51
C LYS B 130 15.66 21.10 -24.82
N LYS B 131 15.07 22.18 -25.33
CA LYS B 131 13.80 22.68 -24.84
C LYS B 131 13.00 23.19 -26.03
N GLN B 132 11.69 23.34 -25.81
CA GLN B 132 10.78 23.72 -26.86
C GLN B 132 9.93 24.90 -26.42
N LYS B 133 9.44 25.65 -27.39
CA LYS B 133 8.45 26.68 -27.16
C LYS B 133 7.08 26.14 -27.57
N VAL B 134 6.05 26.44 -26.81
CA VAL B 134 4.74 25.89 -27.12
C VAL B 134 3.67 26.87 -26.65
N TYR B 135 2.46 26.72 -27.17
CA TYR B 135 1.37 27.64 -26.88
C TYR B 135 0.07 26.87 -26.74
N SER B 136 -0.85 27.45 -25.98
CA SER B 136 -2.17 26.87 -25.81
C SER B 136 -3.14 27.99 -25.42
N LEU B 137 -4.34 27.61 -25.00
CA LEU B 137 -5.38 28.55 -24.63
C LEU B 137 -5.78 28.33 -23.19
N PHE B 138 -6.11 29.41 -22.50
CA PHE B 138 -6.50 29.30 -21.10
C PHE B 138 -7.63 30.26 -20.79
N TYR B 139 -8.46 29.89 -19.84
CA TYR B 139 -9.55 30.75 -19.45
C TYR B 139 -9.06 31.84 -18.52
N ARG B 140 -9.89 32.85 -18.31
CA ARG B 140 -9.53 33.97 -17.43
C ARG B 140 -9.38 33.53 -15.98
N LEU B 141 -10.02 32.45 -15.59
CA LEU B 141 -10.10 32.05 -14.19
C LEU B 141 -9.00 31.08 -13.79
N ASP B 142 -7.95 30.96 -14.59
CA ASP B 142 -6.84 30.08 -14.22
C ASP B 142 -5.50 30.77 -14.20
N VAL B 143 -5.38 31.99 -14.69
CA VAL B 143 -4.11 32.69 -14.73
C VAL B 143 -4.24 34.00 -13.97
N VAL B 144 -3.21 34.33 -13.20
CA VAL B 144 -3.16 35.63 -12.57
C VAL B 144 -1.89 36.34 -13.04
N GLN B 145 -1.90 37.64 -12.90
CA GLN B 145 -0.80 38.46 -13.38
C GLN B 145 0.26 38.53 -12.31
N ILE B 146 1.45 38.11 -12.65
CA ILE B 146 2.58 38.29 -11.75
C ILE B 146 3.11 39.71 -11.98
N ASN B 147 3.71 40.29 -10.95
CA ASN B 147 4.04 41.70 -11.02
C ASN B 147 5.21 42.03 -10.10
N SER B 157 4.26 47.55 -21.38
CA SER B 157 5.29 46.62 -21.84
C SER B 157 4.69 45.25 -22.11
N ASN B 158 5.32 44.21 -21.57
CA ASN B 158 4.75 42.88 -21.61
C ASN B 158 3.68 42.71 -20.54
N LYS B 159 3.06 41.55 -20.50
CA LYS B 159 2.15 41.21 -19.41
C LYS B 159 2.23 39.71 -19.21
N GLU B 160 3.09 39.28 -18.30
CA GLU B 160 3.37 37.88 -18.08
C GLU B 160 2.57 37.36 -16.89
N TYR B 161 2.09 36.13 -17.00
CA TYR B 161 1.18 35.57 -16.04
C TYR B 161 1.81 34.38 -15.33
N ARG B 162 1.00 33.76 -14.47
CA ARG B 162 1.32 32.46 -13.91
C ARG B 162 0.01 31.78 -13.63
N LEU B 163 0.07 30.49 -13.33
CA LEU B 163 -1.17 29.81 -12.98
C LEU B 163 -1.56 30.18 -11.56
N ILE B 164 -2.83 29.95 -11.25
CA ILE B 164 -3.35 30.43 -9.98
C ILE B 164 -2.91 29.56 -8.82
N ASN B 165 -2.80 28.26 -9.01
CA ASN B 165 -2.56 27.35 -7.90
C ASN B 165 -1.09 27.01 -7.69
N CYS B 166 -0.17 27.70 -8.36
CA CYS B 166 1.22 27.29 -8.26
C CYS B 166 1.89 27.74 -6.97
N ASN B 167 1.30 28.69 -6.25
CA ASN B 167 1.87 29.01 -4.95
C ASN B 167 1.30 28.17 -3.83
N THR B 168 0.48 27.19 -4.13
CA THR B 168 -0.04 26.40 -3.04
C THR B 168 0.11 24.90 -3.24
N SER B 169 -0.01 24.40 -4.47
CA SER B 169 0.00 22.96 -4.68
C SER B 169 0.25 22.65 -6.14
N ALA B 170 1.12 21.67 -6.40
CA ALA B 170 1.25 21.13 -7.74
C ALA B 170 0.01 20.33 -8.10
N CYS B 171 -0.30 20.30 -9.39
CA CYS B 171 -1.62 19.87 -9.81
C CYS B 171 -1.55 18.53 -10.52
N THR B 172 -2.64 17.79 -10.45
CA THR B 172 -2.73 16.46 -11.05
C THR B 172 -3.63 16.52 -12.27
N GLN B 173 -3.08 16.21 -13.43
CA GLN B 173 -3.92 16.01 -14.59
C GLN B 173 -4.67 14.71 -14.44
N ALA B 174 -5.98 14.73 -14.70
CA ALA B 174 -6.71 13.48 -14.76
C ALA B 174 -6.37 12.76 -16.06
N CYS B 175 -6.35 11.45 -16.00
CA CYS B 175 -6.10 10.68 -17.20
C CYS B 175 -7.34 10.70 -18.08
N PRO B 176 -7.22 10.98 -19.38
CA PRO B 176 -8.42 11.13 -20.22
C PRO B 176 -9.12 9.82 -20.51
N LYS B 177 -8.53 8.69 -20.14
CA LYS B 177 -9.19 7.41 -20.32
C LYS B 177 -10.37 7.26 -19.38
N VAL B 178 -10.20 7.64 -18.12
CA VAL B 178 -11.24 7.46 -17.12
C VAL B 178 -12.28 8.57 -17.27
N SER B 179 -13.53 8.26 -16.97
CA SER B 179 -14.61 9.23 -17.03
C SER B 179 -15.19 9.47 -15.65
N PHE B 180 -15.98 10.54 -15.54
CA PHE B 180 -16.64 10.89 -14.30
C PHE B 180 -18.14 10.78 -14.39
N GLU B 181 -18.65 9.97 -15.31
CA GLU B 181 -20.08 9.82 -15.45
C GLU B 181 -20.64 9.06 -14.25
N PRO B 182 -21.84 9.39 -13.80
CA PRO B 182 -22.42 8.67 -12.67
C PRO B 182 -22.81 7.25 -13.04
N ILE B 183 -22.83 6.40 -12.04
CA ILE B 183 -23.22 5.00 -12.18
C ILE B 183 -24.03 4.59 -10.98
N PRO B 184 -24.93 3.63 -11.14
CA PRO B 184 -25.69 3.15 -9.98
C PRO B 184 -24.80 2.41 -8.99
N ILE B 185 -24.90 2.78 -7.73
CA ILE B 185 -24.28 2.06 -6.63
C ILE B 185 -25.38 1.53 -5.73
N HIS B 186 -25.35 0.24 -5.48
CA HIS B 186 -26.23 -0.38 -4.51
C HIS B 186 -25.41 -0.68 -3.26
N TYR B 187 -25.72 -0.01 -2.16
CA TYR B 187 -25.13 -0.39 -0.89
C TYR B 187 -25.77 -1.65 -0.35
N CYS B 188 -25.00 -2.40 0.42
CA CYS B 188 -25.46 -3.63 1.03
C CYS B 188 -24.86 -3.72 2.42
N ALA B 189 -25.65 -4.24 3.35
CA ALA B 189 -25.27 -4.54 4.72
C ALA B 189 -24.69 -5.94 4.81
N PRO B 190 -23.64 -6.16 5.59
CA PRO B 190 -23.06 -7.50 5.69
C PRO B 190 -23.96 -8.42 6.51
N ALA B 191 -23.54 -9.68 6.60
CA ALA B 191 -24.33 -10.68 7.29
C ALA B 191 -24.35 -10.40 8.79
N GLY B 192 -25.56 -10.28 9.34
CA GLY B 192 -25.72 -9.86 10.70
C GLY B 192 -26.25 -8.46 10.89
N PHE B 193 -26.84 -7.86 9.86
CA PHE B 193 -27.48 -6.56 9.97
C PHE B 193 -28.70 -6.56 9.06
N ALA B 194 -29.40 -5.43 9.05
CA ALA B 194 -30.55 -5.29 8.19
C ALA B 194 -30.73 -3.82 7.85
N ILE B 195 -31.39 -3.57 6.74
CA ILE B 195 -31.66 -2.22 6.29
C ILE B 195 -33.17 -2.05 6.14
N LEU B 196 -33.73 -1.12 6.88
CA LEU B 196 -35.13 -0.80 6.78
C LEU B 196 -35.34 0.35 5.82
N LYS B 197 -36.52 0.38 5.21
CA LYS B 197 -36.92 1.38 4.24
C LYS B 197 -38.34 1.80 4.57
N CYS B 198 -38.55 3.08 4.86
CA CYS B 198 -39.90 3.60 5.05
C CYS B 198 -40.61 3.66 3.72
N LYS B 199 -41.70 2.91 3.60
CA LYS B 199 -42.45 2.86 2.35
C LYS B 199 -43.67 3.79 2.39
N ASP B 200 -43.72 4.69 3.38
CA ASP B 200 -44.88 5.56 3.49
C ASP B 200 -44.84 6.64 2.42
N LYS B 201 -46.02 7.14 2.07
CA LYS B 201 -46.14 8.20 1.09
C LYS B 201 -45.90 9.57 1.73
N LYS B 202 -46.77 9.95 2.67
CA LYS B 202 -46.73 11.28 3.27
C LYS B 202 -45.86 11.21 4.50
N PHE B 203 -44.59 11.57 4.36
CA PHE B 203 -43.63 11.37 5.43
C PHE B 203 -42.48 12.33 5.26
N ASN B 204 -42.28 13.20 6.24
CA ASN B 204 -41.31 14.27 6.13
C ASN B 204 -39.91 13.86 6.58
N GLY B 205 -39.65 12.57 6.68
CA GLY B 205 -38.32 12.10 7.02
C GLY B 205 -37.96 12.17 8.48
N THR B 206 -38.85 12.63 9.34
CA THR B 206 -38.54 12.77 10.74
C THR B 206 -39.76 12.35 11.54
N GLY B 207 -39.55 11.60 12.60
CA GLY B 207 -40.66 11.06 13.34
C GLY B 207 -41.00 9.69 12.80
N PRO B 208 -41.88 8.96 13.49
CA PRO B 208 -42.06 7.53 13.21
C PRO B 208 -42.84 7.29 11.92
N CYS B 209 -42.32 6.38 11.11
CA CYS B 209 -42.94 5.86 9.89
C CYS B 209 -43.76 4.63 10.22
N PRO B 210 -45.00 4.52 9.74
CA PRO B 210 -45.86 3.41 10.16
C PRO B 210 -45.83 2.19 9.25
N SER B 211 -45.15 2.24 8.11
CA SER B 211 -45.07 1.09 7.21
C SER B 211 -43.63 0.89 6.79
N VAL B 212 -42.84 0.20 7.61
CA VAL B 212 -41.45 -0.04 7.29
C VAL B 212 -41.38 -1.28 6.43
N SER B 213 -40.23 -1.52 5.81
CA SER B 213 -40.02 -2.74 5.04
C SER B 213 -38.53 -3.03 4.99
N THR B 214 -38.15 -4.24 5.35
CA THR B 214 -36.73 -4.57 5.29
C THR B 214 -36.31 -4.82 3.86
N VAL B 215 -34.99 -4.89 3.65
CA VAL B 215 -34.46 -5.06 2.31
C VAL B 215 -33.08 -5.70 2.45
N GLN B 216 -32.60 -6.29 1.37
CA GLN B 216 -31.26 -6.84 1.30
C GLN B 216 -30.24 -5.76 0.96
N CYS B 217 -30.49 -5.00 -0.09
CA CYS B 217 -29.60 -3.96 -0.56
C CYS B 217 -30.42 -2.77 -1.02
N THR B 218 -29.79 -1.61 -1.12
CA THR B 218 -30.49 -0.42 -1.55
C THR B 218 -30.81 -0.49 -3.03
N HIS B 219 -31.66 0.44 -3.48
CA HIS B 219 -31.96 0.56 -4.89
C HIS B 219 -30.92 1.49 -5.52
N GLY B 220 -31.18 1.94 -6.75
CA GLY B 220 -30.26 2.78 -7.48
C GLY B 220 -29.94 4.11 -6.83
N ILE B 221 -28.66 4.33 -6.54
CA ILE B 221 -28.19 5.56 -5.89
C ILE B 221 -27.09 6.11 -6.78
N LYS B 222 -27.42 7.05 -7.66
CA LYS B 222 -26.26 7.50 -8.40
C LYS B 222 -25.63 8.71 -7.73
N PRO B 223 -24.33 8.81 -7.76
CA PRO B 223 -23.68 10.02 -7.25
C PRO B 223 -23.51 11.09 -8.33
N VAL B 224 -23.96 12.29 -8.03
CA VAL B 224 -23.68 13.44 -8.89
C VAL B 224 -22.92 14.46 -8.04
N VAL B 225 -22.47 15.54 -8.65
CA VAL B 225 -21.89 16.65 -7.92
C VAL B 225 -22.57 17.94 -8.38
N SER B 226 -23.23 18.63 -7.45
CA SER B 226 -23.96 19.85 -7.71
C SER B 226 -24.26 20.52 -6.39
N THR B 227 -24.33 21.85 -6.43
CA THR B 227 -24.53 22.63 -5.22
C THR B 227 -25.95 23.15 -5.11
N GLN B 228 -26.42 23.85 -6.12
CA GLN B 228 -27.81 24.21 -6.24
C GLN B 228 -28.42 23.33 -7.32
N LEU B 229 -29.72 23.04 -7.17
CA LEU B 229 -30.53 22.36 -8.18
C LEU B 229 -29.97 20.96 -8.49
N LEU B 230 -30.08 20.08 -7.51
CA LEU B 230 -29.49 18.74 -7.62
C LEU B 230 -30.12 17.95 -8.76
N LEU B 231 -29.27 17.25 -9.50
CA LEU B 231 -29.58 16.76 -10.83
C LEU B 231 -29.73 15.25 -10.85
N ASN B 232 -30.55 14.78 -11.80
CA ASN B 232 -30.83 13.36 -12.03
C ASN B 232 -31.29 12.64 -10.77
N GLY B 233 -32.04 13.33 -9.92
CA GLY B 233 -32.36 12.80 -8.61
C GLY B 233 -33.49 11.78 -8.67
N SER B 234 -33.96 11.42 -7.49
CA SER B 234 -35.08 10.52 -7.33
C SER B 234 -36.36 11.32 -7.13
N LEU B 235 -37.41 10.91 -7.81
CA LEU B 235 -38.63 11.70 -7.86
C LEU B 235 -39.51 11.44 -6.64
N ALA B 236 -40.29 12.44 -6.27
CA ALA B 236 -41.31 12.27 -5.26
C ALA B 236 -42.44 11.40 -5.80
N GLU B 237 -43.24 10.86 -4.89
CA GLU B 237 -44.24 9.87 -5.30
C GLU B 237 -45.43 10.54 -5.98
N GLU B 238 -46.18 11.34 -5.25
CA GLU B 238 -47.28 12.02 -5.92
C GLU B 238 -47.26 13.53 -5.76
N GLU B 239 -46.98 14.02 -4.56
CA GLU B 239 -47.06 15.43 -4.25
C GLU B 239 -45.70 16.09 -4.42
N VAL B 240 -45.57 17.32 -3.92
CA VAL B 240 -44.30 18.00 -3.76
C VAL B 240 -44.01 18.09 -2.28
N MET B 241 -42.82 17.68 -1.86
CA MET B 241 -42.50 17.61 -0.44
C MET B 241 -41.31 18.50 -0.12
N ILE B 242 -41.46 19.32 0.91
CA ILE B 242 -40.32 19.99 1.50
C ILE B 242 -39.96 19.23 2.76
N ARG B 243 -38.68 19.32 3.13
CA ARG B 243 -38.16 18.64 4.30
C ARG B 243 -37.13 19.55 4.94
N SER B 244 -37.14 19.60 6.26
CA SER B 244 -36.11 20.31 6.99
C SER B 244 -36.02 19.75 8.39
N GLU B 245 -34.98 20.16 9.11
CA GLU B 245 -34.82 19.69 10.47
C GLU B 245 -35.70 20.46 11.42
N ASN B 246 -35.62 21.79 11.37
CA ASN B 246 -36.40 22.64 12.25
C ASN B 246 -36.55 23.97 11.52
N ILE B 247 -37.75 24.21 11.00
CA ILE B 247 -37.92 25.23 9.97
C ILE B 247 -37.88 26.64 10.57
N THR B 248 -38.22 26.79 11.84
CA THR B 248 -38.06 28.09 12.47
C THR B 248 -36.60 28.43 12.69
N ASN B 249 -35.73 27.44 12.82
CA ASN B 249 -34.31 27.67 12.68
C ASN B 249 -33.97 27.91 11.22
N ASN B 250 -32.93 28.72 10.99
CA ASN B 250 -32.51 29.06 9.64
C ASN B 250 -31.13 28.54 9.27
N ALA B 251 -30.30 28.15 10.23
CA ALA B 251 -28.95 27.74 9.88
C ALA B 251 -28.89 26.37 9.24
N LYS B 252 -29.99 25.62 9.25
CA LYS B 252 -30.07 24.36 8.53
C LYS B 252 -30.74 24.61 7.18
N ASN B 253 -30.26 23.91 6.16
CA ASN B 253 -30.81 24.10 4.84
C ASN B 253 -32.17 23.41 4.73
N ILE B 254 -32.88 23.73 3.66
CA ILE B 254 -34.22 23.19 3.41
C ILE B 254 -34.17 22.40 2.11
N LEU B 255 -34.47 21.11 2.19
CA LEU B 255 -34.50 20.27 1.00
C LEU B 255 -35.89 20.37 0.39
N VAL B 256 -35.95 20.54 -0.93
CA VAL B 256 -37.21 20.57 -1.64
C VAL B 256 -37.14 19.50 -2.71
N GLN B 257 -38.04 18.52 -2.64
CA GLN B 257 -38.09 17.47 -3.65
C GLN B 257 -39.46 17.51 -4.29
N PHE B 258 -39.48 17.72 -5.60
CA PHE B 258 -40.76 17.81 -6.31
C PHE B 258 -40.92 16.67 -7.29
N ASN B 259 -42.05 16.69 -7.99
CA ASN B 259 -42.60 15.51 -8.63
C ASN B 259 -42.27 15.45 -10.11
N THR B 260 -42.65 16.44 -10.85
CA THR B 260 -42.36 16.38 -12.26
C THR B 260 -40.99 16.96 -12.53
N PRO B 261 -40.13 16.27 -13.26
CA PRO B 261 -38.80 16.78 -13.50
C PRO B 261 -38.82 17.94 -14.49
N VAL B 262 -37.94 18.90 -14.27
CA VAL B 262 -37.77 20.01 -15.20
C VAL B 262 -36.58 19.69 -16.08
N GLN B 263 -36.80 19.59 -17.38
CA GLN B 263 -35.71 19.26 -18.28
C GLN B 263 -34.82 20.48 -18.46
N ILE B 264 -33.50 20.24 -18.47
CA ILE B 264 -32.52 21.30 -18.66
C ILE B 264 -31.55 20.87 -19.75
N ASN B 265 -31.34 21.75 -20.73
CA ASN B 265 -30.39 21.51 -21.81
C ASN B 265 -29.17 22.38 -21.57
N CYS B 266 -28.01 21.78 -21.32
CA CYS B 266 -26.82 22.57 -21.12
C CYS B 266 -25.83 22.26 -22.23
N THR B 267 -25.13 23.27 -22.70
CA THR B 267 -24.28 23.07 -23.85
C THR B 267 -23.08 24.00 -23.81
N ARG B 268 -22.14 23.71 -24.70
CA ARG B 268 -21.11 24.63 -25.12
C ARG B 268 -21.09 24.60 -26.64
N PRO B 269 -21.26 25.73 -27.31
CA PRO B 269 -21.29 25.72 -28.77
C PRO B 269 -19.93 25.81 -29.42
N ASN B 270 -18.86 25.98 -28.66
CA ASN B 270 -17.54 26.06 -29.25
C ASN B 270 -17.08 24.69 -29.72
N ASN B 271 -16.13 24.69 -30.65
CA ASN B 271 -15.55 23.46 -31.18
C ASN B 271 -14.06 23.48 -30.86
N ASN B 272 -13.63 22.59 -29.98
CA ASN B 272 -12.25 22.61 -29.51
C ASN B 272 -11.36 21.72 -30.35
N THR B 273 -10.11 21.61 -29.91
CA THR B 273 -9.13 20.69 -30.46
C THR B 273 -8.14 20.41 -29.34
N ARG B 274 -7.83 19.15 -29.07
CA ARG B 274 -6.79 18.91 -28.09
C ARG B 274 -5.45 18.77 -28.80
N LYS B 275 -4.39 19.09 -28.07
CA LYS B 275 -3.04 19.16 -28.61
C LYS B 275 -2.11 18.55 -27.59
N SER B 276 -1.43 17.47 -27.96
CA SER B 276 -0.60 16.76 -27.01
C SER B 276 0.79 17.38 -26.95
N ILE B 277 1.30 17.56 -25.74
CA ILE B 277 2.62 18.12 -25.51
C ILE B 277 3.39 17.14 -24.66
N ARG B 278 4.56 16.72 -25.13
CA ARG B 278 5.36 15.77 -24.37
C ARG B 278 6.26 16.53 -23.40
N ILE B 279 6.05 16.32 -22.11
CA ILE B 279 6.87 16.97 -21.09
C ILE B 279 8.16 16.21 -20.88
N GLY B 280 8.06 14.89 -20.76
CA GLY B 280 9.22 14.03 -20.64
C GLY B 280 8.91 12.63 -21.10
N PRO B 281 9.58 11.63 -20.53
CA PRO B 281 9.28 10.23 -20.88
C PRO B 281 7.93 9.82 -20.34
N GLY B 282 7.01 9.51 -21.24
CA GLY B 282 5.70 9.04 -20.83
C GLY B 282 4.80 10.10 -20.26
N GLN B 283 5.07 11.36 -20.55
CA GLN B 283 4.30 12.48 -20.02
C GLN B 283 3.58 13.15 -21.18
N ALA B 284 2.28 13.37 -21.03
CA ALA B 284 1.49 13.92 -22.12
C ALA B 284 0.52 14.96 -21.54
N PHE B 285 0.85 16.22 -21.74
CA PHE B 285 -0.01 17.32 -21.33
C PHE B 285 -0.96 17.63 -22.48
N TYR B 286 -2.22 17.23 -22.31
CA TYR B 286 -3.24 17.53 -23.30
C TYR B 286 -3.71 18.96 -23.17
N ALA B 287 -3.12 19.86 -23.94
CA ALA B 287 -3.53 21.25 -23.87
C ALA B 287 -4.65 21.52 -24.87
N THR B 288 -5.22 22.71 -24.77
CA THR B 288 -6.24 23.14 -25.71
C THR B 288 -5.56 23.64 -26.97
N GLY B 289 -5.96 23.09 -28.11
CA GLY B 289 -5.38 23.52 -29.37
C GLY B 289 -6.05 24.77 -29.89
N ASP B 290 -6.51 24.73 -31.13
CA ASP B 290 -7.13 25.88 -31.76
C ASP B 290 -8.64 25.77 -31.69
N ILE B 291 -9.30 26.92 -31.80
CA ILE B 291 -10.75 26.99 -31.83
C ILE B 291 -11.20 27.14 -33.26
N ILE B 292 -12.03 26.22 -33.72
CA ILE B 292 -12.55 26.24 -35.07
C ILE B 292 -13.99 26.70 -35.02
N GLY B 293 -14.30 27.80 -35.70
CA GLY B 293 -15.66 28.28 -35.75
C GLY B 293 -15.86 29.64 -35.11
N ASP B 294 -16.94 29.79 -34.36
CA ASP B 294 -17.29 31.06 -33.75
C ASP B 294 -17.10 30.99 -32.25
N ILE B 295 -16.34 31.96 -31.71
CA ILE B 295 -16.13 32.05 -30.28
C ILE B 295 -17.45 32.47 -29.64
N ARG B 296 -18.07 31.55 -28.91
CA ARG B 296 -19.39 31.77 -28.35
C ARG B 296 -19.37 31.35 -26.89
N GLN B 297 -20.31 31.89 -26.12
CA GLN B 297 -20.37 31.62 -24.70
C GLN B 297 -21.32 30.46 -24.43
N ALA B 298 -20.89 29.55 -23.56
CA ALA B 298 -21.70 28.40 -23.22
C ALA B 298 -22.90 28.83 -22.37
N HIS B 299 -23.98 28.04 -22.44
CA HIS B 299 -25.21 28.43 -21.78
C HIS B 299 -26.07 27.21 -21.47
N CYS B 300 -27.10 27.44 -20.66
CA CYS B 300 -28.11 26.44 -20.39
C CYS B 300 -29.49 26.99 -20.65
N ASN B 301 -30.41 26.10 -20.99
CA ASN B 301 -31.81 26.44 -21.20
C ASN B 301 -32.70 25.62 -20.29
N VAL B 302 -33.76 26.27 -19.78
CA VAL B 302 -34.87 25.57 -19.15
C VAL B 302 -36.17 26.10 -19.73
N SER B 303 -37.21 25.27 -19.65
CA SER B 303 -38.51 25.66 -20.17
C SER B 303 -39.17 26.67 -19.24
N LYS B 304 -39.77 27.70 -19.83
CA LYS B 304 -40.34 28.80 -19.07
C LYS B 304 -41.55 28.36 -18.25
N ALA B 305 -42.54 27.77 -18.92
CA ALA B 305 -43.83 27.52 -18.30
C ALA B 305 -43.77 26.38 -17.29
N THR B 306 -42.89 25.39 -17.52
CA THR B 306 -42.74 24.32 -16.54
C THR B 306 -42.15 24.86 -15.25
N TRP B 307 -41.19 25.78 -15.35
CA TRP B 307 -40.59 26.35 -14.15
C TRP B 307 -41.56 27.25 -13.42
N ASN B 308 -42.34 28.03 -14.17
CA ASN B 308 -43.37 28.86 -13.55
C ASN B 308 -44.45 28.01 -12.90
N GLU B 309 -44.73 26.83 -13.46
CA GLU B 309 -45.66 25.91 -12.85
C GLU B 309 -45.11 25.32 -11.56
N THR B 310 -43.84 24.92 -11.58
CA THR B 310 -43.29 24.24 -10.41
C THR B 310 -43.04 25.19 -9.25
N LEU B 311 -42.76 26.46 -9.52
CA LEU B 311 -42.73 27.40 -8.41
C LEU B 311 -44.11 27.61 -7.83
N GLY B 312 -45.16 27.56 -8.66
CA GLY B 312 -46.51 27.62 -8.15
C GLY B 312 -46.88 26.40 -7.33
N LYS B 313 -46.27 25.26 -7.64
CA LYS B 313 -46.44 24.10 -6.78
C LYS B 313 -45.76 24.29 -5.44
N VAL B 314 -44.49 24.70 -5.46
CA VAL B 314 -43.73 24.69 -4.21
C VAL B 314 -44.15 25.84 -3.30
N VAL B 315 -44.73 26.91 -3.85
CA VAL B 315 -45.27 27.94 -2.96
C VAL B 315 -46.52 27.44 -2.25
N LYS B 316 -47.36 26.68 -2.96
CA LYS B 316 -48.52 26.04 -2.36
C LYS B 316 -48.11 25.04 -1.29
N GLN B 317 -46.96 24.39 -1.46
CA GLN B 317 -46.47 23.51 -0.41
C GLN B 317 -45.78 24.26 0.72
N LEU B 318 -45.18 25.41 0.43
CA LEU B 318 -44.49 26.17 1.46
C LEU B 318 -45.45 26.89 2.38
N ARG B 319 -46.63 27.24 1.91
CA ARG B 319 -47.52 28.02 2.75
C ARG B 319 -48.18 27.23 3.87
N LYS B 320 -47.98 25.92 3.95
CA LYS B 320 -48.55 25.16 5.06
C LYS B 320 -47.82 25.44 6.35
N HIS B 321 -46.52 25.71 6.29
CA HIS B 321 -45.74 25.90 7.50
C HIS B 321 -45.68 27.34 7.95
N PHE B 322 -46.31 28.26 7.23
CA PHE B 322 -46.04 29.69 7.40
C PHE B 322 -47.30 30.54 7.48
N GLY B 323 -48.48 29.94 7.53
CA GLY B 323 -49.70 30.72 7.45
C GLY B 323 -50.08 31.03 6.02
N ASN B 324 -51.38 31.11 5.76
CA ASN B 324 -51.84 31.29 4.39
C ASN B 324 -51.58 32.69 3.89
N ASN B 325 -51.57 33.67 4.78
CA ASN B 325 -51.43 35.07 4.38
C ASN B 325 -49.98 35.51 4.60
N THR B 326 -49.14 35.19 3.62
CA THR B 326 -47.71 35.47 3.71
C THR B 326 -47.19 35.72 2.31
N ILE B 327 -46.38 36.76 2.13
CA ILE B 327 -45.71 37.02 0.87
C ILE B 327 -44.45 36.17 0.81
N ILE B 328 -44.24 35.45 -0.28
CA ILE B 328 -43.04 34.64 -0.43
C ILE B 328 -42.30 35.10 -1.68
N ARG B 329 -41.03 35.46 -1.54
CA ARG B 329 -40.29 35.94 -2.69
C ARG B 329 -38.96 35.21 -2.78
N PHE B 330 -38.22 35.49 -3.85
CA PHE B 330 -37.01 34.75 -4.18
C PHE B 330 -35.92 35.71 -4.63
N ALA B 331 -34.67 35.31 -4.43
CA ALA B 331 -33.56 36.22 -4.67
C ALA B 331 -32.33 35.41 -5.01
N ASN B 332 -31.32 36.09 -5.57
CA ASN B 332 -30.07 35.45 -5.90
C ASN B 332 -29.28 35.11 -4.62
N SER B 333 -28.20 34.39 -4.79
CA SER B 333 -27.35 34.04 -3.66
C SER B 333 -26.60 35.28 -3.16
N SER B 334 -26.38 35.33 -1.85
CA SER B 334 -25.89 36.57 -1.25
C SER B 334 -24.40 36.79 -1.46
N GLY B 335 -23.64 35.77 -1.75
CA GLY B 335 -22.25 35.96 -2.08
C GLY B 335 -21.41 34.81 -1.56
N GLY B 336 -20.10 34.97 -1.72
CA GLY B 336 -19.16 33.95 -1.31
C GLY B 336 -18.22 33.54 -2.42
N ASP B 337 -17.74 32.30 -2.38
CA ASP B 337 -16.85 31.81 -3.41
C ASP B 337 -17.68 31.46 -4.64
N LEU B 338 -17.02 31.00 -5.71
CA LEU B 338 -17.68 30.86 -7.00
C LEU B 338 -18.71 29.74 -6.99
N GLU B 339 -18.32 28.56 -6.55
CA GLU B 339 -19.21 27.41 -6.63
C GLU B 339 -20.11 27.26 -5.43
N VAL B 340 -20.46 28.36 -4.78
CA VAL B 340 -21.62 28.37 -3.88
C VAL B 340 -22.59 29.50 -4.20
N THR B 341 -22.19 30.58 -4.88
CA THR B 341 -23.16 31.54 -5.38
C THR B 341 -23.98 30.95 -6.51
N THR B 342 -23.32 30.25 -7.41
CA THR B 342 -23.95 29.61 -8.55
C THR B 342 -23.73 28.11 -8.50
N HIS B 343 -24.52 27.40 -9.29
CA HIS B 343 -24.42 25.96 -9.27
C HIS B 343 -23.45 25.44 -10.32
N SER B 344 -22.87 24.28 -10.02
CA SER B 344 -21.81 23.67 -10.79
C SER B 344 -22.17 22.22 -11.03
N PHE B 345 -21.63 21.67 -12.12
CA PHE B 345 -21.81 20.26 -12.41
C PHE B 345 -20.77 19.84 -13.43
N ASN B 346 -20.66 18.53 -13.62
CA ASN B 346 -19.89 17.97 -14.70
C ASN B 346 -20.86 17.51 -15.78
N CYS B 347 -20.58 17.91 -17.02
CA CYS B 347 -21.38 17.53 -18.18
C CYS B 347 -20.47 16.80 -19.14
N GLY B 348 -20.34 15.49 -18.95
CA GLY B 348 -19.52 14.67 -19.83
C GLY B 348 -18.04 14.96 -19.79
N GLY B 349 -17.50 15.19 -18.61
CA GLY B 349 -16.06 15.40 -18.48
C GLY B 349 -15.61 16.83 -18.46
N GLU B 350 -16.50 17.79 -18.23
CA GLU B 350 -16.07 19.17 -18.11
C GLU B 350 -17.04 19.91 -17.20
N PHE B 351 -16.50 20.84 -16.42
CA PHE B 351 -17.22 21.46 -15.31
C PHE B 351 -17.75 22.83 -15.70
N PHE B 352 -19.01 23.06 -15.39
CA PHE B 352 -19.62 24.36 -15.62
C PHE B 352 -19.84 25.11 -14.32
N TYR B 353 -20.04 26.41 -14.44
CA TYR B 353 -20.35 27.28 -13.32
C TYR B 353 -21.36 28.28 -13.87
N CYS B 354 -22.65 28.06 -13.60
CA CYS B 354 -23.64 28.68 -14.47
C CYS B 354 -24.62 29.52 -13.68
N ASN B 355 -24.75 30.80 -14.05
CA ASN B 355 -25.45 31.80 -13.25
C ASN B 355 -26.93 31.50 -13.15
N THR B 356 -27.49 31.77 -11.98
CA THR B 356 -28.91 31.51 -11.72
C THR B 356 -29.57 32.72 -11.11
N SER B 357 -29.30 33.89 -11.66
CA SER B 357 -30.11 35.05 -11.29
C SER B 357 -31.44 35.02 -12.00
N GLY B 358 -31.50 34.39 -13.17
CA GLY B 358 -32.68 34.43 -14.01
C GLY B 358 -33.80 33.53 -13.56
N LEU B 359 -33.57 32.65 -12.61
CA LEU B 359 -34.64 31.80 -12.10
C LEU B 359 -35.28 32.37 -10.85
N PHE B 360 -34.48 32.85 -9.92
CA PHE B 360 -34.95 33.24 -8.60
C PHE B 360 -35.26 34.72 -8.51
N ASN B 361 -36.08 35.21 -9.44
CA ASN B 361 -36.43 36.62 -9.54
C ASN B 361 -37.96 36.63 -9.58
N SER B 362 -38.59 36.60 -8.42
CA SER B 362 -40.04 36.48 -8.35
C SER B 362 -40.55 37.10 -7.06
N THR B 363 -41.86 37.11 -6.92
CA THR B 363 -42.57 37.41 -5.69
C THR B 363 -43.95 36.77 -5.81
N TRP B 364 -44.53 36.39 -4.68
CA TRP B 364 -45.73 35.58 -4.70
C TRP B 364 -46.66 36.06 -3.59
N ILE B 365 -47.87 36.43 -4.00
CA ILE B 365 -48.84 37.11 -3.16
C ILE B 365 -49.81 36.05 -2.63
N SER B 366 -50.53 36.37 -1.56
CA SER B 366 -51.36 35.41 -0.83
C SER B 366 -52.70 35.13 -1.49
N ASN B 367 -52.89 35.40 -2.78
CA ASN B 367 -54.13 35.07 -3.45
C ASN B 367 -54.35 33.56 -3.57
N ASN B 379 -43.78 29.03 -25.81
CA ASN B 379 -42.79 28.71 -26.83
C ASN B 379 -41.39 29.14 -26.41
N ASP B 380 -41.33 30.19 -25.60
CA ASP B 380 -40.05 30.74 -25.18
C ASP B 380 -39.41 29.85 -24.11
N SER B 381 -38.22 30.24 -23.68
CA SER B 381 -37.47 29.50 -22.68
C SER B 381 -36.53 30.47 -21.98
N ILE B 382 -35.86 29.98 -20.95
CA ILE B 382 -34.93 30.78 -20.17
C ILE B 382 -33.52 30.32 -20.50
N THR B 383 -32.73 31.24 -21.04
CA THR B 383 -31.31 31.05 -21.22
C THR B 383 -30.59 31.60 -20.00
N LEU B 384 -29.49 30.96 -19.63
CA LEU B 384 -28.70 31.48 -18.55
C LEU B 384 -27.22 31.14 -18.73
N PRO B 385 -26.35 32.12 -18.62
CA PRO B 385 -24.96 31.95 -19.08
C PRO B 385 -24.09 31.28 -18.04
N CYS B 386 -23.05 30.61 -18.53
CA CYS B 386 -22.17 29.79 -17.71
C CYS B 386 -20.73 30.30 -17.83
N ARG B 387 -19.86 29.73 -17.02
CA ARG B 387 -18.42 29.92 -17.14
C ARG B 387 -17.75 28.56 -16.98
N ILE B 388 -16.58 28.41 -17.58
CA ILE B 388 -15.88 27.13 -17.56
C ILE B 388 -14.51 27.33 -16.94
N LYS B 389 -14.36 26.92 -15.69
CA LYS B 389 -13.04 26.73 -15.12
C LYS B 389 -12.44 25.44 -15.62
N GLN B 390 -11.13 25.33 -15.52
CA GLN B 390 -10.46 24.07 -15.82
C GLN B 390 -9.89 23.35 -14.63
N ILE B 391 -9.54 24.05 -13.56
CA ILE B 391 -9.00 23.38 -12.38
C ILE B 391 -9.98 23.50 -11.23
N ILE B 392 -10.37 22.36 -10.69
CA ILE B 392 -11.32 22.33 -9.59
C ILE B 392 -10.54 22.18 -8.30
N ASN B 393 -11.19 22.45 -7.19
CA ASN B 393 -10.59 22.25 -5.88
C ASN B 393 -11.63 21.66 -4.94
N MET B 394 -12.33 20.62 -5.42
CA MET B 394 -13.50 20.09 -4.73
C MET B 394 -13.16 19.55 -3.36
N TRP B 395 -14.10 19.73 -2.44
CA TRP B 395 -14.04 19.48 -1.01
C TRP B 395 -13.00 20.33 -0.28
N GLN B 396 -12.45 21.34 -0.96
CA GLN B 396 -11.65 22.42 -0.38
C GLN B 396 -10.45 21.87 0.39
N ARG B 397 -9.71 20.99 -0.27
CA ARG B 397 -8.59 20.32 0.36
C ARG B 397 -7.33 21.17 0.26
N ILE B 398 -6.46 21.02 1.25
CA ILE B 398 -5.29 21.88 1.37
C ILE B 398 -4.23 21.54 0.32
N GLY B 399 -4.18 20.31 -0.14
CA GLY B 399 -3.13 19.91 -1.07
C GLY B 399 -3.65 19.34 -2.37
N GLN B 400 -4.69 19.92 -2.93
CA GLN B 400 -5.40 19.27 -4.01
C GLN B 400 -5.77 20.27 -5.10
N CYS B 401 -5.68 19.81 -6.33
CA CYS B 401 -6.35 20.40 -7.49
C CYS B 401 -6.44 19.31 -8.54
N MET B 402 -7.08 19.63 -9.66
CA MET B 402 -7.30 18.64 -10.70
C MET B 402 -7.47 19.38 -12.02
N TYR B 403 -6.45 19.36 -12.85
CA TYR B 403 -6.55 19.97 -14.16
C TYR B 403 -7.44 19.10 -15.03
N ALA B 404 -8.60 19.59 -15.37
CA ALA B 404 -9.48 18.79 -16.20
C ALA B 404 -9.00 18.83 -17.66
N PRO B 405 -8.96 17.70 -18.33
CA PRO B 405 -8.50 17.68 -19.70
C PRO B 405 -9.54 18.26 -20.64
N PRO B 406 -9.12 19.04 -21.63
CA PRO B 406 -10.06 19.57 -22.61
C PRO B 406 -10.58 18.48 -23.51
N ILE B 407 -11.87 18.54 -23.82
CA ILE B 407 -12.52 17.48 -24.56
C ILE B 407 -12.95 17.99 -25.93
N GLN B 408 -12.97 17.09 -26.89
CA GLN B 408 -13.16 17.44 -28.28
C GLN B 408 -14.59 17.85 -28.58
N GLY B 409 -14.75 18.68 -29.60
CA GLY B 409 -16.04 18.90 -30.22
C GLY B 409 -17.03 19.71 -29.40
N VAL B 410 -18.17 19.96 -30.03
CA VAL B 410 -19.30 20.57 -29.35
C VAL B 410 -19.88 19.58 -28.35
N ILE B 411 -20.15 20.06 -27.15
CA ILE B 411 -20.60 19.22 -26.04
C ILE B 411 -21.96 19.73 -25.58
N ARG B 412 -22.89 18.80 -25.36
CA ARG B 412 -24.13 19.16 -24.68
C ARG B 412 -24.64 17.96 -23.91
N CYS B 413 -25.50 18.23 -22.92
CA CYS B 413 -26.11 17.18 -22.14
C CYS B 413 -27.45 17.65 -21.61
N VAL B 414 -28.30 16.66 -21.32
CA VAL B 414 -29.70 16.86 -20.96
C VAL B 414 -29.91 16.27 -19.58
N SER B 415 -30.59 16.99 -18.71
CA SER B 415 -30.77 16.48 -17.35
C SER B 415 -32.15 16.80 -16.81
N ASN B 416 -32.50 16.12 -15.73
CA ASN B 416 -33.72 16.36 -14.98
C ASN B 416 -33.40 17.10 -13.68
N ILE B 417 -33.75 18.37 -13.61
CA ILE B 417 -33.74 19.05 -12.33
C ILE B 417 -34.88 18.51 -11.50
N THR B 418 -34.56 18.01 -10.32
CA THR B 418 -35.48 17.27 -9.46
C THR B 418 -35.75 17.98 -8.15
N GLY B 419 -34.74 18.54 -7.49
CA GLY B 419 -34.93 19.18 -6.21
C GLY B 419 -34.17 20.49 -6.09
N LEU B 420 -34.55 21.26 -5.08
CA LEU B 420 -33.88 22.48 -4.70
C LEU B 420 -33.29 22.38 -3.30
N ILE B 421 -32.36 23.28 -3.01
CA ILE B 421 -31.80 23.44 -1.68
C ILE B 421 -31.93 24.92 -1.34
N LEU B 422 -32.77 25.22 -0.37
CA LEU B 422 -33.13 26.59 -0.06
C LEU B 422 -32.66 26.96 1.34
N THR B 423 -32.74 28.25 1.63
CA THR B 423 -32.29 28.80 2.90
C THR B 423 -33.06 30.07 3.16
N ARG B 424 -33.77 30.13 4.29
CA ARG B 424 -34.50 31.32 4.64
C ARG B 424 -33.52 32.37 5.16
N ASP B 425 -33.72 33.62 4.74
CA ASP B 425 -33.05 34.71 5.44
C ASP B 425 -33.76 34.96 6.76
N GLY B 426 -33.04 34.77 7.85
CA GLY B 426 -33.63 34.86 9.16
C GLY B 426 -33.59 36.26 9.73
N GLY B 427 -34.37 37.16 9.17
CA GLY B 427 -34.38 38.51 9.66
C GLY B 427 -35.33 38.70 10.83
N SER B 428 -34.96 39.63 11.69
CA SER B 428 -35.85 40.09 12.75
C SER B 428 -36.76 41.19 12.23
N THR B 429 -37.42 41.88 13.15
CA THR B 429 -38.19 43.11 12.92
C THR B 429 -39.36 42.92 11.94
N ASN B 430 -40.33 42.12 12.39
CA ASN B 430 -41.75 42.19 12.01
C ASN B 430 -41.96 42.07 10.49
N SER B 431 -41.63 40.90 9.98
CA SER B 431 -41.66 40.65 8.54
C SER B 431 -42.93 39.90 8.14
N THR B 432 -43.52 40.33 7.02
CA THR B 432 -44.53 39.55 6.34
C THR B 432 -43.97 38.81 5.13
N THR B 433 -43.03 39.42 4.42
CA THR B 433 -42.28 38.70 3.41
C THR B 433 -41.30 37.75 4.07
N GLU B 434 -41.22 36.54 3.54
CA GLU B 434 -40.29 35.53 4.05
C GLU B 434 -39.41 35.10 2.89
N THR B 435 -38.34 35.84 2.67
CA THR B 435 -37.54 35.63 1.48
C THR B 435 -36.68 34.38 1.59
N PHE B 436 -36.51 33.71 0.46
CA PHE B 436 -35.77 32.47 0.36
C PHE B 436 -34.62 32.64 -0.62
N ARG B 437 -33.54 31.91 -0.39
CA ARG B 437 -32.37 32.04 -1.24
C ARG B 437 -31.80 30.65 -1.49
N PRO B 438 -31.22 30.41 -2.65
CA PRO B 438 -30.52 29.15 -2.86
C PRO B 438 -29.21 29.13 -2.09
N GLY B 439 -28.65 27.95 -1.93
CA GLY B 439 -27.34 27.83 -1.33
C GLY B 439 -26.80 26.42 -1.31
N GLY B 440 -25.56 26.23 -1.74
CA GLY B 440 -25.01 24.90 -1.83
C GLY B 440 -24.46 24.39 -0.51
N GLY B 441 -23.40 25.03 -0.04
CA GLY B 441 -22.79 24.68 1.22
C GLY B 441 -22.13 23.31 1.22
N ASP B 442 -22.59 22.44 2.10
CA ASP B 442 -22.02 21.11 2.21
C ASP B 442 -22.46 20.25 1.03
N MET B 443 -21.61 19.29 0.68
CA MET B 443 -22.00 18.28 -0.27
C MET B 443 -22.92 17.23 0.33
N ARG B 444 -22.93 17.10 1.66
CA ARG B 444 -23.70 16.07 2.32
C ARG B 444 -25.20 16.29 2.20
N ASP B 445 -25.62 17.54 2.04
CA ASP B 445 -27.04 17.82 1.92
C ASP B 445 -27.59 17.40 0.57
N ASN B 446 -26.72 17.21 -0.42
CA ASN B 446 -27.12 16.49 -1.62
C ASN B 446 -27.47 15.06 -1.26
N TRP B 447 -26.62 14.42 -0.48
CA TRP B 447 -26.73 13.00 -0.23
C TRP B 447 -27.92 12.68 0.64
N ARG B 448 -28.28 13.58 1.55
CA ARG B 448 -29.36 13.30 2.48
C ARG B 448 -30.71 13.29 1.77
N SER B 449 -30.78 13.84 0.55
CA SER B 449 -31.95 13.67 -0.30
C SER B 449 -32.04 12.27 -0.89
N GLU B 450 -31.03 11.43 -0.72
CA GLU B 450 -31.05 10.10 -1.29
C GLU B 450 -31.13 8.98 -0.26
N LEU B 451 -30.65 9.22 0.95
CA LEU B 451 -30.63 8.16 1.96
C LEU B 451 -31.59 8.44 3.10
N TYR B 452 -32.60 9.27 2.87
CA TYR B 452 -33.51 9.57 3.95
C TYR B 452 -34.49 8.43 4.22
N LYS B 453 -34.68 7.54 3.25
CA LYS B 453 -35.65 6.47 3.43
C LYS B 453 -35.13 5.33 4.28
N TYR B 454 -33.82 5.16 4.38
CA TYR B 454 -33.25 3.95 4.94
C TYR B 454 -32.75 4.17 6.36
N LYS B 455 -32.64 3.06 7.09
CA LYS B 455 -31.79 3.06 8.28
C LYS B 455 -31.21 1.66 8.45
N VAL B 456 -30.17 1.57 9.26
CA VAL B 456 -29.45 0.33 9.48
C VAL B 456 -29.67 -0.13 10.91
N VAL B 457 -30.03 -1.40 11.07
CA VAL B 457 -30.23 -1.97 12.39
C VAL B 457 -29.41 -3.24 12.52
N LYS B 458 -29.17 -3.62 13.77
CA LYS B 458 -28.39 -4.80 14.10
C LYS B 458 -29.30 -5.85 14.71
N ILE B 459 -29.29 -7.05 14.13
CA ILE B 459 -30.00 -8.17 14.70
C ILE B 459 -29.33 -8.57 16.00
N GLU B 460 -30.13 -8.77 17.04
CA GLU B 460 -29.65 -9.43 18.25
C GLU B 460 -30.53 -10.63 18.54
N PRO B 461 -30.11 -11.82 18.20
CA PRO B 461 -30.87 -13.01 18.57
C PRO B 461 -30.75 -13.34 20.05
N LEU B 462 -31.23 -14.52 20.42
CA LEU B 462 -31.15 -15.07 21.78
C LEU B 462 -31.90 -14.18 22.77
N GLY B 463 -33.22 -14.20 22.62
CA GLY B 463 -34.09 -13.69 23.66
C GLY B 463 -34.40 -14.77 24.65
N VAL B 464 -35.17 -14.41 25.68
CA VAL B 464 -35.53 -15.37 26.71
C VAL B 464 -36.91 -15.01 27.22
N ALA B 465 -37.67 -16.04 27.62
CA ALA B 465 -39.07 -15.84 27.88
C ALA B 465 -39.59 -16.95 28.78
N PRO B 466 -40.43 -16.65 29.77
CA PRO B 466 -41.00 -17.71 30.58
C PRO B 466 -42.13 -18.45 29.89
N THR B 467 -42.18 -19.74 30.13
CA THR B 467 -43.29 -20.59 29.71
C THR B 467 -43.40 -21.75 30.69
N ARG B 468 -44.20 -22.75 30.30
CA ARG B 468 -44.58 -23.87 31.15
C ARG B 468 -43.95 -25.13 30.57
N CYS B 469 -42.74 -25.42 31.02
CA CYS B 469 -41.90 -26.50 30.51
C CYS B 469 -40.77 -26.75 31.47
N LYS B 470 -40.50 -28.03 31.77
CA LYS B 470 -39.37 -28.35 32.62
C LYS B 470 -38.50 -29.38 31.93
N ARG B 471 -37.20 -29.12 31.90
CA ARG B 471 -36.24 -30.09 31.38
C ARG B 471 -36.02 -31.19 32.39
N ARG B 472 -36.04 -32.43 31.92
CA ARG B 472 -35.88 -33.60 32.77
C ARG B 472 -34.38 -33.84 33.02
N VAL B 473 -34.06 -34.96 33.65
CA VAL B 473 -32.67 -35.29 33.91
C VAL B 473 -32.10 -36.16 32.80
N ALA C 1 -37.98 -53.12 6.71
CA ALA C 1 -36.96 -53.53 5.75
C ALA C 1 -36.94 -52.61 4.55
N GLU C 2 -38.08 -52.53 3.85
CA GLU C 2 -38.25 -51.60 2.75
C GLU C 2 -38.74 -50.24 3.21
N ASN C 3 -38.84 -50.03 4.52
CA ASN C 3 -39.18 -48.73 5.10
C ASN C 3 -37.89 -47.98 5.42
N LEU C 4 -37.16 -47.66 4.36
CA LEU C 4 -35.82 -47.09 4.52
C LEU C 4 -35.93 -45.65 4.97
N TRP C 5 -35.09 -45.29 5.92
CA TRP C 5 -34.97 -43.92 6.38
C TRP C 5 -33.66 -43.35 5.84
N VAL C 6 -33.38 -42.11 6.17
CA VAL C 6 -32.21 -41.48 5.58
C VAL C 6 -31.25 -41.08 6.69
N THR C 7 -29.97 -41.02 6.34
CA THR C 7 -28.92 -40.54 7.24
C THR C 7 -28.02 -39.62 6.45
N VAL C 8 -27.53 -38.57 7.10
CA VAL C 8 -26.55 -37.69 6.49
C VAL C 8 -25.20 -37.98 7.13
N TYR C 9 -24.31 -38.54 6.33
CA TYR C 9 -22.93 -38.72 6.73
C TYR C 9 -22.17 -37.43 6.45
N TYR C 10 -21.39 -36.97 7.41
CA TYR C 10 -20.57 -35.81 7.23
C TYR C 10 -19.12 -36.23 7.05
N GLY C 11 -18.45 -35.64 6.07
CA GLY C 11 -17.08 -35.99 5.77
C GLY C 11 -16.91 -37.02 4.68
N VAL C 12 -17.89 -37.16 3.80
CA VAL C 12 -17.85 -38.17 2.73
C VAL C 12 -16.78 -37.77 1.72
N PRO C 13 -15.90 -38.69 1.31
CA PRO C 13 -14.94 -38.37 0.26
C PRO C 13 -15.60 -38.23 -1.10
N VAL C 14 -15.78 -36.97 -1.51
CA VAL C 14 -16.35 -36.63 -2.80
C VAL C 14 -15.98 -35.19 -3.07
N TRP C 15 -15.82 -34.85 -4.34
CA TRP C 15 -15.34 -33.52 -4.70
C TRP C 15 -16.12 -32.99 -5.88
N LYS C 16 -15.77 -31.77 -6.27
CA LYS C 16 -16.18 -31.19 -7.54
C LYS C 16 -14.98 -30.49 -8.16
N ASP C 17 -15.10 -30.20 -9.44
CA ASP C 17 -14.09 -29.38 -10.11
C ASP C 17 -14.38 -27.93 -9.81
N ALA C 18 -13.36 -27.20 -9.37
CA ALA C 18 -13.55 -25.81 -8.99
C ALA C 18 -12.28 -25.04 -9.29
N GLU C 19 -12.31 -23.75 -8.94
CA GLU C 19 -11.20 -22.85 -9.19
C GLU C 19 -11.03 -21.97 -7.96
N THR C 20 -9.80 -21.90 -7.46
CA THR C 20 -9.51 -21.11 -6.29
C THR C 20 -8.09 -20.58 -6.39
N THR C 21 -7.68 -19.82 -5.40
CA THR C 21 -6.30 -19.38 -5.34
C THR C 21 -5.44 -20.46 -4.69
N LEU C 22 -4.14 -20.27 -4.77
CA LEU C 22 -3.17 -21.19 -4.21
C LEU C 22 -2.25 -20.43 -3.28
N PHE C 23 -1.18 -21.09 -2.86
CA PHE C 23 -0.28 -20.50 -1.88
C PHE C 23 1.11 -21.06 -2.09
N CYS C 24 2.08 -20.19 -2.33
CA CYS C 24 3.42 -20.66 -2.64
C CYS C 24 4.17 -21.02 -1.37
N ALA C 25 5.21 -21.84 -1.54
CA ALA C 25 6.06 -22.26 -0.43
C ALA C 25 7.39 -22.69 -1.01
N SER C 26 8.47 -22.14 -0.50
CA SER C 26 9.80 -22.33 -1.08
C SER C 26 10.70 -23.10 -0.12
N ASP C 27 11.70 -23.76 -0.69
CA ASP C 27 12.56 -24.66 0.06
C ASP C 27 13.59 -23.90 0.89
N ALA C 28 14.18 -24.62 1.85
CA ALA C 28 15.07 -24.00 2.83
C ALA C 28 16.44 -23.65 2.27
N LYS C 29 16.79 -24.16 1.09
CA LYS C 29 18.07 -23.82 0.48
C LYS C 29 18.11 -22.38 0.00
N ALA C 30 16.96 -21.84 -0.39
CA ALA C 30 16.89 -20.44 -0.82
C ALA C 30 16.87 -19.48 0.35
N TYR C 31 16.63 -19.96 1.57
CA TYR C 31 16.65 -19.10 2.74
C TYR C 31 18.03 -18.98 3.37
N GLU C 32 19.01 -19.76 2.91
CA GLU C 32 20.34 -19.72 3.51
C GLU C 32 21.11 -18.48 3.08
N THR C 33 20.91 -18.03 1.85
CA THR C 33 21.20 -16.65 1.47
C THR C 33 19.91 -15.87 1.60
N GLU C 34 19.92 -14.79 2.36
CA GLU C 34 18.68 -14.14 2.75
C GLU C 34 18.68 -12.68 2.28
N LYS C 35 17.66 -11.94 2.75
CA LYS C 35 17.55 -10.48 2.63
C LYS C 35 17.52 -10.03 1.17
N HIS C 36 16.42 -10.41 0.50
CA HIS C 36 16.08 -9.95 -0.86
C HIS C 36 17.12 -10.40 -1.89
N ASN C 37 17.71 -11.57 -1.67
CA ASN C 37 18.68 -12.11 -2.60
C ASN C 37 18.03 -12.41 -3.96
N VAL C 38 16.97 -13.21 -3.95
CA VAL C 38 16.11 -13.41 -5.10
C VAL C 38 14.71 -13.02 -4.67
N TRP C 39 13.83 -12.90 -5.65
CA TRP C 39 12.45 -12.57 -5.36
C TRP C 39 11.76 -13.74 -4.65
N ALA C 40 10.66 -13.39 -3.95
CA ALA C 40 9.84 -14.30 -3.15
C ALA C 40 10.63 -15.03 -2.08
N THR C 41 11.65 -14.38 -1.54
CA THR C 41 12.20 -14.85 -0.27
C THR C 41 11.35 -14.43 0.91
N HIS C 42 10.55 -13.38 0.74
CA HIS C 42 9.61 -12.92 1.74
C HIS C 42 8.17 -13.22 1.39
N ALA C 43 7.86 -13.45 0.11
CA ALA C 43 6.49 -13.63 -0.32
C ALA C 43 5.96 -15.03 -0.05
N CYS C 44 6.84 -16.02 0.11
CA CYS C 44 6.42 -17.38 0.35
C CYS C 44 6.81 -17.81 1.75
N VAL C 45 6.06 -18.76 2.29
CA VAL C 45 6.36 -19.34 3.59
C VAL C 45 7.46 -20.38 3.34
N PRO C 46 8.25 -20.76 4.34
CA PRO C 46 9.08 -21.96 4.16
C PRO C 46 8.26 -23.23 4.12
N THR C 47 8.76 -24.20 3.35
CA THR C 47 8.02 -25.43 3.10
C THR C 47 7.93 -26.30 4.33
N ASP C 48 6.79 -26.98 4.47
CA ASP C 48 6.78 -28.26 5.15
C ASP C 48 7.49 -29.27 4.27
N PRO C 49 8.20 -30.23 4.85
CA PRO C 49 8.83 -31.26 4.03
C PRO C 49 7.79 -32.25 3.52
N ASN C 50 8.18 -32.98 2.45
CA ASN C 50 7.67 -34.24 1.91
C ASN C 50 6.15 -34.42 2.01
N PRO C 51 5.40 -33.76 1.13
CA PRO C 51 3.94 -33.81 1.21
C PRO C 51 3.38 -35.22 1.02
N GLN C 52 2.18 -35.42 1.55
CA GLN C 52 1.58 -36.74 1.67
C GLN C 52 1.11 -37.31 0.33
N GLU C 53 2.07 -37.63 -0.53
CA GLU C 53 1.74 -38.09 -1.89
C GLU C 53 1.30 -39.53 -1.80
N ILE C 54 0.01 -39.73 -1.57
CA ILE C 54 -0.55 -41.06 -1.39
C ILE C 54 -1.37 -41.42 -2.63
N HIS C 55 -1.82 -42.66 -2.68
CA HIS C 55 -2.39 -43.24 -3.88
C HIS C 55 -3.89 -43.34 -3.74
N LEU C 56 -4.55 -43.77 -4.81
CA LEU C 56 -5.99 -43.88 -4.84
C LEU C 56 -6.34 -44.89 -5.94
N GLU C 57 -7.37 -45.71 -5.72
CA GLU C 57 -7.60 -46.86 -6.58
C GLU C 57 -8.99 -46.82 -7.17
N ASN C 58 -9.19 -47.65 -8.22
CA ASN C 58 -10.47 -47.83 -8.93
C ASN C 58 -11.09 -46.51 -9.38
N VAL C 59 -10.24 -45.57 -9.78
CA VAL C 59 -10.62 -44.18 -9.91
C VAL C 59 -10.17 -43.65 -11.27
N THR C 60 -11.01 -42.82 -11.89
CA THR C 60 -10.69 -42.29 -13.20
C THR C 60 -11.30 -40.89 -13.30
N GLU C 61 -10.47 -39.90 -13.63
CA GLU C 61 -10.91 -38.54 -13.78
C GLU C 61 -10.43 -38.00 -15.11
N GLU C 62 -11.31 -37.31 -15.83
CA GLU C 62 -10.86 -36.60 -17.02
C GLU C 62 -10.15 -35.33 -16.62
N PHE C 63 -9.04 -35.06 -17.27
CA PHE C 63 -8.29 -33.85 -17.00
C PHE C 63 -8.36 -32.95 -18.21
N ASN C 64 -7.63 -31.85 -18.11
CA ASN C 64 -7.42 -30.94 -19.23
C ASN C 64 -6.19 -30.12 -18.86
N MET C 65 -5.35 -29.86 -19.85
CA MET C 65 -4.36 -28.84 -19.64
C MET C 65 -4.75 -27.53 -20.31
N TRP C 66 -5.72 -27.56 -21.21
CA TRP C 66 -5.91 -26.40 -22.07
C TRP C 66 -6.88 -25.41 -21.45
N LYS C 67 -8.02 -25.89 -20.97
CA LYS C 67 -8.92 -25.04 -20.20
C LYS C 67 -8.72 -25.23 -18.70
N ASN C 68 -7.49 -25.52 -18.30
CA ASN C 68 -7.16 -25.64 -16.88
C ASN C 68 -6.94 -24.27 -16.29
N ASN C 69 -7.30 -24.13 -15.02
CA ASN C 69 -6.90 -22.96 -14.27
C ASN C 69 -5.58 -23.29 -13.59
N MET C 70 -5.15 -22.43 -12.65
CA MET C 70 -3.93 -22.39 -11.83
C MET C 70 -2.69 -22.10 -12.67
N VAL C 71 -2.83 -22.10 -13.99
CA VAL C 71 -1.84 -21.52 -14.85
C VAL C 71 -2.25 -20.10 -15.21
N GLU C 72 -3.55 -19.83 -15.24
CA GLU C 72 -4.03 -18.48 -15.52
C GLU C 72 -3.72 -17.54 -14.38
N GLN C 73 -3.65 -18.04 -13.15
CA GLN C 73 -3.27 -17.16 -12.06
C GLN C 73 -1.77 -17.07 -11.90
N MET C 74 -1.00 -18.05 -12.40
CA MET C 74 0.43 -18.00 -12.17
C MET C 74 1.08 -16.97 -13.08
N HIS C 75 0.57 -16.82 -14.30
CA HIS C 75 1.04 -15.76 -15.17
C HIS C 75 0.70 -14.38 -14.63
N THR C 76 -0.31 -14.27 -13.78
CA THR C 76 -0.54 -13.02 -13.06
C THR C 76 0.34 -12.90 -11.83
N ASP C 77 0.61 -14.03 -11.17
CA ASP C 77 1.39 -14.02 -9.94
C ASP C 77 2.83 -13.64 -10.18
N ILE C 78 3.43 -14.22 -11.22
CA ILE C 78 4.84 -13.98 -11.49
C ILE C 78 5.05 -12.56 -12.00
N ILE C 79 4.12 -12.03 -12.79
CA ILE C 79 4.23 -10.64 -13.22
C ILE C 79 4.05 -9.69 -12.04
N SER C 80 3.04 -9.96 -11.19
CA SER C 80 2.78 -9.10 -10.03
C SER C 80 3.90 -9.17 -9.02
N LEU C 81 4.58 -10.30 -8.92
CA LEU C 81 5.72 -10.41 -8.06
C LEU C 81 6.98 -9.83 -8.71
N TRP C 82 7.02 -9.85 -10.04
CA TRP C 82 8.13 -9.28 -10.78
C TRP C 82 8.15 -7.77 -10.66
N ASP C 83 6.98 -7.15 -10.57
CA ASP C 83 6.93 -5.71 -10.40
C ASP C 83 7.38 -5.28 -9.01
N GLN C 84 7.23 -6.15 -8.02
CA GLN C 84 7.55 -5.75 -6.65
C GLN C 84 9.04 -5.65 -6.41
N SER C 85 9.86 -6.36 -7.18
CA SER C 85 11.29 -6.29 -7.02
C SER C 85 11.93 -5.19 -7.85
N LEU C 86 11.15 -4.19 -8.26
CA LEU C 86 11.67 -3.08 -9.05
C LEU C 86 11.44 -1.73 -8.42
N LYS C 87 10.24 -1.50 -7.86
CA LYS C 87 9.87 -0.26 -7.19
C LYS C 87 10.80 0.23 -6.06
N PRO C 88 11.54 -0.60 -5.34
CA PRO C 88 12.60 -0.05 -4.49
C PRO C 88 13.88 0.34 -5.20
N CYS C 89 13.91 0.45 -6.53
CA CYS C 89 15.16 0.71 -7.21
C CYS C 89 15.08 2.00 -8.01
N VAL C 90 16.20 2.32 -8.67
CA VAL C 90 16.43 3.64 -9.23
C VAL C 90 15.60 3.86 -10.48
N LYS C 91 15.14 5.09 -10.68
CA LYS C 91 14.55 5.52 -11.94
C LYS C 91 15.58 6.24 -12.78
N LEU C 92 15.37 6.24 -14.10
CA LEU C 92 16.33 6.83 -15.04
C LEU C 92 15.76 8.04 -15.75
N THR C 93 15.07 8.89 -15.01
CA THR C 93 14.73 10.21 -15.54
C THR C 93 15.94 11.06 -15.96
N PRO C 94 17.03 11.21 -15.18
CA PRO C 94 18.09 12.11 -15.63
C PRO C 94 18.99 11.56 -16.73
N LEU C 95 18.74 10.36 -17.24
CA LEU C 95 19.70 9.77 -18.17
C LEU C 95 19.22 9.82 -19.62
N CYS C 96 17.94 9.99 -19.86
CA CYS C 96 17.48 10.24 -21.23
C CYS C 96 17.99 11.61 -21.65
N VAL C 97 19.09 11.62 -22.40
CA VAL C 97 19.85 12.83 -22.64
C VAL C 97 20.57 12.65 -23.96
N THR C 98 21.07 13.74 -24.52
CA THR C 98 21.82 13.70 -25.76
C THR C 98 23.11 12.91 -25.59
N LEU C 99 23.37 12.01 -26.53
CA LEU C 99 24.56 11.19 -26.51
C LEU C 99 25.49 11.60 -27.63
N GLN C 100 26.79 11.45 -27.40
CA GLN C 100 27.81 11.71 -28.43
C GLN C 100 28.58 10.41 -28.58
N CYS C 101 28.30 9.68 -29.64
CA CYS C 101 28.81 8.33 -29.77
C CYS C 101 29.87 8.24 -30.86
N THR C 102 30.66 7.17 -30.77
CA THR C 102 31.69 6.87 -31.75
C THR C 102 31.93 5.38 -31.71
N ASN C 103 32.68 4.90 -32.69
CA ASN C 103 32.99 3.48 -32.73
C ASN C 103 34.05 3.16 -31.67
N VAL C 104 33.96 1.95 -31.13
CA VAL C 104 34.99 1.47 -30.23
C VAL C 104 36.24 1.18 -31.04
N THR C 105 37.41 1.28 -30.39
CA THR C 105 38.67 0.93 -31.04
C THR C 105 38.68 -0.54 -31.41
N ASN C 106 38.73 -0.82 -32.71
CA ASN C 106 38.75 -2.17 -33.26
C ASN C 106 39.10 -2.06 -34.73
N ASN C 107 39.72 -3.12 -35.27
CA ASN C 107 39.89 -3.22 -36.71
C ASN C 107 38.52 -3.37 -37.33
N ILE C 108 38.02 -2.30 -37.94
CA ILE C 108 36.67 -2.29 -38.49
C ILE C 108 36.74 -2.58 -39.99
N THR C 109 35.76 -3.32 -40.47
CA THR C 109 35.68 -3.66 -41.89
C THR C 109 34.65 -2.78 -42.57
N ASP C 110 34.69 -2.78 -43.90
CA ASP C 110 33.74 -1.99 -44.67
C ASP C 110 32.39 -2.70 -44.77
N ASP C 111 32.40 -3.99 -45.11
CA ASP C 111 31.15 -4.73 -45.22
C ASP C 111 30.57 -5.05 -43.84
N MET C 112 31.31 -5.81 -43.04
CA MET C 112 30.80 -6.18 -41.73
C MET C 112 30.94 -5.03 -40.75
N ARG C 113 30.20 -5.13 -39.64
CA ARG C 113 29.94 -4.00 -38.77
C ARG C 113 30.30 -4.33 -37.34
N GLY C 114 30.66 -3.29 -36.58
CA GLY C 114 30.86 -3.42 -35.16
C GLY C 114 29.53 -3.40 -34.40
N GLU C 115 29.60 -3.80 -33.13
CA GLU C 115 28.42 -3.92 -32.30
C GLU C 115 28.55 -3.23 -30.95
N LEU C 116 29.53 -2.35 -30.77
CA LEU C 116 29.66 -1.59 -29.55
C LEU C 116 29.93 -0.14 -29.87
N LYS C 117 29.25 0.76 -29.18
CA LYS C 117 29.38 2.19 -29.40
C LYS C 117 29.83 2.85 -28.12
N ASN C 118 30.95 3.57 -28.20
CA ASN C 118 31.55 4.31 -27.10
C ASN C 118 30.91 5.68 -27.07
N CYS C 119 30.14 5.98 -26.03
CA CYS C 119 29.35 7.19 -26.01
C CYS C 119 29.67 8.05 -24.79
N SER C 120 29.78 9.36 -25.00
CA SER C 120 30.03 10.33 -23.94
C SER C 120 28.86 11.28 -23.85
N PHE C 121 28.62 11.79 -22.64
CA PHE C 121 27.47 12.65 -22.42
C PHE C 121 27.63 13.46 -21.14
N ASN C 122 26.92 14.60 -21.13
CA ASN C 122 26.78 15.41 -19.93
C ASN C 122 25.94 14.65 -18.90
N MET C 123 26.21 14.92 -17.63
CA MET C 123 25.44 14.27 -16.58
C MET C 123 25.52 15.16 -15.35
N THR C 124 24.53 15.02 -14.47
CA THR C 124 24.55 15.81 -13.25
C THR C 124 25.54 15.21 -12.27
N THR C 125 25.80 15.96 -11.21
CA THR C 125 26.60 15.49 -10.09
C THR C 125 25.67 15.25 -8.92
N GLU C 126 26.25 14.90 -7.78
CA GLU C 126 25.50 14.92 -6.53
C GLU C 126 25.01 16.33 -6.24
N LEU C 127 25.85 17.32 -6.48
CA LEU C 127 25.45 18.70 -6.35
C LEU C 127 24.60 19.09 -7.55
N ARG C 128 23.87 20.19 -7.41
CA ARG C 128 22.99 20.63 -8.49
C ARG C 128 23.63 21.63 -9.42
N ASP C 129 24.62 22.37 -8.94
CA ASP C 129 25.25 23.38 -9.77
C ASP C 129 26.16 22.74 -10.82
N LYS C 130 27.08 21.90 -10.38
CA LYS C 130 28.10 21.39 -11.27
C LYS C 130 27.55 20.24 -12.11
N LYS C 131 28.19 20.03 -13.26
CA LYS C 131 27.91 18.90 -14.11
C LYS C 131 29.22 18.21 -14.46
N GLN C 132 29.11 17.04 -15.05
CA GLN C 132 30.28 16.23 -15.37
C GLN C 132 30.11 15.64 -16.75
N LYS C 133 31.24 15.31 -17.38
CA LYS C 133 31.23 14.59 -18.63
C LYS C 133 31.66 13.16 -18.36
N VAL C 134 30.91 12.19 -18.88
CA VAL C 134 31.22 10.80 -18.58
C VAL C 134 30.82 9.95 -19.78
N TYR C 135 31.44 8.77 -19.89
CA TYR C 135 31.31 7.93 -21.07
C TYR C 135 31.09 6.49 -20.65
N SER C 136 30.56 5.72 -21.59
CA SER C 136 30.29 4.32 -21.37
C SER C 136 30.27 3.59 -22.70
N LEU C 137 29.91 2.30 -22.66
CA LEU C 137 29.76 1.50 -23.85
C LEU C 137 28.33 1.02 -23.96
N PHE C 138 27.81 0.96 -25.18
CA PHE C 138 26.45 0.51 -25.38
C PHE C 138 26.37 -0.37 -26.62
N TYR C 139 25.26 -1.06 -26.75
CA TYR C 139 25.06 -1.94 -27.89
C TYR C 139 24.32 -1.20 -29.00
N ARG C 140 24.34 -1.79 -30.19
CA ARG C 140 23.64 -1.20 -31.33
C ARG C 140 22.14 -1.24 -31.16
N LEU C 141 21.64 -2.15 -30.33
CA LEU C 141 20.21 -2.35 -30.18
C LEU C 141 19.60 -1.47 -29.11
N ASP C 142 20.33 -0.49 -28.59
CA ASP C 142 19.79 0.40 -27.58
C ASP C 142 19.92 1.87 -27.92
N VAL C 143 20.58 2.22 -29.00
CA VAL C 143 20.66 3.62 -29.40
C VAL C 143 20.04 3.75 -30.78
N VAL C 144 19.36 4.87 -30.99
CA VAL C 144 18.89 5.21 -32.32
C VAL C 144 19.45 6.58 -32.65
N GLN C 145 19.45 6.89 -33.93
CA GLN C 145 20.07 8.11 -34.41
C GLN C 145 19.02 9.20 -34.46
N ILE C 146 19.24 10.23 -33.72
CA ILE C 146 18.40 11.40 -33.82
C ILE C 146 18.91 12.21 -35.00
N ASN C 147 18.02 12.90 -35.70
CA ASN C 147 18.39 13.49 -36.97
C ASN C 147 17.77 14.87 -37.14
N SER C 157 28.92 14.88 -41.39
CA SER C 157 29.14 15.74 -40.23
C SER C 157 29.18 14.93 -38.94
N ASN C 158 28.50 15.42 -37.92
CA ASN C 158 28.41 14.71 -36.65
C ASN C 158 27.41 13.55 -36.74
N LYS C 159 27.35 12.77 -35.66
CA LYS C 159 26.37 11.68 -35.58
C LYS C 159 26.10 11.45 -34.10
N GLU C 160 24.97 11.99 -33.63
CA GLU C 160 24.61 11.91 -32.22
C GLU C 160 23.37 11.03 -32.06
N TYR C 161 23.34 10.28 -30.98
CA TYR C 161 22.34 9.25 -30.78
C TYR C 161 21.48 9.60 -29.57
N ARG C 162 20.54 8.70 -29.28
CA ARG C 162 19.79 8.77 -28.05
C ARG C 162 19.34 7.36 -27.70
N LEU C 163 18.81 7.20 -26.51
CA LEU C 163 18.34 5.89 -26.12
C LEU C 163 17.03 5.58 -26.84
N ILE C 164 16.70 4.29 -26.88
CA ILE C 164 15.57 3.85 -27.68
C ILE C 164 14.25 4.06 -26.93
N ASN C 165 14.22 3.76 -25.64
CA ASN C 165 12.97 3.76 -24.91
C ASN C 165 12.59 5.11 -24.35
N CYS C 166 13.34 6.16 -24.63
CA CYS C 166 13.04 7.44 -24.02
C CYS C 166 11.87 8.16 -24.64
N ASN C 167 11.43 7.76 -25.83
CA ASN C 167 10.22 8.37 -26.36
C ASN C 167 8.96 7.63 -25.94
N THR C 168 9.07 6.66 -25.05
CA THR C 168 7.85 6.01 -24.60
C THR C 168 7.72 5.90 -23.09
N SER C 169 8.81 5.69 -22.36
CA SER C 169 8.71 5.41 -20.94
C SER C 169 10.06 5.60 -20.27
N ALA C 170 10.04 6.21 -19.09
CA ALA C 170 11.24 6.23 -18.25
C ALA C 170 11.53 4.83 -17.75
N CYS C 171 12.79 4.57 -17.44
CA CYS C 171 13.23 3.20 -17.30
C CYS C 171 13.72 2.95 -15.89
N THR C 172 13.63 1.69 -15.46
CA THR C 172 13.99 1.29 -14.11
C THR C 172 15.26 0.45 -14.16
N GLN C 173 16.31 0.94 -13.52
CA GLN C 173 17.47 0.09 -13.31
C GLN C 173 17.13 -0.92 -12.22
N ALA C 174 17.41 -2.18 -12.47
CA ALA C 174 17.28 -3.17 -11.42
C ALA C 174 18.45 -3.01 -10.45
N CYS C 175 18.17 -3.27 -9.18
CA CYS C 175 19.24 -3.19 -8.19
C CYS C 175 20.17 -4.38 -8.37
N PRO C 176 21.49 -4.17 -8.38
CA PRO C 176 22.41 -5.27 -8.67
C PRO C 176 22.53 -6.28 -7.55
N LYS C 177 21.94 -6.01 -6.39
CA LYS C 177 22.00 -6.94 -5.28
C LYS C 177 21.08 -8.13 -5.52
N VAL C 178 19.91 -7.89 -6.10
CA VAL C 178 18.94 -8.96 -6.30
C VAL C 178 19.36 -9.77 -7.53
N SER C 179 19.02 -11.05 -7.52
CA SER C 179 19.33 -11.94 -8.64
C SER C 179 18.06 -12.44 -9.30
N PHE C 180 18.22 -12.93 -10.52
CA PHE C 180 17.11 -13.44 -11.30
C PHE C 180 17.18 -14.94 -11.51
N GLU C 181 17.99 -15.64 -10.73
CA GLU C 181 18.16 -17.06 -10.94
C GLU C 181 16.91 -17.80 -10.50
N PRO C 182 16.58 -18.91 -11.17
CA PRO C 182 15.39 -19.66 -10.79
C PRO C 182 15.57 -20.36 -9.45
N ILE C 183 14.44 -20.57 -8.79
CA ILE C 183 14.40 -21.29 -7.51
C ILE C 183 13.18 -22.17 -7.50
N PRO C 184 13.21 -23.25 -6.72
CA PRO C 184 12.04 -24.11 -6.63
C PRO C 184 10.88 -23.41 -5.94
N ILE C 185 9.69 -23.57 -6.52
CA ILE C 185 8.45 -23.07 -5.95
C ILE C 185 7.49 -24.23 -5.84
N HIS C 186 6.98 -24.47 -4.65
CA HIS C 186 5.97 -25.50 -4.42
C HIS C 186 4.66 -24.79 -4.18
N TYR C 187 3.70 -24.94 -5.10
CA TYR C 187 2.36 -24.48 -4.81
C TYR C 187 1.66 -25.42 -3.86
N CYS C 188 0.73 -24.89 -3.10
CA CYS C 188 -0.03 -25.65 -2.12
C CYS C 188 -1.46 -25.13 -2.13
N ALA C 189 -2.41 -26.04 -1.92
CA ALA C 189 -3.83 -25.76 -1.79
C ALA C 189 -4.19 -25.55 -0.33
N PRO C 190 -5.06 -24.59 -0.02
CA PRO C 190 -5.41 -24.35 1.39
C PRO C 190 -6.36 -25.40 1.93
N ALA C 191 -6.82 -25.22 3.17
CA ALA C 191 -7.69 -26.21 3.78
C ALA C 191 -9.05 -26.22 3.10
N GLY C 192 -9.54 -27.41 2.78
CA GLY C 192 -10.77 -27.54 2.02
C GLY C 192 -10.60 -27.70 0.54
N PHE C 193 -9.42 -28.08 0.08
CA PHE C 193 -9.21 -28.37 -1.33
C PHE C 193 -8.24 -29.53 -1.46
N ALA C 194 -8.03 -29.97 -2.69
CA ALA C 194 -7.05 -31.03 -2.92
C ALA C 194 -6.47 -30.88 -4.30
N ILE C 195 -5.28 -31.44 -4.47
CA ILE C 195 -4.55 -31.39 -5.72
C ILE C 195 -4.37 -32.82 -6.20
N LEU C 196 -4.96 -33.13 -7.33
CA LEU C 196 -4.81 -34.44 -7.93
C LEU C 196 -3.69 -34.41 -8.95
N LYS C 197 -3.05 -35.57 -9.13
CA LYS C 197 -1.92 -35.71 -10.02
C LYS C 197 -2.08 -36.99 -10.82
N CYS C 198 -2.11 -36.87 -12.14
CA CYS C 198 -2.07 -38.06 -12.98
C CYS C 198 -0.69 -38.68 -12.92
N LYS C 199 -0.64 -39.99 -12.76
CA LYS C 199 0.64 -40.69 -12.66
C LYS C 199 0.81 -41.69 -13.81
N ASP C 200 0.14 -41.42 -14.93
CA ASP C 200 0.21 -42.36 -16.05
C ASP C 200 1.51 -42.18 -16.81
N LYS C 201 1.91 -43.26 -17.48
CA LYS C 201 3.06 -43.20 -18.39
C LYS C 201 2.66 -42.62 -19.74
N LYS C 202 1.75 -43.30 -20.43
CA LYS C 202 1.29 -42.88 -21.75
C LYS C 202 0.03 -42.05 -21.54
N PHE C 203 0.17 -40.73 -21.59
CA PHE C 203 -0.95 -39.85 -21.28
C PHE C 203 -0.71 -38.52 -21.99
N ASN C 204 -1.54 -38.23 -22.99
CA ASN C 204 -1.33 -37.06 -23.82
C ASN C 204 -1.86 -35.76 -23.22
N GLY C 205 -2.24 -35.77 -21.94
CA GLY C 205 -2.65 -34.55 -21.29
C GLY C 205 -4.11 -34.19 -21.47
N THR C 206 -4.85 -34.91 -22.29
CA THR C 206 -6.25 -34.59 -22.48
C THR C 206 -7.02 -35.89 -22.58
N GLY C 207 -8.06 -36.04 -21.76
CA GLY C 207 -8.75 -37.29 -21.67
C GLY C 207 -8.51 -37.92 -20.32
N PRO C 208 -9.22 -39.01 -20.03
CA PRO C 208 -9.27 -39.53 -18.65
C PRO C 208 -7.97 -40.21 -18.24
N CYS C 209 -7.45 -39.80 -17.12
CA CYS C 209 -6.31 -40.48 -16.53
C CYS C 209 -6.81 -41.61 -15.64
N PRO C 210 -6.28 -42.83 -15.78
CA PRO C 210 -6.83 -43.97 -15.05
C PRO C 210 -6.21 -44.25 -13.70
N SER C 211 -5.15 -43.54 -13.32
CA SER C 211 -4.49 -43.77 -12.03
C SER C 211 -4.09 -42.43 -11.43
N VAL C 212 -5.01 -41.82 -10.68
CA VAL C 212 -4.75 -40.52 -10.09
C VAL C 212 -4.07 -40.72 -8.74
N SER C 213 -3.52 -39.67 -8.18
CA SER C 213 -2.99 -39.71 -6.82
C SER C 213 -3.06 -38.30 -6.25
N THR C 214 -3.67 -38.15 -5.08
CA THR C 214 -3.73 -36.84 -4.46
C THR C 214 -2.38 -36.48 -3.85
N VAL C 215 -2.23 -35.21 -3.49
CA VAL C 215 -0.99 -34.71 -2.92
C VAL C 215 -1.33 -33.46 -2.12
N GLN C 216 -0.46 -33.11 -1.17
CA GLN C 216 -0.64 -31.90 -0.39
C GLN C 216 -0.12 -30.68 -1.15
N CYS C 217 1.09 -30.78 -1.69
CA CYS C 217 1.70 -29.69 -2.44
C CYS C 217 2.37 -30.26 -3.69
N THR C 218 2.59 -29.39 -4.67
CA THR C 218 3.22 -29.85 -5.91
C THR C 218 4.69 -30.12 -5.69
N HIS C 219 5.32 -30.71 -6.70
CA HIS C 219 6.76 -30.95 -6.63
C HIS C 219 7.49 -29.69 -7.09
N GLY C 220 8.79 -29.80 -7.31
CA GLY C 220 9.62 -28.67 -7.68
C GLY C 220 9.28 -28.05 -9.02
N ILE C 221 8.90 -26.78 -9.00
CA ILE C 221 8.46 -26.07 -10.20
C ILE C 221 9.38 -24.86 -10.33
N LYS C 222 10.36 -24.96 -11.23
CA LYS C 222 11.11 -23.72 -11.26
C LYS C 222 10.62 -22.83 -12.40
N PRO C 223 10.59 -21.55 -12.16
CA PRO C 223 10.30 -20.60 -13.23
C PRO C 223 11.53 -20.24 -14.03
N VAL C 224 11.49 -20.46 -15.34
CA VAL C 224 12.54 -19.95 -16.21
C VAL C 224 11.88 -18.94 -17.14
N VAL C 225 12.65 -18.37 -18.04
CA VAL C 225 12.09 -17.54 -19.09
C VAL C 225 12.80 -17.85 -20.40
N SER C 226 12.04 -18.34 -21.38
CA SER C 226 12.56 -18.74 -22.68
C SER C 226 11.38 -18.91 -23.62
N THR C 227 11.62 -18.63 -24.90
CA THR C 227 10.57 -18.68 -25.91
C THR C 227 10.62 -19.95 -26.74
N GLN C 228 11.75 -20.21 -27.38
CA GLN C 228 12.00 -21.49 -28.01
C GLN C 228 12.95 -22.25 -27.10
N LEU C 229 12.83 -23.58 -27.13
CA LEU C 229 13.78 -24.51 -26.47
C LEU C 229 13.82 -24.25 -24.96
N LEU C 230 12.71 -24.58 -24.31
CA LEU C 230 12.60 -24.35 -22.86
C LEU C 230 13.64 -25.15 -22.09
N LEU C 231 14.12 -24.54 -21.01
CA LEU C 231 15.34 -24.97 -20.35
C LEU C 231 15.06 -25.45 -18.94
N ASN C 232 15.88 -26.39 -18.48
CA ASN C 232 15.82 -26.97 -17.13
C ASN C 232 14.44 -27.55 -16.82
N GLY C 233 13.81 -28.14 -17.82
CA GLY C 233 12.44 -28.59 -17.68
C GLY C 233 12.33 -29.90 -16.92
N SER C 234 11.16 -30.50 -17.03
CA SER C 234 10.87 -31.78 -16.41
C SER C 234 10.99 -32.88 -17.46
N LEU C 235 11.71 -33.94 -17.13
CA LEU C 235 12.00 -34.98 -18.09
C LEU C 235 10.81 -35.91 -18.26
N ALA C 236 10.68 -36.45 -19.47
CA ALA C 236 9.67 -37.47 -19.71
C ALA C 236 10.10 -38.79 -19.07
N GLU C 237 9.15 -39.70 -18.94
CA GLU C 237 9.42 -40.90 -18.16
C GLU C 237 10.25 -41.91 -18.95
N GLU C 238 9.69 -42.46 -20.02
CA GLU C 238 10.48 -43.33 -20.88
C GLU C 238 10.56 -42.86 -22.32
N GLU C 239 9.43 -42.53 -22.93
CA GLU C 239 9.39 -42.25 -24.35
C GLU C 239 9.57 -40.76 -24.58
N VAL C 240 9.31 -40.30 -25.80
CA VAL C 240 9.24 -38.89 -26.13
C VAL C 240 7.78 -38.61 -26.45
N MET C 241 7.21 -37.60 -25.80
CA MET C 241 5.79 -37.33 -25.92
C MET C 241 5.56 -35.99 -26.58
N ILE C 242 4.73 -35.96 -27.60
CA ILE C 242 4.18 -34.71 -28.11
C ILE C 242 2.81 -34.55 -27.50
N ARG C 243 2.41 -33.29 -27.34
CA ARG C 243 1.13 -32.94 -26.76
C ARG C 243 0.62 -31.73 -27.52
N SER C 244 -0.69 -31.70 -27.74
CA SER C 244 -1.33 -30.54 -28.35
C SER C 244 -2.79 -30.55 -28.00
N GLU C 245 -3.47 -29.47 -28.37
CA GLU C 245 -4.90 -29.42 -28.18
C GLU C 245 -5.64 -30.13 -29.32
N ASN C 246 -5.30 -29.78 -30.55
CA ASN C 246 -5.96 -30.36 -31.71
C ASN C 246 -4.97 -30.23 -32.86
N ILE C 247 -4.40 -31.36 -33.26
CA ILE C 247 -3.21 -31.33 -34.10
C ILE C 247 -3.59 -31.02 -35.55
N THR C 248 -4.81 -31.34 -35.95
CA THR C 248 -5.26 -30.93 -37.27
C THR C 248 -5.46 -29.43 -37.36
N ASN C 249 -5.78 -28.78 -36.25
CA ASN C 249 -5.67 -27.33 -36.17
C ASN C 249 -4.19 -26.94 -36.11
N ASN C 250 -3.90 -25.74 -36.64
CA ASN C 250 -2.54 -25.21 -36.62
C ASN C 250 -2.34 -24.03 -35.69
N ALA C 251 -3.39 -23.29 -35.36
CA ALA C 251 -3.22 -22.05 -34.60
C ALA C 251 -2.83 -22.27 -33.16
N LYS C 252 -2.90 -23.49 -32.66
CA LYS C 252 -2.41 -23.84 -31.34
C LYS C 252 -1.01 -24.41 -31.46
N ASN C 253 -0.19 -24.13 -30.45
CA ASN C 253 1.18 -24.61 -30.46
C ASN C 253 1.22 -26.12 -30.20
N ILE C 254 2.40 -26.69 -30.37
CA ILE C 254 2.62 -28.11 -30.13
C ILE C 254 3.75 -28.24 -29.14
N LEU C 255 3.46 -28.74 -27.95
CA LEU C 255 4.49 -28.96 -26.95
C LEU C 255 5.15 -30.29 -27.22
N VAL C 256 6.48 -30.30 -27.27
CA VAL C 256 7.23 -31.53 -27.45
C VAL C 256 8.11 -31.70 -26.23
N GLN C 257 7.95 -32.80 -25.52
CA GLN C 257 8.74 -33.06 -24.33
C GLN C 257 9.48 -34.37 -24.53
N PHE C 258 10.80 -34.31 -24.56
CA PHE C 258 11.60 -35.50 -24.76
C PHE C 258 12.34 -35.88 -23.49
N ASN C 259 13.07 -36.98 -23.59
CA ASN C 259 13.53 -37.73 -22.43
C ASN C 259 14.98 -37.42 -22.08
N THR C 260 15.89 -37.62 -23.02
CA THR C 260 17.30 -37.40 -22.76
C THR C 260 17.62 -35.92 -22.94
N PRO C 261 18.08 -35.23 -21.91
CA PRO C 261 18.30 -33.79 -22.04
C PRO C 261 19.53 -33.49 -22.88
N VAL C 262 19.39 -32.53 -23.78
CA VAL C 262 20.50 -32.07 -24.59
C VAL C 262 21.26 -31.02 -23.79
N GLN C 263 22.53 -31.29 -23.52
CA GLN C 263 23.32 -30.30 -22.81
C GLN C 263 23.66 -29.15 -23.73
N ILE C 264 23.52 -27.93 -23.22
CA ILE C 264 23.83 -26.73 -23.98
C ILE C 264 24.78 -25.87 -23.17
N ASN C 265 25.90 -25.49 -23.77
CA ASN C 265 26.81 -24.53 -23.18
C ASN C 265 26.55 -23.18 -23.80
N CYS C 266 26.52 -22.14 -22.99
CA CYS C 266 26.37 -20.80 -23.55
C CYS C 266 27.32 -19.87 -22.85
N THR C 267 27.94 -18.98 -23.62
CA THR C 267 28.95 -18.12 -23.04
C THR C 267 29.01 -16.77 -23.74
N ARG C 268 29.55 -15.83 -22.99
CA ARG C 268 30.13 -14.60 -23.52
C ARG C 268 31.59 -14.61 -23.12
N PRO C 269 32.50 -14.60 -24.09
CA PRO C 269 33.93 -14.60 -23.78
C PRO C 269 34.51 -13.23 -23.52
N ASN C 270 33.74 -12.16 -23.71
CA ASN C 270 34.27 -10.84 -23.46
C ASN C 270 34.40 -10.60 -21.96
N ASN C 271 35.28 -9.67 -21.61
CA ASN C 271 35.58 -9.37 -20.22
C ASN C 271 35.18 -7.93 -19.95
N ASN C 272 34.30 -7.73 -18.99
CA ASN C 272 33.73 -6.41 -18.74
C ASN C 272 34.43 -5.73 -17.57
N THR C 273 33.96 -4.52 -17.28
CA THR C 273 34.27 -3.80 -16.07
C THR C 273 33.07 -2.92 -15.79
N ARG C 274 32.55 -2.94 -14.56
CA ARG C 274 31.48 -2.00 -14.29
C ARG C 274 32.08 -0.73 -13.70
N LYS C 275 31.34 0.38 -13.88
CA LYS C 275 31.83 1.71 -13.57
C LYS C 275 30.66 2.48 -12.98
N SER C 276 30.79 2.91 -11.74
CA SER C 276 29.68 3.57 -11.07
C SER C 276 29.67 5.05 -11.40
N ILE C 277 28.50 5.57 -11.77
CA ILE C 277 28.31 6.98 -12.03
C ILE C 277 27.26 7.49 -11.06
N ARG C 278 27.62 8.46 -10.24
CA ARG C 278 26.66 9.01 -9.29
C ARG C 278 25.80 10.04 -10.01
N ILE C 279 24.50 9.79 -10.04
CA ILE C 279 23.57 10.72 -10.66
C ILE C 279 23.16 11.81 -9.67
N GLY C 280 22.84 11.43 -8.45
CA GLY C 280 22.52 12.37 -7.41
C GLY C 280 22.80 11.78 -6.03
N PRO C 281 21.98 12.13 -5.05
CA PRO C 281 22.15 11.55 -3.72
C PRO C 281 21.67 10.11 -3.67
N GLY C 282 22.59 9.18 -3.43
CA GLY C 282 22.21 7.79 -3.31
C GLY C 282 21.86 7.13 -4.63
N GLN C 283 22.44 7.60 -5.72
CA GLN C 283 22.13 7.11 -7.05
C GLN C 283 23.39 6.50 -7.65
N ALA C 284 23.24 5.41 -8.38
CA ALA C 284 24.41 4.74 -8.94
C ALA C 284 24.03 4.10 -10.26
N PHE C 285 24.47 4.71 -11.35
CA PHE C 285 24.29 4.13 -12.67
C PHE C 285 25.50 3.28 -12.99
N TYR C 286 25.30 1.97 -13.00
CA TYR C 286 26.38 1.03 -13.27
C TYR C 286 26.61 0.89 -14.76
N ALA C 287 27.44 1.74 -15.32
CA ALA C 287 27.71 1.65 -16.74
C ALA C 287 28.81 0.64 -17.01
N THR C 288 29.02 0.35 -18.28
CA THR C 288 30.06 -0.58 -18.69
C THR C 288 31.37 0.18 -18.84
N GLY C 289 32.41 -0.32 -18.20
CA GLY C 289 33.69 0.35 -18.26
C GLY C 289 34.45 0.00 -19.51
N ASP C 290 35.65 -0.56 -19.35
CA ASP C 290 36.48 -0.90 -20.48
C ASP C 290 36.43 -2.41 -20.73
N ILE C 291 36.69 -2.80 -21.96
CA ILE C 291 36.75 -4.19 -22.36
C ILE C 291 38.20 -4.59 -22.49
N ILE C 292 38.62 -5.56 -21.71
CA ILE C 292 40.01 -6.01 -21.68
C ILE C 292 40.12 -7.26 -22.54
N GLY C 293 40.99 -7.22 -23.54
CA GLY C 293 41.24 -8.40 -24.33
C GLY C 293 40.69 -8.30 -25.74
N ASP C 294 40.09 -9.38 -26.22
CA ASP C 294 39.61 -9.46 -27.59
C ASP C 294 38.10 -9.25 -27.61
N ILE C 295 37.67 -8.30 -28.43
CA ILE C 295 36.24 -8.07 -28.64
C ILE C 295 35.69 -9.28 -29.40
N ARG C 296 34.92 -10.11 -28.72
CA ARG C 296 34.46 -11.36 -29.28
C ARG C 296 32.94 -11.43 -29.16
N GLN C 297 32.36 -12.41 -29.82
CA GLN C 297 30.91 -12.52 -29.88
C GLN C 297 30.43 -13.65 -28.98
N ALA C 298 29.34 -13.39 -28.25
CA ALA C 298 28.76 -14.42 -27.41
C ALA C 298 28.10 -15.49 -28.26
N HIS C 299 28.19 -16.74 -27.81
CA HIS C 299 27.74 -17.85 -28.63
C HIS C 299 27.35 -19.03 -27.75
N CYS C 300 26.75 -20.04 -28.36
CA CYS C 300 26.40 -21.25 -27.65
C CYS C 300 26.83 -22.47 -28.45
N ASN C 301 27.08 -23.55 -27.72
CA ASN C 301 27.42 -24.84 -28.30
C ASN C 301 26.43 -25.91 -27.88
N VAL C 302 26.07 -26.77 -28.82
CA VAL C 302 25.40 -28.03 -28.53
C VAL C 302 26.13 -29.14 -29.27
N SER C 303 25.87 -30.37 -28.87
CA SER C 303 26.52 -31.52 -29.50
C SER C 303 25.79 -31.92 -30.77
N LYS C 304 26.56 -32.27 -31.80
CA LYS C 304 25.99 -32.60 -33.11
C LYS C 304 25.21 -33.91 -33.06
N ALA C 305 25.81 -34.95 -32.47
CA ALA C 305 25.26 -36.29 -32.57
C ALA C 305 24.03 -36.45 -31.70
N THR C 306 24.04 -35.83 -30.52
CA THR C 306 22.89 -35.89 -29.64
C THR C 306 21.70 -35.18 -30.26
N TRP C 307 21.94 -34.10 -30.99
CA TRP C 307 20.83 -33.39 -31.62
C TRP C 307 20.30 -34.15 -32.81
N ASN C 308 21.19 -34.76 -33.60
CA ASN C 308 20.77 -35.58 -34.73
C ASN C 308 20.03 -36.82 -34.25
N GLU C 309 20.33 -37.29 -33.04
CA GLU C 309 19.59 -38.39 -32.45
C GLU C 309 18.21 -37.95 -31.96
N THR C 310 18.16 -36.84 -31.24
CA THR C 310 16.91 -36.43 -30.64
C THR C 310 15.92 -35.89 -31.67
N LEU C 311 16.38 -35.43 -32.82
CA LEU C 311 15.43 -35.22 -33.89
C LEU C 311 14.93 -36.54 -34.45
N GLY C 312 15.79 -37.56 -34.48
CA GLY C 312 15.37 -38.86 -34.97
C GLY C 312 14.35 -39.53 -34.08
N LYS C 313 14.36 -39.21 -32.80
CA LYS C 313 13.30 -39.70 -31.93
C LYS C 313 11.97 -39.00 -32.21
N VAL C 314 12.00 -37.66 -32.32
CA VAL C 314 10.74 -36.94 -32.41
C VAL C 314 10.12 -37.09 -33.78
N VAL C 315 10.90 -37.42 -34.81
CA VAL C 315 10.27 -37.72 -36.09
C VAL C 315 9.51 -39.03 -36.02
N LYS C 316 10.09 -40.03 -35.35
CA LYS C 316 9.42 -41.29 -35.09
C LYS C 316 8.17 -41.10 -34.26
N GLN C 317 8.17 -40.12 -33.37
CA GLN C 317 6.95 -39.85 -32.60
C GLN C 317 5.92 -39.06 -33.41
N LEU C 318 6.37 -38.11 -34.23
CA LEU C 318 5.47 -37.29 -35.02
C LEU C 318 4.80 -38.06 -36.13
N ARG C 319 5.38 -39.16 -36.60
CA ARG C 319 4.75 -39.87 -37.70
C ARG C 319 3.53 -40.68 -37.29
N LYS C 320 3.18 -40.72 -36.00
CA LYS C 320 2.01 -41.47 -35.60
C LYS C 320 0.72 -40.75 -35.95
N HIS C 321 0.74 -39.42 -36.01
CA HIS C 321 -0.45 -38.64 -36.22
C HIS C 321 -0.68 -38.25 -37.67
N PHE C 322 0.26 -38.54 -38.55
CA PHE C 322 0.29 -37.96 -39.89
C PHE C 322 0.47 -38.99 -40.99
N GLY C 323 0.35 -40.28 -40.68
CA GLY C 323 0.64 -41.30 -41.66
C GLY C 323 2.12 -41.59 -41.74
N ASN C 324 2.47 -42.84 -42.06
CA ASN C 324 3.88 -43.22 -42.07
C ASN C 324 4.60 -42.64 -43.28
N ASN C 325 3.88 -42.38 -44.36
CA ASN C 325 4.50 -41.89 -45.59
C ASN C 325 4.31 -40.38 -45.70
N THR C 326 5.12 -39.66 -44.93
CA THR C 326 5.01 -38.20 -44.86
C THR C 326 6.39 -37.59 -44.74
N ILE C 327 6.67 -36.58 -45.56
CA ILE C 327 7.91 -35.83 -45.46
C ILE C 327 7.76 -34.79 -44.36
N ILE C 328 8.66 -34.82 -43.38
CA ILE C 328 8.69 -33.84 -42.30
C ILE C 328 9.99 -33.05 -42.43
N ARG C 329 9.89 -31.73 -42.46
CA ARG C 329 11.07 -30.90 -42.54
C ARG C 329 10.96 -29.74 -41.56
N PHE C 330 12.08 -29.04 -41.38
CA PHE C 330 12.18 -27.99 -40.37
C PHE C 330 12.76 -26.74 -41.02
N ALA C 331 12.46 -25.60 -40.42
CA ALA C 331 12.84 -24.34 -41.05
C ALA C 331 13.07 -23.30 -39.98
N ASN C 332 13.73 -22.22 -40.34
CA ASN C 332 13.86 -21.11 -39.42
C ASN C 332 12.51 -20.43 -39.21
N SER C 333 12.45 -19.59 -38.18
CA SER C 333 11.21 -18.93 -37.82
C SER C 333 10.81 -17.91 -38.88
N SER C 334 9.51 -17.72 -39.03
CA SER C 334 9.00 -16.98 -40.18
C SER C 334 9.20 -15.48 -40.08
N GLY C 335 9.37 -14.96 -38.90
CA GLY C 335 9.67 -13.55 -38.74
C GLY C 335 8.88 -12.96 -37.60
N GLY C 336 9.00 -11.66 -37.44
CA GLY C 336 8.31 -10.96 -36.38
C GLY C 336 9.23 -10.04 -35.62
N ASP C 337 9.01 -9.91 -34.32
CA ASP C 337 9.86 -9.09 -33.47
C ASP C 337 11.12 -9.88 -33.15
N LEU C 338 11.99 -9.33 -32.29
CA LEU C 338 13.26 -9.98 -32.01
C LEU C 338 13.05 -11.27 -31.22
N GLU C 339 12.49 -11.17 -30.03
CA GLU C 339 12.56 -12.30 -29.12
C GLU C 339 11.46 -13.33 -29.31
N VAL C 340 10.96 -13.45 -30.54
CA VAL C 340 10.24 -14.65 -30.94
C VAL C 340 10.86 -15.33 -32.16
N THR C 341 11.67 -14.64 -32.98
CA THR C 341 12.39 -15.31 -34.04
C THR C 341 13.53 -16.14 -33.49
N THR C 342 14.38 -15.52 -32.67
CA THR C 342 15.40 -16.23 -31.94
C THR C 342 14.81 -16.92 -30.72
N HIS C 343 15.67 -17.31 -29.79
CA HIS C 343 15.20 -17.70 -28.47
C HIS C 343 16.03 -16.94 -27.46
N SER C 344 15.37 -16.58 -26.36
CA SER C 344 15.92 -15.80 -25.28
C SER C 344 16.11 -16.65 -24.05
N PHE C 345 17.05 -16.23 -23.19
CA PHE C 345 17.18 -16.77 -21.85
C PHE C 345 18.01 -15.81 -21.03
N ASN C 346 17.99 -16.01 -19.72
CA ASN C 346 18.82 -15.28 -18.79
C ASN C 346 19.89 -16.22 -18.25
N CYS C 347 21.15 -15.83 -18.39
CA CYS C 347 22.28 -16.66 -17.98
C CYS C 347 23.06 -15.89 -16.91
N GLY C 348 22.68 -16.12 -15.66
CA GLY C 348 23.38 -15.48 -14.55
C GLY C 348 23.25 -13.97 -14.52
N GLY C 349 22.09 -13.45 -14.88
CA GLY C 349 21.85 -12.03 -14.81
C GLY C 349 22.04 -11.26 -16.09
N GLU C 350 22.03 -11.91 -17.24
CA GLU C 350 22.14 -11.18 -18.50
C GLU C 350 21.40 -11.93 -19.59
N PHE C 351 20.74 -11.20 -20.47
CA PHE C 351 19.77 -11.75 -21.40
C PHE C 351 20.38 -11.94 -22.77
N PHE C 352 20.21 -13.12 -23.33
CA PHE C 352 20.71 -13.42 -24.66
C PHE C 352 19.57 -13.49 -25.66
N TYR C 353 19.94 -13.43 -26.93
CA TYR C 353 19.01 -13.56 -28.06
C TYR C 353 19.82 -14.27 -29.12
N CYS C 354 19.55 -15.54 -29.35
CA CYS C 354 20.56 -16.35 -30.03
C CYS C 354 19.97 -17.00 -31.27
N ASN C 355 20.56 -16.72 -32.44
CA ASN C 355 20.05 -17.22 -33.72
C ASN C 355 20.06 -18.74 -33.73
N THR C 356 18.91 -19.31 -34.07
CA THR C 356 18.74 -20.76 -34.08
C THR C 356 18.35 -21.21 -35.46
N SER C 357 19.02 -20.67 -36.46
CA SER C 357 18.94 -21.25 -37.78
C SER C 357 19.75 -22.52 -37.88
N GLY C 358 20.76 -22.67 -37.02
CA GLY C 358 21.70 -23.77 -37.12
C GLY C 358 21.17 -25.11 -36.66
N LEU C 359 19.99 -25.15 -36.07
CA LEU C 359 19.41 -26.42 -35.67
C LEU C 359 18.33 -26.91 -36.61
N PHE C 360 17.47 -26.02 -37.06
CA PHE C 360 16.25 -26.41 -37.76
C PHE C 360 16.44 -26.36 -39.28
N ASN C 361 17.49 -26.98 -39.77
CA ASN C 361 17.81 -27.01 -41.20
C ASN C 361 17.86 -28.49 -41.58
N SER C 362 16.71 -29.09 -41.86
CA SER C 362 16.66 -30.53 -42.03
C SER C 362 15.55 -30.92 -42.98
N THR C 363 15.48 -32.22 -43.25
CA THR C 363 14.36 -32.88 -43.91
C THR C 363 14.48 -34.34 -43.53
N TRP C 364 13.35 -35.06 -43.56
CA TRP C 364 13.35 -36.43 -43.09
C TRP C 364 12.50 -37.30 -44.00
N ILE C 365 13.14 -38.26 -44.62
CA ILE C 365 12.51 -39.12 -45.61
C ILE C 365 11.80 -40.24 -44.88
N SER C 366 10.76 -40.80 -45.48
CA SER C 366 9.86 -41.75 -44.85
C SER C 366 10.37 -43.18 -44.84
N ASN C 367 11.67 -43.41 -45.00
CA ASN C 367 12.23 -44.75 -44.91
C ASN C 367 12.13 -45.34 -43.50
N ASN C 379 32.63 -35.85 -32.91
CA ASN C 379 33.63 -35.04 -32.21
C ASN C 379 33.28 -33.56 -32.30
N ASP C 380 32.63 -33.18 -33.39
CA ASP C 380 32.34 -31.78 -33.65
C ASP C 380 31.16 -31.30 -32.79
N SER C 381 30.74 -30.07 -33.03
CA SER C 381 29.64 -29.48 -32.30
C SER C 381 29.00 -28.42 -33.18
N ILE C 382 27.85 -27.92 -32.73
CA ILE C 382 27.13 -26.85 -33.42
C ILE C 382 27.29 -25.59 -32.59
N THR C 383 27.89 -24.58 -33.20
CA THR C 383 27.93 -23.24 -32.63
C THR C 383 26.78 -22.45 -33.19
N LEU C 384 26.26 -21.53 -32.38
CA LEU C 384 25.24 -20.63 -32.87
C LEU C 384 25.37 -19.29 -32.16
N PRO C 385 25.47 -18.20 -32.91
CA PRO C 385 25.84 -16.91 -32.32
C PRO C 385 24.64 -16.15 -31.78
N CYS C 386 24.92 -15.33 -30.77
CA CYS C 386 23.90 -14.65 -29.99
C CYS C 386 24.07 -13.13 -30.11
N ARG C 387 23.11 -12.41 -29.56
CA ARG C 387 23.20 -10.96 -29.37
C ARG C 387 22.79 -10.64 -27.94
N ILE C 388 23.25 -9.51 -27.44
CA ILE C 388 22.97 -9.11 -26.06
C ILE C 388 22.33 -7.73 -26.07
N LYS C 389 21.07 -7.66 -25.67
CA LYS C 389 20.45 -6.40 -25.31
C LYS C 389 20.68 -6.12 -23.84
N GLN C 390 20.58 -4.85 -23.47
CA GLN C 390 20.65 -4.49 -22.07
C GLN C 390 19.32 -4.07 -21.48
N ILE C 391 18.41 -3.49 -22.25
CA ILE C 391 17.08 -3.18 -21.76
C ILE C 391 16.10 -4.20 -22.32
N ILE C 392 15.21 -4.70 -21.47
CA ILE C 392 14.21 -5.66 -21.87
C ILE C 392 12.85 -5.00 -21.76
N ASN C 393 11.86 -5.62 -22.37
CA ASN C 393 10.51 -5.12 -22.36
C ASN C 393 9.55 -6.28 -22.18
N MET C 394 9.84 -7.14 -21.21
CA MET C 394 9.13 -8.39 -21.04
C MET C 394 7.65 -8.21 -20.75
N TRP C 395 6.86 -9.14 -21.29
CA TRP C 395 5.41 -9.17 -21.33
C TRP C 395 4.77 -8.01 -22.08
N GLN C 396 5.58 -7.20 -22.77
CA GLN C 396 5.14 -6.15 -23.71
C GLN C 396 4.22 -5.16 -23.01
N ARG C 397 4.65 -4.73 -21.84
CA ARG C 397 3.89 -3.79 -21.03
C ARG C 397 4.11 -2.38 -21.54
N ILE C 398 3.05 -1.56 -21.45
CA ILE C 398 3.05 -0.25 -22.09
C ILE C 398 3.93 0.74 -21.37
N GLY C 399 4.12 0.59 -20.06
CA GLY C 399 4.87 1.56 -19.30
C GLY C 399 6.06 0.96 -18.59
N GLN C 400 6.83 0.14 -19.30
CA GLN C 400 7.79 -0.70 -18.61
C GLN C 400 9.05 -0.87 -19.46
N CYS C 401 10.19 -0.85 -18.79
CA CYS C 401 11.44 -1.38 -19.31
C CYS C 401 12.32 -1.68 -18.11
N MET C 402 13.50 -2.22 -18.37
CA MET C 402 14.36 -2.71 -17.30
C MET C 402 15.79 -2.68 -17.81
N TYR C 403 16.54 -1.66 -17.41
CA TYR C 403 17.95 -1.62 -17.76
C TYR C 403 18.67 -2.67 -16.94
N ALA C 404 19.32 -3.57 -17.59
CA ALA C 404 19.99 -4.56 -16.77
C ALA C 404 21.41 -4.10 -16.44
N PRO C 405 21.90 -4.42 -15.25
CA PRO C 405 23.26 -4.05 -14.90
C PRO C 405 24.26 -4.98 -15.55
N PRO C 406 25.35 -4.45 -16.09
CA PRO C 406 26.39 -5.31 -16.66
C PRO C 406 27.15 -6.04 -15.56
N ILE C 407 27.60 -7.25 -15.87
CA ILE C 407 28.24 -8.09 -14.87
C ILE C 407 29.68 -8.36 -15.29
N GLN C 408 30.51 -8.66 -14.29
CA GLN C 408 31.94 -8.76 -14.47
C GLN C 408 32.33 -10.06 -15.15
N GLY C 409 33.48 -10.03 -15.83
CA GLY C 409 34.18 -11.24 -16.20
C GLY C 409 33.58 -12.00 -17.36
N VAL C 410 34.32 -13.03 -17.78
CA VAL C 410 33.85 -13.95 -18.80
C VAL C 410 32.75 -14.82 -18.19
N ILE C 411 31.64 -14.95 -18.90
CA ILE C 411 30.43 -15.53 -18.31
C ILE C 411 30.00 -16.74 -19.12
N ARG C 412 29.64 -17.82 -18.44
CA ARG C 412 29.05 -18.95 -19.13
C ARG C 412 28.09 -19.70 -18.21
N CYS C 413 27.23 -20.51 -18.81
CA CYS C 413 26.33 -21.37 -18.06
C CYS C 413 25.95 -22.59 -18.88
N VAL C 414 25.57 -23.64 -18.16
CA VAL C 414 25.31 -24.97 -18.70
C VAL C 414 23.86 -25.31 -18.40
N SER C 415 23.14 -25.80 -19.39
CA SER C 415 21.72 -26.06 -19.19
C SER C 415 21.28 -27.32 -19.92
N ASN C 416 20.05 -27.72 -19.66
CA ASN C 416 19.43 -28.89 -20.26
C ASN C 416 18.26 -28.46 -21.15
N ILE C 417 18.46 -28.49 -22.46
CA ILE C 417 17.33 -28.39 -23.36
C ILE C 417 16.49 -29.65 -23.22
N THR C 418 15.22 -29.47 -22.98
CA THR C 418 14.35 -30.55 -22.58
C THR C 418 13.09 -30.65 -23.43
N GLY C 419 12.52 -29.52 -23.84
CA GLY C 419 11.36 -29.54 -24.69
C GLY C 419 11.45 -28.52 -25.81
N LEU C 420 10.63 -28.75 -26.83
CA LEU C 420 10.46 -27.82 -27.93
C LEU C 420 9.03 -27.30 -27.98
N ILE C 421 8.86 -26.18 -28.67
CA ILE C 421 7.54 -25.62 -28.94
C ILE C 421 7.44 -25.40 -30.44
N LEU C 422 6.48 -26.06 -31.08
CA LEU C 422 6.44 -26.09 -32.53
C LEU C 422 5.10 -25.54 -33.03
N THR C 423 5.06 -25.33 -34.34
CA THR C 423 3.88 -24.83 -35.03
C THR C 423 3.92 -25.31 -36.47
N ARG C 424 2.87 -25.99 -36.90
CA ARG C 424 2.78 -26.43 -38.28
C ARG C 424 2.38 -25.27 -39.17
N ASP C 425 2.91 -25.25 -40.39
CA ASP C 425 2.40 -24.35 -41.41
C ASP C 425 1.16 -24.97 -42.02
N GLY C 426 0.03 -24.28 -41.87
CA GLY C 426 -1.24 -24.82 -42.31
C GLY C 426 -1.56 -24.45 -43.74
N GLY C 427 -0.85 -25.04 -44.69
CA GLY C 427 -1.09 -24.76 -46.07
C GLY C 427 -2.09 -25.71 -46.69
N SER C 428 -2.84 -25.17 -47.65
CA SER C 428 -3.72 -25.98 -48.49
C SER C 428 -2.94 -26.61 -49.64
N THR C 429 -3.66 -27.11 -50.64
CA THR C 429 -3.14 -27.52 -51.95
C THR C 429 -2.14 -28.68 -51.86
N ASN C 430 -2.66 -29.83 -51.44
CA ASN C 430 -2.18 -31.17 -51.80
C ASN C 430 -0.71 -31.39 -51.42
N SER C 431 -0.47 -31.38 -50.12
CA SER C 431 0.88 -31.42 -49.59
C SER C 431 1.19 -32.78 -48.99
N THR C 432 2.37 -33.29 -49.30
CA THR C 432 2.97 -34.41 -48.56
C THR C 432 4.00 -33.93 -47.56
N THR C 433 4.74 -32.88 -47.89
CA THR C 433 5.59 -32.23 -46.92
C THR C 433 4.74 -31.50 -45.90
N GLU C 434 5.03 -31.70 -44.62
CA GLU C 434 4.28 -31.04 -43.55
C GLU C 434 5.31 -30.35 -42.67
N THR C 435 5.68 -29.13 -43.05
CA THR C 435 6.81 -28.48 -42.42
C THR C 435 6.44 -27.93 -41.04
N PHE C 436 7.43 -27.91 -40.16
CA PHE C 436 7.28 -27.45 -38.79
C PHE C 436 8.22 -26.30 -38.52
N ARG C 437 7.79 -25.37 -37.68
CA ARG C 437 8.60 -24.22 -37.37
C ARG C 437 8.49 -23.88 -35.90
N PRO C 438 9.57 -23.45 -35.27
CA PRO C 438 9.49 -23.06 -33.86
C PRO C 438 8.74 -21.76 -33.69
N GLY C 439 8.39 -21.46 -32.45
CA GLY C 439 7.79 -20.19 -32.14
C GLY C 439 7.41 -20.05 -30.68
N GLY C 440 7.76 -18.93 -30.07
CA GLY C 440 7.46 -18.74 -28.67
C GLY C 440 6.07 -18.25 -28.43
N GLY C 441 5.81 -17.00 -28.82
CA GLY C 441 4.52 -16.39 -28.65
C GLY C 441 4.19 -16.11 -27.19
N ASP C 442 3.22 -16.84 -26.67
CA ASP C 442 2.81 -16.64 -25.29
C ASP C 442 3.83 -17.25 -24.35
N MET C 443 3.94 -16.66 -23.16
CA MET C 443 4.77 -17.23 -22.11
C MET C 443 4.09 -18.40 -21.42
N ARG C 444 2.77 -18.51 -21.54
CA ARG C 444 2.03 -19.53 -20.79
C ARG C 444 2.27 -20.93 -21.30
N ASP C 445 2.73 -21.05 -22.54
CA ASP C 445 2.99 -22.38 -23.07
C ASP C 445 4.25 -22.98 -22.48
N ASN C 446 5.12 -22.16 -21.90
CA ASN C 446 6.15 -22.69 -21.02
C ASN C 446 5.51 -23.35 -19.81
N TRP C 447 4.54 -22.66 -19.21
CA TRP C 447 4.01 -23.08 -17.93
C TRP C 447 3.15 -24.32 -18.06
N ARG C 448 2.45 -24.47 -19.18
CA ARG C 448 1.59 -25.62 -19.36
C ARG C 448 2.38 -26.90 -19.52
N SER C 449 3.66 -26.79 -19.88
CA SER C 449 4.56 -27.93 -19.82
C SER C 449 4.87 -28.38 -18.41
N GLU C 450 4.56 -27.56 -17.41
CA GLU C 450 4.86 -27.92 -16.02
C GLU C 450 3.64 -28.31 -15.21
N LEU C 451 2.48 -27.73 -15.48
CA LEU C 451 1.31 -28.01 -14.66
C LEU C 451 0.29 -28.86 -15.39
N TYR C 452 0.70 -29.65 -16.36
CA TYR C 452 -0.23 -30.49 -17.07
C TYR C 452 -0.65 -31.69 -16.25
N LYS C 453 0.11 -32.05 -15.22
CA LYS C 453 -0.21 -33.23 -14.46
C LYS C 453 -1.27 -33.00 -13.39
N TYR C 454 -1.44 -31.77 -12.94
CA TYR C 454 -2.24 -31.53 -11.74
C TYR C 454 -3.62 -31.02 -12.09
N LYS C 455 -4.52 -31.11 -11.12
CA LYS C 455 -5.73 -30.32 -11.14
C LYS C 455 -6.15 -30.05 -9.71
N VAL C 456 -7.02 -29.06 -9.54
CA VAL C 456 -7.49 -28.65 -8.23
C VAL C 456 -8.97 -29.01 -8.10
N VAL C 457 -9.31 -29.75 -7.05
CA VAL C 457 -10.69 -30.08 -6.79
C VAL C 457 -11.07 -29.55 -5.42
N LYS C 458 -12.37 -29.44 -5.21
CA LYS C 458 -12.95 -28.86 -4.02
C LYS C 458 -13.73 -29.93 -3.29
N ILE C 459 -13.38 -30.17 -2.02
CA ILE C 459 -14.12 -31.13 -1.22
C ILE C 459 -15.47 -30.54 -0.85
N GLU C 460 -16.53 -31.28 -1.12
CA GLU C 460 -17.85 -30.96 -0.58
C GLU C 460 -18.33 -32.14 0.26
N PRO C 461 -18.13 -32.11 1.55
CA PRO C 461 -18.66 -33.18 2.40
C PRO C 461 -20.16 -33.09 2.58
N LEU C 462 -20.67 -33.85 3.55
CA LEU C 462 -22.09 -33.91 3.91
C LEU C 462 -22.92 -34.46 2.74
N GLY C 463 -22.70 -35.74 2.50
CA GLY C 463 -23.57 -36.50 1.64
C GLY C 463 -24.81 -36.94 2.39
N VAL C 464 -25.60 -37.77 1.72
CA VAL C 464 -26.89 -38.18 2.24
C VAL C 464 -27.24 -39.52 1.61
N ALA C 465 -27.79 -40.42 2.41
CA ALA C 465 -27.98 -41.78 1.93
C ALA C 465 -29.09 -42.51 2.67
N PRO C 466 -29.94 -43.24 1.96
CA PRO C 466 -30.90 -44.11 2.64
C PRO C 466 -30.21 -45.31 3.27
N THR C 467 -30.73 -45.69 4.43
CA THR C 467 -30.33 -46.92 5.11
C THR C 467 -31.51 -47.42 5.94
N ARG C 468 -31.26 -48.48 6.72
CA ARG C 468 -32.26 -49.12 7.54
C ARG C 468 -31.88 -48.91 9.00
N CYS C 469 -32.35 -47.79 9.55
CA CYS C 469 -32.25 -47.41 10.95
C CYS C 469 -33.26 -46.31 11.15
N LYS C 470 -33.78 -46.19 12.36
CA LYS C 470 -34.68 -45.08 12.65
C LYS C 470 -34.28 -44.45 13.97
N ARG C 471 -34.09 -43.14 13.96
CA ARG C 471 -33.80 -42.42 15.20
C ARG C 471 -35.03 -42.42 16.08
N ARG C 472 -34.86 -42.83 17.32
CA ARG C 472 -35.96 -42.98 18.26
C ARG C 472 -36.34 -41.61 18.84
N VAL C 473 -37.23 -41.61 19.82
CA VAL C 473 -37.60 -40.37 20.48
C VAL C 473 -36.67 -40.11 21.67
N ALA D 1 -50.11 -13.83 -8.30
CA ALA D 1 -48.90 -13.19 -7.76
C ALA D 1 -48.15 -14.16 -6.86
N VAL D 2 -47.12 -13.66 -6.19
CA VAL D 2 -46.38 -14.48 -5.23
C VAL D 2 -47.21 -14.71 -3.97
N GLY D 3 -48.12 -13.79 -3.65
CA GLY D 3 -49.04 -13.98 -2.56
C GLY D 3 -48.60 -13.27 -1.30
N ILE D 4 -49.42 -13.43 -0.26
CA ILE D 4 -49.18 -12.81 1.03
C ILE D 4 -48.32 -13.68 1.95
N GLY D 5 -48.57 -14.99 2.00
CA GLY D 5 -47.90 -15.86 2.96
C GLY D 5 -46.43 -16.12 2.67
N ALA D 6 -45.94 -15.70 1.50
CA ALA D 6 -44.54 -15.90 1.16
C ALA D 6 -43.63 -15.01 2.00
N VAL D 7 -44.05 -13.78 2.28
CA VAL D 7 -43.24 -12.87 3.10
C VAL D 7 -43.35 -13.20 4.58
N PHE D 8 -44.30 -14.04 4.97
CA PHE D 8 -44.29 -14.59 6.32
C PHE D 8 -43.08 -15.49 6.53
N LEU D 9 -42.68 -16.22 5.50
CA LEU D 9 -41.53 -17.09 5.60
C LEU D 9 -40.24 -16.37 5.23
N GLY D 10 -40.30 -15.09 4.91
CA GLY D 10 -39.11 -14.34 4.59
C GLY D 10 -38.31 -13.95 5.82
N PHE D 11 -37.18 -13.30 5.57
CA PHE D 11 -36.29 -12.86 6.63
C PHE D 11 -36.92 -11.69 7.36
N LEU D 12 -37.09 -11.82 8.68
CA LEU D 12 -37.66 -10.83 9.60
C LEU D 12 -39.10 -10.47 9.29
N GLY D 13 -39.79 -11.24 8.44
CA GLY D 13 -41.19 -10.95 8.17
C GLY D 13 -42.06 -11.26 9.36
N ALA D 14 -41.60 -12.17 10.22
CA ALA D 14 -42.35 -12.59 11.38
C ALA D 14 -42.35 -11.56 12.50
N ALA D 15 -41.55 -10.51 12.38
CA ALA D 15 -41.30 -9.63 13.52
C ALA D 15 -42.50 -8.78 13.88
N GLY D 16 -43.42 -8.58 12.95
CA GLY D 16 -44.58 -7.76 13.27
C GLY D 16 -45.63 -8.49 14.07
N SER D 17 -45.70 -9.80 13.93
CA SER D 17 -46.75 -10.57 14.57
C SER D 17 -46.35 -10.89 16.02
N THR D 18 -47.19 -11.65 16.70
CA THR D 18 -46.90 -12.12 18.04
C THR D 18 -46.06 -13.39 17.99
N MET D 19 -46.02 -14.13 19.09
CA MET D 19 -45.12 -15.28 19.24
C MET D 19 -45.41 -16.40 18.26
N GLY D 20 -46.62 -16.47 17.69
CA GLY D 20 -46.97 -17.59 16.85
C GLY D 20 -46.17 -17.61 15.57
N ALA D 21 -45.83 -16.43 15.06
CA ALA D 21 -44.86 -16.32 13.98
C ALA D 21 -43.48 -16.75 14.44
N ALA D 22 -43.13 -16.42 15.69
CA ALA D 22 -41.80 -16.75 16.19
C ALA D 22 -41.64 -18.24 16.41
N SER D 23 -42.72 -18.95 16.67
CA SER D 23 -42.60 -20.38 16.90
C SER D 23 -42.35 -21.16 15.62
N MET D 24 -42.50 -20.54 14.45
CA MET D 24 -42.20 -21.20 13.20
C MET D 24 -41.12 -20.54 12.37
N THR D 25 -40.67 -19.34 12.71
CA THR D 25 -39.74 -18.65 11.81
C THR D 25 -38.27 -18.89 12.12
N LEU D 26 -37.94 -19.60 13.20
CA LEU D 26 -36.62 -19.49 13.81
C LEU D 26 -35.47 -20.03 12.98
N THR D 27 -35.73 -20.85 11.97
CA THR D 27 -34.64 -21.26 11.10
C THR D 27 -34.17 -20.12 10.21
N VAL D 28 -35.02 -19.15 9.93
CA VAL D 28 -34.72 -18.17 8.89
C VAL D 28 -33.76 -17.11 9.39
N GLN D 29 -34.04 -16.57 10.57
CA GLN D 29 -33.16 -15.57 11.16
C GLN D 29 -31.83 -16.17 11.57
N ALA D 30 -31.82 -17.43 11.98
CA ALA D 30 -30.57 -18.10 12.26
C ALA D 30 -29.79 -18.40 10.99
N ARG D 31 -30.48 -18.56 9.87
CA ARG D 31 -29.78 -18.85 8.63
C ARG D 31 -29.08 -17.62 8.08
N ASN D 32 -29.79 -16.51 7.96
CA ASN D 32 -29.21 -15.34 7.31
C ASN D 32 -28.32 -14.53 8.22
N LEU D 33 -28.07 -15.02 9.44
CA LEU D 33 -27.13 -14.37 10.33
C LEU D 33 -25.68 -14.63 9.94
N LEU D 34 -25.41 -15.70 9.20
CA LEU D 34 -24.03 -16.10 8.94
C LEU D 34 -23.56 -15.80 7.53
N SER D 35 -24.27 -16.26 6.51
CA SER D 35 -23.77 -16.21 5.14
C SER D 35 -23.84 -14.79 4.60
N GLY D 36 -22.71 -14.30 4.11
CA GLY D 36 -22.65 -12.97 3.53
C GLY D 36 -22.15 -12.95 2.10
N THR D 58 -8.56 -1.88 -3.89
CA THR D 58 -7.48 -2.74 -3.41
C THR D 58 -7.27 -2.64 -1.90
N VAL D 59 -7.77 -1.54 -1.31
CA VAL D 59 -7.76 -1.37 0.13
C VAL D 59 -9.13 -1.73 0.70
N TRP D 60 -10.16 -1.74 -0.13
CA TRP D 60 -11.53 -2.03 0.28
C TRP D 60 -11.69 -3.46 0.77
N GLY D 61 -10.90 -4.37 0.22
CA GLY D 61 -10.95 -5.76 0.64
C GLY D 61 -10.54 -5.95 2.08
N ILE D 62 -9.67 -5.07 2.59
CA ILE D 62 -9.30 -5.11 4.01
C ILE D 62 -10.50 -4.76 4.88
N LYS D 63 -11.27 -3.75 4.49
CA LYS D 63 -12.41 -3.37 5.30
C LYS D 63 -13.54 -4.37 5.18
N GLN D 64 -13.71 -5.01 4.04
CA GLN D 64 -14.71 -6.06 3.96
C GLN D 64 -14.27 -7.33 4.66
N LEU D 65 -12.97 -7.54 4.74
CA LEU D 65 -12.43 -8.70 5.42
C LEU D 65 -12.65 -8.58 6.92
N GLN D 66 -12.39 -7.38 7.46
CA GLN D 66 -12.66 -7.21 8.88
C GLN D 66 -14.16 -7.16 9.17
N ALA D 67 -14.96 -6.73 8.19
CA ALA D 67 -16.41 -6.81 8.36
C ALA D 67 -16.89 -8.26 8.40
N ARG D 68 -16.25 -9.14 7.63
CA ARG D 68 -16.64 -10.55 7.67
C ARG D 68 -16.19 -11.22 8.96
N VAL D 69 -14.99 -10.92 9.42
CA VAL D 69 -14.52 -11.62 10.62
C VAL D 69 -15.21 -11.11 11.87
N LEU D 70 -15.70 -9.86 11.86
CA LEU D 70 -16.52 -9.43 12.98
C LEU D 70 -17.83 -10.20 13.03
N ALA D 71 -18.39 -10.50 11.87
CA ALA D 71 -19.63 -11.26 11.79
C ALA D 71 -19.44 -12.67 12.32
N VAL D 72 -18.38 -13.35 11.89
CA VAL D 72 -18.22 -14.73 12.36
C VAL D 72 -17.79 -14.78 13.82
N GLU D 73 -17.08 -13.77 14.32
CA GLU D 73 -16.75 -13.73 15.73
C GLU D 73 -17.99 -13.50 16.59
N ARG D 74 -18.90 -12.67 16.09
CA ARG D 74 -20.11 -12.37 16.82
C ARG D 74 -21.05 -13.57 16.81
N TYR D 75 -21.04 -14.35 15.73
CA TYR D 75 -21.80 -15.60 15.74
C TYR D 75 -21.23 -16.60 16.72
N LEU D 76 -19.92 -16.75 16.74
CA LEU D 76 -19.36 -17.81 17.53
C LEU D 76 -19.37 -17.48 19.01
N ARG D 77 -19.43 -16.20 19.37
CA ARG D 77 -19.72 -15.84 20.76
C ARG D 77 -21.08 -16.32 21.21
N ASP D 78 -22.08 -16.26 20.31
CA ASP D 78 -23.41 -16.68 20.71
C ASP D 78 -23.52 -18.19 20.80
N GLN D 79 -22.85 -18.91 19.88
CA GLN D 79 -22.82 -20.36 20.02
C GLN D 79 -22.09 -20.81 21.28
N GLN D 80 -21.04 -20.07 21.66
CA GLN D 80 -20.37 -20.36 22.93
C GLN D 80 -21.29 -20.12 24.10
N LEU D 81 -22.01 -18.99 24.08
CA LEU D 81 -22.84 -18.61 25.21
C LEU D 81 -24.04 -19.53 25.35
N LEU D 82 -24.47 -20.17 24.27
CA LEU D 82 -25.40 -21.28 24.46
C LEU D 82 -24.70 -22.51 24.97
N GLY D 83 -23.48 -22.78 24.48
CA GLY D 83 -22.82 -24.03 24.79
C GLY D 83 -22.44 -24.19 26.25
N ILE D 84 -22.23 -23.07 26.95
CA ILE D 84 -21.98 -23.14 28.38
C ILE D 84 -23.26 -23.35 29.17
N TRP D 85 -24.41 -23.21 28.54
CA TRP D 85 -25.65 -23.59 29.18
C TRP D 85 -25.98 -25.01 28.74
N GLY D 86 -27.19 -25.47 29.04
CA GLY D 86 -27.59 -26.80 28.58
C GLY D 86 -27.85 -26.83 27.09
N CYS D 87 -28.19 -25.69 26.52
CA CYS D 87 -28.68 -25.60 25.15
C CYS D 87 -27.50 -25.75 24.20
N SER D 88 -27.33 -26.94 23.64
CA SER D 88 -26.14 -27.20 22.83
C SER D 88 -26.26 -26.59 21.43
N GLY D 89 -27.23 -27.09 20.65
CA GLY D 89 -27.48 -26.54 19.34
C GLY D 89 -28.94 -26.69 18.96
N LYS D 90 -29.79 -26.75 19.98
CA LYS D 90 -31.16 -27.22 19.79
C LYS D 90 -32.02 -26.20 19.05
N LEU D 91 -31.72 -24.90 19.24
CA LEU D 91 -32.39 -23.70 18.72
C LEU D 91 -33.74 -23.46 19.41
N ILE D 92 -34.24 -24.45 20.13
CA ILE D 92 -35.32 -24.33 21.10
C ILE D 92 -34.86 -25.08 22.34
N CYS D 93 -34.74 -24.39 23.46
CA CYS D 93 -34.12 -25.00 24.61
C CYS D 93 -34.91 -24.65 25.86
N CYS D 94 -35.05 -25.64 26.73
CA CYS D 94 -35.84 -25.53 27.94
C CYS D 94 -34.91 -25.77 29.11
N THR D 95 -34.74 -24.76 29.95
CA THR D 95 -33.84 -24.89 31.08
C THR D 95 -34.61 -24.93 32.40
N ASN D 96 -33.87 -25.03 33.50
CA ASN D 96 -34.46 -25.38 34.78
C ASN D 96 -34.28 -24.31 35.87
N VAL D 97 -34.52 -23.05 35.56
CA VAL D 97 -34.63 -22.08 36.65
C VAL D 97 -36.08 -21.59 36.69
N PRO D 98 -36.66 -21.45 37.86
CA PRO D 98 -38.05 -20.99 37.93
C PRO D 98 -38.15 -19.52 37.66
N TRP D 99 -39.23 -19.13 37.01
CA TRP D 99 -39.44 -17.73 36.64
C TRP D 99 -39.88 -16.94 37.86
N ASN D 100 -39.13 -15.90 38.20
CA ASN D 100 -39.54 -15.02 39.28
C ASN D 100 -40.60 -14.07 38.77
N SER D 101 -41.77 -14.08 39.41
CA SER D 101 -42.90 -13.28 38.98
C SER D 101 -42.74 -11.80 39.34
N SER D 102 -41.66 -11.42 40.01
CA SER D 102 -41.40 -10.02 40.28
C SER D 102 -41.10 -9.22 39.02
N TRP D 103 -40.56 -9.89 38.00
CA TRP D 103 -40.23 -9.15 36.78
C TRP D 103 -41.43 -8.99 35.86
N SER D 104 -42.00 -10.10 35.41
CA SER D 104 -43.01 -10.07 34.35
C SER D 104 -44.32 -9.47 34.84
N ASN D 105 -44.90 -10.09 35.88
CA ASN D 105 -46.16 -9.69 36.50
C ASN D 105 -47.31 -9.69 35.51
N ARG D 106 -47.28 -10.63 34.57
CA ARG D 106 -48.28 -10.71 33.52
C ARG D 106 -48.87 -12.11 33.44
N ASN D 107 -50.05 -12.19 32.84
CA ASN D 107 -50.71 -13.46 32.60
C ASN D 107 -49.93 -14.22 31.52
N LEU D 108 -50.21 -15.52 31.42
CA LEU D 108 -49.45 -16.36 30.50
C LEU D 108 -49.81 -16.05 29.06
N SER D 109 -51.07 -16.20 28.69
CA SER D 109 -51.45 -16.12 27.28
C SER D 109 -51.32 -14.72 26.71
N GLU D 110 -51.28 -13.68 27.55
CA GLU D 110 -51.14 -12.34 27.01
C GLU D 110 -49.74 -12.09 26.47
N ILE D 111 -48.72 -12.71 27.07
CA ILE D 111 -47.37 -12.55 26.53
C ILE D 111 -47.11 -13.66 25.54
N TRP D 112 -48.13 -14.44 25.22
CA TRP D 112 -48.08 -15.37 24.11
C TRP D 112 -49.23 -15.18 23.14
N ASP D 113 -50.01 -14.11 23.25
CA ASP D 113 -50.94 -13.73 22.18
C ASP D 113 -51.01 -12.24 21.90
N ASN D 114 -50.58 -11.36 22.80
CA ASN D 114 -50.80 -9.94 22.56
C ASN D 114 -49.55 -9.19 22.16
N MET D 115 -48.38 -9.61 22.61
CA MET D 115 -47.18 -8.79 22.49
C MET D 115 -46.28 -9.29 21.37
N THR D 116 -45.44 -8.37 20.89
CA THR D 116 -44.39 -8.68 19.95
C THR D 116 -43.05 -8.67 20.68
N TRP D 117 -42.03 -9.18 20.00
CA TRP D 117 -40.73 -9.30 20.64
C TRP D 117 -40.06 -7.95 20.79
N LEU D 118 -40.29 -7.03 19.85
CA LEU D 118 -39.89 -5.64 20.05
C LEU D 118 -40.60 -5.06 21.26
N GLN D 119 -41.88 -5.37 21.42
CA GLN D 119 -42.62 -4.91 22.58
C GLN D 119 -42.16 -5.63 23.84
N TRP D 120 -41.66 -6.86 23.70
CA TRP D 120 -41.15 -7.59 24.84
C TRP D 120 -39.78 -7.11 25.26
N ASP D 121 -39.02 -6.53 24.33
CA ASP D 121 -37.61 -6.22 24.56
C ASP D 121 -37.45 -5.16 25.64
N LYS D 122 -38.25 -4.09 25.57
CA LYS D 122 -38.08 -2.99 26.49
C LYS D 122 -38.51 -3.35 27.90
N GLU D 123 -39.41 -4.32 28.04
CA GLU D 123 -39.91 -4.68 29.35
C GLU D 123 -38.92 -5.55 30.11
N ILE D 124 -37.97 -6.17 29.42
CA ILE D 124 -36.90 -6.91 30.05
C ILE D 124 -35.56 -6.23 29.83
N SER D 125 -35.55 -5.02 29.29
CA SER D 125 -34.29 -4.33 29.05
C SER D 125 -33.68 -3.75 30.32
N ASN D 126 -34.48 -3.56 31.37
CA ASN D 126 -33.94 -3.05 32.64
C ASN D 126 -33.01 -4.05 33.28
N TYR D 127 -33.29 -5.33 33.15
CA TYR D 127 -32.59 -6.39 33.88
C TYR D 127 -32.10 -7.42 32.90
N THR D 128 -30.79 -7.59 32.84
CA THR D 128 -30.15 -8.53 31.95
C THR D 128 -28.86 -8.90 32.63
N GLN D 129 -28.39 -10.13 32.39
CA GLN D 129 -27.22 -10.80 32.97
C GLN D 129 -27.45 -11.22 34.41
N ILE D 130 -28.58 -10.80 34.99
CA ILE D 130 -29.14 -11.54 36.12
C ILE D 130 -29.52 -12.93 35.67
N ILE D 131 -30.29 -12.99 34.59
CA ILE D 131 -30.75 -14.27 34.04
C ILE D 131 -29.57 -15.01 33.44
N TYR D 132 -28.69 -14.30 32.75
CA TYR D 132 -27.51 -14.90 32.18
C TYR D 132 -26.50 -15.28 33.24
N GLY D 133 -26.57 -14.62 34.41
CA GLY D 133 -25.78 -15.07 35.54
C GLY D 133 -26.32 -16.36 36.14
N LEU D 134 -27.64 -16.48 36.24
CA LEU D 134 -28.22 -17.65 36.88
C LEU D 134 -28.10 -18.88 36.00
N LEU D 135 -28.18 -18.70 34.68
CA LEU D 135 -28.14 -19.84 33.79
C LEU D 135 -26.76 -20.48 33.69
N GLU D 136 -25.71 -19.73 33.99
CA GLU D 136 -24.40 -20.35 34.14
C GLU D 136 -24.39 -21.27 35.34
N GLU D 137 -24.96 -20.79 36.45
CA GLU D 137 -24.85 -21.48 37.73
C GLU D 137 -25.69 -22.74 37.74
N SER D 138 -26.87 -22.69 37.12
CA SER D 138 -27.75 -23.84 37.12
C SER D 138 -27.17 -25.00 36.31
N GLN D 139 -26.57 -24.70 35.17
CA GLN D 139 -25.94 -25.75 34.38
C GLN D 139 -24.65 -26.23 35.03
N ASN D 140 -23.93 -25.31 35.68
CA ASN D 140 -22.70 -25.69 36.38
C ASN D 140 -23.00 -26.62 37.55
N GLN D 141 -24.13 -26.41 38.22
CA GLN D 141 -24.54 -27.33 39.28
C GLN D 141 -25.06 -28.65 38.72
N GLN D 142 -25.81 -28.58 37.62
CA GLN D 142 -26.41 -29.79 37.06
C GLN D 142 -25.35 -30.73 36.52
N GLU D 143 -24.27 -30.19 35.94
CA GLU D 143 -23.18 -31.04 35.50
C GLU D 143 -22.46 -31.69 36.67
N LYS D 144 -22.40 -31.02 37.82
CA LYS D 144 -21.80 -31.62 39.01
C LYS D 144 -22.64 -32.77 39.54
N ASN D 145 -23.95 -32.55 39.64
CA ASN D 145 -24.81 -33.62 40.14
C ASN D 145 -24.92 -34.77 39.15
N GLU D 146 -24.83 -34.48 37.85
CA GLU D 146 -24.82 -35.54 36.87
C GLU D 146 -23.50 -36.30 36.89
N GLN D 147 -22.40 -35.60 37.18
CA GLN D 147 -21.12 -36.27 37.37
C GLN D 147 -21.16 -37.18 38.59
N ASP D 148 -21.83 -36.74 39.66
CA ASP D 148 -22.00 -37.61 40.83
C ASP D 148 -22.88 -38.81 40.51
N LEU D 149 -23.92 -38.62 39.70
CA LEU D 149 -24.83 -39.70 39.36
C LEU D 149 -24.16 -40.75 38.49
N LEU D 150 -23.36 -40.32 37.51
CA LEU D 150 -22.58 -41.29 36.75
C LEU D 150 -21.33 -41.74 37.50
N ALA D 151 -20.96 -41.08 38.60
CA ALA D 151 -19.85 -41.54 39.41
C ALA D 151 -20.25 -42.72 40.27
N LEU D 152 -21.43 -42.64 40.90
CA LEU D 152 -21.92 -43.81 41.62
C LEU D 152 -22.35 -44.91 40.66
N ASP D 153 -22.65 -44.58 39.41
CA ASP D 153 -22.84 -45.57 38.37
C ASP D 153 -21.53 -45.78 37.62
N GLN E 1 -67.97 -27.48 -8.62
CA GLN E 1 -68.11 -27.22 -7.19
C GLN E 1 -67.15 -26.14 -6.73
N VAL E 2 -66.14 -25.87 -7.56
CA VAL E 2 -65.09 -24.92 -7.21
C VAL E 2 -65.69 -23.53 -7.34
N GLN E 3 -66.17 -22.98 -6.23
CA GLN E 3 -66.97 -21.77 -6.25
C GLN E 3 -66.57 -20.85 -5.11
N LEU E 4 -67.00 -19.59 -5.22
CA LEU E 4 -66.88 -18.60 -4.16
C LEU E 4 -68.31 -18.12 -3.85
N GLN E 5 -69.01 -18.89 -3.02
CA GLN E 5 -70.34 -18.53 -2.56
C GLN E 5 -70.20 -17.41 -1.55
N GLN E 6 -70.61 -16.21 -1.96
CA GLN E 6 -70.45 -15.01 -1.16
C GLN E 6 -71.71 -14.76 -0.32
N SER E 7 -71.82 -13.55 0.23
CA SER E 7 -73.05 -13.06 0.80
C SER E 7 -73.84 -12.33 -0.28
N GLY E 8 -74.86 -11.58 0.12
CA GLY E 8 -75.72 -10.88 -0.80
C GLY E 8 -75.51 -9.38 -0.82
N ALA E 9 -76.47 -8.70 -1.45
CA ALA E 9 -76.46 -7.24 -1.51
C ALA E 9 -76.74 -6.65 -0.14
N GLU E 10 -76.05 -5.55 0.18
CA GLU E 10 -76.11 -4.96 1.51
C GLU E 10 -76.29 -3.46 1.40
N LEU E 11 -77.47 -2.96 1.76
CA LEU E 11 -77.79 -1.54 1.73
C LEU E 11 -77.62 -1.02 3.16
N VAL E 12 -76.37 -0.70 3.53
CA VAL E 12 -76.00 -0.49 4.92
C VAL E 12 -75.95 1.01 5.19
N ARG E 13 -76.55 1.43 6.31
CA ARG E 13 -76.46 2.83 6.72
C ARG E 13 -75.05 3.19 7.13
N PRO E 14 -74.64 4.44 6.95
CA PRO E 14 -73.30 4.87 7.38
C PRO E 14 -73.17 4.89 8.91
N GLY E 15 -71.93 4.84 9.35
CA GLY E 15 -71.62 4.73 10.76
C GLY E 15 -71.69 3.33 11.31
N ALA E 16 -72.01 2.34 10.49
CA ALA E 16 -72.20 0.96 10.94
C ALA E 16 -71.00 0.10 10.58
N SER E 17 -71.04 -1.14 11.01
CA SER E 17 -70.01 -2.13 10.73
C SER E 17 -70.62 -3.28 9.95
N VAL E 18 -69.83 -3.84 9.04
CA VAL E 18 -70.30 -4.82 8.06
C VAL E 18 -69.54 -6.12 8.24
N THR E 19 -70.27 -7.22 8.40
CA THR E 19 -69.69 -8.55 8.49
C THR E 19 -70.02 -9.32 7.22
N LEU E 20 -69.03 -9.51 6.36
CA LEU E 20 -69.19 -10.25 5.12
C LEU E 20 -68.60 -11.65 5.26
N SER E 21 -69.06 -12.56 4.39
CA SER E 21 -68.72 -13.97 4.50
C SER E 21 -68.42 -14.54 3.12
N CYS E 22 -67.26 -15.16 2.98
CA CYS E 22 -66.82 -15.79 1.73
C CYS E 22 -66.66 -17.29 1.96
N LYS E 23 -67.63 -18.07 1.51
CA LYS E 23 -67.50 -19.50 1.47
C LYS E 23 -66.81 -19.90 0.17
N ALA E 24 -65.72 -20.64 0.26
CA ALA E 24 -65.14 -21.26 -0.92
C ALA E 24 -65.43 -22.75 -0.92
N SER E 25 -65.46 -23.33 -2.13
CA SER E 25 -65.80 -24.73 -2.26
C SER E 25 -65.04 -25.33 -3.43
N GLY E 26 -64.86 -26.64 -3.38
CA GLY E 26 -64.08 -27.38 -4.34
C GLY E 26 -62.72 -27.81 -3.82
N TYR E 27 -62.11 -27.03 -2.95
CA TYR E 27 -60.81 -27.35 -2.37
C TYR E 27 -60.85 -27.07 -0.87
N THR E 28 -59.73 -27.31 -0.20
CA THR E 28 -59.58 -26.97 1.21
C THR E 28 -59.00 -25.57 1.35
N PHE E 29 -59.25 -24.95 2.50
CA PHE E 29 -58.69 -23.62 2.75
C PHE E 29 -57.19 -23.67 2.98
N THR E 30 -56.70 -24.76 3.58
CA THR E 30 -55.31 -24.87 4.00
C THR E 30 -54.34 -24.96 2.84
N ASP E 31 -54.83 -25.16 1.61
CA ASP E 31 -53.95 -25.14 0.46
C ASP E 31 -53.52 -23.71 0.11
N TYR E 32 -54.47 -22.83 -0.20
CA TYR E 32 -54.12 -21.56 -0.82
C TYR E 32 -54.80 -20.40 -0.11
N GLU E 33 -54.63 -19.20 -0.68
CA GLU E 33 -54.81 -17.94 0.03
C GLU E 33 -56.26 -17.45 0.00
N MET E 34 -56.51 -16.32 0.67
CA MET E 34 -57.78 -15.62 0.61
C MET E 34 -57.54 -14.11 0.48
N HIS E 35 -58.31 -13.50 -0.43
CA HIS E 35 -58.08 -12.14 -0.89
C HIS E 35 -59.42 -11.45 -1.09
N TRP E 36 -59.38 -10.12 -1.11
CA TRP E 36 -60.56 -9.27 -1.25
C TRP E 36 -60.23 -8.07 -2.12
N VAL E 37 -61.03 -7.84 -3.15
CA VAL E 37 -60.83 -6.75 -4.11
C VAL E 37 -62.10 -5.91 -4.13
N LYS E 38 -61.96 -4.58 -4.16
CA LYS E 38 -63.10 -3.70 -4.28
C LYS E 38 -63.33 -3.30 -5.74
N GLN E 39 -64.47 -2.62 -5.96
CA GLN E 39 -64.82 -2.10 -7.29
C GLN E 39 -65.52 -0.75 -7.12
N THR E 40 -64.78 0.33 -7.35
CA THR E 40 -65.41 1.64 -7.43
C THR E 40 -65.27 2.20 -8.83
N PRO E 41 -66.31 2.85 -9.37
CA PRO E 41 -66.18 3.47 -10.70
C PRO E 41 -65.30 4.70 -10.71
N VAL E 42 -64.92 5.24 -9.55
CA VAL E 42 -63.97 6.35 -9.50
C VAL E 42 -62.56 5.85 -9.81
N HIS E 43 -62.14 4.78 -9.13
CA HIS E 43 -60.79 4.23 -9.25
C HIS E 43 -60.70 3.08 -10.24
N GLY E 44 -61.63 2.14 -10.19
CA GLY E 44 -61.52 0.90 -10.93
C GLY E 44 -61.63 -0.29 -10.00
N LEU E 45 -60.53 -1.01 -9.83
CA LEU E 45 -60.44 -2.05 -8.82
C LEU E 45 -59.53 -1.57 -7.70
N GLU E 46 -59.95 -1.80 -6.46
CA GLU E 46 -59.25 -1.27 -5.29
C GLU E 46 -58.70 -2.42 -4.44
N TRP E 47 -58.21 -2.05 -3.24
CA TRP E 47 -57.51 -2.97 -2.35
C TRP E 47 -58.04 -2.94 -0.94
N ILE E 48 -58.04 -4.09 -0.30
CA ILE E 48 -58.33 -4.23 1.12
C ILE E 48 -57.14 -4.84 1.86
N GLY E 49 -56.61 -5.94 1.33
CA GLY E 49 -55.55 -6.68 1.96
C GLY E 49 -55.78 -8.16 1.72
N ALA E 50 -55.22 -8.98 2.59
CA ALA E 50 -55.31 -10.43 2.41
C ALA E 50 -55.11 -11.13 3.75
N ILE E 51 -55.50 -12.40 3.77
CA ILE E 51 -55.44 -13.20 4.99
C ILE E 51 -54.94 -14.59 4.63
N VAL E 52 -54.23 -15.22 5.57
CA VAL E 52 -53.80 -16.61 5.48
C VAL E 52 -54.61 -17.41 6.48
N PRO E 53 -55.33 -18.46 6.06
CA PRO E 53 -56.34 -19.07 6.95
C PRO E 53 -55.81 -20.07 7.96
N GLU E 54 -54.60 -20.61 7.79
CA GLU E 54 -54.13 -21.64 8.72
C GLU E 54 -53.73 -21.06 10.06
N THR E 55 -53.07 -19.90 10.05
CA THR E 55 -52.57 -19.29 11.29
C THR E 55 -53.23 -17.95 11.61
N GLY E 56 -53.44 -17.11 10.61
CA GLY E 56 -54.00 -15.79 10.85
C GLY E 56 -53.02 -14.69 10.49
N PHE E 57 -52.13 -14.98 9.55
CA PHE E 57 -51.21 -13.98 9.05
C PHE E 57 -51.95 -13.06 8.09
N THR E 58 -52.04 -11.78 8.45
CA THR E 58 -52.86 -10.81 7.73
C THR E 58 -51.98 -9.69 7.19
N ALA E 59 -52.46 -9.02 6.14
CA ALA E 59 -51.81 -7.80 5.71
C ALA E 59 -52.83 -6.88 5.08
N TYR E 60 -52.51 -5.59 5.08
CA TYR E 60 -53.41 -4.56 4.58
C TYR E 60 -52.59 -3.56 3.79
N THR E 61 -53.25 -2.52 3.30
CA THR E 61 -52.61 -1.47 2.53
C THR E 61 -52.39 -0.23 3.38
N GLN E 62 -52.02 0.87 2.74
CA GLN E 62 -51.88 2.13 3.46
C GLN E 62 -53.24 2.75 3.76
N LYS E 63 -54.17 2.69 2.80
CA LYS E 63 -55.43 3.42 2.92
C LYS E 63 -56.35 2.80 3.95
N PHE E 64 -56.34 1.48 4.11
CA PHE E 64 -57.38 0.81 4.87
C PHE E 64 -56.84 0.02 6.06
N LYS E 65 -55.56 0.18 6.40
CA LYS E 65 -55.08 -0.36 7.66
C LYS E 65 -55.71 0.41 8.80
N GLY E 66 -56.24 -0.31 9.78
CA GLY E 66 -57.00 0.30 10.84
C GLY E 66 -58.44 0.58 10.50
N LYS E 67 -58.90 0.19 9.31
CA LYS E 67 -60.29 0.36 8.91
C LYS E 67 -61.03 -0.96 8.81
N ALA E 68 -60.53 -1.91 8.02
CA ALA E 68 -61.17 -3.20 7.88
C ALA E 68 -60.46 -4.25 8.75
N MET E 69 -61.19 -5.33 9.04
CA MET E 69 -60.65 -6.45 9.81
C MET E 69 -60.86 -7.75 9.04
N LEU E 70 -59.87 -8.64 9.14
CA LEU E 70 -59.91 -9.94 8.51
C LEU E 70 -59.79 -11.01 9.58
N THR E 71 -60.79 -11.90 9.64
CA THR E 71 -60.78 -13.04 10.56
C THR E 71 -61.00 -14.32 9.77
N ALA E 72 -60.50 -15.43 10.32
CA ALA E 72 -60.56 -16.72 9.65
C ALA E 72 -60.99 -17.79 10.64
N ASP E 73 -61.95 -18.62 10.24
CA ASP E 73 -62.40 -19.76 11.04
C ASP E 73 -62.07 -21.04 10.29
N LYS E 74 -61.28 -21.90 10.92
CA LYS E 74 -60.85 -23.13 10.27
C LYS E 74 -61.95 -24.20 10.28
N SER E 75 -62.86 -24.13 11.26
CA SER E 75 -63.90 -25.13 11.38
C SER E 75 -65.06 -24.88 10.42
N SER E 76 -65.58 -23.66 10.40
CA SER E 76 -66.80 -23.35 9.66
C SER E 76 -66.59 -23.27 8.15
N SER E 77 -65.33 -23.29 7.69
CA SER E 77 -64.95 -23.18 6.27
C SER E 77 -65.51 -21.91 5.63
N THR E 78 -65.34 -20.78 6.33
CA THR E 78 -65.74 -19.48 5.86
C THR E 78 -64.60 -18.49 6.07
N ALA E 79 -64.61 -17.42 5.29
CA ALA E 79 -63.77 -16.26 5.54
C ALA E 79 -64.67 -15.06 5.84
N TYR E 80 -64.09 -14.02 6.43
CA TYR E 80 -64.90 -12.91 6.89
C TYR E 80 -64.24 -11.57 6.56
N MET E 81 -65.11 -10.59 6.35
CA MET E 81 -64.77 -9.18 6.37
C MET E 81 -65.45 -8.52 7.56
N GLU E 82 -64.77 -7.56 8.17
CA GLU E 82 -65.38 -6.66 9.13
C GLU E 82 -65.04 -5.25 8.68
N LEU E 83 -65.85 -4.72 7.78
CA LEU E 83 -65.75 -3.32 7.39
C LEU E 83 -66.21 -2.44 8.54
N ARG E 84 -65.56 -1.29 8.69
CA ARG E 84 -65.89 -0.34 9.74
C ARG E 84 -65.84 1.06 9.17
N SER E 85 -66.76 1.92 9.65
CA SER E 85 -66.80 3.37 9.36
C SER E 85 -66.91 3.63 7.86
N LEU E 86 -68.07 3.25 7.32
CA LEU E 86 -68.28 3.30 5.88
C LEU E 86 -68.40 4.75 5.38
N THR E 87 -67.83 4.99 4.20
CA THR E 87 -67.89 6.28 3.53
C THR E 87 -68.59 6.11 2.19
N SER E 88 -68.74 7.23 1.47
CA SER E 88 -69.39 7.18 0.16
C SER E 88 -68.56 6.44 -0.87
N GLU E 89 -67.24 6.50 -0.77
CA GLU E 89 -66.37 5.75 -1.68
C GLU E 89 -66.37 4.27 -1.37
N ASP E 90 -66.79 3.88 -0.17
CA ASP E 90 -66.80 2.47 0.23
C ASP E 90 -67.95 1.68 -0.41
N SER E 91 -68.86 2.34 -1.10
CA SER E 91 -69.94 1.66 -1.82
C SER E 91 -69.34 0.96 -3.03
N ALA E 92 -69.10 -0.34 -2.91
CA ALA E 92 -68.32 -1.05 -3.91
C ALA E 92 -68.89 -2.44 -4.12
N VAL E 93 -68.32 -3.15 -5.09
CA VAL E 93 -68.70 -4.51 -5.43
C VAL E 93 -67.51 -5.40 -5.06
N TYR E 94 -67.67 -6.17 -3.98
CA TYR E 94 -66.56 -6.87 -3.34
C TYR E 94 -66.38 -8.25 -3.97
N PHE E 95 -65.22 -8.46 -4.58
CA PHE E 95 -64.86 -9.77 -5.14
C PHE E 95 -63.89 -10.45 -4.19
N CYS E 96 -64.40 -11.43 -3.46
CA CYS E 96 -63.54 -12.40 -2.77
C CYS E 96 -62.82 -13.25 -3.81
N SER E 97 -61.61 -13.69 -3.48
CA SER E 97 -60.84 -14.48 -4.43
C SER E 97 -59.78 -15.28 -3.69
N ARG E 98 -59.11 -16.14 -4.45
CA ARG E 98 -57.98 -16.92 -3.99
C ARG E 98 -56.76 -16.63 -4.85
N LEU E 99 -55.59 -16.68 -4.23
CA LEU E 99 -54.35 -16.89 -4.94
C LEU E 99 -53.76 -18.22 -4.53
N ARG E 100 -53.21 -18.94 -5.50
CA ARG E 100 -52.20 -19.91 -5.13
C ARG E 100 -50.89 -19.16 -4.88
N LEU E 101 -50.02 -19.78 -4.09
CA LEU E 101 -48.68 -19.28 -3.95
C LEU E 101 -47.92 -19.47 -5.26
N TYR E 102 -47.28 -18.39 -5.73
CA TYR E 102 -46.55 -18.32 -7.00
C TYR E 102 -47.43 -18.63 -8.21
N TRP E 103 -48.72 -18.31 -8.13
CA TRP E 103 -49.62 -18.54 -9.26
C TRP E 103 -50.68 -17.45 -9.27
N TYR E 104 -51.77 -17.71 -9.98
CA TYR E 104 -52.75 -16.73 -10.40
C TYR E 104 -53.99 -16.78 -9.51
N PHE E 105 -54.97 -15.95 -9.86
CA PHE E 105 -56.28 -15.96 -9.21
C PHE E 105 -57.15 -17.03 -9.84
N ASP E 106 -57.45 -18.09 -9.08
CA ASP E 106 -58.25 -19.19 -9.59
C ASP E 106 -59.70 -18.77 -9.82
N VAL E 107 -60.39 -18.41 -8.74
CA VAL E 107 -61.82 -18.20 -8.79
C VAL E 107 -62.12 -16.73 -8.49
N TRP E 108 -63.11 -16.20 -9.16
CA TRP E 108 -63.62 -14.85 -8.91
C TRP E 108 -65.06 -14.94 -8.47
N GLY E 109 -65.37 -14.35 -7.32
CA GLY E 109 -66.71 -14.41 -6.80
C GLY E 109 -67.66 -13.49 -7.56
N THR E 110 -68.91 -13.49 -7.09
CA THR E 110 -69.94 -12.68 -7.74
C THR E 110 -69.73 -11.19 -7.46
N GLY E 111 -69.21 -10.86 -6.29
CA GLY E 111 -69.07 -9.48 -5.89
C GLY E 111 -70.29 -9.01 -5.11
N THR E 112 -70.13 -8.85 -3.80
CA THR E 112 -71.23 -8.37 -2.97
C THR E 112 -71.34 -6.86 -3.15
N THR E 113 -72.51 -6.41 -3.60
CA THR E 113 -72.76 -5.00 -3.82
C THR E 113 -73.14 -4.36 -2.49
N VAL E 114 -72.30 -3.46 -1.98
CA VAL E 114 -72.58 -2.75 -0.74
C VAL E 114 -72.63 -1.26 -1.04
N THR E 115 -73.74 -0.63 -0.73
CA THR E 115 -73.85 0.82 -0.76
C THR E 115 -74.12 1.36 0.63
N VAL E 116 -73.80 2.64 0.80
CA VAL E 116 -73.72 3.27 2.11
C VAL E 116 -74.78 4.36 2.15
N SER E 117 -75.94 4.01 2.71
CA SER E 117 -77.07 4.95 2.83
C SER E 117 -77.98 4.57 3.98
N GLY F 1 -45.94 4.05 -3.45
CA GLY F 1 -46.57 3.00 -4.22
C GLY F 1 -45.95 2.77 -5.58
N VAL F 2 -46.39 1.70 -6.25
CA VAL F 2 -45.87 1.31 -7.56
C VAL F 2 -47.06 1.42 -8.51
N LEU F 3 -47.88 2.44 -8.28
CA LEU F 3 -49.16 2.64 -8.98
C LEU F 3 -49.00 2.72 -10.49
N MET F 4 -49.88 2.01 -11.21
CA MET F 4 -49.79 1.89 -12.65
C MET F 4 -50.39 3.11 -13.35
N THR F 5 -49.82 3.45 -14.49
CA THR F 5 -50.29 4.54 -15.35
C THR F 5 -50.66 3.95 -16.71
N GLN F 6 -51.96 3.94 -17.02
CA GLN F 6 -52.46 3.32 -18.23
C GLN F 6 -52.49 4.31 -19.39
N SER F 7 -52.17 3.81 -20.59
CA SER F 7 -52.19 4.63 -21.79
C SER F 7 -52.63 3.82 -23.00
N PRO F 8 -53.72 4.19 -23.67
CA PRO F 8 -54.67 5.23 -23.24
C PRO F 8 -55.83 4.59 -22.51
N LEU F 9 -56.83 5.40 -22.12
CA LEU F 9 -58.01 4.87 -21.44
C LEU F 9 -59.08 4.45 -22.44
N SER F 10 -59.54 5.38 -23.26
CA SER F 10 -60.64 5.13 -24.19
C SER F 10 -60.09 4.72 -25.55
N LEU F 11 -60.62 3.62 -26.09
CA LEU F 11 -60.24 3.15 -27.43
C LEU F 11 -61.46 2.61 -28.15
N PRO F 12 -62.13 3.46 -28.95
CA PRO F 12 -63.14 2.94 -29.89
C PRO F 12 -62.49 2.22 -31.06
N VAL F 13 -62.60 0.89 -31.10
CA VAL F 13 -61.90 0.07 -32.07
C VAL F 13 -62.93 -0.61 -32.97
N ARG F 14 -62.77 -0.44 -34.28
CA ARG F 14 -63.65 -1.09 -35.23
C ARG F 14 -63.40 -2.60 -35.27
N LEU F 15 -64.38 -3.32 -35.81
CA LEU F 15 -64.32 -4.77 -35.86
C LEU F 15 -63.37 -5.22 -36.96
N GLY F 16 -62.42 -6.11 -36.62
CA GLY F 16 -61.48 -6.64 -37.56
C GLY F 16 -60.10 -6.03 -37.49
N ASP F 17 -59.97 -4.82 -36.95
CA ASP F 17 -58.69 -4.13 -36.89
C ASP F 17 -57.94 -4.52 -35.63
N GLN F 18 -56.77 -3.90 -35.44
CA GLN F 18 -55.89 -4.19 -34.32
C GLN F 18 -56.15 -3.23 -33.16
N ALA F 19 -55.58 -3.57 -32.00
CA ALA F 19 -55.72 -2.74 -30.81
C ALA F 19 -54.49 -2.92 -29.91
N SER F 20 -54.16 -1.88 -29.16
CA SER F 20 -52.99 -1.88 -28.28
C SER F 20 -53.28 -1.06 -27.04
N ILE F 21 -53.08 -1.67 -25.87
CA ILE F 21 -53.27 -1.00 -24.58
C ILE F 21 -51.99 -1.14 -23.78
N SER F 22 -51.35 -0.03 -23.46
CA SER F 22 -50.08 -0.04 -22.75
C SER F 22 -50.26 0.41 -21.31
N CYS F 23 -49.34 -0.02 -20.46
CA CYS F 23 -49.21 0.47 -19.09
C CYS F 23 -47.76 0.86 -18.85
N ARG F 24 -47.57 1.75 -17.87
CA ARG F 24 -46.26 2.12 -17.40
C ARG F 24 -46.26 2.09 -15.89
N SER F 25 -45.30 1.37 -15.32
CA SER F 25 -45.11 1.32 -13.88
C SER F 25 -44.13 2.40 -13.46
N SER F 26 -44.21 2.78 -12.18
CA SER F 26 -43.30 3.78 -11.66
C SER F 26 -41.91 3.20 -11.42
N GLN F 27 -41.81 1.92 -11.06
CA GLN F 27 -40.52 1.27 -10.87
C GLN F 27 -40.43 0.00 -11.71
N SER F 28 -39.39 -0.79 -11.48
CA SER F 28 -39.31 -2.11 -12.06
C SER F 28 -40.16 -3.07 -11.25
N ILE F 29 -40.78 -4.02 -11.93
CA ILE F 29 -41.67 -4.99 -11.30
C ILE F 29 -40.93 -6.31 -11.07
N VAL F 30 -39.59 -6.26 -11.01
CA VAL F 30 -38.78 -7.46 -11.01
C VAL F 30 -38.81 -8.11 -9.62
N TYR F 31 -39.32 -9.33 -9.57
CA TYR F 31 -39.27 -10.13 -8.35
C TYR F 31 -37.89 -10.75 -8.21
N SER F 32 -37.59 -11.26 -7.01
CA SER F 32 -36.29 -11.82 -6.66
C SER F 32 -35.91 -13.09 -7.43
N ASN F 33 -36.82 -13.67 -8.21
CA ASN F 33 -36.47 -14.76 -9.11
C ASN F 33 -36.11 -14.26 -10.50
N GLY F 34 -36.38 -12.99 -10.81
CA GLY F 34 -36.32 -12.49 -12.15
C GLY F 34 -37.65 -12.53 -12.88
N ASN F 35 -38.60 -13.31 -12.37
CA ASN F 35 -39.90 -13.49 -12.99
C ASN F 35 -40.85 -12.42 -12.46
N THR F 36 -41.08 -11.38 -13.26
CA THR F 36 -42.09 -10.39 -12.93
C THR F 36 -43.47 -11.03 -12.99
N TYR F 37 -44.34 -10.65 -12.07
CA TYR F 37 -45.66 -11.24 -11.96
C TYR F 37 -46.71 -10.20 -12.34
N LEU F 38 -47.08 -10.19 -13.62
CA LEU F 38 -48.07 -9.28 -14.16
C LEU F 38 -49.38 -10.01 -14.36
N GLU F 39 -50.48 -9.25 -14.40
CA GLU F 39 -51.78 -9.80 -14.79
C GLU F 39 -52.53 -8.80 -15.65
N TRP F 40 -53.47 -9.34 -16.44
CA TRP F 40 -54.29 -8.57 -17.35
C TRP F 40 -55.73 -9.03 -17.18
N TYR F 41 -56.65 -8.08 -17.04
CA TYR F 41 -58.03 -8.38 -16.68
C TYR F 41 -58.99 -8.13 -17.82
N LEU F 42 -59.98 -9.01 -17.96
CA LEU F 42 -61.22 -8.69 -18.65
C LEU F 42 -62.15 -7.93 -17.70
N GLN F 43 -63.15 -7.27 -18.27
CA GLN F 43 -64.32 -6.83 -17.51
C GLN F 43 -65.47 -6.62 -18.47
N ARG F 44 -66.46 -7.49 -18.41
CA ARG F 44 -67.71 -7.05 -18.99
C ARG F 44 -68.58 -6.48 -17.88
N PRO F 45 -69.36 -5.42 -18.15
CA PRO F 45 -70.17 -4.82 -17.07
C PRO F 45 -71.27 -5.77 -16.60
N GLY F 46 -71.27 -6.02 -15.30
CA GLY F 46 -72.11 -7.03 -14.71
C GLY F 46 -71.41 -8.36 -14.47
N GLN F 47 -70.10 -8.44 -14.72
CA GLN F 47 -69.36 -9.68 -14.57
C GLN F 47 -68.13 -9.44 -13.71
N SER F 48 -67.61 -10.51 -13.13
CA SER F 48 -66.38 -10.42 -12.36
C SER F 48 -65.20 -10.27 -13.32
N PRO F 49 -64.19 -9.48 -12.95
CA PRO F 49 -62.97 -9.42 -13.77
C PRO F 49 -62.19 -10.72 -13.68
N LYS F 50 -61.72 -11.20 -14.84
CA LYS F 50 -61.04 -12.49 -14.92
C LYS F 50 -59.77 -12.36 -15.76
N LEU F 51 -58.95 -13.40 -15.71
CA LEU F 51 -57.56 -13.31 -16.13
C LEU F 51 -57.37 -13.70 -17.60
N LEU F 52 -56.78 -12.80 -18.37
CA LEU F 52 -56.28 -13.15 -19.69
C LEU F 52 -54.87 -13.74 -19.60
N ILE F 53 -53.91 -12.93 -19.14
CA ILE F 53 -52.50 -13.29 -19.14
C ILE F 53 -51.97 -13.07 -17.73
N TYR F 54 -51.29 -14.07 -17.17
CA TYR F 54 -50.67 -13.87 -15.86
C TYR F 54 -49.16 -14.09 -15.96
N LYS F 55 -48.49 -13.21 -16.71
CA LYS F 55 -47.05 -13.03 -16.89
C LYS F 55 -46.85 -11.91 -17.90
N VAL F 56 -45.58 -11.66 -18.28
CA VAL F 56 -45.30 -10.82 -19.45
C VAL F 56 -45.95 -11.41 -20.70
N SER F 57 -45.65 -12.67 -21.00
CA SER F 57 -46.13 -13.30 -22.22
C SER F 57 -46.55 -14.76 -21.99
N ASN F 58 -47.27 -15.01 -20.89
CA ASN F 58 -47.82 -16.35 -20.65
C ASN F 58 -49.24 -16.23 -20.14
N ARG F 59 -50.19 -16.75 -20.92
CA ARG F 59 -51.61 -16.50 -20.75
C ARG F 59 -52.29 -17.60 -19.93
N PHE F 60 -53.46 -17.25 -19.41
CA PHE F 60 -54.34 -18.23 -18.79
C PHE F 60 -54.97 -19.13 -19.85
N SER F 61 -55.20 -20.38 -19.46
CA SER F 61 -55.80 -21.36 -20.37
C SER F 61 -57.26 -21.00 -20.61
N GLY F 62 -57.59 -20.61 -21.84
CA GLY F 62 -58.93 -20.19 -22.16
C GLY F 62 -58.93 -18.93 -23.01
N VAL F 63 -57.74 -18.44 -23.33
CA VAL F 63 -57.56 -17.26 -24.17
C VAL F 63 -57.33 -17.68 -25.61
N PRO F 64 -58.05 -17.11 -26.59
CA PRO F 64 -57.80 -17.47 -27.99
C PRO F 64 -56.49 -16.91 -28.53
N ASP F 65 -56.13 -17.28 -29.76
CA ASP F 65 -54.83 -16.92 -30.32
C ASP F 65 -54.83 -15.54 -30.95
N ARG F 66 -55.29 -14.52 -30.21
CA ARG F 66 -55.29 -13.15 -30.68
C ARG F 66 -54.76 -12.14 -29.67
N VAL F 67 -54.70 -12.46 -28.38
CA VAL F 67 -54.32 -11.53 -27.32
C VAL F 67 -52.91 -11.89 -26.87
N SER F 68 -52.00 -10.90 -26.88
CA SER F 68 -50.62 -11.16 -26.48
C SER F 68 -50.02 -9.91 -25.85
N GLY F 69 -49.37 -10.08 -24.71
CA GLY F 69 -48.71 -8.96 -24.06
C GLY F 69 -47.21 -9.03 -24.13
N SER F 70 -46.55 -7.88 -24.02
CA SER F 70 -45.09 -7.82 -24.04
C SER F 70 -44.67 -6.56 -23.30
N GLY F 71 -43.38 -6.25 -23.35
CA GLY F 71 -42.82 -5.11 -22.66
C GLY F 71 -41.74 -5.52 -21.67
N SER F 72 -41.07 -4.50 -21.15
CA SER F 72 -39.93 -4.73 -20.27
C SER F 72 -39.65 -3.49 -19.43
N GLY F 73 -39.29 -3.72 -18.17
CA GLY F 73 -38.84 -2.67 -17.27
C GLY F 73 -39.98 -1.90 -16.63
N THR F 74 -40.59 -0.97 -17.39
CA THR F 74 -41.75 -0.24 -16.90
C THR F 74 -42.86 -0.27 -17.92
N ASP F 75 -42.52 -0.28 -19.20
CA ASP F 75 -43.49 -0.19 -20.27
C ASP F 75 -43.95 -1.58 -20.67
N PHE F 76 -45.26 -1.83 -20.60
CA PHE F 76 -45.81 -3.14 -20.88
C PHE F 76 -47.09 -2.98 -21.70
N THR F 77 -47.05 -3.44 -22.95
CA THR F 77 -48.11 -3.20 -23.91
C THR F 77 -48.77 -4.51 -24.30
N LEU F 78 -50.10 -4.53 -24.23
CA LEU F 78 -50.93 -5.62 -24.71
C LEU F 78 -51.40 -5.32 -26.12
N LYS F 79 -51.49 -6.37 -26.94
CA LYS F 79 -51.86 -6.26 -28.34
C LYS F 79 -52.94 -7.28 -28.65
N ILE F 80 -53.99 -6.83 -29.34
CA ILE F 80 -55.07 -7.68 -29.82
C ILE F 80 -55.09 -7.57 -31.35
N SER F 81 -54.98 -8.71 -32.03
CA SER F 81 -54.83 -8.70 -33.48
C SER F 81 -56.15 -8.43 -34.18
N ARG F 82 -57.18 -9.22 -33.89
CA ARG F 82 -58.51 -9.05 -34.47
C ARG F 82 -59.51 -8.83 -33.35
N VAL F 83 -60.17 -7.68 -33.36
CA VAL F 83 -61.07 -7.29 -32.29
C VAL F 83 -62.50 -7.66 -32.69
N GLU F 84 -63.17 -8.43 -31.83
CA GLU F 84 -64.57 -8.78 -31.99
C GLU F 84 -65.38 -8.03 -30.93
N ALA F 85 -66.68 -8.35 -30.87
CA ALA F 85 -67.53 -7.77 -29.84
C ALA F 85 -67.27 -8.37 -28.46
N GLU F 86 -66.65 -9.56 -28.40
CA GLU F 86 -66.36 -10.21 -27.13
C GLU F 86 -65.25 -9.51 -26.36
N ASP F 87 -64.38 -8.77 -27.05
CA ASP F 87 -63.27 -8.09 -26.41
C ASP F 87 -63.64 -6.72 -25.87
N LEU F 88 -64.90 -6.30 -26.00
CA LEU F 88 -65.31 -5.01 -25.49
C LEU F 88 -65.40 -5.03 -23.97
N GLY F 89 -64.96 -3.94 -23.35
CA GLY F 89 -65.01 -3.80 -21.92
C GLY F 89 -63.75 -3.16 -21.38
N VAL F 90 -63.55 -3.31 -20.07
CA VAL F 90 -62.50 -2.63 -19.32
C VAL F 90 -61.35 -3.60 -19.11
N TYR F 91 -60.13 -3.17 -19.44
CA TYR F 91 -58.93 -3.95 -19.18
C TYR F 91 -58.05 -3.22 -18.18
N TYR F 92 -57.26 -4.00 -17.42
CA TYR F 92 -56.44 -3.48 -16.34
C TYR F 92 -55.04 -4.08 -16.41
N CYS F 93 -54.12 -3.41 -15.73
CA CYS F 93 -52.83 -3.98 -15.38
C CYS F 93 -52.82 -4.36 -13.90
N PHE F 94 -51.76 -5.06 -13.49
CA PHE F 94 -51.68 -5.65 -12.16
C PHE F 94 -50.22 -6.03 -11.89
N GLN F 95 -49.86 -6.01 -10.61
CA GLN F 95 -48.49 -6.27 -10.20
C GLN F 95 -48.44 -7.41 -9.20
N GLY F 96 -47.32 -8.13 -9.23
CA GLY F 96 -47.07 -9.20 -8.26
C GLY F 96 -45.68 -9.09 -7.66
N SER F 97 -45.12 -7.86 -7.69
CA SER F 97 -43.76 -7.66 -7.23
C SER F 97 -43.66 -7.76 -5.72
N HIS F 98 -44.26 -6.81 -5.01
CA HIS F 98 -44.20 -6.81 -3.56
C HIS F 98 -45.44 -6.12 -3.02
N VAL F 99 -45.95 -6.63 -1.90
CA VAL F 99 -47.17 -6.13 -1.31
C VAL F 99 -46.91 -4.74 -0.72
N PRO F 100 -47.89 -3.83 -0.71
CA PRO F 100 -49.25 -3.93 -1.25
C PRO F 100 -49.32 -3.62 -2.75
N TYR F 101 -50.08 -4.42 -3.50
CA TYR F 101 -50.10 -4.25 -4.95
C TYR F 101 -51.10 -3.17 -5.34
N THR F 102 -51.01 -2.75 -6.60
CA THR F 102 -51.87 -1.70 -7.14
C THR F 102 -52.51 -2.16 -8.44
N PHE F 103 -53.80 -1.86 -8.60
CA PHE F 103 -54.48 -2.01 -9.88
C PHE F 103 -54.26 -0.76 -10.72
N GLY F 104 -54.75 -0.78 -11.94
CA GLY F 104 -54.63 0.34 -12.86
C GLY F 104 -55.75 1.36 -12.71
N GLY F 105 -56.17 1.91 -13.84
CA GLY F 105 -57.26 2.87 -13.86
C GLY F 105 -58.47 2.42 -14.65
N GLY F 106 -58.27 1.55 -15.64
CA GLY F 106 -59.37 1.09 -16.47
C GLY F 106 -59.31 1.55 -17.92
N THR F 107 -59.15 0.62 -18.85
CA THR F 107 -59.04 0.93 -20.27
C THR F 107 -60.23 0.34 -21.00
N LYS F 108 -61.10 1.19 -21.52
CA LYS F 108 -62.34 0.75 -22.14
C LYS F 108 -62.17 0.61 -23.65
N LEU F 109 -62.60 -0.54 -24.18
CA LEU F 109 -62.65 -0.76 -25.61
C LEU F 109 -64.08 -0.55 -26.11
N GLU F 110 -64.22 0.23 -27.18
CA GLU F 110 -65.51 0.55 -27.75
C GLU F 110 -65.47 0.24 -29.24
N ILE F 111 -66.55 0.56 -29.94
CA ILE F 111 -66.62 0.36 -31.39
C ILE F 111 -66.56 1.69 -32.11
N GLN G 1 -36.51 56.47 -59.27
CA GLN G 1 -35.51 57.30 -59.96
C GLN G 1 -34.57 57.92 -58.94
N VAL G 2 -33.37 57.35 -58.81
CA VAL G 2 -32.36 57.85 -57.89
C VAL G 2 -31.01 57.90 -58.60
N HIS G 3 -30.31 59.02 -58.45
CA HIS G 3 -28.89 59.12 -58.80
C HIS G 3 -28.29 60.28 -58.04
N LEU G 4 -26.98 60.42 -58.15
CA LEU G 4 -26.20 61.39 -57.40
C LEU G 4 -25.41 62.27 -58.36
N GLN G 5 -24.71 63.25 -57.80
CA GLN G 5 -23.84 64.11 -58.61
C GLN G 5 -22.72 64.64 -57.72
N GLU G 6 -21.53 64.08 -57.86
CA GLU G 6 -20.38 64.55 -57.10
C GLU G 6 -19.91 65.90 -57.61
N SER G 7 -19.29 66.67 -56.72
CA SER G 7 -18.75 67.98 -57.09
C SER G 7 -17.63 68.34 -56.14
N GLY G 8 -16.45 68.57 -56.70
CA GLY G 8 -15.31 69.08 -56.00
C GLY G 8 -14.54 70.03 -56.88
N PRO G 9 -13.37 70.49 -56.43
CA PRO G 9 -12.57 71.42 -57.25
C PRO G 9 -11.96 70.79 -58.50
N GLY G 10 -11.36 69.61 -58.39
CA GLY G 10 -10.80 68.95 -59.56
C GLY G 10 -9.30 69.10 -59.69
N LEU G 11 -8.76 70.27 -59.31
CA LEU G 11 -7.33 70.50 -59.26
C LEU G 11 -6.99 71.02 -57.87
N VAL G 12 -6.21 70.25 -57.13
CA VAL G 12 -5.96 70.48 -55.71
C VAL G 12 -4.46 70.62 -55.52
N LYS G 13 -4.05 71.55 -54.66
CA LYS G 13 -2.65 71.64 -54.27
C LYS G 13 -2.38 70.71 -53.10
N PRO G 14 -1.12 70.31 -52.88
CA PRO G 14 -0.78 69.67 -51.61
C PRO G 14 -0.92 70.66 -50.47
N SER G 15 -1.25 70.11 -49.29
CA SER G 15 -1.58 70.86 -48.08
C SER G 15 -2.71 71.86 -48.35
N GLU G 16 -3.87 71.31 -48.68
CA GLU G 16 -5.06 72.09 -49.00
C GLU G 16 -6.27 71.40 -48.37
N THR G 17 -7.16 72.20 -47.77
CA THR G 17 -8.34 71.66 -47.10
C THR G 17 -9.40 71.37 -48.16
N LEU G 18 -9.58 70.08 -48.47
CA LEU G 18 -10.54 69.65 -49.47
C LEU G 18 -11.96 69.70 -48.91
N SER G 19 -12.92 69.96 -49.80
CA SER G 19 -14.33 69.90 -49.44
C SER G 19 -15.12 69.44 -50.66
N LEU G 20 -16.12 68.60 -50.41
CA LEU G 20 -16.82 67.91 -51.48
C LEU G 20 -18.31 67.93 -51.20
N THR G 21 -19.11 67.97 -52.27
CA THR G 21 -20.56 67.92 -52.15
C THR G 21 -21.11 66.90 -53.12
N CYS G 22 -22.37 66.51 -52.89
CA CYS G 22 -23.00 65.45 -53.67
C CYS G 22 -24.50 65.69 -53.74
N ASN G 23 -24.99 65.97 -54.95
CA ASN G 23 -26.41 66.12 -55.20
C ASN G 23 -27.12 64.77 -55.22
N VAL G 24 -28.40 64.79 -54.87
CA VAL G 24 -29.22 63.59 -54.78
C VAL G 24 -30.29 63.65 -55.87
N SER G 25 -31.08 62.57 -55.96
CA SER G 25 -32.26 62.55 -56.81
C SER G 25 -33.32 61.69 -56.15
N GLY G 26 -34.53 62.22 -56.06
CA GLY G 26 -35.66 61.46 -55.55
C GLY G 26 -35.68 61.29 -54.04
N THR G 27 -34.77 60.49 -53.53
CA THR G 27 -34.73 60.20 -52.10
C THR G 27 -34.10 61.37 -51.36
N LEU G 28 -34.75 61.80 -50.27
CA LEU G 28 -34.23 62.91 -49.48
C LEU G 28 -33.06 62.45 -48.62
N VAL G 29 -32.46 63.42 -47.93
CA VAL G 29 -31.25 63.17 -47.15
C VAL G 29 -31.53 62.36 -45.90
N ARG G 30 -32.77 62.35 -45.42
CA ARG G 30 -33.06 61.76 -44.12
C ARG G 30 -33.19 60.24 -44.21
N ASP G 31 -33.60 59.72 -45.36
CA ASP G 31 -34.17 58.38 -45.42
C ASP G 31 -33.13 57.28 -45.28
N ASN G 32 -31.98 57.42 -45.94
CA ASN G 32 -31.08 56.29 -46.14
C ASN G 32 -29.68 56.62 -45.63
N TYR G 33 -28.95 55.59 -45.23
CA TYR G 33 -27.57 55.76 -44.75
C TYR G 33 -26.66 56.17 -45.90
N TRP G 34 -25.72 57.08 -45.62
CA TRP G 34 -24.83 57.60 -46.64
C TRP G 34 -23.42 57.11 -46.40
N SER G 35 -22.58 57.18 -47.43
CA SER G 35 -21.22 56.69 -47.36
C SER G 35 -20.37 57.41 -48.39
N TRP G 36 -19.06 57.38 -48.14
CA TRP G 36 -18.06 57.93 -49.03
C TRP G 36 -16.95 56.90 -49.20
N ILE G 37 -16.50 56.77 -50.45
CA ILE G 37 -15.56 55.75 -50.88
C ILE G 37 -14.54 56.45 -51.79
N ARG G 38 -13.28 56.03 -51.75
CA ARG G 38 -12.35 56.47 -52.76
C ARG G 38 -11.75 55.30 -53.52
N GLN G 39 -11.24 55.59 -54.72
CA GLN G 39 -10.55 54.58 -55.53
C GLN G 39 -9.46 55.22 -56.36
N PRO G 40 -8.20 54.86 -56.15
CA PRO G 40 -7.14 55.32 -57.06
C PRO G 40 -7.18 54.56 -58.38
N LEU G 41 -6.34 55.00 -59.30
CA LEU G 41 -6.31 54.41 -60.64
C LEU G 41 -5.70 53.02 -60.59
N GLY G 42 -6.39 52.05 -61.19
CA GLY G 42 -5.95 50.68 -61.22
C GLY G 42 -5.90 49.98 -59.88
N LYS G 43 -6.51 50.56 -58.85
CA LYS G 43 -6.44 50.05 -57.50
C LYS G 43 -7.81 49.58 -57.05
N GLN G 44 -7.83 48.76 -56.01
CA GLN G 44 -9.08 48.42 -55.38
C GLN G 44 -9.64 49.65 -54.65
N PRO G 45 -10.96 49.77 -54.57
CA PRO G 45 -11.55 50.93 -53.89
C PRO G 45 -11.27 50.91 -52.40
N GLU G 46 -11.48 52.06 -51.79
CA GLU G 46 -11.20 52.25 -50.37
C GLU G 46 -12.42 52.88 -49.74
N TRP G 47 -13.02 52.18 -48.78
CA TRP G 47 -14.22 52.66 -48.12
C TRP G 47 -13.82 53.65 -47.04
N ILE G 48 -14.02 54.94 -47.32
CA ILE G 48 -13.67 55.98 -46.37
C ILE G 48 -14.64 55.94 -45.20
N GLY G 49 -15.86 55.51 -45.42
CA GLY G 49 -16.72 55.24 -44.30
C GLY G 49 -18.13 55.68 -44.60
N TYR G 50 -18.90 55.89 -43.53
CA TYR G 50 -20.32 56.13 -43.64
C TYR G 50 -20.73 57.23 -42.69
N VAL G 51 -21.90 57.80 -42.95
CA VAL G 51 -22.49 58.82 -42.10
C VAL G 51 -24.01 58.75 -42.27
N HIS G 52 -24.72 59.04 -41.18
CA HIS G 52 -26.16 59.21 -41.21
C HIS G 52 -26.53 60.07 -40.01
N ASP G 53 -27.72 60.66 -40.09
CA ASP G 53 -28.29 61.41 -38.97
C ASP G 53 -28.49 60.51 -37.76
N SER G 54 -28.62 61.17 -36.59
CA SER G 54 -28.86 60.55 -35.28
C SER G 54 -27.73 59.60 -34.89
N GLY G 55 -26.57 60.20 -34.63
CA GLY G 55 -25.47 59.52 -33.99
C GLY G 55 -24.74 58.50 -34.83
N ASP G 56 -24.96 58.51 -36.14
CA ASP G 56 -24.34 57.53 -37.03
C ASP G 56 -23.14 58.17 -37.72
N THR G 57 -22.07 58.36 -36.94
CA THR G 57 -20.93 59.17 -37.35
C THR G 57 -19.61 58.45 -37.01
N ASN G 58 -19.50 57.20 -37.44
CA ASN G 58 -18.26 56.45 -37.22
C ASN G 58 -17.34 56.61 -38.42
N TYR G 59 -16.03 56.62 -38.13
CA TYR G 59 -15.02 56.95 -39.13
C TYR G 59 -14.05 55.80 -39.33
N ASN G 60 -13.38 55.83 -40.48
CA ASN G 60 -12.26 54.92 -40.73
C ASN G 60 -11.11 55.30 -39.80
N PRO G 61 -10.57 54.35 -39.01
CA PRO G 61 -9.40 54.66 -38.18
C PRO G 61 -8.11 54.92 -38.94
N SER G 62 -8.09 54.71 -40.26
CA SER G 62 -6.89 55.01 -41.04
C SER G 62 -6.65 56.51 -41.12
N LEU G 63 -7.64 57.25 -41.63
CA LEU G 63 -7.50 58.70 -41.70
C LEU G 63 -7.78 59.33 -40.34
N LYS G 64 -9.03 59.23 -39.89
CA LYS G 64 -9.48 59.30 -38.50
C LYS G 64 -9.37 60.69 -37.86
N SER G 65 -8.62 61.57 -38.44
CA SER G 65 -8.41 62.87 -37.79
C SER G 65 -8.62 64.03 -38.72
N ARG G 66 -8.22 63.90 -39.98
CA ARG G 66 -8.22 65.01 -40.93
C ARG G 66 -9.49 65.08 -41.74
N VAL G 67 -10.55 64.38 -41.35
CA VAL G 67 -11.75 64.26 -42.17
C VAL G 67 -12.98 64.40 -41.28
N HIS G 68 -14.00 65.11 -41.80
CA HIS G 68 -15.29 65.25 -41.16
C HIS G 68 -16.38 65.23 -42.21
N LEU G 69 -17.35 64.34 -42.02
CA LEU G 69 -18.43 64.14 -42.98
C LEU G 69 -19.63 64.98 -42.54
N SER G 70 -20.53 65.26 -43.49
CA SER G 70 -21.63 66.15 -43.18
C SER G 70 -22.78 65.91 -44.17
N LEU G 71 -23.89 66.60 -43.91
CA LEU G 71 -25.05 66.51 -44.79
C LEU G 71 -25.52 67.90 -45.20
N ASP G 72 -26.67 67.96 -45.88
CA ASP G 72 -27.23 69.24 -46.33
C ASP G 72 -28.73 69.03 -46.41
N LYS G 73 -29.43 69.27 -45.29
CA LYS G 73 -30.88 69.11 -45.25
C LYS G 73 -31.58 70.24 -45.98
N SER G 74 -30.98 71.43 -45.99
CA SER G 74 -31.57 72.57 -46.68
C SER G 74 -31.55 72.37 -48.19
N LYS G 75 -30.37 72.19 -48.76
CA LYS G 75 -30.24 72.01 -50.19
C LYS G 75 -30.39 70.56 -50.62
N ASN G 76 -30.48 69.63 -49.66
CA ASN G 76 -30.58 68.18 -49.88
C ASN G 76 -29.36 67.67 -50.67
N LEU G 77 -28.20 67.79 -50.05
CA LEU G 77 -26.94 67.26 -50.56
C LEU G 77 -26.21 66.52 -49.44
N VAL G 78 -25.06 65.94 -49.78
CA VAL G 78 -24.19 65.29 -48.82
C VAL G 78 -22.81 65.94 -48.94
N SER G 79 -22.18 66.26 -47.80
CA SER G 79 -20.95 67.03 -47.81
C SER G 79 -19.81 66.28 -47.12
N LEU G 80 -18.60 66.77 -47.35
CA LEU G 80 -17.40 66.15 -46.78
C LEU G 80 -16.31 67.21 -46.70
N ARG G 81 -15.43 67.07 -45.70
CA ARG G 81 -14.27 67.92 -45.55
C ARG G 81 -13.06 67.07 -45.22
N LEU G 82 -11.96 67.32 -45.92
CA LEU G 82 -10.67 66.69 -45.67
C LEU G 82 -9.65 67.78 -45.38
N THR G 83 -8.64 67.44 -44.59
CA THR G 83 -7.59 68.39 -44.22
C THR G 83 -6.24 67.86 -44.66
N GLY G 84 -5.49 68.68 -45.40
CA GLY G 84 -4.14 68.29 -45.78
C GLY G 84 -4.06 67.18 -46.81
N VAL G 85 -4.44 67.49 -48.05
CA VAL G 85 -4.39 66.51 -49.14
C VAL G 85 -2.95 66.13 -49.43
N THR G 86 -2.68 64.83 -49.43
CA THR G 86 -1.37 64.30 -49.76
C THR G 86 -1.35 63.84 -51.21
N ALA G 87 -0.17 63.37 -51.65
CA ALA G 87 0.00 62.97 -53.04
C ALA G 87 -0.73 61.67 -53.35
N ALA G 88 -0.93 60.80 -52.37
CA ALA G 88 -1.64 59.55 -52.58
C ALA G 88 -3.15 59.75 -52.67
N ASP G 89 -3.64 60.95 -52.38
CA ASP G 89 -5.07 61.22 -52.36
C ASP G 89 -5.66 61.40 -53.75
N SER G 90 -4.85 61.38 -54.80
CA SER G 90 -5.35 61.55 -56.16
C SER G 90 -6.13 60.30 -56.55
N ALA G 91 -7.44 60.38 -56.37
CA ALA G 91 -8.31 59.22 -56.53
C ALA G 91 -9.70 59.74 -56.89
N ILE G 92 -10.44 58.93 -57.62
CA ILE G 92 -11.83 59.30 -57.91
C ILE G 92 -12.68 58.96 -56.70
N TYR G 93 -13.55 59.90 -56.34
CA TYR G 93 -14.26 59.87 -55.07
C TYR G 93 -15.74 59.64 -55.32
N TYR G 94 -16.38 58.98 -54.35
CA TYR G 94 -17.72 58.44 -54.53
C TYR G 94 -18.56 58.78 -53.30
N CYS G 95 -19.65 59.50 -53.52
CA CYS G 95 -20.76 59.53 -52.58
C CYS G 95 -21.72 58.42 -52.94
N ALA G 96 -22.36 57.83 -51.92
CA ALA G 96 -23.23 56.68 -52.16
C ALA G 96 -24.21 56.51 -51.00
N THR G 97 -25.29 55.81 -51.27
CA THR G 97 -26.14 55.29 -50.20
C THR G 97 -25.70 53.87 -49.85
N THR G 98 -26.17 53.41 -48.69
CA THR G 98 -25.91 52.04 -48.28
C THR G 98 -27.07 51.56 -47.40
N LYS G 99 -27.28 50.24 -47.41
CA LYS G 99 -28.34 49.61 -46.65
C LYS G 99 -27.74 48.67 -45.61
N HIS G 100 -28.44 48.55 -44.49
CA HIS G 100 -27.95 47.82 -43.34
C HIS G 100 -28.29 46.33 -43.48
N GLY G 101 -28.13 45.60 -42.38
CA GLY G 101 -28.37 44.17 -42.35
C GLY G 101 -27.72 43.54 -41.15
N ARG G 102 -28.40 42.59 -40.52
CA ARG G 102 -27.96 41.98 -39.27
C ARG G 102 -27.65 40.52 -39.51
N ARG G 103 -26.41 40.12 -39.25
CA ARG G 103 -25.98 38.74 -39.36
C ARG G 103 -25.92 38.18 -37.95
N ILE G 104 -26.76 37.18 -37.68
CA ILE G 104 -26.92 36.61 -36.34
C ILE G 104 -26.44 35.18 -36.40
N TYR G 105 -25.47 34.83 -35.55
CA TYR G 105 -24.90 33.50 -35.55
C TYR G 105 -25.09 32.74 -34.25
N GLY G 106 -25.45 33.39 -33.16
CA GLY G 106 -25.60 32.70 -31.90
C GLY G 106 -26.88 33.05 -31.18
N VAL G 107 -26.77 33.39 -29.92
CA VAL G 107 -27.91 33.84 -29.13
C VAL G 107 -27.98 35.35 -29.27
N VAL G 108 -29.20 35.87 -29.43
CA VAL G 108 -29.37 37.30 -29.63
C VAL G 108 -29.11 38.05 -28.34
N ALA G 109 -29.48 37.47 -27.21
CA ALA G 109 -29.36 38.15 -25.93
C ALA G 109 -27.92 38.26 -25.44
N PHE G 110 -26.97 37.57 -26.07
CA PHE G 110 -25.58 37.60 -25.64
C PHE G 110 -24.71 38.41 -26.59
N LYS G 111 -25.35 39.22 -27.44
CA LYS G 111 -24.68 40.06 -28.45
C LYS G 111 -23.83 39.24 -29.41
N GLU G 112 -24.33 38.07 -29.80
CA GLU G 112 -23.61 37.21 -30.74
C GLU G 112 -24.11 37.42 -32.16
N TRP G 113 -23.92 38.65 -32.62
CA TRP G 113 -24.41 39.10 -33.93
C TRP G 113 -23.66 40.36 -34.30
N PHE G 114 -23.75 40.73 -35.58
CA PHE G 114 -23.13 41.97 -36.02
C PHE G 114 -23.94 42.59 -37.13
N THR G 115 -23.62 43.84 -37.44
CA THR G 115 -24.29 44.60 -38.47
C THR G 115 -23.33 44.86 -39.63
N TYR G 116 -23.77 44.56 -40.84
CA TYR G 116 -23.00 44.77 -42.05
C TYR G 116 -23.72 45.78 -42.94
N PHE G 117 -22.96 46.35 -43.88
CA PHE G 117 -23.49 47.36 -44.77
C PHE G 117 -23.06 47.06 -46.19
N TYR G 118 -23.80 47.61 -47.15
CA TYR G 118 -23.53 47.35 -48.55
C TYR G 118 -24.10 48.49 -49.37
N MET G 119 -23.28 49.04 -50.27
CA MET G 119 -23.68 50.18 -51.08
C MET G 119 -24.55 49.70 -52.23
N ASP G 120 -25.78 50.22 -52.30
CA ASP G 120 -26.71 49.80 -53.33
C ASP G 120 -26.48 50.55 -54.64
N VAL G 121 -26.37 51.88 -54.58
CA VAL G 121 -26.15 52.70 -55.76
C VAL G 121 -24.98 53.64 -55.50
N TRP G 122 -24.57 54.32 -56.56
CA TRP G 122 -23.33 55.06 -56.57
C TRP G 122 -23.57 56.42 -57.20
N GLY G 123 -22.48 57.15 -57.44
CA GLY G 123 -22.52 58.35 -58.24
C GLY G 123 -21.68 58.18 -59.49
N LYS G 124 -21.17 59.28 -60.04
CA LYS G 124 -20.32 59.19 -61.22
C LYS G 124 -18.86 59.49 -60.93
N GLY G 125 -18.57 60.31 -59.93
CA GLY G 125 -17.22 60.49 -59.43
C GLY G 125 -16.69 61.88 -59.68
N THR G 126 -15.47 62.10 -59.17
CA THR G 126 -14.74 63.34 -59.40
C THR G 126 -13.25 63.00 -59.39
N SER G 127 -12.58 63.23 -60.52
CA SER G 127 -11.15 62.97 -60.59
C SER G 127 -10.37 64.05 -59.84
N VAL G 128 -10.23 63.88 -58.53
CA VAL G 128 -9.57 64.87 -57.70
C VAL G 128 -8.06 64.71 -57.89
N THR G 129 -7.42 65.77 -58.36
CA THR G 129 -6.02 65.73 -58.75
C THR G 129 -5.21 66.60 -57.80
N VAL G 130 -4.19 66.00 -57.18
CA VAL G 130 -3.26 66.74 -56.33
C VAL G 130 -1.97 66.97 -57.09
N SER G 131 -1.53 68.24 -57.14
CA SER G 131 -0.36 68.66 -57.88
C SER G 131 0.02 70.06 -57.42
N SER G 132 1.32 70.37 -57.54
CA SER G 132 1.84 71.67 -57.16
C SER G 132 1.34 72.79 -58.08
N ALA H 1 -1.03 41.33 -60.68
CA ALA H 1 -2.22 41.77 -59.93
C ALA H 1 -3.57 41.55 -60.67
N PRO H 2 -3.70 41.82 -62.03
CA PRO H 2 -4.93 41.37 -62.68
C PRO H 2 -4.97 39.86 -62.86
N THR H 3 -5.80 39.18 -62.08
CA THR H 3 -5.99 37.76 -62.31
C THR H 3 -6.75 37.57 -63.61
N PHE H 4 -6.18 36.82 -64.52
CA PHE H 4 -6.74 36.65 -65.85
C PHE H 4 -7.68 35.47 -65.81
N VAL H 5 -8.97 35.74 -65.63
CA VAL H 5 -10.00 34.71 -65.67
C VAL H 5 -10.63 34.63 -67.06
N SER H 6 -9.79 34.58 -68.10
CA SER H 6 -10.18 34.30 -69.48
C SER H 6 -11.11 33.09 -69.60
N VAL H 7 -12.30 33.33 -70.15
CA VAL H 7 -13.31 32.29 -70.28
C VAL H 7 -13.89 32.29 -71.68
N ALA H 8 -14.09 31.09 -72.21
CA ALA H 8 -14.88 30.93 -73.42
C ALA H 8 -16.34 31.25 -73.12
N PRO H 9 -17.05 31.88 -74.05
CA PRO H 9 -18.46 32.25 -73.78
C PRO H 9 -19.35 31.03 -73.74
N GLY H 10 -20.22 30.99 -72.73
CA GLY H 10 -21.03 29.82 -72.46
C GLY H 10 -20.45 28.88 -71.42
N GLN H 11 -19.23 29.10 -70.98
CA GLN H 11 -18.58 28.22 -70.00
C GLN H 11 -18.80 28.76 -68.59
N THR H 12 -18.09 28.18 -67.62
CA THR H 12 -18.26 28.51 -66.22
C THR H 12 -16.99 29.17 -65.69
N ALA H 13 -17.16 30.31 -65.01
CA ALA H 13 -16.07 31.01 -64.36
C ALA H 13 -16.26 30.96 -62.85
N ARG H 14 -15.17 30.78 -62.12
CA ARG H 14 -15.21 30.73 -60.66
C ARG H 14 -14.17 31.70 -60.11
N ILE H 15 -14.64 32.85 -59.64
CA ILE H 15 -13.77 33.91 -59.15
C ILE H 15 -13.56 33.71 -57.67
N THR H 16 -12.31 33.55 -57.26
CA THR H 16 -11.94 33.50 -55.85
C THR H 16 -11.32 34.83 -55.43
N CYS H 17 -11.63 35.24 -54.20
CA CYS H 17 -11.24 36.54 -53.69
C CYS H 17 -11.37 36.51 -52.17
N GLY H 18 -10.55 37.33 -51.53
CA GLY H 18 -10.61 37.51 -50.10
C GLY H 18 -9.59 36.68 -49.35
N GLU H 19 -9.71 36.72 -48.04
CA GLU H 19 -8.82 36.03 -47.12
C GLU H 19 -9.49 34.73 -46.67
N GLU H 20 -8.66 33.75 -46.30
CA GLU H 20 -9.15 32.50 -45.76
C GLU H 20 -9.95 32.74 -44.49
N SER H 21 -11.12 32.10 -44.41
CA SER H 21 -12.11 32.44 -43.41
C SER H 21 -11.74 31.90 -42.03
N LEU H 22 -12.19 32.58 -41.00
CA LEU H 22 -12.07 32.09 -39.63
C LEU H 22 -13.43 31.85 -38.99
N GLY H 23 -14.29 32.86 -38.95
CA GLY H 23 -15.60 32.72 -38.35
C GLY H 23 -16.70 32.70 -39.40
N SER H 24 -17.93 32.86 -38.92
CA SER H 24 -19.08 32.92 -39.81
C SER H 24 -19.11 34.28 -40.51
N ARG H 25 -19.14 34.27 -41.84
CA ARG H 25 -18.95 35.49 -42.59
C ARG H 25 -20.22 35.90 -43.32
N SER H 26 -20.10 37.00 -44.07
CA SER H 26 -21.09 37.40 -45.06
C SER H 26 -20.35 38.16 -46.13
N VAL H 27 -20.49 37.72 -47.37
CA VAL H 27 -19.70 38.27 -48.46
C VAL H 27 -20.57 39.20 -49.31
N ILE H 28 -19.96 40.25 -49.82
CA ILE H 28 -20.58 41.20 -50.73
C ILE H 28 -19.72 41.29 -51.97
N TRP H 29 -20.32 41.08 -53.14
CA TRP H 29 -19.62 41.14 -54.41
C TRP H 29 -20.09 42.36 -55.19
N TYR H 30 -19.11 43.14 -55.64
CA TYR H 30 -19.29 44.30 -56.50
C TYR H 30 -18.68 44.02 -57.86
N GLN H 31 -19.10 44.80 -58.85
CA GLN H 31 -18.44 44.80 -60.14
C GLN H 31 -18.18 46.23 -60.58
N GLN H 32 -17.32 46.35 -61.59
CA GLN H 32 -16.71 47.63 -61.94
C GLN H 32 -16.53 47.64 -63.45
N ARG H 33 -17.39 48.34 -64.13
CA ARG H 33 -17.20 48.46 -65.57
C ARG H 33 -16.18 49.56 -65.86
N PRO H 34 -15.30 49.34 -66.84
CA PRO H 34 -14.12 50.22 -67.00
C PRO H 34 -14.53 51.62 -67.46
N GLY H 35 -14.13 52.62 -66.67
CA GLY H 35 -14.51 53.99 -66.90
C GLY H 35 -15.88 54.36 -66.38
N GLN H 36 -16.70 53.39 -66.00
CA GLN H 36 -18.06 53.64 -65.55
C GLN H 36 -18.10 53.59 -64.02
N ALA H 37 -19.31 53.60 -63.48
CA ALA H 37 -19.56 53.63 -62.06
C ALA H 37 -19.51 52.22 -61.48
N PRO H 38 -19.26 52.07 -60.18
CA PRO H 38 -19.41 50.77 -59.53
C PRO H 38 -20.86 50.36 -59.43
N SER H 39 -21.07 49.12 -59.01
CA SER H 39 -22.40 48.56 -58.75
C SER H 39 -22.25 47.29 -57.95
N LEU H 40 -23.30 46.97 -57.19
CA LEU H 40 -23.38 45.71 -56.48
C LEU H 40 -23.92 44.63 -57.41
N ILE H 41 -23.48 43.39 -57.17
CA ILE H 41 -24.10 42.23 -57.80
C ILE H 41 -24.61 41.24 -56.77
N ILE H 42 -23.86 41.01 -55.68
CA ILE H 42 -24.26 40.04 -54.65
C ILE H 42 -24.17 40.72 -53.31
N TYR H 43 -25.18 40.52 -52.45
CA TYR H 43 -25.18 41.19 -51.14
C TYR H 43 -25.04 40.23 -49.95
N ASN H 44 -25.63 39.06 -49.98
CA ASN H 44 -25.39 38.11 -48.89
C ASN H 44 -24.54 36.98 -49.46
N ASN H 45 -24.38 35.90 -48.69
CA ASN H 45 -23.53 34.79 -49.10
C ASN H 45 -24.08 34.09 -50.34
N ASN H 46 -25.39 33.95 -50.46
CA ASN H 46 -25.97 33.32 -51.64
C ASN H 46 -27.23 34.05 -52.06
N ASP H 47 -27.21 35.37 -52.01
CA ASP H 47 -28.40 36.17 -52.27
C ASP H 47 -28.07 37.28 -53.24
N ARG H 48 -28.81 37.36 -54.36
CA ARG H 48 -28.68 38.49 -55.25
C ARG H 48 -29.95 39.33 -55.23
N PRO H 49 -29.83 40.67 -55.35
CA PRO H 49 -31.02 41.52 -55.22
C PRO H 49 -31.85 41.56 -56.50
N SER H 50 -32.84 42.44 -56.54
CA SER H 50 -33.72 42.52 -57.69
C SER H 50 -33.04 43.24 -58.85
N GLY H 51 -33.42 42.84 -60.07
CA GLY H 51 -32.97 43.50 -61.27
C GLY H 51 -31.69 42.94 -61.86
N ILE H 52 -30.79 42.44 -61.02
CA ILE H 52 -29.51 41.87 -61.43
C ILE H 52 -29.84 40.58 -62.18
N PRO H 53 -29.07 40.19 -63.22
CA PRO H 53 -29.41 38.95 -63.93
C PRO H 53 -29.13 37.69 -63.13
N ASP H 54 -29.42 36.56 -63.76
CA ASP H 54 -29.26 35.25 -63.12
C ASP H 54 -27.80 34.80 -63.20
N ARG H 55 -27.58 33.53 -62.86
CA ARG H 55 -26.35 32.77 -63.05
C ARG H 55 -25.18 33.28 -62.21
N PHE H 56 -25.43 34.19 -61.27
CA PHE H 56 -24.43 34.59 -60.28
C PHE H 56 -24.74 33.85 -58.99
N SER H 57 -24.01 32.77 -58.73
CA SER H 57 -24.24 31.93 -57.56
C SER H 57 -23.13 32.16 -56.55
N GLY H 58 -23.51 32.23 -55.27
CA GLY H 58 -22.57 32.52 -54.21
C GLY H 58 -22.39 31.34 -53.28
N SER H 59 -21.24 31.29 -52.63
CA SER H 59 -20.91 30.20 -51.71
C SER H 59 -21.55 30.45 -50.35
N PRO H 60 -22.04 29.40 -49.68
CA PRO H 60 -22.58 29.58 -48.33
C PRO H 60 -21.47 29.88 -47.33
N GLY H 61 -21.84 30.64 -46.29
CA GLY H 61 -20.89 31.19 -45.36
C GLY H 61 -20.64 30.39 -44.10
N SER H 62 -21.08 29.15 -44.04
CA SER H 62 -20.80 28.31 -42.88
C SER H 62 -19.49 27.53 -43.02
N THR H 63 -18.83 27.62 -44.17
CA THR H 63 -17.59 26.87 -44.39
C THR H 63 -16.42 27.65 -43.77
N PHE H 64 -15.59 26.95 -43.01
CA PHE H 64 -14.59 27.59 -42.16
C PHE H 64 -13.21 27.28 -42.70
N GLY H 65 -12.50 28.32 -43.13
CA GLY H 65 -11.16 28.13 -43.67
C GLY H 65 -11.10 28.04 -45.17
N THR H 66 -11.95 28.79 -45.87
CA THR H 66 -11.93 28.86 -47.31
C THR H 66 -11.92 30.30 -47.76
N THR H 67 -11.83 30.49 -49.08
CA THR H 67 -11.75 31.80 -49.71
C THR H 67 -13.07 32.06 -50.43
N ALA H 68 -13.44 33.34 -50.54
CA ALA H 68 -14.75 33.70 -51.07
C ALA H 68 -14.82 33.42 -52.57
N THR H 69 -15.74 32.56 -52.97
CA THR H 69 -15.89 32.19 -54.37
C THR H 69 -17.16 32.81 -54.94
N LEU H 70 -17.22 32.82 -56.28
CA LEU H 70 -18.36 33.38 -56.99
C LEU H 70 -18.47 32.65 -58.33
N THR H 71 -19.58 31.96 -58.55
CA THR H 71 -19.76 31.08 -59.69
C THR H 71 -20.63 31.75 -60.74
N ILE H 72 -20.11 31.88 -61.96
CA ILE H 72 -20.85 32.42 -63.10
C ILE H 72 -20.91 31.33 -64.17
N THR H 73 -22.06 31.18 -64.79
CA THR H 73 -22.18 30.39 -65.99
C THR H 73 -22.64 31.29 -67.13
N SER H 74 -22.24 30.90 -68.35
CA SER H 74 -22.70 31.51 -69.61
C SER H 74 -22.36 33.00 -69.67
N VAL H 75 -21.07 33.28 -69.74
CA VAL H 75 -20.57 34.65 -69.80
C VAL H 75 -20.82 35.25 -71.18
N GLU H 76 -20.61 36.55 -71.30
CA GLU H 76 -20.86 37.28 -72.53
C GLU H 76 -19.88 38.43 -72.64
N ALA H 77 -20.00 39.20 -73.72
CA ALA H 77 -19.12 40.35 -73.92
C ALA H 77 -19.48 41.49 -73.00
N GLY H 78 -20.76 41.63 -72.63
CA GLY H 78 -21.18 42.70 -71.76
C GLY H 78 -20.71 42.55 -70.33
N ASP H 79 -20.34 41.33 -69.92
CA ASP H 79 -19.89 41.06 -68.57
C ASP H 79 -18.41 41.35 -68.36
N GLU H 80 -17.77 42.07 -69.28
CA GLU H 80 -16.38 42.51 -69.12
C GLU H 80 -16.33 43.60 -68.05
N ALA H 81 -15.92 43.21 -66.84
CA ALA H 81 -15.86 44.13 -65.72
C ALA H 81 -14.96 43.53 -64.65
N ASP H 82 -14.34 44.40 -63.87
CA ASP H 82 -13.58 43.94 -62.72
C ASP H 82 -14.55 43.54 -61.62
N TYR H 83 -14.10 42.65 -60.75
CA TYR H 83 -14.89 42.22 -59.61
C TYR H 83 -14.19 42.58 -58.32
N TYR H 84 -14.97 42.73 -57.25
CA TYR H 84 -14.43 43.00 -55.94
C TYR H 84 -15.23 42.27 -54.88
N CYS H 85 -14.53 41.52 -54.04
CA CYS H 85 -15.16 40.88 -52.90
C CYS H 85 -15.05 41.78 -51.68
N HIS H 86 -15.90 41.51 -50.69
CA HIS H 86 -15.87 42.24 -49.44
C HIS H 86 -16.41 41.32 -48.36
N ILE H 87 -15.54 40.86 -47.48
CA ILE H 87 -15.92 39.89 -46.47
C ILE H 87 -16.19 40.61 -45.17
N TRP H 88 -17.04 39.99 -44.34
CA TRP H 88 -17.40 40.48 -43.02
C TRP H 88 -17.21 39.31 -42.08
N ASP H 89 -15.99 39.14 -41.59
CA ASP H 89 -15.69 38.03 -40.71
C ASP H 89 -16.13 38.40 -39.30
N SER H 90 -16.85 37.49 -38.65
CA SER H 90 -17.34 37.72 -37.29
C SER H 90 -16.27 37.51 -36.24
N ARG H 91 -15.04 37.23 -36.63
CA ARG H 91 -13.94 37.13 -35.68
C ARG H 91 -12.90 38.22 -35.91
N ARG H 92 -12.47 38.43 -37.14
CA ARG H 92 -11.55 39.49 -37.47
C ARG H 92 -12.22 40.85 -37.34
N PRO H 93 -11.45 41.95 -37.20
CA PRO H 93 -12.09 43.27 -37.09
C PRO H 93 -12.68 43.80 -38.39
N THR H 94 -13.11 45.06 -38.35
CA THR H 94 -13.82 45.68 -39.47
C THR H 94 -12.89 45.90 -40.67
N ASN H 95 -13.30 45.41 -41.83
CA ASN H 95 -12.51 45.58 -43.05
C ASN H 95 -12.72 46.99 -43.58
N TRP H 96 -11.63 47.72 -43.78
CA TRP H 96 -11.71 49.07 -44.33
C TRP H 96 -11.12 49.15 -45.74
N VAL H 97 -10.99 48.02 -46.41
CA VAL H 97 -10.56 47.97 -47.79
C VAL H 97 -11.19 46.74 -48.41
N PHE H 98 -11.43 46.79 -49.72
CA PHE H 98 -12.05 45.67 -50.39
C PHE H 98 -11.00 44.63 -50.74
N GLY H 99 -11.39 43.63 -51.53
CA GLY H 99 -10.48 42.57 -51.91
C GLY H 99 -9.51 43.00 -52.99
N GLU H 100 -8.98 42.02 -53.69
CA GLU H 100 -8.05 42.28 -54.79
C GLU H 100 -8.77 42.10 -56.12
N GLY H 101 -8.42 42.95 -57.07
CA GLY H 101 -9.19 43.06 -58.30
C GLY H 101 -9.02 41.84 -59.19
N THR H 102 -10.14 41.25 -59.59
CA THR H 102 -10.17 40.11 -60.50
C THR H 102 -10.84 40.55 -61.78
N THR H 103 -10.04 40.80 -62.81
CA THR H 103 -10.56 41.21 -64.11
C THR H 103 -11.28 40.04 -64.77
N LEU H 104 -12.29 40.36 -65.59
CA LEU H 104 -13.02 39.34 -66.32
C LEU H 104 -13.00 39.68 -67.80
N ILE H 105 -12.44 38.78 -68.60
CA ILE H 105 -12.38 38.93 -70.05
C ILE H 105 -12.92 37.68 -70.70
N VAL H 106 -13.70 37.87 -71.76
CA VAL H 106 -14.40 36.79 -72.44
C VAL H 106 -13.64 36.43 -73.71
N LEU H 107 -13.68 35.16 -74.09
CA LEU H 107 -13.16 34.72 -75.38
C LEU H 107 -14.23 34.81 -76.45
N GLN I 1 -7.44 24.52 22.94
CA GLN I 1 -8.15 25.73 23.30
C GLN I 1 -8.77 26.36 22.07
N VAL I 2 -9.63 27.35 22.27
CA VAL I 2 -10.25 28.08 21.19
C VAL I 2 -10.03 29.55 21.46
N GLN I 3 -9.30 30.22 20.59
CA GLN I 3 -8.97 31.61 20.79
C GLN I 3 -9.54 32.45 19.67
N LEU I 4 -10.10 33.60 20.07
CA LEU I 4 -10.75 34.54 19.17
C LEU I 4 -10.20 35.92 19.48
N VAL I 5 -9.44 36.49 18.56
CA VAL I 5 -8.82 37.79 18.76
C VAL I 5 -9.43 38.77 17.77
N GLN I 6 -9.95 39.87 18.25
CA GLN I 6 -10.49 40.88 17.35
C GLN I 6 -9.45 41.97 17.12
N SER I 7 -9.87 43.04 16.47
CA SER I 7 -9.04 44.23 16.34
C SER I 7 -9.42 45.23 17.43
N GLY I 8 -8.90 46.45 17.32
CA GLY I 8 -9.15 47.48 18.31
C GLY I 8 -10.28 48.42 17.91
N ALA I 9 -10.68 49.25 18.87
CA ALA I 9 -11.80 50.17 18.72
C ALA I 9 -11.46 51.27 17.73
N VAL I 10 -12.50 51.94 17.22
CA VAL I 10 -12.24 52.90 16.15
C VAL I 10 -13.27 54.02 16.15
N ILE I 11 -12.74 55.24 15.98
CA ILE I 11 -13.50 56.42 15.58
C ILE I 11 -13.71 56.37 14.08
N LYS I 12 -14.94 56.55 13.62
CA LYS I 12 -15.19 56.68 12.20
C LYS I 12 -16.12 57.85 11.92
N THR I 13 -15.87 58.53 10.80
CA THR I 13 -16.75 59.58 10.34
C THR I 13 -18.05 58.96 9.81
N PRO I 14 -19.15 59.70 9.83
CA PRO I 14 -20.40 59.15 9.29
C PRO I 14 -20.34 58.94 7.79
N GLY I 15 -21.01 57.88 7.35
CA GLY I 15 -21.07 57.54 5.95
C GLY I 15 -19.88 56.77 5.41
N SER I 16 -19.01 56.28 6.28
CA SER I 16 -17.82 55.55 5.87
C SER I 16 -18.08 54.05 5.90
N SER I 17 -17.02 53.28 5.71
CA SER I 17 -17.07 51.83 5.79
C SER I 17 -16.01 51.38 6.77
N VAL I 18 -16.35 50.41 7.61
CA VAL I 18 -15.43 49.94 8.64
C VAL I 18 -15.14 48.46 8.41
N LYS I 19 -13.89 48.08 8.59
CA LYS I 19 -13.48 46.68 8.49
C LYS I 19 -13.07 46.19 9.87
N ILE I 20 -13.58 45.02 10.25
CA ILE I 20 -13.29 44.41 11.53
C ILE I 20 -12.87 42.97 11.29
N SER I 21 -11.67 42.61 11.72
CA SER I 21 -11.10 41.30 11.45
C SER I 21 -11.09 40.47 12.72
N CYS I 22 -11.89 39.41 12.73
CA CYS I 22 -11.88 38.43 13.81
C CYS I 22 -10.98 37.27 13.40
N ARG I 23 -9.95 37.00 14.18
CA ARG I 23 -9.02 35.93 13.90
C ARG I 23 -9.27 34.78 14.85
N ALA I 24 -9.28 33.56 14.32
CA ALA I 24 -9.60 32.39 15.11
C ALA I 24 -8.46 31.40 15.01
N SER I 25 -8.15 30.76 16.13
CA SER I 25 -7.07 29.79 16.15
C SER I 25 -7.32 28.78 17.25
N GLY I 26 -6.74 27.61 17.08
CA GLY I 26 -6.87 26.53 18.02
C GLY I 26 -7.82 25.43 17.62
N TYR I 27 -8.43 25.52 16.45
CA TYR I 27 -9.30 24.47 15.98
C TYR I 27 -9.22 24.41 14.46
N ASN I 28 -9.79 23.36 13.91
CA ASN I 28 -9.84 23.22 12.46
C ASN I 28 -10.86 24.21 11.93
N PHE I 29 -10.38 25.28 11.29
CA PHE I 29 -11.23 26.41 10.96
C PHE I 29 -12.23 26.09 9.85
N ARG I 30 -11.95 25.12 9.02
CA ARG I 30 -12.88 24.78 7.94
C ARG I 30 -14.12 24.08 8.39
N ASP I 31 -14.54 23.99 9.64
CA ASP I 31 -15.67 23.14 9.98
C ASP I 31 -16.83 23.87 10.62
N TYR I 32 -16.57 24.98 11.29
CA TYR I 32 -17.54 25.59 12.18
C TYR I 32 -17.98 26.94 11.66
N SER I 33 -19.16 27.34 12.08
CA SER I 33 -19.67 28.64 11.67
C SER I 33 -18.97 29.75 12.45
N ILE I 34 -19.08 30.95 11.93
CA ILE I 34 -18.64 32.15 12.63
C ILE I 34 -19.78 33.13 12.58
N HIS I 35 -20.27 33.54 13.75
CA HIS I 35 -21.41 34.44 13.77
C HIS I 35 -20.94 35.80 14.23
N TRP I 36 -21.68 36.81 13.81
CA TRP I 36 -21.45 38.19 14.20
C TRP I 36 -22.68 38.74 14.87
N VAL I 37 -22.48 39.32 16.06
CA VAL I 37 -23.56 39.85 16.88
C VAL I 37 -23.07 41.18 17.43
N ARG I 38 -24.01 42.03 17.83
CA ARG I 38 -23.69 43.36 18.29
C ARG I 38 -24.40 43.64 19.59
N LEU I 39 -23.81 44.50 20.41
CA LEU I 39 -24.43 45.04 21.61
C LEU I 39 -24.54 46.55 21.44
N ILE I 40 -25.76 47.02 21.30
CA ILE I 40 -26.06 48.44 21.31
C ILE I 40 -26.49 48.77 22.73
N PRO I 41 -26.05 49.89 23.31
CA PRO I 41 -26.56 50.30 24.62
C PRO I 41 -28.05 50.63 24.56
N ASP I 42 -28.78 50.13 25.57
CA ASP I 42 -30.23 50.31 25.74
C ASP I 42 -31.02 49.75 24.57
N LYS I 43 -30.54 48.65 24.01
CA LYS I 43 -31.29 47.90 23.00
C LYS I 43 -31.27 46.40 23.23
N GLY I 44 -30.40 45.89 24.09
CA GLY I 44 -30.14 44.47 24.13
C GLY I 44 -29.25 44.07 22.97
N PHE I 45 -29.01 42.77 22.87
CA PHE I 45 -28.25 42.24 21.74
C PHE I 45 -29.04 42.33 20.46
N GLU I 46 -28.32 42.22 19.35
CA GLU I 46 -28.93 42.19 18.02
C GLU I 46 -28.07 41.30 17.14
N TRP I 47 -28.68 40.27 16.58
CA TRP I 47 -27.94 39.38 15.69
C TRP I 47 -27.65 40.09 14.38
N ILE I 48 -26.51 39.77 13.79
CA ILE I 48 -26.21 40.31 12.47
C ILE I 48 -26.17 39.17 11.47
N GLY I 49 -25.28 38.20 11.65
CA GLY I 49 -25.22 37.24 10.55
C GLY I 49 -24.29 36.09 10.84
N TRP I 50 -24.18 35.20 9.87
CA TRP I 50 -23.23 34.10 9.99
C TRP I 50 -22.52 33.85 8.69
N ILE I 51 -21.42 33.10 8.81
CA ILE I 51 -20.57 32.74 7.69
C ILE I 51 -20.06 31.32 7.93
N LYS I 52 -20.00 30.54 6.84
CA LYS I 52 -19.39 29.22 6.86
C LYS I 52 -18.15 29.26 5.99
N PRO I 53 -16.95 29.05 6.54
CA PRO I 53 -15.73 29.33 5.79
C PRO I 53 -15.38 28.28 4.75
N LEU I 54 -16.13 27.18 4.69
CA LEU I 54 -15.81 26.09 3.76
C LEU I 54 -16.02 26.53 2.32
N TRP I 55 -17.05 27.33 2.07
CA TRP I 55 -17.23 27.91 0.76
C TRP I 55 -17.55 29.40 0.82
N GLY I 56 -17.54 30.00 2.00
CA GLY I 56 -17.90 31.38 2.08
C GLY I 56 -19.37 31.64 2.02
N ALA I 57 -20.20 30.65 2.34
CA ALA I 57 -21.63 30.87 2.34
C ALA I 57 -22.02 31.77 3.49
N VAL I 58 -22.73 32.85 3.19
CA VAL I 58 -23.05 33.85 4.18
C VAL I 58 -24.56 33.86 4.40
N SER I 59 -24.96 34.53 5.47
CA SER I 59 -26.36 34.93 5.62
C SER I 59 -26.42 36.14 6.51
N TYR I 60 -27.32 37.06 6.15
CA TYR I 60 -27.41 38.37 6.76
C TYR I 60 -28.77 38.48 7.43
N ALA I 61 -28.89 39.42 8.35
CA ALA I 61 -30.22 39.76 8.83
C ALA I 61 -30.94 40.57 7.76
N ARG I 62 -32.28 40.62 7.87
CA ARG I 62 -33.07 41.25 6.82
C ARG I 62 -32.90 42.75 6.82
N GLN I 63 -32.94 43.38 8.00
CA GLN I 63 -32.95 44.82 8.11
C GLN I 63 -31.57 45.46 7.97
N LEU I 64 -30.57 44.72 7.48
CA LEU I 64 -29.26 45.28 7.20
C LEU I 64 -28.73 44.89 5.83
N GLN I 65 -29.55 44.30 4.97
CA GLN I 65 -29.07 43.85 3.68
C GLN I 65 -28.75 45.04 2.78
N GLY I 66 -27.76 44.85 1.91
CA GLY I 66 -27.20 45.91 1.13
C GLY I 66 -26.17 46.76 1.85
N ARG I 67 -25.97 46.53 3.15
CA ARG I 67 -25.02 47.32 3.92
C ARG I 67 -23.85 46.54 4.47
N VAL I 68 -23.95 45.23 4.60
CA VAL I 68 -22.92 44.45 5.28
C VAL I 68 -22.30 43.49 4.27
N SER I 69 -21.02 43.20 4.46
CA SER I 69 -20.32 42.22 3.64
C SER I 69 -19.40 41.40 4.52
N MET I 70 -19.27 40.13 4.18
CA MET I 70 -18.48 39.21 4.98
C MET I 70 -17.52 38.47 4.07
N THR I 71 -16.25 38.44 4.43
CA THR I 71 -15.30 37.62 3.69
C THR I 71 -14.54 36.75 4.68
N ARG I 72 -13.84 35.75 4.15
CA ARG I 72 -13.00 34.92 4.98
C ARG I 72 -11.71 34.62 4.24
N GLN I 73 -10.70 34.24 5.00
CA GLN I 73 -9.44 33.78 4.46
C GLN I 73 -9.01 32.55 5.25
N LEU I 74 -8.79 31.47 4.53
CA LEU I 74 -8.40 30.20 5.10
C LEU I 74 -6.89 30.15 5.24
N SER I 75 -6.41 29.08 5.83
CA SER I 75 -4.99 28.77 5.88
C SER I 75 -4.71 27.77 4.78
N GLN I 76 -3.92 28.16 3.79
CA GLN I 76 -3.57 27.26 2.69
C GLN I 76 -2.10 26.89 2.83
N ASP I 77 -1.86 25.89 3.67
CA ASP I 77 -0.55 25.27 3.85
C ASP I 77 -0.78 23.91 4.46
N PRO I 78 0.11 22.94 4.21
CA PRO I 78 -0.07 21.62 4.82
C PRO I 78 0.41 21.54 6.26
N ASP I 79 0.81 22.65 6.87
CA ASP I 79 1.41 22.61 8.20
C ASP I 79 0.54 23.25 9.27
N ASP I 80 0.02 24.46 9.05
CA ASP I 80 -0.78 25.17 10.04
C ASP I 80 -2.15 25.47 9.47
N PRO I 81 -3.05 24.49 9.43
CA PRO I 81 -4.37 24.73 8.85
C PRO I 81 -5.35 25.41 9.80
N ASP I 82 -4.96 25.59 11.06
CA ASP I 82 -5.92 25.93 12.09
C ASP I 82 -6.37 27.38 12.04
N TRP I 83 -5.46 28.31 11.75
CA TRP I 83 -5.78 29.71 11.88
C TRP I 83 -6.63 30.18 10.72
N GLY I 84 -7.62 31.01 11.01
CA GLY I 84 -8.50 31.54 9.99
C GLY I 84 -8.87 32.97 10.31
N VAL I 85 -9.18 33.73 9.26
CA VAL I 85 -9.48 35.14 9.40
C VAL I 85 -10.86 35.40 8.82
N ALA I 86 -11.69 36.17 9.53
CA ALA I 86 -12.96 36.62 9.00
C ALA I 86 -12.97 38.14 8.99
N TYR I 87 -13.36 38.74 7.87
CA TYR I 87 -13.46 40.18 7.78
C TYR I 87 -14.92 40.57 7.66
N MET I 88 -15.31 41.60 8.40
CA MET I 88 -16.61 42.25 8.23
C MET I 88 -16.37 43.63 7.66
N GLU I 89 -17.02 43.93 6.55
CA GLU I 89 -17.07 45.28 6.02
C GLU I 89 -18.47 45.80 6.26
N PHE I 90 -18.57 46.95 6.90
CA PHE I 90 -19.85 47.48 7.35
C PHE I 90 -19.93 48.91 6.83
N SER I 91 -20.80 49.12 5.85
CA SER I 91 -20.92 50.38 5.13
C SER I 91 -22.21 51.08 5.50
N GLY I 92 -22.29 52.36 5.15
CA GLY I 92 -23.46 53.16 5.44
C GLY I 92 -23.57 53.48 6.92
N LEU I 93 -22.56 54.17 7.44
CA LEU I 93 -22.52 54.46 8.86
C LEU I 93 -23.52 55.54 9.25
N THR I 94 -24.16 55.34 10.38
CA THR I 94 -25.03 56.31 11.03
C THR I 94 -24.53 56.47 12.46
N PRO I 95 -24.85 57.58 13.12
CA PRO I 95 -24.50 57.72 14.54
C PRO I 95 -25.27 56.79 15.46
N ALA I 96 -26.33 56.13 14.98
CA ALA I 96 -26.96 55.09 15.78
C ALA I 96 -26.14 53.82 15.81
N ASP I 97 -25.20 53.65 14.87
CA ASP I 97 -24.41 52.42 14.79
C ASP I 97 -23.25 52.38 15.76
N THR I 98 -23.07 53.40 16.60
CA THR I 98 -22.07 53.36 17.66
C THR I 98 -22.46 52.30 18.67
N ALA I 99 -21.65 51.24 18.76
CA ALA I 99 -21.99 50.07 19.56
C ALA I 99 -20.71 49.28 19.82
N GLU I 100 -20.87 48.04 20.28
CA GLU I 100 -19.73 47.16 20.44
C GLU I 100 -20.02 45.81 19.79
N TYR I 101 -19.08 45.33 18.98
CA TYR I 101 -19.33 44.22 18.07
C TYR I 101 -18.56 42.98 18.54
N PHE I 102 -19.12 41.81 18.27
CA PHE I 102 -18.60 40.55 18.77
C PHE I 102 -18.62 39.49 17.67
N CYS I 103 -17.53 38.74 17.57
CA CYS I 103 -17.50 37.51 16.78
C CYS I 103 -17.60 36.33 17.72
N VAL I 104 -18.46 35.37 17.39
CA VAL I 104 -18.71 34.24 18.27
C VAL I 104 -18.65 32.94 17.48
N ARG I 105 -18.41 31.86 18.21
CA ARG I 105 -18.29 30.53 17.62
C ARG I 105 -19.34 29.61 18.24
N ARG I 106 -19.83 28.66 17.45
CA ARG I 106 -20.75 27.65 17.92
C ARG I 106 -20.12 26.80 19.02
N GLY I 107 -20.96 26.35 19.94
CA GLY I 107 -20.48 25.46 20.99
C GLY I 107 -19.99 24.14 20.45
N SER I 108 -19.00 23.58 21.14
CA SER I 108 -18.20 22.50 20.58
C SER I 108 -18.86 21.13 20.64
N CYS I 109 -19.83 20.92 21.53
CA CYS I 109 -20.39 19.59 21.70
C CYS I 109 -21.29 19.27 20.52
N ASP I 110 -21.52 17.97 20.29
CA ASP I 110 -22.35 17.54 19.18
C ASP I 110 -23.83 17.76 19.43
N TYR I 111 -24.27 17.71 20.70
CA TYR I 111 -25.66 18.00 20.98
C TYR I 111 -25.93 19.50 21.01
N CYS I 112 -24.87 20.31 21.14
CA CYS I 112 -25.00 21.76 21.09
C CYS I 112 -25.54 22.20 19.73
N GLY I 113 -26.55 23.06 19.75
CA GLY I 113 -27.19 23.52 18.54
C GLY I 113 -26.32 24.49 17.76
N ASP I 114 -26.95 25.08 16.74
CA ASP I 114 -26.23 25.98 15.86
C ASP I 114 -26.00 27.34 16.47
N PHE I 115 -26.98 27.86 17.19
CA PHE I 115 -26.90 29.18 17.79
C PHE I 115 -26.22 29.36 19.16
N PRO I 116 -26.41 28.51 20.18
CA PRO I 116 -25.87 28.86 21.51
C PRO I 116 -24.35 28.87 21.52
N TRP I 117 -23.79 30.04 21.75
CA TRP I 117 -22.38 30.26 21.53
C TRP I 117 -21.56 29.95 22.78
N GLN I 118 -20.38 29.40 22.56
CA GLN I 118 -19.45 29.16 23.64
C GLN I 118 -18.35 30.21 23.67
N TYR I 119 -17.68 30.43 22.56
CA TYR I 119 -16.48 31.25 22.52
C TYR I 119 -16.78 32.60 21.91
N TRP I 120 -16.11 33.61 22.43
CA TRP I 120 -16.45 35.01 22.21
C TRP I 120 -15.17 35.81 22.00
N CYS I 121 -15.19 36.73 21.05
CA CYS I 121 -14.09 37.66 20.91
C CYS I 121 -14.18 38.71 22.02
N GLN I 122 -13.14 39.55 22.11
CA GLN I 122 -13.11 40.50 23.21
C GLN I 122 -14.01 41.72 22.98
N GLY I 123 -14.63 41.85 21.81
CA GLY I 123 -15.54 42.95 21.60
C GLY I 123 -14.83 44.19 21.14
N THR I 124 -15.42 44.90 20.18
CA THR I 124 -14.76 46.03 19.56
C THR I 124 -15.70 47.23 19.55
N VAL I 125 -15.24 48.36 20.06
CA VAL I 125 -16.08 49.54 20.12
C VAL I 125 -15.99 50.27 18.80
N VAL I 126 -17.14 50.57 18.21
CA VAL I 126 -17.21 51.38 17.01
C VAL I 126 -17.99 52.63 17.36
N VAL I 127 -17.36 53.78 17.18
CA VAL I 127 -17.96 55.04 17.60
C VAL I 127 -17.92 56.03 16.45
N VAL I 128 -19.08 56.57 16.13
CA VAL I 128 -19.29 57.43 14.96
C VAL I 128 -19.21 58.87 15.42
N SER I 129 -18.43 59.67 14.70
CA SER I 129 -18.31 61.11 14.98
C SER I 129 -19.61 61.86 14.73
N GLU J 1 -43.32 38.02 14.98
CA GLU J 1 -42.22 37.05 14.97
C GLU J 1 -42.27 36.20 16.23
N ILE J 2 -41.16 36.18 16.96
CA ILE J 2 -41.13 35.63 18.31
C ILE J 2 -40.60 36.73 19.21
N VAL J 3 -41.37 37.07 20.23
CA VAL J 3 -41.03 38.17 21.12
C VAL J 3 -40.71 37.60 22.48
N LEU J 4 -39.60 38.03 23.06
CA LEU J 4 -39.14 37.54 24.34
C LEU J 4 -39.28 38.62 25.40
N THR J 5 -39.71 38.21 26.59
CA THR J 5 -40.08 39.14 27.66
C THR J 5 -39.62 38.53 28.97
N GLN J 6 -38.57 39.10 29.56
CA GLN J 6 -38.15 38.66 30.89
C GLN J 6 -39.11 39.13 31.96
N SER J 7 -39.05 38.44 33.10
CA SER J 7 -39.80 38.72 34.30
C SER J 7 -39.01 38.14 35.45
N PRO J 8 -38.98 38.83 36.61
CA PRO J 8 -39.61 40.09 36.98
C PRO J 8 -38.95 41.31 36.38
N GLY J 9 -37.84 41.10 35.68
CA GLY J 9 -37.15 42.21 35.06
C GLY J 9 -36.05 42.68 35.98
N ILE J 10 -36.02 43.98 36.26
CA ILE J 10 -35.07 44.51 37.24
C ILE J 10 -35.53 44.12 38.63
N LEU J 11 -34.70 43.36 39.33
CA LEU J 11 -35.02 42.79 40.63
C LEU J 11 -34.01 43.33 41.64
N SER J 12 -34.33 43.17 42.93
CA SER J 12 -33.48 43.66 44.01
C SER J 12 -33.47 42.62 45.12
N LEU J 13 -32.39 41.85 45.23
CA LEU J 13 -32.27 40.84 46.27
C LEU J 13 -30.91 40.90 46.94
N SER J 14 -30.91 40.64 48.24
CA SER J 14 -29.71 40.66 49.06
C SER J 14 -28.85 39.43 48.76
N PRO J 15 -27.57 39.43 49.16
CA PRO J 15 -26.76 38.22 49.04
C PRO J 15 -27.24 37.12 49.96
N GLY J 16 -27.17 35.89 49.47
CA GLY J 16 -27.56 34.71 50.20
C GLY J 16 -28.90 34.13 49.81
N GLU J 17 -29.82 34.94 49.28
CA GLU J 17 -31.17 34.51 48.99
C GLU J 17 -31.29 34.02 47.55
N THR J 18 -31.64 32.75 47.40
CA THR J 18 -31.81 32.13 46.09
C THR J 18 -32.96 32.78 45.33
N ALA J 19 -32.91 32.69 44.00
CA ALA J 19 -33.83 33.47 43.18
C ALA J 19 -34.23 32.68 41.94
N THR J 20 -35.16 33.24 41.18
CA THR J 20 -35.74 32.57 40.02
C THR J 20 -36.18 33.63 39.01
N LEU J 21 -35.76 33.46 37.77
CA LEU J 21 -36.16 34.30 36.66
C LEU J 21 -37.03 33.51 35.70
N PHE J 22 -37.71 34.25 34.82
CA PHE J 22 -38.72 33.66 33.96
C PHE J 22 -38.90 34.55 32.75
N CYS J 23 -38.51 34.08 31.56
CA CYS J 23 -38.75 34.86 30.35
C CYS J 23 -39.65 34.08 29.43
N LYS J 24 -40.70 34.74 28.97
CA LYS J 24 -41.82 34.11 28.31
C LYS J 24 -41.66 34.17 26.80
N ALA J 25 -41.89 33.04 26.12
CA ALA J 25 -41.78 32.94 24.68
C ALA J 25 -43.17 33.05 24.07
N SER J 26 -43.26 33.74 22.93
CA SER J 26 -44.55 33.87 22.26
C SER J 26 -44.95 32.56 21.60
N GLN J 27 -44.01 31.86 20.98
CA GLN J 27 -44.28 30.64 20.24
C GLN J 27 -43.62 29.45 20.93
N GLY J 28 -44.40 28.41 21.17
CA GLY J 28 -43.90 27.26 21.89
C GLY J 28 -43.11 26.31 21.01
N GLY J 29 -42.67 25.23 21.63
CA GLY J 29 -41.98 24.16 20.95
C GLY J 29 -40.50 24.39 20.74
N ASN J 30 -39.99 25.53 21.16
CA ASN J 30 -38.59 25.89 20.97
C ASN J 30 -38.01 26.24 22.32
N ALA J 31 -36.83 25.71 22.63
CA ALA J 31 -36.30 25.78 23.98
C ALA J 31 -35.06 26.67 24.04
N MET J 32 -34.98 27.46 25.12
CA MET J 32 -34.06 28.59 25.22
C MET J 32 -32.75 28.24 25.89
N THR J 33 -31.84 29.21 25.87
CA THR J 33 -30.56 29.18 26.56
C THR J 33 -30.38 30.49 27.31
N TRP J 34 -29.31 30.62 28.09
CA TRP J 34 -29.14 31.81 28.91
C TRP J 34 -27.72 32.33 28.86
N TYR J 35 -27.55 33.59 29.27
CA TYR J 35 -26.27 34.26 29.24
C TYR J 35 -26.13 35.15 30.46
N GLN J 36 -24.89 35.34 30.90
CA GLN J 36 -24.59 36.11 32.09
C GLN J 36 -23.48 37.10 31.75
N LYS J 37 -23.84 38.37 31.62
CA LYS J 37 -22.88 39.42 31.30
C LYS J 37 -22.53 40.19 32.56
N ARG J 38 -21.24 40.22 32.87
CA ARG J 38 -20.72 40.95 34.02
C ARG J 38 -20.62 42.43 33.74
N ARG J 39 -20.08 43.15 34.71
CA ARG J 39 -19.90 44.60 34.60
C ARG J 39 -18.77 44.88 33.62
N GLY J 40 -19.13 45.23 32.39
CA GLY J 40 -18.17 45.62 31.38
C GLY J 40 -17.23 44.52 30.94
N GLN J 41 -17.70 43.28 30.88
CA GLN J 41 -16.85 42.18 30.48
C GLN J 41 -17.52 41.33 29.41
N VAL J 42 -16.77 40.37 28.92
CA VAL J 42 -17.22 39.47 27.85
C VAL J 42 -18.32 38.56 28.38
N PRO J 43 -19.43 38.44 27.67
CA PRO J 43 -20.50 37.55 28.14
C PRO J 43 -20.09 36.09 28.07
N ARG J 44 -20.90 35.27 28.70
CA ARG J 44 -20.50 33.91 29.04
C ARG J 44 -21.76 33.07 29.09
N LEU J 45 -21.88 32.12 28.18
CA LEU J 45 -23.01 31.20 28.25
C LEU J 45 -22.81 30.28 29.43
N LEU J 46 -23.86 30.12 30.22
CA LEU J 46 -23.82 29.29 31.40
C LEU J 46 -24.77 28.12 31.36
N ILE J 47 -25.81 28.17 30.55
CA ILE J 47 -26.72 27.03 30.40
C ILE J 47 -27.30 27.03 29.00
N TYR J 48 -27.13 25.91 28.31
CA TYR J 48 -27.59 25.78 26.94
C TYR J 48 -28.72 24.77 26.83
N ASP J 49 -29.71 25.18 26.06
CA ASP J 49 -30.77 24.46 25.38
C ASP J 49 -31.94 23.96 26.23
N THR J 50 -31.76 23.51 27.47
CA THR J 50 -32.80 23.68 28.49
C THR J 50 -32.16 23.71 29.86
N SER J 51 -31.35 22.71 30.10
CA SER J 51 -30.80 22.43 31.42
C SER J 51 -29.38 21.91 31.35
N ARG J 52 -28.80 21.79 30.18
CA ARG J 52 -27.42 21.38 30.06
C ARG J 52 -26.56 22.62 30.29
N ARG J 53 -25.85 22.64 31.41
CA ARG J 53 -24.95 23.75 31.65
C ARG J 53 -23.68 23.54 30.86
N ALA J 54 -23.04 24.64 30.50
CA ALA J 54 -21.87 24.58 29.62
C ALA J 54 -20.64 24.17 30.42
N SER J 55 -19.50 24.16 29.73
CA SER J 55 -18.24 23.82 30.39
C SER J 55 -17.80 24.96 31.30
N GLY J 56 -17.19 24.59 32.42
CA GLY J 56 -16.78 25.58 33.40
C GLY J 56 -17.91 26.26 34.11
N VAL J 57 -19.01 25.53 34.35
CA VAL J 57 -20.19 26.12 34.98
C VAL J 57 -20.52 25.32 36.24
N PRO J 58 -20.65 25.97 37.40
CA PRO J 58 -21.08 25.26 38.60
C PRO J 58 -22.56 24.91 38.50
N ASP J 59 -22.93 23.88 39.25
CA ASP J 59 -24.25 23.27 39.13
C ASP J 59 -25.33 23.99 39.93
N ARG J 60 -25.02 25.11 40.57
CA ARG J 60 -26.03 25.83 41.33
C ARG J 60 -26.95 26.69 40.47
N PHE J 61 -26.80 26.64 39.15
CA PHE J 61 -27.80 27.15 38.23
C PHE J 61 -28.60 25.96 37.71
N VAL J 62 -29.92 26.03 37.84
CA VAL J 62 -30.79 24.99 37.30
C VAL J 62 -31.85 25.66 36.44
N GLY J 63 -31.93 25.27 35.17
CA GLY J 63 -32.93 25.79 34.27
C GLY J 63 -33.91 24.69 33.94
N SER J 64 -35.16 25.10 33.67
CA SER J 64 -36.22 24.15 33.43
C SER J 64 -37.35 24.85 32.70
N GLY J 65 -38.34 24.07 32.32
CA GLY J 65 -39.56 24.66 31.80
C GLY J 65 -40.06 23.88 30.61
N SER J 66 -41.21 24.32 30.11
CA SER J 66 -41.85 23.67 28.98
C SER J 66 -42.89 24.62 28.39
N GLY J 67 -43.40 24.23 27.24
CA GLY J 67 -44.45 25.01 26.58
C GLY J 67 -43.88 26.31 26.06
N THR J 68 -44.40 27.41 26.62
CA THR J 68 -43.90 28.74 26.37
C THR J 68 -43.29 29.36 27.62
N ASP J 69 -42.99 28.55 28.63
CA ASP J 69 -42.72 29.04 29.98
C ASP J 69 -41.47 28.37 30.54
N PHE J 70 -40.40 29.16 30.71
CA PHE J 70 -39.11 28.63 31.12
C PHE J 70 -38.61 29.36 32.36
N PHE J 71 -38.20 28.59 33.36
CA PHE J 71 -37.68 29.13 34.61
C PHE J 71 -36.18 28.90 34.69
N LEU J 72 -35.53 29.79 35.45
CA LEU J 72 -34.10 29.69 35.74
C LEU J 72 -33.92 29.97 37.22
N THR J 73 -33.49 28.96 37.97
CA THR J 73 -33.31 29.06 39.40
C THR J 73 -31.82 29.17 39.73
N ILE J 74 -31.45 30.26 40.37
CA ILE J 74 -30.12 30.42 40.93
C ILE J 74 -30.20 30.07 42.41
N ASN J 75 -29.33 29.18 42.86
CA ASN J 75 -29.28 28.78 44.25
C ASN J 75 -27.92 29.12 44.83
N LYS J 76 -27.93 29.61 46.08
CA LYS J 76 -26.74 29.82 46.91
C LYS J 76 -25.77 30.80 46.22
N LEU J 77 -26.27 32.01 46.02
CA LEU J 77 -25.51 32.92 45.19
C LEU J 77 -24.43 33.62 46.00
N ASP J 78 -23.47 34.18 45.28
CA ASP J 78 -22.43 35.04 45.77
C ASP J 78 -22.76 36.47 45.37
N ARG J 79 -22.05 37.44 45.95
CA ARG J 79 -22.11 38.79 45.42
C ARG J 79 -21.46 38.85 44.03
N GLU J 80 -20.51 37.96 43.76
CA GLU J 80 -19.93 37.84 42.43
C GLU J 80 -20.67 36.87 41.53
N ASP J 81 -21.65 36.12 42.06
CA ASP J 81 -22.51 35.35 41.17
C ASP J 81 -23.43 36.26 40.38
N PHE J 82 -23.93 37.32 41.00
CA PHE J 82 -24.84 38.22 40.30
C PHE J 82 -24.11 39.07 39.26
N ALA J 83 -24.66 39.07 38.06
CA ALA J 83 -24.65 40.18 37.13
C ALA J 83 -25.85 40.04 36.20
N VAL J 84 -25.81 40.69 35.05
CA VAL J 84 -27.01 40.81 34.21
C VAL J 84 -27.27 39.50 33.47
N TYR J 85 -28.53 39.08 33.40
CA TYR J 85 -28.90 37.84 32.73
C TYR J 85 -29.72 38.09 31.47
N TYR J 86 -29.42 37.32 30.42
CA TYR J 86 -30.13 37.34 29.15
C TYR J 86 -30.64 35.96 28.82
N CYS J 87 -31.71 35.86 28.05
CA CYS J 87 -32.16 34.57 27.54
C CYS J 87 -32.33 34.63 26.03
N GLN J 88 -31.95 33.55 25.35
CA GLN J 88 -31.91 33.52 23.89
C GLN J 88 -32.65 32.34 23.30
N GLN J 89 -33.57 32.65 22.38
CA GLN J 89 -34.13 31.75 21.37
C GLN J 89 -33.55 32.27 20.05
N PHE J 90 -33.64 31.48 18.97
CA PHE J 90 -32.64 31.24 17.88
C PHE J 90 -31.73 32.45 17.67
N GLU J 91 -32.25 33.57 17.19
CA GLU J 91 -31.47 34.81 17.14
C GLU J 91 -32.11 35.91 17.94
N PHE J 92 -33.28 35.66 18.49
CA PHE J 92 -34.03 36.68 19.19
C PHE J 92 -33.53 36.82 20.62
N PHE J 93 -33.50 38.04 21.11
CA PHE J 93 -32.97 38.27 22.44
C PHE J 93 -34.00 38.95 23.32
N GLY J 94 -34.07 38.51 24.56
CA GLY J 94 -34.84 39.22 25.53
C GLY J 94 -34.12 40.47 26.00
N LEU J 95 -34.87 41.32 26.66
CA LEU J 95 -34.30 42.60 27.06
C LEU J 95 -33.45 42.48 28.30
N GLY J 96 -33.66 41.43 29.08
CA GLY J 96 -32.73 41.11 30.14
C GLY J 96 -33.33 41.36 31.52
N SER J 97 -32.74 40.69 32.50
CA SER J 97 -33.09 40.89 33.90
C SER J 97 -31.88 41.40 34.66
N GLU J 98 -32.12 41.94 35.85
CA GLU J 98 -31.04 42.44 36.67
C GLU J 98 -31.47 42.38 38.13
N LEU J 99 -30.72 41.61 38.91
CA LEU J 99 -31.02 41.28 40.31
C LEU J 99 -30.12 42.10 41.22
N GLU J 100 -30.55 43.32 41.53
CA GLU J 100 -29.71 44.26 42.26
C GLU J 100 -29.37 43.78 43.66
N VAL J 101 -28.08 43.76 43.97
CA VAL J 101 -27.62 43.31 45.28
C VAL J 101 -28.05 44.32 46.33
N HIS J 102 -28.85 43.86 47.28
CA HIS J 102 -29.49 44.76 48.24
C HIS J 102 -28.69 44.87 49.53
N ALA K 1 8.16 -51.96 3.36
CA ALA K 1 7.76 -50.61 2.99
C ALA K 1 6.63 -50.12 3.87
N VAL K 2 5.95 -49.06 3.43
CA VAL K 2 4.80 -48.55 4.18
C VAL K 2 3.60 -49.48 3.99
N GLY K 3 3.55 -50.21 2.88
CA GLY K 3 2.49 -51.18 2.66
C GLY K 3 1.29 -50.59 1.96
N ILE K 4 0.32 -51.47 1.70
CA ILE K 4 -0.92 -51.07 1.05
C ILE K 4 -1.91 -50.48 2.05
N GLY K 5 -1.94 -50.98 3.28
CA GLY K 5 -2.98 -50.62 4.22
C GLY K 5 -2.89 -49.22 4.78
N ALA K 6 -1.80 -48.51 4.54
CA ALA K 6 -1.66 -47.15 5.05
C ALA K 6 -2.52 -46.16 4.28
N VAL K 7 -2.61 -46.33 2.96
CA VAL K 7 -3.40 -45.41 2.15
C VAL K 7 -4.89 -45.64 2.31
N PHE K 8 -5.29 -46.76 2.92
CA PHE K 8 -6.67 -46.92 3.36
C PHE K 8 -7.02 -45.92 4.44
N LEU K 9 -6.05 -45.52 5.25
CA LEU K 9 -6.28 -44.57 6.32
C LEU K 9 -5.73 -43.18 5.99
N GLY K 10 -5.35 -42.94 4.74
CA GLY K 10 -4.92 -41.62 4.35
C GLY K 10 -6.08 -40.70 4.03
N PHE K 11 -5.73 -39.44 3.77
CA PHE K 11 -6.73 -38.46 3.36
C PHE K 11 -7.26 -38.78 1.98
N LEU K 12 -8.59 -38.89 1.87
CA LEU K 12 -9.32 -39.27 0.66
C LEU K 12 -8.93 -40.63 0.12
N GLY K 13 -8.36 -41.51 0.95
CA GLY K 13 -7.97 -42.81 0.46
C GLY K 13 -9.14 -43.71 0.20
N ALA K 14 -10.23 -43.53 0.94
CA ALA K 14 -11.39 -44.38 0.79
C ALA K 14 -12.30 -43.96 -0.35
N ALA K 15 -11.92 -42.92 -1.10
CA ALA K 15 -12.80 -42.38 -2.13
C ALA K 15 -12.99 -43.35 -3.28
N GLY K 16 -11.99 -44.17 -3.55
CA GLY K 16 -12.10 -45.07 -4.68
C GLY K 16 -12.94 -46.29 -4.40
N SER K 17 -13.07 -46.67 -3.13
CA SER K 17 -13.76 -47.90 -2.79
C SER K 17 -15.25 -47.64 -2.64
N THR K 18 -15.96 -48.64 -2.16
CA THR K 18 -17.37 -48.51 -1.83
C THR K 18 -17.53 -47.84 -0.47
N MET K 19 -18.74 -47.89 0.07
CA MET K 19 -19.02 -47.23 1.34
C MET K 19 -18.34 -47.90 2.53
N GLY K 20 -17.98 -49.18 2.40
CA GLY K 20 -17.44 -49.90 3.53
C GLY K 20 -16.09 -49.37 3.95
N ALA K 21 -15.31 -48.89 2.99
CA ALA K 21 -14.14 -48.10 3.33
C ALA K 21 -14.52 -46.77 3.94
N ALA K 22 -15.51 -46.10 3.35
CA ALA K 22 -15.93 -44.79 3.83
C ALA K 22 -16.78 -44.87 5.09
N SER K 23 -17.17 -46.07 5.52
CA SER K 23 -17.89 -46.17 6.76
C SER K 23 -17.00 -45.97 7.98
N MET K 24 -15.68 -46.01 7.82
CA MET K 24 -14.76 -45.86 8.93
C MET K 24 -13.83 -44.67 8.85
N THR K 25 -13.67 -44.04 7.69
CA THR K 25 -12.62 -43.04 7.50
C THR K 25 -13.07 -41.63 7.82
N LEU K 26 -14.30 -41.46 8.30
CA LEU K 26 -14.97 -40.16 8.27
C LEU K 26 -14.33 -39.12 9.18
N THR K 27 -13.49 -39.51 10.13
CA THR K 27 -12.80 -38.53 10.93
C THR K 27 -11.70 -37.81 10.16
N VAL K 28 -11.16 -38.43 9.11
CA VAL K 28 -9.96 -37.87 8.48
C VAL K 28 -10.32 -36.69 7.59
N GLN K 29 -11.34 -36.86 6.76
CA GLN K 29 -11.81 -35.78 5.90
C GLN K 29 -12.41 -34.65 6.71
N ALA K 30 -13.00 -34.97 7.87
CA ALA K 30 -13.47 -33.91 8.75
C ALA K 30 -12.31 -33.19 9.41
N ARG K 31 -11.20 -33.90 9.65
CA ARG K 31 -10.05 -33.25 10.28
C ARG K 31 -9.35 -32.32 9.32
N ASN K 32 -9.03 -32.79 8.12
CA ASN K 32 -8.22 -31.97 7.23
C ASN K 32 -9.03 -30.89 6.51
N LEU K 33 -10.32 -30.77 6.81
CA LEU K 33 -11.12 -29.71 6.25
C LEU K 33 -10.86 -28.37 6.94
N LEU K 34 -10.32 -28.37 8.15
CA LEU K 34 -10.17 -27.13 8.89
C LEU K 34 -8.75 -26.59 8.94
N SER K 35 -7.80 -27.40 9.38
CA SER K 35 -6.46 -26.90 9.69
C SER K 35 -5.69 -26.60 8.41
N GLY K 36 -5.20 -25.37 8.30
CA GLY K 36 -4.44 -24.95 7.12
C GLY K 36 -3.06 -24.41 7.45
N THR K 58 3.47 -8.41 0.83
CA THR K 58 2.61 -7.91 1.90
C THR K 58 1.14 -7.87 1.48
N VAL K 59 0.89 -7.94 0.18
CA VAL K 59 -0.47 -8.10 -0.31
C VAL K 59 -0.81 -9.58 -0.38
N TRP K 60 0.23 -10.41 -0.46
CA TRP K 60 0.07 -11.85 -0.43
C TRP K 60 -0.54 -12.31 0.90
N GLY K 61 -0.17 -11.64 1.99
CA GLY K 61 -0.80 -11.92 3.26
C GLY K 61 -2.29 -11.62 3.25
N ILE K 62 -2.69 -10.58 2.51
CA ILE K 62 -4.11 -10.24 2.38
C ILE K 62 -4.84 -11.31 1.59
N LYS K 63 -4.23 -11.80 0.52
CA LYS K 63 -4.91 -12.81 -0.29
C LYS K 63 -5.01 -14.16 0.43
N GLN K 64 -3.97 -14.55 1.16
CA GLN K 64 -4.07 -15.80 1.89
C GLN K 64 -4.95 -15.66 3.12
N LEU K 65 -5.06 -14.45 3.66
CA LEU K 65 -5.92 -14.21 4.80
C LEU K 65 -7.38 -14.32 4.39
N GLN K 66 -7.73 -13.76 3.23
CA GLN K 66 -9.12 -13.90 2.78
C GLN K 66 -9.42 -15.32 2.33
N ALA K 67 -8.39 -16.07 1.89
CA ALA K 67 -8.59 -17.49 1.62
C ALA K 67 -8.89 -18.26 2.91
N ARG K 68 -8.17 -17.95 3.98
CA ARG K 68 -8.37 -18.64 5.25
C ARG K 68 -9.74 -18.35 5.84
N VAL K 69 -10.18 -17.09 5.76
CA VAL K 69 -11.49 -16.81 6.34
C VAL K 69 -12.61 -17.33 5.45
N LEU K 70 -12.38 -17.48 4.14
CA LEU K 70 -13.38 -18.15 3.33
C LEU K 70 -13.49 -19.62 3.70
N ALA K 71 -12.34 -20.24 4.03
CA ALA K 71 -12.34 -21.64 4.44
C ALA K 71 -13.11 -21.85 5.73
N VAL K 72 -12.85 -21.01 6.74
CA VAL K 72 -13.55 -21.25 7.99
C VAL K 72 -15.01 -20.81 7.95
N GLU K 73 -15.36 -19.83 7.11
CA GLU K 73 -16.76 -19.48 6.92
C GLU K 73 -17.51 -20.62 6.25
N ARG K 74 -16.85 -21.28 5.29
CA ARG K 74 -17.45 -22.43 4.63
C ARG K 74 -17.65 -23.59 5.59
N TYR K 75 -16.69 -23.81 6.48
CA TYR K 75 -16.86 -24.85 7.50
C TYR K 75 -18.03 -24.53 8.43
N LEU K 76 -18.12 -23.29 8.85
CA LEU K 76 -19.11 -22.98 9.86
C LEU K 76 -20.51 -22.94 9.29
N ARG K 77 -20.65 -22.71 7.99
CA ARG K 77 -21.95 -22.91 7.33
C ARG K 77 -22.40 -24.36 7.46
N ASP K 78 -21.49 -25.31 7.31
CA ASP K 78 -21.85 -26.71 7.41
C ASP K 78 -22.17 -27.13 8.83
N GLN K 79 -21.44 -26.61 9.82
CA GLN K 79 -21.83 -26.88 11.20
C GLN K 79 -23.17 -26.27 11.54
N GLN K 80 -23.49 -25.10 10.98
CA GLN K 80 -24.81 -24.52 11.17
C GLN K 80 -25.88 -25.40 10.55
N LEU K 81 -25.61 -25.92 9.35
CA LEU K 81 -26.63 -26.69 8.66
C LEU K 81 -26.82 -28.06 9.28
N LEU K 82 -25.83 -28.56 10.02
CA LEU K 82 -26.12 -29.69 10.88
C LEU K 82 -26.85 -29.27 12.15
N GLY K 83 -26.63 -28.04 12.60
CA GLY K 83 -27.27 -27.61 13.83
C GLY K 83 -28.77 -27.46 13.72
N ILE K 84 -29.25 -26.99 12.56
CA ILE K 84 -30.69 -26.89 12.36
C ILE K 84 -31.35 -28.22 12.10
N TRP K 85 -30.57 -29.26 11.80
CA TRP K 85 -31.13 -30.59 11.76
C TRP K 85 -31.00 -31.22 13.14
N GLY K 86 -31.34 -32.51 13.23
CA GLY K 86 -31.37 -33.15 14.53
C GLY K 86 -30.01 -33.46 15.10
N CYS K 87 -29.02 -33.67 14.26
CA CYS K 87 -27.73 -34.17 14.71
C CYS K 87 -26.74 -33.02 14.82
N SER K 88 -26.36 -32.70 16.06
CA SER K 88 -25.48 -31.56 16.29
C SER K 88 -24.05 -31.87 15.88
N GLY K 89 -23.44 -32.87 16.52
CA GLY K 89 -22.06 -33.19 16.24
C GLY K 89 -21.81 -34.68 16.24
N LYS K 90 -22.85 -35.46 15.95
CA LYS K 90 -22.76 -36.91 16.04
C LYS K 90 -21.82 -37.49 14.99
N LEU K 91 -21.79 -36.87 13.80
CA LEU K 91 -20.99 -37.17 12.60
C LEU K 91 -21.49 -38.43 11.89
N ILE K 92 -22.40 -39.17 12.52
CA ILE K 92 -23.18 -40.22 11.87
C ILE K 92 -24.61 -39.94 12.31
N CYS K 93 -25.35 -39.21 11.50
CA CYS K 93 -26.71 -38.86 11.88
C CYS K 93 -27.64 -40.06 11.64
N CYS K 94 -28.89 -39.90 12.08
CA CYS K 94 -30.00 -40.73 11.66
C CYS K 94 -31.24 -39.90 11.93
N THR K 95 -32.23 -40.01 11.05
CA THR K 95 -33.36 -39.11 11.18
C THR K 95 -34.60 -39.78 10.62
N ASN K 96 -35.67 -38.99 10.47
CA ASN K 96 -37.02 -39.53 10.43
C ASN K 96 -37.80 -38.98 9.25
N VAL K 97 -37.24 -39.06 8.05
CA VAL K 97 -38.01 -38.99 6.82
C VAL K 97 -37.84 -40.31 6.08
N PRO K 98 -38.91 -40.92 5.62
CA PRO K 98 -38.76 -42.18 4.89
C PRO K 98 -38.23 -41.94 3.50
N TRP K 99 -37.45 -42.89 3.01
CA TRP K 99 -36.79 -42.74 1.72
C TRP K 99 -37.80 -43.00 0.61
N ASN K 100 -38.09 -41.97 -0.18
CA ASN K 100 -39.02 -42.14 -1.30
C ASN K 100 -38.33 -42.91 -2.41
N SER K 101 -38.90 -44.06 -2.76
CA SER K 101 -38.31 -44.94 -3.76
C SER K 101 -38.49 -44.45 -5.19
N SER K 102 -39.10 -43.27 -5.37
CA SER K 102 -39.18 -42.68 -6.70
C SER K 102 -37.81 -42.26 -7.22
N TRP K 103 -36.87 -41.99 -6.33
CA TRP K 103 -35.55 -41.55 -6.75
C TRP K 103 -34.59 -42.70 -6.96
N SER K 104 -34.45 -43.57 -5.95
CA SER K 104 -33.43 -44.62 -5.99
C SER K 104 -33.75 -45.66 -7.05
N ASN K 105 -34.90 -46.34 -6.89
CA ASN K 105 -35.36 -47.44 -7.76
C ASN K 105 -34.33 -48.56 -7.78
N ARG K 106 -33.67 -48.79 -6.65
CA ARG K 106 -32.57 -49.74 -6.57
C ARG K 106 -32.71 -50.62 -5.36
N ASN K 107 -32.06 -51.78 -5.44
CA ASN K 107 -32.00 -52.71 -4.32
C ASN K 107 -31.08 -52.14 -3.23
N LEU K 108 -31.06 -52.81 -2.09
CA LEU K 108 -30.35 -52.26 -0.94
C LEU K 108 -28.84 -52.35 -1.11
N SER K 109 -28.28 -53.56 -1.14
CA SER K 109 -26.84 -53.70 -1.05
C SER K 109 -26.11 -53.28 -2.32
N GLU K 110 -26.81 -53.09 -3.43
CA GLU K 110 -26.16 -52.59 -4.62
C GLU K 110 -25.76 -51.13 -4.48
N ILE K 111 -26.39 -50.36 -3.57
CA ILE K 111 -25.86 -49.06 -3.23
C ILE K 111 -25.01 -49.12 -1.98
N TRP K 112 -24.73 -50.32 -1.46
CA TRP K 112 -23.73 -50.46 -0.42
C TRP K 112 -22.49 -51.21 -0.87
N ASP K 113 -22.54 -51.95 -1.96
CA ASP K 113 -21.38 -52.70 -2.40
C ASP K 113 -21.02 -52.53 -3.86
N ASN K 114 -21.91 -52.03 -4.70
CA ASN K 114 -21.59 -51.89 -6.11
C ASN K 114 -21.26 -50.46 -6.50
N MET K 115 -21.47 -49.49 -5.62
CA MET K 115 -21.32 -48.09 -5.99
C MET K 115 -20.28 -47.40 -5.13
N THR K 116 -19.76 -46.30 -5.69
CA THR K 116 -18.86 -45.41 -4.98
C THR K 116 -19.58 -44.09 -4.72
N TRP K 117 -18.98 -43.28 -3.86
CA TRP K 117 -19.62 -42.02 -3.49
C TRP K 117 -19.56 -41.02 -4.64
N LEU K 118 -18.51 -41.07 -5.45
CA LEU K 118 -18.51 -40.31 -6.69
C LEU K 118 -19.63 -40.79 -7.60
N GLN K 119 -19.84 -42.10 -7.67
CA GLN K 119 -20.94 -42.63 -8.47
C GLN K 119 -22.29 -42.33 -7.81
N TRP K 120 -22.31 -42.23 -6.49
CA TRP K 120 -23.54 -41.89 -5.80
C TRP K 120 -23.89 -40.41 -5.96
N ASP K 121 -22.89 -39.57 -6.24
CA ASP K 121 -23.12 -38.14 -6.36
C ASP K 121 -24.02 -37.83 -7.56
N LYS K 122 -23.72 -38.43 -8.70
CA LYS K 122 -24.43 -38.07 -9.93
C LYS K 122 -25.87 -38.58 -9.93
N GLU K 123 -26.15 -39.67 -9.23
CA GLU K 123 -27.50 -40.19 -9.22
C GLU K 123 -28.41 -39.42 -8.29
N ILE K 124 -27.87 -38.56 -7.44
CA ILE K 124 -28.67 -37.64 -6.65
C ILE K 124 -28.30 -36.18 -6.96
N SER K 125 -27.76 -35.93 -8.15
CA SER K 125 -27.44 -34.57 -8.55
C SER K 125 -28.52 -33.93 -9.41
N ASN K 126 -29.43 -34.72 -9.99
CA ASN K 126 -30.54 -34.16 -10.74
C ASN K 126 -31.49 -33.38 -9.84
N TYR K 127 -31.56 -33.76 -8.58
CA TYR K 127 -32.47 -33.19 -7.61
C TYR K 127 -31.68 -33.02 -6.32
N THR K 128 -31.77 -31.84 -5.71
CA THR K 128 -31.19 -31.64 -4.39
C THR K 128 -32.07 -30.59 -3.73
N GLN K 129 -31.98 -30.52 -2.40
CA GLN K 129 -32.62 -29.55 -1.51
C GLN K 129 -34.12 -29.80 -1.36
N ILE K 130 -34.66 -30.72 -2.15
CA ILE K 130 -35.88 -31.40 -1.76
C ILE K 130 -35.64 -32.12 -0.45
N ILE K 131 -34.50 -32.83 -0.36
CA ILE K 131 -34.14 -33.56 0.84
C ILE K 131 -33.80 -32.59 1.96
N TYR K 132 -33.09 -31.52 1.60
CA TYR K 132 -32.71 -30.52 2.58
C TYR K 132 -33.91 -29.69 3.00
N GLY K 133 -34.90 -29.57 2.11
CA GLY K 133 -36.15 -28.95 2.50
C GLY K 133 -36.97 -29.84 3.42
N LEU K 134 -36.95 -31.15 3.20
CA LEU K 134 -37.76 -32.04 4.02
C LEU K 134 -37.17 -32.21 5.40
N LEU K 135 -35.84 -32.19 5.51
CA LEU K 135 -35.21 -32.41 6.81
C LEU K 135 -35.46 -31.26 7.78
N GLU K 136 -35.44 -30.03 7.28
CA GLU K 136 -35.75 -28.87 8.13
C GLU K 136 -37.18 -28.95 8.65
N GLU K 137 -38.10 -29.34 7.77
CA GLU K 137 -39.51 -29.41 8.15
C GLU K 137 -39.75 -30.54 9.13
N SER K 138 -39.08 -31.68 8.95
CA SER K 138 -39.25 -32.80 9.85
C SER K 138 -38.64 -32.51 11.22
N GLN K 139 -37.52 -31.81 11.25
CA GLN K 139 -36.92 -31.49 12.54
C GLN K 139 -37.71 -30.41 13.26
N ASN K 140 -38.25 -29.44 12.52
CA ASN K 140 -39.09 -28.42 13.14
C ASN K 140 -40.38 -29.01 13.68
N GLN K 141 -40.98 -29.96 12.94
CA GLN K 141 -42.17 -30.64 13.42
C GLN K 141 -41.88 -31.49 14.65
N GLN K 142 -40.73 -32.16 14.65
CA GLN K 142 -40.37 -32.99 15.80
C GLN K 142 -40.08 -32.14 17.03
N GLU K 143 -39.46 -30.97 16.85
CA GLU K 143 -39.28 -30.05 17.96
C GLU K 143 -40.60 -29.49 18.45
N LYS K 144 -41.58 -29.31 17.55
CA LYS K 144 -42.89 -28.84 17.98
C LYS K 144 -43.62 -29.89 18.81
N ASN K 145 -43.61 -31.14 18.35
CA ASN K 145 -44.27 -32.21 19.09
C ASN K 145 -43.53 -32.51 20.39
N GLU K 146 -42.21 -32.35 20.39
CA GLU K 146 -41.43 -32.54 21.61
C GLU K 146 -41.67 -31.41 22.60
N GLN K 147 -41.87 -30.19 22.10
CA GLN K 147 -42.23 -29.08 22.98
C GLN K 147 -43.60 -29.30 23.57
N ASP K 148 -44.53 -29.87 22.80
CA ASP K 148 -45.83 -30.22 23.35
C ASP K 148 -45.73 -31.33 24.39
N LEU K 149 -44.84 -32.30 24.15
CA LEU K 149 -44.65 -33.41 25.08
C LEU K 149 -44.05 -32.95 26.40
N LEU K 150 -43.09 -32.04 26.36
CA LEU K 150 -42.59 -31.47 27.60
C LEU K 150 -43.50 -30.39 28.15
N ALA K 151 -44.41 -29.84 27.34
CA ALA K 151 -45.35 -28.84 27.81
C ALA K 151 -46.45 -29.47 28.65
N LEU K 152 -46.92 -30.66 28.25
CA LEU K 152 -47.80 -31.39 29.15
C LEU K 152 -47.04 -31.94 30.35
N ASP K 153 -45.72 -32.09 30.23
CA ASP K 153 -44.86 -32.43 31.36
C ASP K 153 -44.52 -31.18 32.16
N GLN L 1 6.28 -72.69 11.87
CA GLN L 1 4.89 -72.51 11.46
C GLN L 1 4.75 -71.32 10.53
N VAL L 2 5.73 -70.43 10.59
CA VAL L 2 5.66 -69.18 9.85
C VAL L 2 6.00 -69.50 8.41
N GLN L 3 4.97 -69.76 7.60
CA GLN L 3 5.18 -70.38 6.29
C GLN L 3 4.25 -69.75 5.26
N LEU L 4 4.58 -69.99 3.99
CA LEU L 4 3.76 -69.64 2.85
C LEU L 4 3.61 -70.89 1.99
N GLN L 5 2.70 -71.77 2.39
CA GLN L 5 2.44 -73.02 1.66
C GLN L 5 1.64 -72.67 0.41
N GLN L 6 2.33 -72.59 -0.72
CA GLN L 6 1.75 -72.10 -1.95
C GLN L 6 1.05 -73.24 -2.68
N SER L 7 0.70 -73.03 -3.94
CA SER L 7 0.16 -74.09 -4.78
C SER L 7 1.31 -74.81 -5.46
N GLY L 8 1.00 -75.61 -6.49
CA GLY L 8 2.00 -76.41 -7.18
C GLY L 8 2.42 -75.82 -8.52
N ALA L 9 3.27 -76.57 -9.21
CA ALA L 9 3.67 -76.21 -10.56
C ALA L 9 2.50 -76.39 -11.52
N GLU L 10 2.28 -75.38 -12.37
CA GLU L 10 1.08 -75.30 -13.17
C GLU L 10 1.43 -75.14 -14.64
N LEU L 11 1.24 -76.21 -15.40
CA LEU L 11 1.42 -76.22 -16.85
C LEU L 11 0.07 -75.93 -17.47
N VAL L 12 -0.20 -74.65 -17.74
CA VAL L 12 -1.53 -74.17 -18.07
C VAL L 12 -1.60 -73.90 -19.56
N ARG L 13 -2.65 -74.39 -20.21
CA ARG L 13 -2.90 -74.04 -21.60
C ARG L 13 -3.35 -72.58 -21.71
N PRO L 14 -2.99 -71.89 -22.79
CA PRO L 14 -3.30 -70.45 -22.88
C PRO L 14 -4.79 -70.19 -23.03
N GLY L 15 -5.18 -68.98 -22.64
CA GLY L 15 -6.57 -68.60 -22.60
C GLY L 15 -7.30 -69.05 -21.36
N ALA L 16 -6.64 -69.78 -20.46
CA ALA L 16 -7.28 -70.26 -19.24
C ALA L 16 -7.15 -69.25 -18.11
N SER L 17 -7.89 -69.50 -17.04
CA SER L 17 -7.88 -68.67 -15.85
C SER L 17 -7.37 -69.48 -14.67
N VAL L 18 -6.41 -68.93 -13.94
CA VAL L 18 -5.68 -69.64 -12.89
C VAL L 18 -6.12 -69.12 -11.53
N THR L 19 -6.52 -70.04 -10.65
CA THR L 19 -6.78 -69.74 -9.25
C THR L 19 -5.60 -70.27 -8.41
N LEU L 20 -4.72 -69.37 -8.00
CA LEU L 20 -3.61 -69.72 -7.13
C LEU L 20 -4.05 -69.69 -5.67
N SER L 21 -3.26 -70.34 -4.82
CA SER L 21 -3.59 -70.47 -3.40
C SER L 21 -2.33 -70.31 -2.57
N CYS L 22 -2.30 -69.27 -1.73
CA CYS L 22 -1.20 -69.03 -0.81
C CYS L 22 -1.72 -69.25 0.61
N LYS L 23 -1.52 -70.46 1.13
CA LYS L 23 -1.88 -70.76 2.51
C LYS L 23 -0.77 -70.22 3.41
N ALA L 24 -0.99 -69.05 3.98
CA ALA L 24 -0.01 -68.50 4.89
C ALA L 24 -0.29 -68.96 6.32
N SER L 25 0.77 -69.04 7.11
CA SER L 25 0.65 -69.51 8.48
C SER L 25 1.74 -68.86 9.33
N GLY L 26 1.56 -68.95 10.65
CA GLY L 26 2.41 -68.29 11.61
C GLY L 26 1.70 -67.20 12.39
N TYR L 27 0.78 -66.48 11.75
CA TYR L 27 -0.04 -65.47 12.41
C TYR L 27 -1.44 -65.50 11.79
N THR L 28 -2.30 -64.61 12.28
CA THR L 28 -3.59 -64.40 11.65
C THR L 28 -3.43 -63.54 10.40
N PHE L 29 -4.41 -63.63 9.49
CA PHE L 29 -4.40 -62.73 8.35
C PHE L 29 -4.72 -61.30 8.75
N THR L 30 -5.50 -61.13 9.82
CA THR L 30 -5.95 -59.82 10.25
C THR L 30 -4.81 -58.93 10.76
N ASP L 31 -3.64 -59.50 11.05
CA ASP L 31 -2.53 -58.68 11.49
C ASP L 31 -1.91 -57.92 10.32
N TYR L 32 -1.33 -58.63 9.36
CA TYR L 32 -0.48 -57.95 8.38
C TYR L 32 -0.84 -58.36 6.95
N GLU L 33 -0.10 -57.78 6.01
CA GLU L 33 -0.49 -57.71 4.61
C GLU L 33 -0.19 -59.02 3.88
N MET L 34 -0.66 -59.09 2.62
CA MET L 34 -0.34 -60.17 1.71
C MET L 34 0.01 -59.60 0.34
N HIS L 35 1.00 -60.21 -0.30
CA HIS L 35 1.63 -59.66 -1.49
C HIS L 35 2.00 -60.78 -2.46
N TRP L 36 2.18 -60.39 -3.72
CA TRP L 36 2.49 -61.30 -4.81
C TRP L 36 3.53 -60.65 -5.71
N VAL L 37 4.65 -61.34 -5.93
CA VAL L 37 5.74 -60.84 -6.77
C VAL L 37 6.03 -61.89 -7.85
N LYS L 38 6.14 -61.46 -9.10
CA LYS L 38 6.42 -62.40 -10.18
C LYS L 38 7.92 -62.57 -10.39
N GLN L 39 8.27 -63.55 -11.23
CA GLN L 39 9.65 -63.77 -11.66
C GLN L 39 9.64 -64.13 -13.15
N THR L 40 10.00 -63.18 -13.99
CA THR L 40 10.16 -63.41 -15.42
C THR L 40 11.62 -63.22 -15.82
N PRO L 41 12.13 -64.02 -16.77
CA PRO L 41 13.50 -63.79 -17.27
C PRO L 41 13.64 -62.54 -18.11
N VAL L 42 12.54 -61.94 -18.55
CA VAL L 42 12.61 -60.71 -19.34
C VAL L 42 12.95 -59.53 -18.43
N HIS L 43 12.19 -59.35 -17.35
CA HIS L 43 12.34 -58.22 -16.45
C HIS L 43 13.15 -58.53 -15.21
N GLY L 44 13.01 -59.73 -14.65
CA GLY L 44 13.58 -60.03 -13.35
C GLY L 44 12.48 -60.35 -12.35
N LEU L 45 12.25 -59.47 -11.39
CA LEU L 45 11.08 -59.55 -10.54
C LEU L 45 10.04 -58.54 -11.00
N GLU L 46 8.79 -58.98 -11.10
CA GLU L 46 7.68 -58.14 -11.55
C GLU L 46 6.68 -57.93 -10.41
N TRP L 47 5.54 -57.33 -10.75
CA TRP L 47 4.51 -56.98 -9.79
C TRP L 47 3.14 -57.52 -10.18
N ILE L 48 2.34 -57.80 -9.15
CA ILE L 48 0.91 -58.00 -9.29
C ILE L 48 0.13 -56.96 -8.50
N GLY L 49 0.51 -56.74 -7.25
CA GLY L 49 -0.18 -55.81 -6.40
C GLY L 49 -0.18 -56.26 -4.96
N ALA L 50 -1.26 -55.99 -4.23
CA ALA L 50 -1.30 -56.27 -2.80
C ALA L 50 -2.75 -56.35 -2.35
N ILE L 51 -2.97 -57.02 -1.21
CA ILE L 51 -4.31 -57.19 -0.67
C ILE L 51 -4.26 -57.03 0.85
N VAL L 52 -5.32 -56.45 1.40
CA VAL L 52 -5.59 -56.42 2.84
C VAL L 52 -6.82 -57.28 3.09
N PRO L 53 -6.72 -58.32 3.94
CA PRO L 53 -7.75 -59.36 3.98
C PRO L 53 -8.90 -59.11 4.96
N GLU L 54 -8.80 -58.12 5.85
CA GLU L 54 -9.90 -57.88 6.79
C GLU L 54 -11.13 -57.33 6.09
N THR L 55 -10.95 -56.38 5.17
CA THR L 55 -12.02 -55.82 4.37
C THR L 55 -11.98 -56.31 2.94
N GLY L 56 -10.79 -56.51 2.40
CA GLY L 56 -10.60 -56.79 1.00
C GLY L 56 -9.97 -55.66 0.24
N PHE L 57 -9.12 -54.86 0.89
CA PHE L 57 -8.60 -53.63 0.31
C PHE L 57 -7.48 -53.97 -0.67
N THR L 58 -7.72 -53.81 -1.96
CA THR L 58 -6.81 -54.29 -3.00
C THR L 58 -6.14 -53.14 -3.73
N ALA L 59 -4.94 -53.40 -4.24
CA ALA L 59 -4.30 -52.48 -5.16
C ALA L 59 -3.46 -53.26 -6.15
N TYR L 60 -3.22 -52.66 -7.31
CA TYR L 60 -2.48 -53.31 -8.38
C TYR L 60 -1.55 -52.28 -8.99
N THR L 61 -0.96 -52.64 -10.13
CA THR L 61 -0.23 -51.70 -10.97
C THR L 61 -1.10 -51.35 -12.17
N GLN L 62 -0.55 -50.51 -13.05
CA GLN L 62 -1.26 -50.21 -14.28
C GLN L 62 -1.17 -51.37 -15.27
N LYS L 63 -0.11 -52.18 -15.16
CA LYS L 63 0.10 -53.28 -16.08
C LYS L 63 -0.87 -54.42 -15.89
N PHE L 64 -1.44 -54.59 -14.69
CA PHE L 64 -2.25 -55.77 -14.44
C PHE L 64 -3.57 -55.47 -13.76
N LYS L 65 -3.94 -54.20 -13.61
CA LYS L 65 -5.29 -53.87 -13.18
C LYS L 65 -6.28 -54.26 -14.26
N GLY L 66 -7.34 -54.95 -13.86
CA GLY L 66 -8.26 -55.52 -14.82
C GLY L 66 -7.84 -56.86 -15.38
N LYS L 67 -6.62 -57.31 -15.11
CA LYS L 67 -6.15 -58.63 -15.52
C LYS L 67 -6.26 -59.65 -14.39
N ALA L 68 -5.63 -59.37 -13.26
CA ALA L 68 -5.65 -60.27 -12.11
C ALA L 68 -6.65 -59.78 -11.07
N MET L 69 -7.18 -60.71 -10.29
CA MET L 69 -8.08 -60.41 -9.19
C MET L 69 -7.51 -60.96 -7.89
N LEU L 70 -7.67 -60.19 -6.81
CA LEU L 70 -7.25 -60.60 -5.47
C LEU L 70 -8.48 -60.70 -4.58
N THR L 71 -8.75 -61.91 -4.08
CA THR L 71 -9.81 -62.14 -3.11
C THR L 71 -9.23 -62.83 -1.89
N ALA L 72 -9.82 -62.55 -0.74
CA ALA L 72 -9.38 -63.12 0.53
C ALA L 72 -10.58 -63.60 1.32
N ASP L 73 -10.58 -64.89 1.64
CA ASP L 73 -11.62 -65.50 2.46
C ASP L 73 -11.14 -65.54 3.90
N LYS L 74 -11.88 -64.88 4.79
CA LYS L 74 -11.44 -64.72 6.17
C LYS L 74 -11.59 -66.02 6.97
N SER L 75 -12.56 -66.86 6.59
CA SER L 75 -12.81 -68.09 7.33
C SER L 75 -11.83 -69.19 6.94
N SER L 76 -11.60 -69.39 5.65
CA SER L 76 -10.75 -70.49 5.19
C SER L 76 -9.27 -70.23 5.42
N SER L 77 -8.89 -68.98 5.62
CA SER L 77 -7.52 -68.52 5.84
C SER L 77 -6.58 -68.95 4.70
N THR L 78 -6.94 -68.51 3.49
CA THR L 78 -6.11 -68.69 2.30
C THR L 78 -6.05 -67.38 1.54
N ALA L 79 -5.20 -67.35 0.52
CA ALA L 79 -5.13 -66.25 -0.43
C ALA L 79 -5.53 -66.76 -1.81
N TYR L 80 -5.76 -65.84 -2.73
CA TYR L 80 -6.25 -66.21 -4.05
C TYR L 80 -5.69 -65.30 -5.13
N MET L 81 -5.56 -65.88 -6.32
CA MET L 81 -5.36 -65.16 -7.57
C MET L 81 -6.51 -65.53 -8.49
N GLU L 82 -6.86 -64.62 -9.40
CA GLU L 82 -7.76 -64.95 -10.51
C GLU L 82 -7.19 -64.26 -11.75
N LEU L 83 -6.30 -64.98 -12.44
CA LEU L 83 -5.67 -64.43 -13.64
C LEU L 83 -6.62 -64.54 -14.82
N ARG L 84 -6.46 -63.62 -15.78
CA ARG L 84 -7.24 -63.61 -16.99
C ARG L 84 -6.32 -63.31 -18.17
N SER L 85 -6.58 -63.97 -19.30
CA SER L 85 -5.88 -63.79 -20.57
C SER L 85 -4.38 -64.04 -20.42
N LEU L 86 -4.05 -65.30 -20.13
CA LEU L 86 -2.67 -65.69 -19.91
C LEU L 86 -1.89 -65.67 -21.23
N THR L 87 -0.73 -65.04 -21.21
CA THR L 87 0.12 -64.88 -22.39
C THR L 87 1.45 -65.57 -22.17
N SER L 88 2.27 -65.57 -23.23
CA SER L 88 3.56 -66.22 -23.18
C SER L 88 4.54 -65.50 -22.26
N GLU L 89 4.39 -64.19 -22.12
CA GLU L 89 5.22 -63.45 -21.17
C GLU L 89 4.78 -63.68 -19.72
N ASP L 90 3.55 -64.15 -19.52
CA ASP L 90 3.04 -64.39 -18.17
C ASP L 90 3.57 -65.67 -17.55
N SER L 91 4.27 -66.51 -18.31
CA SER L 91 4.86 -67.73 -17.77
C SER L 91 5.98 -67.34 -16.80
N ALA L 92 5.74 -67.53 -15.51
CA ALA L 92 6.59 -66.90 -14.51
C ALA L 92 6.65 -67.77 -13.26
N VAL L 93 7.30 -67.24 -12.23
CA VAL L 93 7.43 -67.88 -10.92
C VAL L 93 6.88 -66.91 -9.89
N TYR L 94 5.83 -67.33 -9.18
CA TYR L 94 5.09 -66.46 -8.28
C TYR L 94 5.55 -66.66 -6.85
N PHE L 95 5.91 -65.56 -6.20
CA PHE L 95 6.33 -65.54 -4.80
C PHE L 95 5.25 -64.81 -4.00
N CYS L 96 4.47 -65.57 -3.25
CA CYS L 96 3.64 -65.00 -2.19
C CYS L 96 4.54 -64.48 -1.08
N SER L 97 4.09 -63.42 -0.41
CA SER L 97 4.89 -62.81 0.65
C SER L 97 4.02 -62.00 1.58
N ARG L 98 4.64 -61.51 2.65
CA ARG L 98 3.98 -60.70 3.67
C ARG L 98 4.77 -59.43 3.92
N LEU L 99 4.06 -58.31 4.01
CA LEU L 99 4.58 -57.11 4.67
C LEU L 99 3.82 -56.85 5.95
N ARG L 100 4.49 -56.19 6.88
CA ARG L 100 3.81 -55.47 7.93
C ARG L 100 3.65 -54.02 7.49
N LEU L 101 2.81 -53.28 8.22
CA LEU L 101 2.73 -51.85 8.00
C LEU L 101 3.95 -51.18 8.61
N TYR L 102 4.61 -50.32 7.80
CA TYR L 102 5.88 -49.66 8.14
C TYR L 102 6.99 -50.65 8.47
N TRP L 103 7.04 -51.77 7.75
CA TRP L 103 8.11 -52.75 7.96
C TRP L 103 8.46 -53.41 6.64
N TYR L 104 9.11 -54.56 6.73
CA TYR L 104 9.79 -55.27 5.66
C TYR L 104 9.07 -56.59 5.36
N PHE L 105 9.68 -57.39 4.49
CA PHE L 105 9.14 -58.70 4.13
C PHE L 105 9.67 -59.75 5.10
N ASP L 106 8.76 -60.35 5.86
CA ASP L 106 9.16 -61.43 6.77
C ASP L 106 9.43 -62.72 6.00
N VAL L 107 8.41 -63.23 5.31
CA VAL L 107 8.43 -64.59 4.80
C VAL L 107 8.51 -64.54 3.28
N TRP L 108 9.14 -65.55 2.70
CA TRP L 108 9.20 -65.73 1.25
C TRP L 108 8.90 -67.18 0.92
N GLY L 109 7.90 -67.40 0.09
CA GLY L 109 7.43 -68.73 -0.22
C GLY L 109 8.31 -69.44 -1.24
N THR L 110 7.78 -70.54 -1.75
CA THR L 110 8.56 -71.38 -2.66
C THR L 110 8.64 -70.80 -4.05
N GLY L 111 7.53 -70.30 -4.58
CA GLY L 111 7.49 -69.83 -5.95
C GLY L 111 6.82 -70.84 -6.86
N THR L 112 5.57 -70.56 -7.25
CA THR L 112 4.83 -71.45 -8.14
C THR L 112 5.17 -71.10 -9.59
N THR L 113 5.63 -72.09 -10.34
CA THR L 113 5.94 -71.90 -11.75
C THR L 113 4.65 -72.08 -12.53
N VAL L 114 4.14 -71.01 -13.11
CA VAL L 114 2.96 -71.07 -13.97
C VAL L 114 3.44 -70.81 -15.38
N THR L 115 3.55 -71.87 -16.18
CA THR L 115 3.91 -71.73 -17.57
C THR L 115 2.65 -71.77 -18.42
N VAL L 116 2.63 -70.95 -19.47
CA VAL L 116 1.47 -70.81 -20.33
C VAL L 116 1.77 -71.55 -21.63
N SER L 117 1.25 -72.76 -21.74
CA SER L 117 1.49 -73.62 -22.90
C SER L 117 0.34 -74.60 -23.09
N GLY M 1 6.16 -44.05 -14.45
CA GLY M 1 6.52 -44.78 -13.24
C GLY M 1 7.77 -44.26 -12.55
N VAL M 2 8.20 -44.95 -11.51
CA VAL M 2 9.34 -44.54 -10.69
C VAL M 2 10.40 -45.63 -10.87
N LEU M 3 10.47 -46.16 -12.09
CA LEU M 3 11.33 -47.31 -12.42
C LEU M 3 12.80 -47.05 -12.14
N MET M 4 13.46 -48.05 -11.57
CA MET M 4 14.87 -47.92 -11.19
C MET M 4 15.77 -48.24 -12.36
N THR M 5 16.87 -47.50 -12.46
CA THR M 5 17.89 -47.70 -13.48
C THR M 5 19.13 -48.25 -12.79
N GLN M 6 19.40 -49.54 -13.00
CA GLN M 6 20.52 -50.22 -12.36
C GLN M 6 21.80 -50.04 -13.16
N SER M 7 22.91 -49.80 -12.46
CA SER M 7 24.22 -49.68 -13.09
C SER M 7 25.30 -50.21 -12.15
N PRO M 8 26.09 -51.20 -12.59
CA PRO M 8 25.93 -51.94 -13.83
C PRO M 8 25.20 -53.24 -13.57
N LEU M 9 24.91 -54.00 -14.62
CA LEU M 9 24.24 -55.28 -14.45
C LEU M 9 25.24 -56.37 -14.09
N SER M 10 26.16 -56.66 -14.98
CA SER M 10 27.11 -57.76 -14.80
C SER M 10 28.36 -57.25 -14.10
N LEU M 11 28.71 -57.91 -13.00
CA LEU M 11 29.97 -57.63 -12.29
C LEU M 11 30.64 -58.95 -11.97
N PRO M 12 31.53 -59.42 -12.84
CA PRO M 12 32.38 -60.55 -12.47
C PRO M 12 33.43 -60.11 -11.44
N VAL M 13 33.21 -60.51 -10.19
CA VAL M 13 34.01 -60.03 -9.07
C VAL M 13 34.79 -61.20 -8.50
N ARG M 14 36.11 -61.06 -8.42
CA ARG M 14 36.95 -62.07 -7.81
C ARG M 14 36.72 -62.12 -6.31
N LEU M 15 37.08 -63.25 -5.72
CA LEU M 15 36.83 -63.48 -4.30
C LEU M 15 37.80 -62.67 -3.45
N GLY M 16 37.25 -61.86 -2.55
CA GLY M 16 38.04 -61.02 -1.67
C GLY M 16 38.01 -59.54 -2.01
N ASP M 17 37.66 -59.19 -3.24
CA ASP M 17 37.63 -57.80 -3.66
C ASP M 17 36.29 -57.15 -3.32
N GLN M 18 36.14 -55.88 -3.70
CA GLN M 18 34.95 -55.11 -3.41
C GLN M 18 33.98 -55.15 -4.58
N ALA M 19 32.75 -54.70 -4.34
CA ALA M 19 31.72 -54.63 -5.36
C ALA M 19 30.82 -53.43 -5.09
N SER M 20 30.37 -52.78 -6.18
CA SER M 20 29.53 -51.59 -6.08
C SER M 20 28.42 -51.67 -7.11
N ILE M 21 27.18 -51.71 -6.63
CA ILE M 21 26.00 -51.82 -7.50
C ILE M 21 25.11 -50.62 -7.20
N SER M 22 25.01 -49.69 -8.16
CA SER M 22 24.27 -48.45 -7.96
C SER M 22 22.91 -48.52 -8.65
N CYS M 23 21.93 -47.84 -8.07
CA CYS M 23 20.65 -47.59 -8.71
C CYS M 23 20.41 -46.10 -8.77
N ARG M 24 19.71 -45.67 -9.83
CA ARG M 24 19.28 -44.28 -9.95
C ARG M 24 17.78 -44.28 -10.24
N SER M 25 17.04 -43.55 -9.43
CA SER M 25 15.59 -43.45 -9.58
C SER M 25 15.23 -42.26 -10.47
N SER M 26 14.00 -42.28 -10.96
CA SER M 26 13.51 -41.16 -11.76
C SER M 26 13.16 -39.96 -10.89
N GLN M 27 12.62 -40.20 -9.70
CA GLN M 27 12.23 -39.16 -8.77
C GLN M 27 13.00 -39.34 -7.47
N SER M 28 12.68 -38.51 -6.48
CA SER M 28 13.19 -38.73 -5.14
C SER M 28 12.30 -39.75 -4.44
N ILE M 29 12.90 -40.57 -3.61
CA ILE M 29 12.18 -41.64 -2.93
C ILE M 29 11.85 -41.23 -1.49
N VAL M 30 11.78 -39.92 -1.23
CA VAL M 30 11.56 -39.38 0.10
C VAL M 30 10.12 -39.68 0.52
N TYR M 31 9.95 -40.52 1.53
CA TYR M 31 8.64 -40.76 2.10
C TYR M 31 8.17 -39.50 2.82
N SER M 32 6.84 -39.37 2.95
CA SER M 32 6.18 -38.19 3.47
C SER M 32 6.43 -37.94 4.97
N ASN M 33 7.29 -38.68 5.68
CA ASN M 33 7.73 -38.29 7.01
C ASN M 33 9.22 -37.98 7.09
N GLY M 34 10.03 -38.59 6.24
CA GLY M 34 11.46 -38.35 6.24
C GLY M 34 12.28 -39.61 6.12
N ASN M 35 11.65 -40.77 6.28
CA ASN M 35 12.34 -42.06 6.31
C ASN M 35 12.04 -42.81 5.01
N THR M 36 12.99 -42.76 4.08
CA THR M 36 12.88 -43.52 2.84
C THR M 36 13.00 -45.01 3.14
N TYR M 37 12.26 -45.82 2.39
CA TYR M 37 12.18 -47.25 2.62
C TYR M 37 12.78 -47.97 1.42
N LEU M 38 14.09 -48.17 1.46
CA LEU M 38 14.84 -48.82 0.40
C LEU M 38 15.17 -50.25 0.78
N GLU M 39 15.18 -51.14 -0.22
CA GLU M 39 15.50 -52.53 0.04
C GLU M 39 16.38 -53.12 -1.07
N TRP M 40 17.27 -54.03 -0.65
CA TRP M 40 18.20 -54.72 -1.53
C TRP M 40 17.96 -56.22 -1.40
N TYR M 41 17.83 -56.90 -2.53
CA TYR M 41 17.47 -58.31 -2.57
C TYR M 41 18.69 -59.21 -2.76
N LEU M 42 18.53 -60.47 -2.38
CA LEU M 42 19.36 -61.58 -2.81
C LEU M 42 18.66 -62.34 -3.92
N GLN M 43 19.42 -63.13 -4.67
CA GLN M 43 18.88 -64.18 -5.52
C GLN M 43 20.00 -65.14 -5.91
N ARG M 44 19.76 -66.42 -5.67
CA ARG M 44 20.46 -67.55 -6.24
C ARG M 44 19.52 -68.25 -7.22
N PRO M 45 20.04 -68.93 -8.25
CA PRO M 45 19.14 -69.73 -9.11
C PRO M 45 18.58 -70.94 -8.37
N GLY M 46 17.32 -70.84 -7.97
CA GLY M 46 16.68 -71.86 -7.16
C GLY M 46 16.32 -71.46 -5.74
N GLN M 47 16.43 -70.18 -5.39
CA GLN M 47 16.01 -69.68 -4.09
C GLN M 47 15.08 -68.48 -4.27
N SER M 48 14.17 -68.33 -3.32
CA SER M 48 13.30 -67.16 -3.31
C SER M 48 14.10 -65.92 -2.95
N PRO M 49 13.80 -64.76 -3.53
CA PRO M 49 14.58 -63.55 -3.24
C PRO M 49 14.28 -63.04 -1.83
N LYS M 50 15.34 -62.78 -1.07
CA LYS M 50 15.21 -62.34 0.31
C LYS M 50 16.08 -61.11 0.53
N LEU M 51 15.86 -60.45 1.66
CA LEU M 51 16.29 -59.07 1.87
C LEU M 51 17.59 -59.00 2.66
N LEU M 52 18.45 -58.07 2.26
CA LEU M 52 19.69 -57.74 2.98
C LEU M 52 19.57 -56.46 3.80
N ILE M 53 19.03 -55.41 3.20
CA ILE M 53 18.92 -54.10 3.83
C ILE M 53 17.48 -53.65 3.70
N TYR M 54 16.90 -53.10 4.77
CA TYR M 54 15.63 -52.38 4.63
C TYR M 54 15.77 -50.97 5.20
N LYS M 55 16.57 -50.14 4.54
CA LYS M 55 16.68 -48.68 4.62
C LYS M 55 17.72 -48.17 3.63
N VAL M 56 18.08 -46.90 3.73
CA VAL M 56 19.33 -46.41 3.17
C VAL M 56 20.51 -47.23 3.73
N SER M 57 20.53 -47.41 5.04
CA SER M 57 21.65 -48.06 5.72
C SER M 57 21.26 -49.25 6.58
N ASN M 58 20.13 -49.18 7.29
CA ASN M 58 19.82 -50.21 8.29
C ASN M 58 19.39 -51.51 7.64
N ARG M 59 19.92 -52.61 8.15
CA ARG M 59 19.98 -53.88 7.45
C ARG M 59 19.02 -54.90 8.04
N PHE M 60 18.71 -55.91 7.23
CA PHE M 60 17.88 -57.03 7.68
C PHE M 60 18.60 -57.82 8.77
N SER M 61 17.82 -58.35 9.71
CA SER M 61 18.36 -59.09 10.84
C SER M 61 18.92 -60.44 10.39
N GLY M 62 20.22 -60.65 10.59
CA GLY M 62 20.88 -61.85 10.14
C GLY M 62 21.86 -61.65 9.00
N VAL M 63 22.06 -60.40 8.57
CA VAL M 63 22.92 -60.07 7.44
C VAL M 63 24.30 -59.71 7.98
N PRO M 64 25.38 -60.27 7.43
CA PRO M 64 26.72 -60.02 7.99
C PRO M 64 27.21 -58.60 7.72
N ASP M 65 28.35 -58.29 8.33
CA ASP M 65 28.90 -56.94 8.36
C ASP M 65 29.84 -56.68 7.19
N ARG M 66 29.36 -56.92 5.97
CA ARG M 66 30.12 -56.61 4.76
C ARG M 66 29.32 -55.84 3.72
N VAL M 67 28.00 -55.81 3.82
CA VAL M 67 27.13 -55.17 2.85
C VAL M 67 26.68 -53.83 3.43
N SER M 68 26.75 -52.77 2.62
CA SER M 68 26.31 -51.45 3.08
C SER M 68 25.67 -50.67 1.94
N GLY M 69 24.61 -49.95 2.23
CA GLY M 69 23.96 -49.08 1.26
C GLY M 69 24.22 -47.62 1.60
N SER M 70 24.29 -46.79 0.57
CA SER M 70 24.51 -45.37 0.79
C SER M 70 23.90 -44.62 -0.39
N GLY M 71 23.93 -43.29 -0.32
CA GLY M 71 23.43 -42.46 -1.39
C GLY M 71 22.35 -41.51 -0.93
N SER M 72 21.89 -40.71 -1.89
CA SER M 72 20.94 -39.62 -1.64
C SER M 72 20.10 -39.38 -2.88
N GLY M 73 18.84 -39.02 -2.64
CA GLY M 73 18.01 -38.40 -3.66
C GLY M 73 17.52 -39.36 -4.71
N THR M 74 18.42 -39.70 -5.65
CA THR M 74 18.14 -40.67 -6.70
C THR M 74 19.22 -41.73 -6.70
N ASP M 75 20.46 -41.32 -6.41
CA ASP M 75 21.62 -42.20 -6.55
C ASP M 75 21.80 -42.99 -5.26
N PHE M 76 21.72 -44.31 -5.34
CA PHE M 76 21.84 -45.15 -4.15
C PHE M 76 22.69 -46.37 -4.49
N THR M 77 23.87 -46.47 -3.88
CA THR M 77 24.87 -47.44 -4.24
C THR M 77 25.04 -48.45 -3.11
N LEU M 78 25.00 -49.73 -3.47
CA LEU M 78 25.36 -50.84 -2.60
C LEU M 78 26.85 -51.10 -2.71
N LYS M 79 27.48 -51.42 -1.59
CA LYS M 79 28.91 -51.68 -1.54
C LYS M 79 29.14 -52.91 -0.67
N ILE M 80 29.74 -53.94 -1.27
CA ILE M 80 30.14 -55.14 -0.56
C ILE M 80 31.66 -55.15 -0.46
N SER M 81 32.17 -55.22 0.77
CA SER M 81 33.61 -55.11 0.99
C SER M 81 34.33 -56.38 0.56
N ARG M 82 33.87 -57.54 1.02
CA ARG M 82 34.47 -58.82 0.68
C ARG M 82 33.40 -59.71 0.07
N VAL M 83 33.68 -60.21 -1.13
CA VAL M 83 32.71 -60.96 -1.93
C VAL M 83 33.03 -62.44 -1.84
N GLU M 84 32.03 -63.25 -1.47
CA GLU M 84 32.14 -64.69 -1.39
C GLU M 84 31.30 -65.33 -2.49
N ALA M 85 31.20 -66.67 -2.45
CA ALA M 85 30.40 -67.38 -3.44
C ALA M 85 28.91 -67.26 -3.17
N GLU M 86 28.52 -66.95 -1.93
CA GLU M 86 27.10 -66.74 -1.62
C GLU M 86 26.59 -65.45 -2.25
N ASP M 87 27.47 -64.47 -2.44
CA ASP M 87 27.11 -63.17 -2.99
C ASP M 87 26.83 -63.23 -4.48
N LEU M 88 27.18 -64.33 -5.15
CA LEU M 88 26.95 -64.46 -6.59
C LEU M 88 25.46 -64.53 -6.89
N GLY M 89 25.08 -63.93 -8.01
CA GLY M 89 23.70 -63.98 -8.43
C GLY M 89 23.11 -62.59 -8.56
N VAL M 90 21.79 -62.55 -8.61
CA VAL M 90 21.06 -61.37 -9.01
C VAL M 90 20.69 -60.54 -7.78
N TYR M 91 21.00 -59.25 -7.82
CA TYR M 91 20.54 -58.30 -6.82
C TYR M 91 19.60 -57.30 -7.47
N TYR M 92 18.81 -56.63 -6.62
CA TYR M 92 17.77 -55.72 -7.07
C TYR M 92 17.74 -54.49 -6.17
N CYS M 93 16.99 -53.49 -6.62
CA CYS M 93 16.58 -52.37 -5.79
C CYS M 93 15.07 -52.47 -5.53
N PHE M 94 14.59 -51.57 -4.68
CA PHE M 94 13.22 -51.59 -4.19
C PHE M 94 12.93 -50.24 -3.56
N GLN M 95 11.69 -49.78 -3.72
CA GLN M 95 11.28 -48.48 -3.19
C GLN M 95 10.15 -48.69 -2.20
N GLY M 96 9.96 -47.69 -1.34
CA GLY M 96 8.92 -47.73 -0.33
C GLY M 96 8.15 -46.45 -0.13
N SER M 97 8.44 -45.43 -0.97
CA SER M 97 7.83 -44.11 -0.78
C SER M 97 6.34 -44.13 -1.08
N HIS M 98 5.96 -44.61 -2.26
CA HIS M 98 4.56 -44.59 -2.66
C HIS M 98 4.33 -45.70 -3.68
N VAL M 99 3.14 -46.26 -3.64
CA VAL M 99 2.79 -47.40 -4.48
C VAL M 99 2.44 -46.85 -5.87
N PRO M 100 2.54 -47.64 -6.95
CA PRO M 100 3.10 -48.99 -7.08
C PRO M 100 4.63 -48.95 -7.08
N TYR M 101 5.23 -49.94 -6.44
CA TYR M 101 6.68 -50.00 -6.36
C TYR M 101 7.25 -50.66 -7.61
N THR M 102 8.49 -50.33 -7.94
CA THR M 102 9.14 -50.84 -9.14
C THR M 102 10.43 -51.55 -8.77
N PHE M 103 10.58 -52.77 -9.28
CA PHE M 103 11.87 -53.43 -9.22
C PHE M 103 12.75 -52.95 -10.38
N GLY M 104 14.04 -53.26 -10.28
CA GLY M 104 14.97 -52.91 -11.33
C GLY M 104 14.98 -53.91 -12.47
N GLY M 105 16.17 -54.22 -12.99
CA GLY M 105 16.28 -55.24 -14.00
C GLY M 105 17.00 -56.47 -13.51
N GLY M 106 17.88 -56.30 -12.52
CA GLY M 106 18.65 -57.40 -11.98
C GLY M 106 20.15 -57.32 -12.27
N THR M 107 20.96 -57.26 -11.22
CA THR M 107 22.40 -57.05 -11.33
C THR M 107 23.12 -58.32 -10.87
N LYS M 108 23.80 -58.98 -11.79
CA LYS M 108 24.45 -60.25 -11.48
C LYS M 108 25.88 -60.04 -11.01
N LEU M 109 26.21 -60.63 -9.86
CA LEU M 109 27.59 -60.80 -9.44
C LEU M 109 28.07 -62.16 -9.92
N GLU M 110 29.22 -62.16 -10.58
CA GLU M 110 29.85 -63.34 -11.14
C GLU M 110 31.28 -63.43 -10.60
N ILE M 111 32.04 -64.38 -11.12
CA ILE M 111 33.45 -64.50 -10.75
C ILE M 111 34.33 -64.08 -11.91
N GLN N 1 68.88 -22.02 -52.00
CA GLN N 1 69.77 -20.91 -52.26
C GLN N 1 69.00 -19.77 -52.91
N VAL N 2 68.65 -18.76 -52.13
CA VAL N 2 67.89 -17.61 -52.63
C VAL N 2 68.62 -16.33 -52.27
N HIS N 3 68.68 -15.41 -53.24
CA HIS N 3 69.06 -14.03 -52.99
C HIS N 3 68.52 -13.19 -54.14
N LEU N 4 68.45 -11.89 -53.92
CA LEU N 4 67.83 -10.98 -54.86
C LEU N 4 68.86 -9.98 -55.34
N GLN N 5 68.45 -9.10 -56.26
CA GLN N 5 69.35 -8.05 -56.74
C GLN N 5 68.53 -6.85 -57.19
N GLU N 6 68.65 -5.75 -56.47
CA GLU N 6 67.94 -4.54 -56.82
C GLU N 6 68.72 -3.72 -57.85
N SER N 7 67.99 -2.93 -58.65
CA SER N 7 68.63 -1.97 -59.53
C SER N 7 67.63 -0.86 -59.83
N GLY N 8 68.09 0.39 -59.71
CA GLY N 8 67.33 1.54 -60.10
C GLY N 8 68.19 2.49 -60.90
N PRO N 9 67.64 3.65 -61.27
CA PRO N 9 68.46 4.65 -61.98
C PRO N 9 69.56 5.25 -61.11
N GLY N 10 69.30 5.49 -59.83
CA GLY N 10 70.34 5.88 -58.91
C GLY N 10 70.42 7.37 -58.63
N LEU N 11 70.30 8.19 -59.67
CA LEU N 11 70.24 9.64 -59.53
C LEU N 11 68.93 10.11 -60.15
N VAL N 12 68.03 10.60 -59.31
CA VAL N 12 66.64 10.81 -59.68
C VAL N 12 66.29 12.28 -59.53
N LYS N 13 65.72 12.87 -60.56
CA LYS N 13 65.22 14.23 -60.43
C LYS N 13 63.86 14.20 -59.75
N PRO N 14 63.48 15.27 -59.05
CA PRO N 14 62.12 15.34 -58.50
C PRO N 14 61.07 15.44 -59.60
N SER N 15 59.86 14.98 -59.27
CA SER N 15 58.71 14.86 -60.17
C SER N 15 59.06 14.00 -61.39
N GLU N 16 59.36 12.74 -61.10
CA GLU N 16 59.82 11.78 -62.10
C GLU N 16 59.20 10.42 -61.81
N THR N 17 58.87 9.70 -62.88
CA THR N 17 58.36 8.33 -62.76
C THR N 17 59.53 7.40 -62.47
N LEU N 18 59.69 7.05 -61.19
CA LEU N 18 60.73 6.13 -60.76
C LEU N 18 60.35 4.69 -61.14
N SER N 19 61.37 3.89 -61.44
CA SER N 19 61.16 2.47 -61.69
C SER N 19 62.32 1.69 -61.10
N LEU N 20 62.03 0.47 -60.68
CA LEU N 20 63.01 -0.39 -60.03
C LEU N 20 62.82 -1.81 -60.49
N THR N 21 63.91 -2.59 -60.42
CA THR N 21 63.87 -4.01 -60.76
C THR N 21 64.44 -4.82 -59.60
N CYS N 22 64.20 -6.13 -59.66
CA CYS N 22 64.67 -7.05 -58.64
C CYS N 22 64.84 -8.43 -59.27
N ASN N 23 66.08 -8.88 -59.36
CA ASN N 23 66.43 -10.20 -59.86
C ASN N 23 66.34 -11.25 -58.76
N VAL N 24 66.01 -12.47 -59.16
CA VAL N 24 65.72 -13.55 -58.25
C VAL N 24 66.81 -14.62 -58.35
N SER N 25 66.73 -15.61 -57.45
CA SER N 25 67.64 -16.75 -57.48
C SER N 25 66.92 -17.95 -56.89
N GLY N 26 66.86 -19.04 -57.64
CA GLY N 26 66.27 -20.28 -57.15
C GLY N 26 64.75 -20.32 -57.19
N THR N 27 64.12 -19.41 -56.45
CA THR N 27 62.67 -19.35 -56.37
C THR N 27 62.14 -18.40 -57.43
N LEU N 28 61.18 -18.87 -58.22
CA LEU N 28 60.64 -18.06 -59.31
C LEU N 28 59.55 -17.13 -58.80
N VAL N 29 59.06 -16.28 -59.71
CA VAL N 29 58.13 -15.21 -59.35
C VAL N 29 56.76 -15.75 -58.98
N ARG N 30 56.40 -16.95 -59.44
CA ARG N 30 55.07 -17.49 -59.19
C ARG N 30 54.92 -17.99 -57.76
N ASP N 31 56.01 -18.37 -57.13
CA ASP N 31 55.95 -19.28 -55.99
C ASP N 31 55.46 -18.60 -54.72
N ASN N 32 56.03 -17.45 -54.38
CA ASN N 32 55.94 -16.93 -53.02
C ASN N 32 55.46 -15.49 -53.03
N TYR N 33 55.02 -15.03 -51.85
CA TYR N 33 54.61 -13.64 -51.68
C TYR N 33 55.82 -12.72 -51.69
N TRP N 34 55.71 -11.62 -52.42
CA TRP N 34 56.79 -10.66 -52.55
C TRP N 34 56.43 -9.39 -51.80
N SER N 35 57.45 -8.58 -51.51
CA SER N 35 57.25 -7.40 -50.69
C SER N 35 58.33 -6.37 -51.00
N TRP N 36 57.94 -5.11 -50.99
CA TRP N 36 58.87 -4.00 -51.09
C TRP N 36 58.79 -3.17 -49.81
N ILE N 37 59.97 -2.79 -49.33
CA ILE N 37 60.14 -2.10 -48.05
C ILE N 37 61.10 -0.95 -48.29
N ARG N 38 60.75 0.24 -47.84
CA ARG N 38 61.73 1.32 -47.91
C ARG N 38 62.26 1.64 -46.52
N GLN N 39 63.44 2.25 -46.49
CA GLN N 39 64.02 2.70 -45.22
C GLN N 39 64.85 3.95 -45.45
N PRO N 40 64.49 5.07 -44.82
CA PRO N 40 65.36 6.24 -44.87
C PRO N 40 66.61 6.04 -44.03
N LEU N 41 67.57 6.92 -44.23
CA LEU N 41 68.84 6.82 -43.55
C LEU N 41 68.68 7.16 -42.06
N GLY N 42 69.14 6.27 -41.20
CA GLY N 42 69.01 6.46 -39.77
C GLY N 42 67.60 6.39 -39.25
N LYS N 43 66.69 5.76 -39.98
CA LYS N 43 65.28 5.73 -39.62
C LYS N 43 64.81 4.29 -39.59
N GLN N 44 63.60 4.09 -39.07
CA GLN N 44 62.97 2.80 -39.12
C GLN N 44 62.56 2.49 -40.56
N PRO N 45 62.50 1.21 -40.93
CA PRO N 45 62.00 0.87 -42.26
C PRO N 45 60.51 1.13 -42.37
N GLU N 46 60.07 1.30 -43.60
CA GLU N 46 58.68 1.56 -43.92
C GLU N 46 58.21 0.46 -44.87
N TRP N 47 57.38 -0.43 -44.36
CA TRP N 47 56.88 -1.54 -45.15
C TRP N 47 55.88 -1.03 -46.17
N ILE N 48 56.33 -0.88 -47.42
CA ILE N 48 55.44 -0.38 -48.45
C ILE N 48 54.40 -1.43 -48.80
N GLY N 49 54.77 -2.69 -48.75
CA GLY N 49 53.73 -3.68 -48.80
C GLY N 49 54.16 -4.89 -49.57
N TYR N 50 53.15 -5.61 -50.07
CA TYR N 50 53.33 -6.95 -50.58
C TYR N 50 52.51 -7.12 -51.85
N VAL N 51 52.88 -8.14 -52.62
CA VAL N 51 52.22 -8.45 -53.89
C VAL N 51 52.33 -9.95 -54.12
N HIS N 52 51.36 -10.49 -54.86
CA HIS N 52 51.37 -11.86 -55.33
C HIS N 52 50.45 -11.92 -56.55
N ASP N 53 50.71 -12.90 -57.41
CA ASP N 53 49.85 -13.17 -58.55
C ASP N 53 48.45 -13.56 -58.08
N SER N 54 47.47 -13.35 -58.97
CA SER N 54 46.05 -13.62 -58.78
C SER N 54 45.45 -12.82 -57.63
N GLY N 55 45.44 -11.50 -57.83
CA GLY N 55 44.61 -10.62 -57.03
C GLY N 55 45.09 -10.31 -55.63
N ASP N 56 46.34 -10.62 -55.30
CA ASP N 56 46.91 -10.27 -54.01
C ASP N 56 47.77 -9.02 -54.19
N THR N 57 47.11 -7.87 -54.26
CA THR N 57 47.72 -6.61 -54.67
C THR N 57 47.34 -5.48 -53.71
N ASN N 58 47.58 -5.68 -52.42
CA ASN N 58 47.28 -4.66 -51.43
C ASN N 58 48.46 -3.71 -51.30
N TYR N 59 48.15 -2.42 -51.17
CA TYR N 59 49.17 -1.37 -51.10
C TYR N 59 49.11 -0.67 -49.76
N ASN N 60 50.12 0.14 -49.49
CA ASN N 60 50.14 0.99 -48.30
C ASN N 60 49.18 2.16 -48.52
N PRO N 61 48.28 2.45 -47.59
CA PRO N 61 47.46 3.66 -47.70
C PRO N 61 48.21 4.96 -47.52
N SER N 62 49.50 4.93 -47.17
CA SER N 62 50.30 6.15 -47.13
C SER N 62 50.49 6.71 -48.53
N LEU N 63 51.03 5.89 -49.45
CA LEU N 63 51.21 6.35 -50.82
C LEU N 63 49.91 6.18 -51.60
N LYS N 64 49.51 4.92 -51.84
CA LYS N 64 48.17 4.47 -52.22
C LYS N 64 47.76 4.88 -53.64
N SER N 65 48.45 5.82 -54.23
CA SER N 65 48.04 6.33 -55.53
C SER N 65 49.17 6.38 -56.53
N ARG N 66 50.37 6.72 -56.08
CA ARG N 66 51.49 6.97 -56.97
C ARG N 66 52.43 5.80 -57.09
N VAL N 67 52.03 4.63 -56.60
CA VAL N 67 52.87 3.44 -56.60
C VAL N 67 52.11 2.29 -57.25
N HIS N 68 52.79 1.58 -58.15
CA HIS N 68 52.23 0.40 -58.81
C HIS N 68 53.32 -0.64 -58.94
N LEU N 69 53.08 -1.82 -58.40
CA LEU N 69 54.04 -2.90 -58.43
C LEU N 69 53.80 -3.73 -59.68
N SER N 70 54.79 -4.56 -60.03
CA SER N 70 54.69 -5.33 -61.26
C SER N 70 55.55 -6.58 -61.14
N LEU N 71 55.29 -7.54 -62.02
CA LEU N 71 55.99 -8.81 -62.04
C LEU N 71 56.58 -9.03 -63.43
N ASP N 72 57.42 -10.06 -63.54
CA ASP N 72 58.07 -10.40 -64.80
C ASP N 72 58.19 -11.91 -64.84
N LYS N 73 57.20 -12.57 -65.44
CA LYS N 73 57.22 -14.01 -65.60
C LYS N 73 58.13 -14.43 -66.75
N SER N 74 58.29 -13.55 -67.73
CA SER N 74 59.17 -13.84 -68.86
C SER N 74 60.63 -13.84 -68.42
N LYS N 75 61.11 -12.71 -67.92
CA LYS N 75 62.49 -12.60 -67.48
C LYS N 75 62.67 -13.01 -66.03
N ASN N 76 61.57 -13.29 -65.32
CA ASN N 76 61.54 -13.70 -63.91
C ASN N 76 62.18 -12.63 -63.01
N LEU N 77 61.54 -11.47 -62.97
CA LEU N 77 61.93 -10.37 -62.10
C LEU N 77 60.71 -9.83 -61.36
N VAL N 78 60.97 -8.93 -60.41
CA VAL N 78 59.92 -8.17 -59.73
C VAL N 78 60.23 -6.69 -59.92
N SER N 79 59.26 -5.92 -60.38
CA SER N 79 59.51 -4.53 -60.72
C SER N 79 58.57 -3.61 -59.95
N LEU N 80 58.91 -2.32 -59.97
CA LEU N 80 58.16 -1.33 -59.22
C LEU N 80 58.14 -0.02 -59.99
N ARG N 81 57.05 0.73 -59.85
CA ARG N 81 56.91 2.05 -60.44
C ARG N 81 56.38 3.02 -59.40
N LEU N 82 57.04 4.16 -59.28
CA LEU N 82 56.61 5.26 -58.43
C LEU N 82 56.34 6.46 -59.35
N THR N 83 55.40 7.30 -58.96
CA THR N 83 55.06 8.50 -59.72
C THR N 83 55.30 9.73 -58.86
N GLY N 84 56.02 10.71 -59.40
CA GLY N 84 56.24 11.95 -58.68
C GLY N 84 57.19 11.80 -57.50
N VAL N 85 58.47 11.59 -57.79
CA VAL N 85 59.48 11.48 -56.74
C VAL N 85 59.62 12.80 -56.00
N THR N 86 59.48 12.76 -54.68
CA THR N 86 59.64 13.91 -53.83
C THR N 86 61.00 13.87 -53.14
N ALA N 87 61.28 14.91 -52.34
CA ALA N 87 62.57 15.02 -51.67
C ALA N 87 62.70 14.06 -50.49
N ALA N 88 61.59 13.63 -49.91
CA ALA N 88 61.61 12.66 -48.82
C ALA N 88 61.80 11.23 -49.31
N ASP N 89 61.85 11.01 -50.62
CA ASP N 89 61.96 9.69 -51.20
C ASP N 89 63.36 9.11 -51.13
N SER N 90 64.34 9.88 -50.67
CA SER N 90 65.73 9.42 -50.61
C SER N 90 65.85 8.37 -49.52
N ALA N 91 65.78 7.11 -49.92
CA ALA N 91 65.72 6.00 -48.99
C ALA N 91 66.20 4.75 -49.71
N ILE N 92 66.82 3.85 -48.96
CA ILE N 92 67.28 2.60 -49.55
C ILE N 92 66.10 1.62 -49.60
N TYR N 93 65.94 0.99 -50.75
CA TYR N 93 64.74 0.23 -51.09
C TYR N 93 65.08 -1.25 -51.15
N TYR N 94 64.15 -2.09 -50.70
CA TYR N 94 64.38 -3.51 -50.48
C TYR N 94 63.27 -4.30 -51.15
N CYS N 95 63.63 -5.15 -52.10
CA CYS N 95 62.74 -6.23 -52.52
C CYS N 95 63.03 -7.46 -51.67
N ALA N 96 61.99 -8.21 -51.34
CA ALA N 96 62.12 -9.31 -50.39
C ALA N 96 60.94 -10.25 -50.56
N THR N 97 61.10 -11.48 -50.07
CA THR N 97 59.97 -12.38 -49.97
C THR N 97 59.37 -12.29 -48.57
N THR N 98 58.20 -12.90 -48.42
CA THR N 98 57.59 -13.01 -47.09
C THR N 98 56.72 -14.25 -47.04
N LYS N 99 56.42 -14.68 -45.81
CA LYS N 99 55.64 -15.87 -45.55
C LYS N 99 54.41 -15.53 -44.71
N HIS N 100 53.33 -16.25 -44.93
CA HIS N 100 52.05 -15.95 -44.31
C HIS N 100 51.97 -16.62 -42.95
N GLY N 101 50.76 -16.64 -42.38
CA GLY N 101 50.49 -17.30 -41.13
C GLY N 101 49.15 -16.85 -40.58
N ARG N 102 48.36 -17.80 -40.08
CA ARG N 102 47.01 -17.52 -39.61
C ARG N 102 47.02 -17.56 -38.09
N ARG N 103 46.91 -16.39 -37.47
CA ARG N 103 46.83 -16.27 -36.02
C ARG N 103 45.37 -16.36 -35.61
N ILE N 104 45.04 -17.40 -34.85
CA ILE N 104 43.65 -17.71 -34.49
C ILE N 104 43.51 -17.57 -33.00
N TYR N 105 42.51 -16.80 -32.57
CA TYR N 105 42.31 -16.52 -31.15
C TYR N 105 40.91 -16.79 -30.66
N GLY N 106 39.92 -16.91 -31.53
CA GLY N 106 38.56 -17.14 -31.08
C GLY N 106 37.94 -18.35 -31.74
N VAL N 107 36.82 -18.14 -32.40
CA VAL N 107 36.17 -19.18 -33.19
C VAL N 107 36.46 -18.91 -34.66
N VAL N 108 36.79 -19.96 -35.40
CA VAL N 108 37.19 -19.79 -36.80
C VAL N 108 35.99 -19.41 -37.65
N ALA N 109 34.81 -19.93 -37.32
CA ALA N 109 33.62 -19.67 -38.13
C ALA N 109 33.12 -18.24 -38.02
N PHE N 110 33.57 -17.49 -37.02
CA PHE N 110 33.10 -16.13 -36.80
C PHE N 110 34.12 -15.11 -37.25
N LYS N 111 35.09 -15.52 -38.07
CA LYS N 111 36.19 -14.70 -38.57
C LYS N 111 36.99 -14.06 -37.44
N GLU N 112 37.21 -14.81 -36.36
CA GLU N 112 37.97 -14.32 -35.22
C GLU N 112 39.43 -14.77 -35.33
N TRP N 113 40.08 -14.29 -36.38
CA TRP N 113 41.46 -14.65 -36.69
C TRP N 113 41.99 -13.62 -37.66
N PHE N 114 43.31 -13.59 -37.81
CA PHE N 114 43.90 -12.62 -38.72
C PHE N 114 45.21 -13.16 -39.28
N THR N 115 45.56 -12.69 -40.47
CA THR N 115 46.78 -13.11 -41.15
C THR N 115 47.88 -12.10 -40.89
N TYR N 116 49.05 -12.59 -40.52
CA TYR N 116 50.23 -11.78 -40.29
C TYR N 116 51.29 -12.16 -41.30
N PHE N 117 52.28 -11.29 -41.48
CA PHE N 117 53.34 -11.52 -42.43
C PHE N 117 54.68 -11.17 -41.80
N TYR N 118 55.74 -11.70 -42.40
CA TYR N 118 57.08 -11.55 -41.85
C TYR N 118 58.08 -11.86 -42.96
N MET N 119 59.10 -11.02 -43.09
CA MET N 119 60.08 -11.15 -44.16
C MET N 119 61.16 -12.15 -43.75
N ASP N 120 61.29 -13.23 -44.51
CA ASP N 120 62.26 -14.26 -44.23
C ASP N 120 63.65 -13.86 -44.70
N VAL N 121 63.77 -13.40 -45.94
CA VAL N 121 65.06 -13.02 -46.52
C VAL N 121 64.93 -11.62 -47.09
N TRP N 122 66.06 -11.09 -47.54
CA TRP N 122 66.14 -9.68 -47.92
C TRP N 122 66.98 -9.55 -49.18
N GLY N 123 67.07 -8.32 -49.68
CA GLY N 123 67.91 -7.98 -50.80
C GLY N 123 69.16 -7.24 -50.39
N LYS N 124 69.69 -6.46 -51.33
CA LYS N 124 70.88 -5.66 -51.08
C LYS N 124 70.59 -4.17 -51.00
N GLY N 125 69.76 -3.66 -51.89
CA GLY N 125 69.33 -2.27 -51.83
C GLY N 125 69.98 -1.43 -52.90
N THR N 126 69.40 -0.24 -53.09
CA THR N 126 69.91 0.76 -54.02
C THR N 126 69.50 2.11 -53.47
N SER N 127 70.47 2.93 -53.10
CA SER N 127 70.19 4.25 -52.52
C SER N 127 69.67 5.17 -53.61
N VAL N 128 68.34 5.27 -53.71
CA VAL N 128 67.71 6.13 -54.69
C VAL N 128 67.86 7.57 -54.23
N THR N 129 68.58 8.36 -55.01
CA THR N 129 68.94 9.73 -54.63
C THR N 129 68.06 10.71 -55.39
N VAL N 130 67.31 11.52 -54.65
CA VAL N 130 66.51 12.58 -55.23
C VAL N 130 67.26 13.90 -55.08
N SER N 131 67.50 14.56 -56.21
CA SER N 131 68.30 15.78 -56.27
C SER N 131 68.11 16.41 -57.63
N SER N 132 68.52 17.67 -57.73
CA SER N 132 68.51 18.39 -59.00
C SER N 132 69.62 17.91 -59.92
N ALA O 1 66.25 9.12 -29.72
CA ALA O 1 65.54 7.96 -30.28
C ALA O 1 66.24 6.59 -30.09
N PRO O 2 67.59 6.43 -30.33
CA PRO O 2 68.18 5.12 -30.02
C PRO O 2 68.29 4.87 -28.52
N THR O 3 67.47 3.96 -28.02
CA THR O 3 67.59 3.56 -26.61
C THR O 3 68.88 2.77 -26.43
N PHE O 4 69.63 3.10 -25.39
CA PHE O 4 70.95 2.54 -25.19
C PHE O 4 70.84 1.24 -24.40
N VAL O 5 71.06 0.13 -25.08
CA VAL O 5 71.02 -1.18 -24.44
C VAL O 5 72.45 -1.70 -24.19
N SER O 6 73.32 -0.83 -23.67
CA SER O 6 74.63 -1.23 -23.17
C SER O 6 74.53 -2.35 -22.15
N VAL O 7 75.06 -3.52 -22.48
CA VAL O 7 75.03 -4.69 -21.63
C VAL O 7 76.41 -5.34 -21.59
N ALA O 8 76.78 -5.86 -20.43
CA ALA O 8 78.00 -6.64 -20.31
C ALA O 8 77.82 -7.97 -21.03
N PRO O 9 78.87 -8.49 -21.67
CA PRO O 9 78.75 -9.80 -22.33
C PRO O 9 78.62 -10.91 -21.30
N GLY O 10 77.82 -11.91 -21.65
CA GLY O 10 77.46 -12.97 -20.73
C GLY O 10 76.21 -12.71 -19.92
N GLN O 11 75.71 -11.48 -19.91
CA GLN O 11 74.56 -11.12 -19.09
C GLN O 11 73.26 -11.28 -19.87
N THR O 12 72.17 -10.75 -19.31
CA THR O 12 70.85 -10.83 -19.92
C THR O 12 70.42 -9.43 -20.34
N ALA O 13 70.04 -9.29 -21.61
CA ALA O 13 69.48 -8.05 -22.13
C ALA O 13 67.98 -8.22 -22.30
N ARG O 14 67.24 -7.15 -21.98
CA ARG O 14 65.78 -7.13 -22.12
C ARG O 14 65.41 -5.91 -22.92
N ILE O 15 64.90 -6.12 -24.14
CA ILE O 15 64.59 -5.03 -25.06
C ILE O 15 63.08 -4.88 -25.11
N THR O 16 62.59 -3.70 -24.79
CA THR O 16 61.18 -3.38 -24.92
C THR O 16 60.97 -2.50 -26.16
N CYS O 17 59.84 -2.69 -26.81
CA CYS O 17 59.54 -1.97 -28.05
C CYS O 17 58.05 -1.98 -28.30
N GLY O 18 57.57 -0.93 -28.94
CA GLY O 18 56.21 -0.89 -29.42
C GLY O 18 55.22 -0.30 -28.45
N GLU O 19 53.96 -0.33 -28.88
CA GLU O 19 52.85 0.22 -28.12
C GLU O 19 52.39 -0.79 -27.07
N GLU O 20 51.84 -0.29 -25.97
CA GLU O 20 51.25 -1.14 -24.94
C GLU O 20 50.08 -1.93 -25.51
N SER O 21 50.02 -3.21 -25.15
CA SER O 21 49.10 -4.15 -25.77
C SER O 21 47.66 -3.87 -25.39
N LEU O 22 46.74 -4.14 -26.33
CA LEU O 22 45.32 -4.10 -26.04
C LEU O 22 44.68 -5.47 -26.22
N GLY O 23 44.82 -6.08 -27.39
CA GLY O 23 44.27 -7.40 -27.64
C GLY O 23 45.36 -8.46 -27.65
N SER O 24 44.97 -9.65 -28.11
CA SER O 24 45.96 -10.70 -28.32
C SER O 24 46.82 -10.36 -29.53
N ARG O 25 48.13 -10.53 -29.40
CA ARG O 25 49.04 -10.02 -30.41
C ARG O 25 49.90 -11.12 -30.99
N SER O 26 50.68 -10.73 -31.99
CA SER O 26 51.74 -11.56 -32.54
C SER O 26 52.91 -10.64 -32.88
N VAL O 27 54.07 -10.89 -32.29
CA VAL O 27 55.20 -10.00 -32.45
C VAL O 27 56.23 -10.64 -33.37
N ILE O 28 56.93 -9.79 -34.12
CA ILE O 28 58.06 -10.19 -34.96
C ILE O 28 59.26 -9.33 -34.57
N TRP O 29 60.38 -9.96 -34.26
CA TRP O 29 61.61 -9.25 -33.96
C TRP O 29 62.58 -9.41 -35.11
N TYR O 30 63.14 -8.29 -35.54
CA TYR O 30 64.15 -8.19 -36.59
C TYR O 30 65.47 -7.76 -35.98
N GLN O 31 66.49 -7.68 -36.83
CA GLN O 31 67.70 -6.94 -36.49
C GLN O 31 68.36 -6.40 -37.75
N GLN O 32 69.17 -5.37 -37.56
CA GLN O 32 69.78 -4.59 -38.63
C GLN O 32 71.26 -4.46 -38.31
N ARG O 33 72.08 -5.28 -38.96
CA ARG O 33 73.52 -5.13 -38.81
C ARG O 33 73.98 -3.90 -39.58
N PRO O 34 75.03 -3.23 -39.08
CA PRO O 34 75.46 -1.96 -39.71
C PRO O 34 76.04 -2.21 -41.10
N GLY O 35 75.56 -1.44 -42.07
CA GLY O 35 75.99 -1.55 -43.43
C GLY O 35 75.37 -2.68 -44.23
N GLN O 36 74.51 -3.48 -43.60
CA GLN O 36 73.96 -4.67 -44.23
C GLN O 36 72.43 -4.59 -44.33
N ALA O 37 71.85 -5.68 -44.78
CA ALA O 37 70.42 -5.85 -44.91
C ALA O 37 69.81 -6.21 -43.56
N PRO O 38 68.48 -6.14 -43.41
CA PRO O 38 67.86 -6.69 -42.19
C PRO O 38 67.91 -8.21 -42.14
N SER O 39 67.44 -8.77 -41.04
CA SER O 39 67.30 -10.21 -40.90
C SER O 39 66.33 -10.48 -39.77
N LEU O 40 65.47 -11.47 -39.98
CA LEU O 40 64.54 -11.87 -38.95
C LEU O 40 65.25 -12.67 -37.88
N ILE O 41 64.81 -12.52 -36.64
CA ILE O 41 65.23 -13.41 -35.56
C ILE O 41 64.05 -14.11 -34.91
N ILE O 42 62.93 -13.42 -34.69
CA ILE O 42 61.76 -14.04 -34.05
C ILE O 42 60.55 -13.78 -34.93
N TYR O 43 59.75 -14.81 -35.18
CA TYR O 43 58.60 -14.66 -36.08
C TYR O 43 57.25 -14.80 -35.40
N ASN O 44 57.10 -15.66 -34.40
CA ASN O 44 55.87 -15.67 -33.62
C ASN O 44 56.17 -14.98 -32.29
N ASN O 45 55.24 -15.06 -31.34
CA ASN O 45 55.48 -14.44 -30.04
C ASN O 45 56.59 -15.13 -29.27
N ASN O 46 56.75 -16.44 -29.43
CA ASN O 46 57.84 -17.13 -28.75
C ASN O 46 58.45 -18.21 -29.64
N ASP O 47 58.44 -17.98 -30.95
CA ASP O 47 58.99 -18.97 -31.88
C ASP O 47 60.05 -18.32 -32.74
N ARG O 48 61.19 -19.00 -32.86
CA ARG O 48 62.28 -18.63 -33.73
C ARG O 48 62.42 -19.65 -34.86
N PRO O 49 62.81 -19.23 -36.06
CA PRO O 49 62.85 -20.15 -37.20
C PRO O 49 64.07 -21.07 -37.13
N SER O 50 64.22 -21.88 -38.18
CA SER O 50 65.32 -22.82 -38.23
C SER O 50 66.60 -22.12 -38.67
N GLY O 51 67.73 -22.60 -38.14
CA GLY O 51 69.03 -22.08 -38.47
C GLY O 51 69.46 -20.89 -37.64
N ILE O 52 68.51 -20.17 -37.05
CA ILE O 52 68.79 -18.98 -36.26
C ILE O 52 69.39 -19.48 -34.96
N PRO O 53 70.23 -18.71 -34.27
CA PRO O 53 70.67 -19.13 -32.94
C PRO O 53 69.55 -19.06 -31.91
N ASP O 54 69.79 -19.74 -30.81
CA ASP O 54 68.90 -19.73 -29.65
C ASP O 54 69.20 -18.52 -28.78
N ARG O 55 68.71 -18.55 -27.53
CA ARG O 55 68.88 -17.52 -26.51
C ARG O 55 68.19 -16.21 -26.88
N PHE O 56 67.23 -16.24 -27.79
CA PHE O 56 66.34 -15.12 -28.05
C PHE O 56 64.93 -15.56 -27.69
N SER O 57 64.55 -15.33 -26.43
CA SER O 57 63.25 -15.75 -25.94
C SER O 57 62.25 -14.61 -26.03
N GLY O 58 61.01 -14.96 -26.35
CA GLY O 58 59.96 -13.98 -26.56
C GLY O 58 58.89 -14.08 -25.51
N SER O 59 58.30 -12.94 -25.17
CA SER O 59 57.21 -12.90 -24.21
C SER O 59 55.94 -13.44 -24.86
N PRO O 60 55.11 -14.17 -24.12
CA PRO O 60 53.84 -14.65 -24.69
C PRO O 60 52.87 -13.51 -24.93
N GLY O 61 52.22 -13.54 -26.09
CA GLY O 61 51.37 -12.47 -26.56
C GLY O 61 49.97 -12.42 -25.99
N SER O 62 49.69 -13.19 -24.95
CA SER O 62 48.39 -13.16 -24.31
C SER O 62 48.31 -12.17 -23.16
N THR O 63 49.39 -11.47 -22.86
CA THR O 63 49.39 -10.50 -21.78
C THR O 63 48.73 -9.22 -22.25
N PHE O 64 47.81 -8.68 -21.44
CA PHE O 64 46.91 -7.61 -21.85
C PHE O 64 47.29 -6.33 -21.12
N GLY O 65 47.97 -5.43 -21.81
CA GLY O 65 48.39 -4.18 -21.24
C GLY O 65 49.85 -4.06 -20.89
N THR O 66 50.74 -4.72 -21.62
CA THR O 66 52.18 -4.58 -21.44
C THR O 66 52.80 -4.24 -22.79
N THR O 67 54.12 -4.07 -22.78
CA THR O 67 54.90 -3.71 -23.96
C THR O 67 55.70 -4.93 -24.38
N ALA O 68 55.89 -5.09 -25.70
CA ALA O 68 56.55 -6.27 -26.22
C ALA O 68 58.03 -6.27 -25.87
N THR O 69 58.47 -7.35 -25.23
CA THR O 69 59.85 -7.50 -24.77
C THR O 69 60.55 -8.60 -25.55
N LEU O 70 61.86 -8.67 -25.35
CA LEU O 70 62.71 -9.64 -26.03
C LEU O 70 63.90 -9.93 -25.14
N THR O 71 64.05 -11.19 -24.75
CA THR O 71 65.06 -11.59 -23.76
C THR O 71 66.25 -12.24 -24.46
N ILE O 72 67.42 -11.63 -24.34
CA ILE O 72 68.66 -12.19 -24.85
C ILE O 72 69.52 -12.58 -23.66
N THR O 73 70.22 -13.71 -23.76
CA THR O 73 71.24 -14.07 -22.81
C THR O 73 72.56 -14.28 -23.54
N SER O 74 73.65 -13.93 -22.84
CA SER O 74 75.04 -14.19 -23.26
C SER O 74 75.37 -13.53 -24.61
N VAL O 75 75.39 -12.20 -24.60
CA VAL O 75 75.66 -11.43 -25.81
C VAL O 75 77.15 -11.44 -26.14
N GLU O 76 77.49 -10.98 -27.34
CA GLU O 76 78.85 -10.99 -27.83
C GLU O 76 79.05 -9.78 -28.73
N ALA O 77 80.18 -9.72 -29.42
CA ALA O 77 80.46 -8.60 -30.32
C ALA O 77 79.72 -8.72 -31.63
N GLY O 78 79.46 -9.95 -32.10
CA GLY O 78 78.73 -10.14 -33.35
C GLY O 78 77.26 -9.79 -33.25
N ASP O 79 76.72 -9.71 -32.03
CA ASP O 79 75.33 -9.36 -31.80
C ASP O 79 75.07 -7.85 -31.86
N GLU O 80 76.08 -7.05 -32.23
CA GLU O 80 75.92 -5.61 -32.34
C GLU O 80 75.09 -5.27 -33.58
N ALA O 81 73.83 -4.92 -33.36
CA ALA O 81 72.91 -4.58 -34.44
C ALA O 81 71.78 -3.75 -33.86
N ASP O 82 71.17 -2.93 -34.71
CA ASP O 82 69.96 -2.22 -34.30
C ASP O 82 68.80 -3.21 -34.29
N TYR O 83 67.81 -2.94 -33.46
CA TYR O 83 66.66 -3.83 -33.39
C TYR O 83 65.39 -3.14 -33.85
N TYR O 84 64.42 -3.95 -34.24
CA TYR O 84 63.08 -3.49 -34.54
C TYR O 84 62.07 -4.54 -34.11
N CYS O 85 61.00 -4.07 -33.50
CA CYS O 85 59.82 -4.88 -33.22
C CYS O 85 58.78 -4.63 -34.31
N HIS O 86 57.85 -5.56 -34.42
CA HIS O 86 56.77 -5.45 -35.40
C HIS O 86 55.58 -6.18 -34.79
N ILE O 87 54.70 -5.44 -34.19
CA ILE O 87 53.58 -6.05 -33.48
C ILE O 87 52.39 -6.15 -34.43
N TRP O 88 51.56 -7.14 -34.16
CA TRP O 88 50.30 -7.36 -34.85
C TRP O 88 49.28 -7.45 -33.74
N ASP O 89 48.62 -6.35 -33.44
CA ASP O 89 47.57 -6.35 -32.42
C ASP O 89 46.24 -6.62 -33.08
N SER O 90 45.43 -7.45 -32.44
CA SER O 90 44.15 -7.87 -33.01
C SER O 90 43.05 -6.86 -32.80
N ARG O 91 43.38 -5.67 -32.30
CA ARG O 91 42.40 -4.61 -32.16
C ARG O 91 42.76 -3.38 -32.97
N ARG O 92 44.00 -2.91 -32.85
CA ARG O 92 44.47 -1.77 -33.63
C ARG O 92 44.61 -2.16 -35.10
N PRO O 93 44.60 -1.18 -36.02
CA PRO O 93 44.72 -1.53 -37.44
C PRO O 93 46.11 -1.99 -37.88
N THR O 94 46.25 -2.18 -39.19
CA THR O 94 47.47 -2.73 -39.76
C THR O 94 48.63 -1.75 -39.64
N ASN O 95 49.75 -2.22 -39.06
CA ASN O 95 50.91 -1.37 -38.83
C ASN O 95 51.72 -1.28 -40.12
N TRP O 96 51.68 -0.12 -40.76
CA TRP O 96 52.46 0.11 -41.96
C TRP O 96 53.82 0.75 -41.66
N VAL O 97 54.26 0.69 -40.42
CA VAL O 97 55.59 1.17 -40.04
C VAL O 97 56.04 0.34 -38.84
N PHE O 98 57.35 0.12 -38.75
CA PHE O 98 57.90 -0.69 -37.68
C PHE O 98 57.98 0.13 -36.40
N GLY O 99 58.57 -0.48 -35.37
CA GLY O 99 58.81 0.21 -34.12
C GLY O 99 60.00 1.14 -34.21
N GLU O 100 60.39 1.66 -33.06
CA GLU O 100 61.51 2.58 -32.96
C GLU O 100 62.76 1.82 -32.53
N GLY O 101 63.89 2.21 -33.11
CA GLY O 101 65.08 1.38 -33.06
C GLY O 101 65.72 1.38 -31.68
N THR O 102 66.01 0.17 -31.18
CA THR O 102 66.70 -0.03 -29.91
C THR O 102 68.06 -0.62 -30.25
N THR O 103 69.07 0.24 -30.34
CA THR O 103 70.40 -0.19 -30.74
C THR O 103 71.05 -1.01 -29.63
N LEU O 104 71.83 -2.01 -30.03
CA LEU O 104 72.45 -2.93 -29.09
C LEU O 104 73.95 -2.81 -29.18
N ILE O 105 74.59 -2.43 -28.07
CA ILE O 105 76.04 -2.32 -27.99
C ILE O 105 76.53 -3.13 -26.79
N VAL O 106 77.53 -3.95 -27.03
CA VAL O 106 78.05 -4.88 -26.03
C VAL O 106 79.21 -4.22 -25.30
N LEU O 107 79.36 -4.55 -24.02
CA LEU O 107 80.52 -4.11 -23.24
C LEU O 107 81.69 -5.08 -23.38
N GLN P 1 -17.44 -1.80 -28.94
CA GLN P 1 -17.66 -2.33 -30.28
C GLN P 1 -16.34 -2.75 -30.88
N VAL P 2 -16.38 -3.32 -32.08
CA VAL P 2 -15.19 -3.67 -32.84
C VAL P 2 -15.31 -3.01 -34.20
N GLN P 3 -14.29 -2.24 -34.56
CA GLN P 3 -14.29 -1.62 -35.87
C GLN P 3 -13.05 -2.06 -36.64
N LEU P 4 -13.20 -2.17 -37.96
CA LEU P 4 -12.14 -2.64 -38.83
C LEU P 4 -12.17 -1.80 -40.09
N VAL P 5 -11.10 -1.04 -40.34
CA VAL P 5 -11.07 -0.12 -41.47
C VAL P 5 -9.89 -0.52 -42.35
N GLN P 6 -10.14 -0.69 -43.63
CA GLN P 6 -9.05 -0.92 -44.56
C GLN P 6 -8.76 0.35 -45.34
N SER P 7 -7.88 0.22 -46.34
CA SER P 7 -7.58 1.31 -47.25
C SER P 7 -8.39 1.15 -48.52
N GLY P 8 -8.11 2.00 -49.50
CA GLY P 8 -8.86 1.98 -50.74
C GLY P 8 -8.31 1.01 -51.76
N ALA P 9 -9.10 0.78 -52.80
CA ALA P 9 -8.72 -0.11 -53.89
C ALA P 9 -7.59 0.50 -54.70
N VAL P 10 -6.93 -0.33 -55.50
CA VAL P 10 -5.75 0.15 -56.23
C VAL P 10 -5.53 -0.63 -57.52
N ILE P 11 -5.33 0.14 -58.59
CA ILE P 11 -4.67 -0.31 -59.81
C ILE P 11 -3.19 -0.50 -59.52
N LYS P 12 -2.67 -1.69 -59.81
CA LYS P 12 -1.23 -1.91 -59.70
C LYS P 12 -0.69 -2.56 -60.97
N THR P 13 0.52 -2.17 -61.34
CA THR P 13 1.21 -2.79 -62.45
C THR P 13 1.62 -4.21 -62.07
N PRO P 14 1.73 -5.12 -63.04
CA PRO P 14 2.16 -6.48 -62.72
C PRO P 14 3.59 -6.52 -62.24
N GLY P 15 3.86 -7.49 -61.37
CA GLY P 15 5.19 -7.66 -60.80
C GLY P 15 5.55 -6.68 -59.71
N SER P 16 4.60 -5.89 -59.23
CA SER P 16 4.88 -4.88 -58.22
C SER P 16 4.54 -5.43 -56.84
N SER P 17 4.60 -4.55 -55.84
CA SER P 17 4.30 -4.89 -54.46
C SER P 17 3.19 -3.97 -53.96
N VAL P 18 2.30 -4.52 -53.15
CA VAL P 18 1.16 -3.77 -52.65
C VAL P 18 1.19 -3.85 -51.13
N LYS P 19 0.62 -2.82 -50.50
CA LYS P 19 0.52 -2.74 -49.05
C LYS P 19 -0.90 -2.41 -48.66
N ILE P 20 -1.43 -3.14 -47.69
CA ILE P 20 -2.78 -2.94 -47.19
C ILE P 20 -2.72 -2.81 -45.68
N SER P 21 -3.25 -1.71 -45.15
CA SER P 21 -3.21 -1.44 -43.72
C SER P 21 -4.60 -1.62 -43.13
N CYS P 22 -4.79 -2.73 -42.43
CA CYS P 22 -6.02 -2.97 -41.67
C CYS P 22 -5.88 -2.34 -40.29
N ARG P 23 -6.76 -1.41 -39.97
CA ARG P 23 -6.73 -0.71 -38.70
C ARG P 23 -7.87 -1.20 -37.83
N ALA P 24 -7.56 -1.55 -36.58
CA ALA P 24 -8.56 -2.06 -35.67
C ALA P 24 -8.64 -1.18 -34.44
N SER P 25 -9.84 -1.05 -33.91
CA SER P 25 -10.07 -0.24 -32.72
C SER P 25 -11.34 -0.71 -32.04
N GLY P 26 -11.45 -0.36 -30.76
CA GLY P 26 -12.56 -0.75 -29.93
C GLY P 26 -12.30 -1.90 -29.01
N TYR P 27 -11.10 -2.48 -29.04
CA TYR P 27 -10.80 -3.60 -28.15
C TYR P 27 -9.32 -3.55 -27.81
N ASN P 28 -8.93 -4.36 -26.83
CA ASN P 28 -7.53 -4.43 -26.45
C ASN P 28 -6.78 -5.19 -27.53
N PHE P 29 -5.92 -4.47 -28.27
CA PHE P 29 -5.34 -5.03 -29.48
C PHE P 29 -4.28 -6.08 -29.18
N ARG P 30 -3.73 -6.07 -27.99
CA ARG P 30 -2.72 -7.05 -27.62
C ARG P 30 -3.28 -8.41 -27.33
N ASP P 31 -4.52 -8.79 -27.63
CA ASP P 31 -5.06 -10.06 -27.19
C ASP P 31 -5.46 -10.99 -28.31
N TYR P 32 -6.00 -10.47 -29.40
CA TYR P 32 -6.63 -11.31 -30.41
C TYR P 32 -5.82 -11.33 -31.68
N SER P 33 -5.85 -12.46 -32.37
CA SER P 33 -5.14 -12.61 -33.61
C SER P 33 -5.84 -11.85 -34.73
N ILE P 34 -5.10 -11.60 -35.80
CA ILE P 34 -5.67 -10.97 -36.99
C ILE P 34 -5.40 -11.90 -38.16
N HIS P 35 -6.45 -12.30 -38.84
CA HIS P 35 -6.30 -13.22 -39.95
C HIS P 35 -6.58 -12.46 -41.24
N TRP P 36 -6.09 -13.02 -42.33
CA TRP P 36 -6.26 -12.41 -43.64
C TRP P 36 -6.85 -13.41 -44.60
N VAL P 37 -7.94 -13.03 -45.26
CA VAL P 37 -8.61 -13.96 -46.16
C VAL P 37 -8.85 -13.23 -47.47
N ARG P 38 -8.83 -13.99 -48.55
CA ARG P 38 -9.02 -13.41 -49.87
C ARG P 38 -10.21 -14.09 -50.54
N LEU P 39 -10.87 -13.31 -51.39
CA LEU P 39 -11.96 -13.78 -52.24
C LEU P 39 -11.55 -13.55 -53.67
N ILE P 40 -11.32 -14.62 -54.40
CA ILE P 40 -11.09 -14.55 -55.83
C ILE P 40 -12.43 -14.85 -56.47
N PRO P 41 -12.85 -14.09 -57.49
CA PRO P 41 -14.06 -14.47 -58.23
C PRO P 41 -13.87 -15.80 -58.93
N ASP P 42 -14.91 -16.65 -58.84
CA ASP P 42 -14.97 -17.97 -59.44
C ASP P 42 -13.89 -18.90 -58.90
N LYS P 43 -13.50 -18.71 -57.64
CA LYS P 43 -12.60 -19.63 -56.97
C LYS P 43 -13.02 -19.98 -55.56
N GLY P 44 -13.95 -19.25 -54.95
CA GLY P 44 -14.24 -19.41 -53.55
C GLY P 44 -13.24 -18.68 -52.69
N PHE P 45 -13.47 -18.75 -51.37
CA PHE P 45 -12.55 -18.15 -50.42
C PHE P 45 -11.22 -18.88 -50.40
N GLU P 46 -10.22 -18.22 -49.84
CA GLU P 46 -8.89 -18.79 -49.71
C GLU P 46 -8.21 -18.14 -48.52
N TRP P 47 -7.64 -18.96 -47.65
CA TRP P 47 -6.95 -18.45 -46.48
C TRP P 47 -5.58 -17.94 -46.88
N ILE P 48 -5.08 -16.97 -46.13
CA ILE P 48 -3.74 -16.45 -46.42
C ILE P 48 -2.82 -16.69 -45.23
N GLY P 49 -3.16 -16.14 -44.08
CA GLY P 49 -2.29 -16.31 -42.94
C GLY P 49 -2.84 -15.59 -41.74
N TRP P 50 -2.08 -15.67 -40.65
CA TRP P 50 -2.47 -15.01 -39.41
C TRP P 50 -1.29 -14.39 -38.73
N ILE P 51 -1.60 -13.48 -37.82
CA ILE P 51 -0.62 -12.77 -37.02
C ILE P 51 -1.14 -12.65 -35.60
N LYS P 52 -0.22 -12.72 -34.64
CA LYS P 52 -0.52 -12.37 -33.26
C LYS P 52 0.21 -11.09 -32.93
N PRO P 53 -0.50 -10.01 -32.58
CA PRO P 53 0.13 -8.70 -32.52
C PRO P 53 1.03 -8.51 -31.32
N LEU P 54 1.01 -9.42 -30.36
CA LEU P 54 1.81 -9.29 -29.15
C LEU P 54 3.30 -9.35 -29.48
N TRP P 55 3.70 -10.28 -30.31
CA TRP P 55 5.09 -10.38 -30.70
C TRP P 55 5.29 -10.43 -32.20
N GLY P 56 4.23 -10.38 -33.00
CA GLY P 56 4.40 -10.51 -34.42
C GLY P 56 4.67 -11.93 -34.85
N ALA P 57 4.22 -12.91 -34.07
CA ALA P 57 4.27 -14.29 -34.52
C ALA P 57 3.32 -14.45 -35.69
N VAL P 58 3.87 -14.75 -36.86
CA VAL P 58 3.07 -14.87 -38.06
C VAL P 58 3.07 -16.33 -38.49
N SER P 59 2.12 -16.66 -39.36
CA SER P 59 2.13 -17.95 -40.04
C SER P 59 1.37 -17.83 -41.35
N TYR P 60 1.93 -18.42 -42.39
CA TYR P 60 1.51 -18.17 -43.75
C TYR P 60 0.97 -19.46 -44.35
N ALA P 61 0.16 -19.34 -45.40
CA ALA P 61 -0.21 -20.52 -46.15
C ALA P 61 0.99 -21.01 -46.94
N ARG P 62 0.98 -22.30 -47.27
CA ARG P 62 2.15 -22.92 -47.89
C ARG P 62 2.33 -22.46 -49.33
N GLN P 63 1.25 -22.34 -50.07
CA GLN P 63 1.32 -22.00 -51.48
C GLN P 63 1.51 -20.50 -51.73
N LEU P 64 1.84 -19.72 -50.70
CA LEU P 64 2.15 -18.31 -50.89
C LEU P 64 3.39 -17.87 -50.12
N GLN P 65 4.21 -18.80 -49.64
CA GLN P 65 5.38 -18.40 -48.87
C GLN P 65 6.43 -17.76 -49.76
N GLY P 66 7.25 -16.90 -49.17
CA GLY P 66 8.20 -16.10 -49.91
C GLY P 66 7.62 -14.86 -50.54
N ARG P 67 6.31 -14.78 -50.73
CA ARG P 67 5.68 -13.66 -51.39
C ARG P 67 5.02 -12.68 -50.45
N VAL P 68 4.46 -13.16 -49.34
CA VAL P 68 3.66 -12.31 -48.47
C VAL P 68 4.51 -11.95 -47.26
N SER P 69 4.16 -10.84 -46.62
CA SER P 69 4.83 -10.42 -45.40
C SER P 69 3.85 -9.64 -44.55
N MET P 70 4.05 -9.70 -43.24
CA MET P 70 3.15 -9.07 -42.29
C MET P 70 3.94 -8.26 -41.30
N THR P 71 3.43 -7.09 -40.94
CA THR P 71 3.96 -6.37 -39.80
C THR P 71 2.79 -5.89 -38.96
N ARG P 72 3.09 -5.43 -37.75
CA ARG P 72 2.08 -4.82 -36.92
C ARG P 72 2.67 -3.61 -36.22
N GLN P 73 1.80 -2.71 -35.82
CA GLN P 73 2.17 -1.56 -35.02
C GLN P 73 1.17 -1.44 -33.88
N LEU P 74 1.68 -1.52 -32.67
CA LEU P 74 0.89 -1.39 -31.46
C LEU P 74 0.65 0.08 -31.15
N SER P 75 -0.13 0.32 -30.11
CA SER P 75 -0.32 1.64 -29.54
C SER P 75 0.53 1.74 -28.28
N GLN P 76 1.47 2.68 -28.26
CA GLN P 76 2.35 2.85 -27.12
C GLN P 76 2.04 4.18 -26.47
N ASP P 77 1.01 4.18 -25.62
CA ASP P 77 0.64 5.29 -24.77
C ASP P 77 -0.24 4.75 -23.66
N PRO P 78 -0.18 5.34 -22.47
CA PRO P 78 -1.04 4.86 -21.38
C PRO P 78 -2.49 5.31 -21.46
N ASP P 79 -2.89 6.01 -22.51
CA ASP P 79 -4.25 6.51 -22.63
C ASP P 79 -5.09 5.78 -23.68
N ASP P 80 -4.54 5.49 -24.85
CA ASP P 80 -5.27 4.82 -25.92
C ASP P 80 -4.57 3.52 -26.29
N PRO P 81 -4.74 2.47 -25.49
CA PRO P 81 -4.08 1.20 -25.84
C PRO P 81 -4.80 0.42 -26.94
N ASP P 82 -5.97 0.87 -27.39
CA ASP P 82 -6.85 0.01 -28.15
C ASP P 82 -6.48 -0.08 -29.62
N TRP P 83 -6.10 1.03 -30.24
CA TRP P 83 -5.97 1.04 -31.69
C TRP P 83 -4.70 0.33 -32.12
N GLY P 84 -4.81 -0.47 -33.16
CA GLY P 84 -3.67 -1.20 -33.68
C GLY P 84 -3.71 -1.24 -35.19
N VAL P 85 -2.52 -1.40 -35.79
CA VAL P 85 -2.40 -1.41 -37.24
C VAL P 85 -1.74 -2.71 -37.66
N ALA P 86 -2.29 -3.36 -38.68
CA ALA P 86 -1.62 -4.48 -39.32
C ALA P 86 -1.32 -4.10 -40.74
N TYR P 87 -0.12 -4.41 -41.22
CA TYR P 87 0.25 -4.17 -42.59
C TYR P 87 0.48 -5.49 -43.29
N MET P 88 -0.05 -5.60 -44.51
CA MET P 88 0.25 -6.69 -45.41
C MET P 88 1.07 -6.14 -46.56
N GLU P 89 2.18 -6.79 -46.86
CA GLU P 89 2.95 -6.52 -48.05
C GLU P 89 2.88 -7.76 -48.92
N PHE P 90 2.46 -7.57 -50.17
CA PHE P 90 2.16 -8.68 -51.06
C PHE P 90 2.86 -8.42 -52.37
N SER P 91 3.79 -9.29 -52.75
CA SER P 91 4.67 -9.07 -53.88
C SER P 91 4.59 -10.25 -54.84
N GLY P 92 5.17 -10.05 -56.02
CA GLY P 92 5.13 -11.07 -57.06
C GLY P 92 3.74 -11.15 -57.67
N LEU P 93 3.28 -10.04 -58.23
CA LEU P 93 1.91 -9.95 -58.71
C LEU P 93 1.75 -10.61 -60.07
N THR P 94 0.59 -11.22 -60.26
CA THR P 94 0.11 -11.73 -61.53
C THR P 94 -1.25 -11.08 -61.79
N PRO P 95 -1.74 -11.13 -63.03
CA PRO P 95 -3.14 -10.73 -63.26
C PRO P 95 -4.16 -11.69 -62.67
N ALA P 96 -3.75 -12.89 -62.24
CA ALA P 96 -4.66 -13.74 -61.50
C ALA P 96 -4.86 -13.27 -60.07
N ASP P 97 -3.99 -12.40 -59.57
CA ASP P 97 -4.07 -11.93 -58.20
C ASP P 97 -5.13 -10.84 -58.01
N THR P 98 -5.76 -10.37 -59.07
CA THR P 98 -6.86 -9.42 -58.96
C THR P 98 -8.02 -10.06 -58.23
N ALA P 99 -8.33 -9.54 -57.04
CA ALA P 99 -9.26 -10.20 -56.12
C ALA P 99 -9.69 -9.18 -55.07
N GLU P 100 -10.31 -9.66 -54.00
CA GLU P 100 -10.74 -8.78 -52.93
C GLU P 100 -10.26 -9.33 -51.59
N TYR P 101 -9.74 -8.45 -50.74
CA TYR P 101 -9.02 -8.85 -49.54
C TYR P 101 -9.74 -8.39 -48.29
N PHE P 102 -9.72 -9.21 -47.23
CA PHE P 102 -10.42 -8.95 -45.98
C PHE P 102 -9.50 -9.23 -44.80
N CYS P 103 -9.59 -8.37 -43.79
CA CYS P 103 -8.96 -8.60 -42.50
C CYS P 103 -10.01 -8.94 -41.47
N VAL P 104 -9.79 -9.99 -40.70
CA VAL P 104 -10.80 -10.47 -39.77
C VAL P 104 -10.22 -10.72 -38.40
N ARG P 105 -11.10 -10.77 -37.41
CA ARG P 105 -10.76 -11.04 -36.03
C ARG P 105 -11.54 -12.24 -35.56
N ARG P 106 -10.95 -12.98 -34.64
CA ARG P 106 -11.62 -14.06 -33.96
C ARG P 106 -12.80 -13.52 -33.16
N GLY P 107 -13.86 -14.34 -33.09
CA GLY P 107 -15.00 -14.01 -32.27
C GLY P 107 -14.65 -13.96 -30.80
N SER P 108 -15.27 -13.01 -30.09
CA SER P 108 -14.85 -12.63 -28.75
C SER P 108 -15.23 -13.64 -27.69
N CYS P 109 -16.10 -14.60 -27.99
CA CYS P 109 -16.61 -15.49 -26.97
C CYS P 109 -15.57 -16.52 -26.54
N ASP P 110 -15.81 -17.14 -25.39
CA ASP P 110 -14.83 -18.05 -24.81
C ASP P 110 -14.80 -19.39 -25.54
N TYR P 111 -15.96 -19.96 -25.83
CA TYR P 111 -16.01 -21.29 -26.39
C TYR P 111 -15.73 -21.31 -27.89
N CYS P 112 -16.02 -20.23 -28.61
CA CYS P 112 -15.67 -20.16 -30.02
C CYS P 112 -14.16 -20.12 -30.18
N GLY P 113 -13.65 -21.04 -31.00
CA GLY P 113 -12.23 -21.28 -31.13
C GLY P 113 -11.52 -20.26 -32.00
N ASP P 114 -10.43 -20.71 -32.60
CA ASP P 114 -9.48 -19.81 -33.25
C ASP P 114 -9.99 -19.26 -34.56
N PHE P 115 -10.57 -20.09 -35.40
CA PHE P 115 -10.94 -19.70 -36.75
C PHE P 115 -12.29 -19.03 -37.02
N PRO P 116 -13.45 -19.42 -36.39
CA PRO P 116 -14.72 -18.81 -36.79
C PRO P 116 -14.80 -17.32 -36.51
N TRP P 117 -14.78 -16.53 -37.56
CA TRP P 117 -14.62 -15.10 -37.38
C TRP P 117 -15.93 -14.43 -37.06
N GLN P 118 -15.82 -13.21 -36.54
CA GLN P 118 -16.99 -12.42 -36.24
C GLN P 118 -17.04 -11.14 -37.05
N TYR P 119 -15.97 -10.35 -37.02
CA TYR P 119 -15.95 -9.02 -37.59
C TYR P 119 -15.16 -9.04 -38.88
N TRP P 120 -15.47 -8.12 -39.76
CA TRP P 120 -14.85 -8.11 -41.08
C TRP P 120 -14.54 -6.69 -41.48
N CYS P 121 -13.36 -6.48 -42.05
CA CYS P 121 -13.07 -5.22 -42.71
C CYS P 121 -13.92 -5.10 -43.96
N GLN P 122 -14.04 -3.87 -44.47
CA GLN P 122 -14.95 -3.64 -45.58
C GLN P 122 -14.44 -4.17 -46.90
N GLY P 123 -13.23 -4.70 -46.95
CA GLY P 123 -12.77 -5.37 -48.15
C GLY P 123 -12.12 -4.42 -49.11
N THR P 124 -11.03 -4.85 -49.74
CA THR P 124 -10.31 -3.98 -50.64
C THR P 124 -10.10 -4.73 -51.95
N VAL P 125 -10.44 -4.10 -53.05
CA VAL P 125 -10.22 -4.70 -54.35
C VAL P 125 -8.80 -4.39 -54.78
N VAL P 126 -8.09 -5.40 -55.25
CA VAL P 126 -6.77 -5.19 -55.83
C VAL P 126 -6.84 -5.65 -57.27
N VAL P 127 -6.52 -4.73 -58.20
CA VAL P 127 -6.67 -5.02 -59.62
C VAL P 127 -5.34 -4.77 -60.31
N VAL P 128 -4.93 -5.73 -61.13
CA VAL P 128 -3.62 -5.78 -61.74
C VAL P 128 -3.76 -5.44 -63.22
N SER P 129 -2.95 -4.49 -63.68
CA SER P 129 -2.95 -4.10 -65.09
C SER P 129 -2.44 -5.21 -66.00
N GLU Q 1 -6.30 -32.80 -49.48
CA GLU Q 1 -5.97 -32.68 -48.07
C GLU Q 1 -7.23 -32.90 -47.23
N ILE Q 2 -8.07 -31.88 -47.16
CA ILE Q 2 -9.46 -32.02 -46.73
C ILE Q 2 -10.33 -31.38 -47.79
N VAL Q 3 -11.27 -32.14 -48.32
CA VAL Q 3 -12.14 -31.67 -49.39
C VAL Q 3 -13.52 -31.41 -48.83
N LEU Q 4 -14.06 -30.23 -49.11
CA LEU Q 4 -15.40 -29.86 -48.69
C LEU Q 4 -16.29 -29.76 -49.92
N THR Q 5 -17.53 -30.23 -49.79
CA THR Q 5 -18.42 -30.30 -50.93
C THR Q 5 -19.82 -29.96 -50.48
N GLN Q 6 -20.33 -28.79 -50.87
CA GLN Q 6 -21.71 -28.47 -50.58
C GLN Q 6 -22.67 -29.29 -51.45
N SER Q 7 -23.91 -29.33 -51.01
CA SER Q 7 -24.99 -30.00 -51.71
C SER Q 7 -26.28 -29.30 -51.32
N PRO Q 8 -27.22 -29.15 -52.27
CA PRO Q 8 -27.24 -29.60 -53.65
C PRO Q 8 -26.39 -28.75 -54.58
N GLY Q 9 -25.84 -27.65 -54.07
CA GLY Q 9 -25.13 -26.73 -54.92
C GLY Q 9 -26.05 -25.59 -55.29
N ILE Q 10 -26.14 -25.29 -56.58
CA ILE Q 10 -27.10 -24.28 -57.03
C ILE Q 10 -28.50 -24.87 -56.96
N LEU Q 11 -29.34 -24.28 -56.14
CA LEU Q 11 -30.72 -24.71 -55.90
C LEU Q 11 -31.65 -23.62 -56.43
N SER Q 12 -32.92 -23.97 -56.62
CA SER Q 12 -33.92 -23.05 -57.14
C SER Q 12 -35.18 -23.13 -56.29
N LEU Q 13 -35.43 -22.11 -55.47
CA LEU Q 13 -36.62 -22.10 -54.63
C LEU Q 13 -37.27 -20.73 -54.56
N SER Q 14 -38.60 -20.74 -54.67
CA SER Q 14 -39.41 -19.56 -54.47
C SER Q 14 -39.37 -19.12 -53.01
N PRO Q 15 -39.73 -17.86 -52.72
CA PRO Q 15 -39.86 -17.44 -51.32
C PRO Q 15 -41.00 -18.15 -50.61
N GLY Q 16 -40.78 -18.41 -49.32
CA GLY Q 16 -41.72 -19.09 -48.47
C GLY Q 16 -41.42 -20.55 -48.23
N GLU Q 17 -40.89 -21.25 -49.24
CA GLU Q 17 -40.63 -22.67 -49.14
C GLU Q 17 -39.32 -22.91 -48.42
N THR Q 18 -39.39 -23.45 -47.20
CA THR Q 18 -38.23 -23.66 -46.34
C THR Q 18 -37.29 -24.72 -46.94
N ALA Q 19 -36.02 -24.66 -46.53
CA ALA Q 19 -35.00 -25.43 -47.22
C ALA Q 19 -34.00 -26.02 -46.25
N THR Q 20 -33.07 -26.81 -46.79
CA THR Q 20 -32.01 -27.42 -46.01
C THR Q 20 -30.83 -27.71 -46.93
N LEU Q 21 -29.68 -27.15 -46.60
CA LEU Q 21 -28.43 -27.42 -47.30
C LEU Q 21 -27.63 -28.46 -46.53
N PHE Q 22 -26.60 -28.99 -47.18
CA PHE Q 22 -25.87 -30.10 -46.59
C PHE Q 22 -24.49 -30.14 -47.20
N CYS Q 23 -23.44 -29.99 -46.40
CA CYS Q 23 -22.10 -30.01 -47.00
C CYS Q 23 -21.24 -31.10 -46.38
N LYS Q 24 -20.77 -31.99 -47.23
CA LYS Q 24 -20.00 -33.15 -46.83
C LYS Q 24 -18.52 -32.81 -46.70
N ALA Q 25 -17.89 -33.37 -45.67
CA ALA Q 25 -16.48 -33.20 -45.41
C ALA Q 25 -15.78 -34.51 -45.71
N SER Q 26 -14.65 -34.44 -46.40
CA SER Q 26 -13.84 -35.63 -46.63
C SER Q 26 -13.27 -36.17 -45.32
N GLN Q 27 -12.76 -35.27 -44.48
CA GLN Q 27 -12.24 -35.66 -43.19
C GLN Q 27 -13.40 -35.77 -42.19
N GLY Q 28 -13.17 -36.53 -41.11
CA GLY Q 28 -14.18 -36.70 -40.10
C GLY Q 28 -13.65 -36.31 -38.73
N GLY Q 29 -14.59 -36.18 -37.79
CA GLY Q 29 -14.26 -35.85 -36.42
C GLY Q 29 -14.07 -34.38 -36.14
N ASN Q 30 -14.39 -33.51 -37.07
CA ASN Q 30 -14.26 -32.09 -36.89
C ASN Q 30 -15.60 -31.41 -37.15
N ALA Q 31 -15.70 -30.16 -36.74
CA ALA Q 31 -16.99 -29.49 -36.63
C ALA Q 31 -16.97 -28.16 -37.40
N MET Q 32 -17.94 -27.99 -38.31
CA MET Q 32 -17.94 -26.88 -39.25
C MET Q 32 -18.76 -25.69 -38.77
N THR Q 33 -18.54 -24.57 -39.47
CA THR Q 33 -19.31 -23.35 -39.32
C THR Q 33 -19.83 -22.91 -40.68
N TRP Q 34 -20.61 -21.81 -40.71
CA TRP Q 34 -21.29 -21.39 -41.92
C TRP Q 34 -21.23 -19.88 -42.06
N TYR Q 35 -21.39 -19.42 -43.30
CA TYR Q 35 -21.32 -18.01 -43.64
C TYR Q 35 -22.40 -17.68 -44.66
N GLN Q 36 -22.77 -16.40 -44.71
CA GLN Q 36 -23.92 -15.93 -45.48
C GLN Q 36 -23.55 -14.61 -46.14
N LYS Q 37 -23.27 -14.66 -47.43
CA LYS Q 37 -22.80 -13.51 -48.20
C LYS Q 37 -23.87 -13.08 -49.18
N ARG Q 38 -24.29 -11.83 -49.10
CA ARG Q 38 -25.34 -11.30 -49.97
C ARG Q 38 -24.76 -10.83 -51.30
N ARG Q 39 -25.56 -10.10 -52.06
CA ARG Q 39 -25.16 -9.60 -53.37
C ARG Q 39 -24.20 -8.44 -53.18
N GLY Q 40 -22.91 -8.73 -53.33
CA GLY Q 40 -21.89 -7.68 -53.34
C GLY Q 40 -21.71 -6.95 -52.02
N GLN Q 41 -21.83 -7.66 -50.90
CA GLN Q 41 -21.65 -7.03 -49.61
C GLN Q 41 -20.69 -7.85 -48.76
N VAL Q 42 -20.42 -7.33 -47.57
CA VAL Q 42 -19.51 -7.95 -46.61
C VAL Q 42 -20.15 -9.23 -46.08
N PRO Q 43 -19.44 -10.35 -46.07
CA PRO Q 43 -20.01 -11.59 -45.52
C PRO Q 43 -20.21 -11.53 -44.03
N ARG Q 44 -20.83 -12.57 -43.49
CA ARG Q 44 -21.32 -12.51 -42.12
C ARG Q 44 -21.47 -13.91 -41.59
N LEU Q 45 -20.80 -14.23 -40.50
CA LEU Q 45 -21.03 -15.52 -39.86
C LEU Q 45 -22.39 -15.49 -39.19
N LEU Q 46 -23.11 -16.59 -39.31
CA LEU Q 46 -24.43 -16.71 -38.75
C LEU Q 46 -24.59 -17.88 -37.79
N ILE Q 47 -23.74 -18.89 -37.88
CA ILE Q 47 -23.75 -19.99 -36.93
C ILE Q 47 -22.33 -20.52 -36.81
N TYR Q 48 -21.89 -20.77 -35.58
CA TYR Q 48 -20.55 -21.30 -35.38
C TYR Q 48 -20.59 -22.65 -34.68
N ASP Q 49 -19.75 -23.52 -35.21
CA ASP Q 49 -19.16 -24.75 -34.70
C ASP Q 49 -20.06 -25.98 -34.65
N THR Q 50 -21.33 -25.90 -34.32
CA THR Q 50 -22.30 -26.87 -34.83
C THR Q 50 -23.67 -26.25 -34.92
N SER Q 51 -24.05 -25.65 -33.81
CA SER Q 51 -25.40 -25.19 -33.57
C SER Q 51 -25.44 -23.89 -32.80
N ARG Q 52 -24.29 -23.31 -32.48
CA ARG Q 52 -24.23 -22.07 -31.73
C ARG Q 52 -24.28 -20.94 -32.75
N ARG Q 53 -25.39 -20.22 -32.79
CA ARG Q 53 -25.49 -19.10 -33.70
C ARG Q 53 -24.90 -17.86 -33.04
N ALA Q 54 -24.36 -16.98 -33.86
CA ALA Q 54 -23.63 -15.82 -33.37
C ALA Q 54 -24.61 -14.71 -33.00
N SER Q 55 -24.07 -13.52 -32.74
CA SER Q 55 -24.89 -12.39 -32.34
C SER Q 55 -25.69 -11.86 -33.52
N GLY Q 56 -26.87 -11.31 -33.22
CA GLY Q 56 -27.72 -10.75 -34.25
C GLY Q 56 -28.27 -11.76 -35.21
N VAL Q 57 -28.55 -12.97 -34.76
CA VAL Q 57 -28.97 -14.07 -35.63
C VAL Q 57 -30.33 -14.56 -35.15
N PRO Q 58 -31.37 -14.49 -35.99
CA PRO Q 58 -32.64 -15.11 -35.62
C PRO Q 58 -32.52 -16.62 -35.68
N ASP Q 59 -33.31 -17.28 -34.84
CA ASP Q 59 -33.17 -18.72 -34.61
C ASP Q 59 -33.75 -19.57 -35.72
N ARG Q 60 -34.22 -18.99 -36.82
CA ARG Q 60 -34.76 -19.79 -37.91
C ARG Q 60 -33.68 -20.45 -38.75
N PHE Q 61 -32.41 -20.16 -38.50
CA PHE Q 61 -31.31 -20.97 -39.00
C PHE Q 61 -30.93 -21.98 -37.93
N VAL Q 62 -31.04 -23.27 -38.22
CA VAL Q 62 -30.64 -24.30 -37.27
C VAL Q 62 -29.78 -25.32 -38.00
N GLY Q 63 -28.57 -25.53 -37.49
CA GLY Q 63 -27.66 -26.47 -38.11
C GLY Q 63 -27.35 -27.61 -37.16
N SER Q 64 -26.94 -28.72 -37.76
CA SER Q 64 -26.74 -29.96 -37.00
C SER Q 64 -25.92 -30.90 -37.85
N GLY Q 65 -25.63 -32.06 -37.29
CA GLY Q 65 -24.99 -33.10 -38.05
C GLY Q 65 -23.92 -33.77 -37.21
N SER Q 66 -23.29 -34.77 -37.82
CA SER Q 66 -22.24 -35.54 -37.15
C SER Q 66 -21.45 -36.29 -38.19
N GLY Q 67 -20.37 -36.93 -37.73
CA GLY Q 67 -19.57 -37.77 -38.61
C GLY Q 67 -18.83 -36.92 -39.62
N THR Q 68 -19.15 -37.15 -40.88
CA THR Q 68 -18.66 -36.33 -41.99
C THR Q 68 -19.78 -35.58 -42.68
N ASP Q 69 -20.91 -35.41 -42.00
CA ASP Q 69 -22.17 -35.03 -42.65
C ASP Q 69 -22.87 -33.96 -41.83
N PHE Q 70 -22.95 -32.75 -42.37
CA PHE Q 70 -23.49 -31.59 -41.66
C PHE Q 70 -24.61 -30.93 -42.45
N PHE Q 71 -25.76 -30.80 -41.80
CA PHE Q 71 -26.98 -30.20 -42.33
C PHE Q 71 -27.16 -28.79 -41.78
N LEU Q 72 -27.84 -27.96 -42.57
CA LEU Q 72 -28.24 -26.62 -42.16
C LEU Q 72 -29.66 -26.38 -42.67
N THR Q 73 -30.61 -26.30 -41.75
CA THR Q 73 -32.02 -26.13 -42.07
C THR Q 73 -32.40 -24.67 -41.89
N ILE Q 74 -32.90 -24.07 -42.96
CA ILE Q 74 -33.42 -22.71 -42.93
C ILE Q 74 -34.94 -22.79 -43.02
N ASN Q 75 -35.62 -22.18 -42.05
CA ASN Q 75 -37.06 -22.16 -42.02
C ASN Q 75 -37.55 -20.72 -42.10
N LYS Q 76 -38.75 -20.55 -42.69
CA LYS Q 76 -39.47 -19.28 -42.75
C LYS Q 76 -38.62 -18.20 -43.41
N LEU Q 77 -38.10 -18.53 -44.59
CA LEU Q 77 -37.15 -17.62 -45.21
C LEU Q 77 -37.88 -16.45 -45.87
N ASP Q 78 -37.11 -15.46 -46.25
CA ASP Q 78 -37.57 -14.27 -46.93
C ASP Q 78 -36.93 -14.25 -48.32
N ARG Q 79 -37.43 -13.37 -49.19
CA ARG Q 79 -36.70 -13.05 -50.41
C ARG Q 79 -35.41 -12.31 -50.08
N GLU Q 80 -35.33 -11.65 -48.92
CA GLU Q 80 -34.09 -11.04 -48.47
C GLU Q 80 -33.27 -11.93 -47.55
N ASP Q 81 -33.88 -12.96 -46.95
CA ASP Q 81 -33.08 -13.90 -46.18
C ASP Q 81 -32.21 -14.77 -47.06
N PHE Q 82 -32.60 -14.98 -48.31
CA PHE Q 82 -31.75 -15.72 -49.23
C PHE Q 82 -30.50 -14.93 -49.58
N ALA Q 83 -29.36 -15.63 -49.49
CA ALA Q 83 -28.07 -15.18 -49.97
C ALA Q 83 -27.24 -16.41 -50.31
N VAL Q 84 -25.96 -16.22 -50.60
CA VAL Q 84 -25.06 -17.34 -50.87
C VAL Q 84 -24.54 -17.88 -49.54
N TYR Q 85 -24.49 -19.20 -49.41
CA TYR Q 85 -24.07 -19.83 -48.16
C TYR Q 85 -22.77 -20.61 -48.35
N TYR Q 86 -21.86 -20.44 -47.39
CA TYR Q 86 -20.57 -21.13 -47.36
C TYR Q 86 -20.45 -21.94 -46.09
N CYS Q 87 -19.68 -23.01 -46.11
CA CYS Q 87 -19.35 -23.73 -44.89
C CYS Q 87 -17.84 -23.90 -44.76
N GLN Q 88 -17.33 -23.73 -43.53
CA GLN Q 88 -15.90 -23.65 -43.28
C GLN Q 88 -15.47 -24.63 -42.19
N GLN Q 89 -14.45 -25.42 -42.54
CA GLN Q 89 -13.60 -26.18 -41.62
C GLN Q 89 -12.23 -25.49 -41.70
N PHE Q 90 -11.31 -25.77 -40.76
CA PHE Q 90 -10.34 -24.87 -40.09
C PHE Q 90 -9.97 -23.68 -40.96
N GLU Q 91 -9.30 -23.87 -42.08
CA GLU Q 91 -9.10 -22.82 -43.06
C GLU Q 91 -9.69 -23.19 -44.41
N PHE Q 92 -10.20 -24.41 -44.51
CA PHE Q 92 -10.66 -24.94 -45.78
C PHE Q 92 -12.08 -24.50 -46.08
N PHE Q 93 -12.35 -24.24 -47.34
CA PHE Q 93 -13.66 -23.73 -47.70
C PHE Q 93 -14.35 -24.62 -48.69
N GLY Q 94 -15.65 -24.44 -48.77
CA GLY Q 94 -16.46 -25.07 -49.77
C GLY Q 94 -16.81 -24.09 -50.86
N LEU Q 95 -17.21 -24.62 -52.01
CA LEU Q 95 -17.47 -23.76 -53.15
C LEU Q 95 -18.82 -23.08 -53.06
N GLY Q 96 -19.68 -23.52 -52.15
CA GLY Q 96 -20.84 -22.74 -51.79
C GLY Q 96 -22.11 -23.24 -52.44
N SER Q 97 -23.24 -22.90 -51.82
CA SER Q 97 -24.56 -23.19 -52.34
C SER Q 97 -25.26 -21.88 -52.68
N GLU Q 98 -26.33 -22.00 -53.46
CA GLU Q 98 -27.13 -20.83 -53.83
C GLU Q 98 -28.53 -21.31 -54.18
N LEU Q 99 -29.53 -20.55 -53.74
CA LEU Q 99 -30.94 -20.94 -53.75
C LEU Q 99 -31.73 -19.96 -54.62
N GLU Q 100 -31.77 -20.22 -55.93
CA GLU Q 100 -32.32 -19.27 -56.89
C GLU Q 100 -33.81 -19.02 -56.66
N VAL Q 101 -34.20 -17.75 -56.76
CA VAL Q 101 -35.59 -17.36 -56.60
C VAL Q 101 -36.39 -17.87 -57.79
N HIS Q 102 -37.43 -18.65 -57.52
CA HIS Q 102 -38.17 -19.31 -58.59
C HIS Q 102 -39.52 -18.65 -58.87
N ALA R 1 -12.73 -3.62 50.37
CA ALA R 1 -12.07 -3.84 49.09
C ALA R 1 -12.88 -4.80 48.22
N VAL R 2 -12.26 -5.34 47.18
CA VAL R 2 -12.95 -6.33 46.36
C VAL R 2 -12.91 -7.70 47.05
N GLY R 3 -11.90 -7.95 47.88
CA GLY R 3 -11.85 -9.17 48.65
C GLY R 3 -11.08 -10.29 47.97
N ILE R 4 -10.86 -11.35 48.73
CA ILE R 4 -10.09 -12.49 48.25
C ILE R 4 -10.89 -13.36 47.27
N GLY R 5 -12.21 -13.48 47.47
CA GLY R 5 -13.00 -14.40 46.67
C GLY R 5 -13.16 -14.03 45.21
N ALA R 6 -12.84 -12.79 44.85
CA ALA R 6 -12.95 -12.38 43.45
C ALA R 6 -11.86 -12.99 42.59
N VAL R 7 -10.65 -13.16 43.13
CA VAL R 7 -9.57 -13.72 42.33
C VAL R 7 -9.69 -15.23 42.24
N PHE R 8 -10.47 -15.86 43.12
CA PHE R 8 -10.88 -17.23 42.88
C PHE R 8 -11.81 -17.30 41.68
N LEU R 9 -12.59 -16.26 41.44
CA LEU R 9 -13.46 -16.19 40.27
C LEU R 9 -12.83 -15.42 39.13
N GLY R 10 -11.57 -15.04 39.24
CA GLY R 10 -10.90 -14.32 38.18
C GLY R 10 -10.34 -15.24 37.13
N PHE R 11 -9.95 -14.62 36.01
CA PHE R 11 -9.33 -15.35 34.91
C PHE R 11 -7.95 -15.85 35.31
N LEU R 12 -7.75 -17.16 35.22
CA LEU R 12 -6.55 -17.90 35.60
C LEU R 12 -6.21 -17.81 37.08
N GLY R 13 -7.11 -17.28 37.91
CA GLY R 13 -6.81 -17.16 39.32
C GLY R 13 -6.88 -18.46 40.06
N ALA R 14 -7.51 -19.46 39.48
CA ALA R 14 -7.64 -20.76 40.10
C ALA R 14 -6.43 -21.65 39.88
N ALA R 15 -5.42 -21.17 39.16
CA ALA R 15 -4.34 -22.04 38.71
C ALA R 15 -3.39 -22.43 39.83
N GLY R 16 -3.36 -21.66 40.91
CA GLY R 16 -2.43 -21.98 41.97
C GLY R 16 -2.87 -23.08 42.90
N SER R 17 -4.16 -23.39 42.92
CA SER R 17 -4.68 -24.37 43.85
C SER R 17 -4.60 -25.74 43.23
N THR R 18 -5.22 -26.71 43.90
CA THR R 18 -5.36 -28.05 43.35
C THR R 18 -6.59 -28.09 42.44
N MET R 19 -7.14 -29.29 42.25
CA MET R 19 -8.26 -29.50 41.35
C MET R 19 -9.56 -28.84 41.84
N GLY R 20 -9.67 -28.57 43.14
CA GLY R 20 -10.93 -28.09 43.68
C GLY R 20 -11.27 -26.70 43.18
N ALA R 21 -10.26 -25.89 42.94
CA ALA R 21 -10.48 -24.63 42.25
C ALA R 21 -10.86 -24.87 40.80
N ALA R 22 -10.26 -25.89 40.18
CA ALA R 22 -10.59 -26.19 38.80
C ALA R 22 -11.95 -26.84 38.65
N SER R 23 -12.54 -27.32 39.74
CA SER R 23 -13.86 -27.91 39.61
C SER R 23 -14.96 -26.86 39.47
N MET R 24 -14.67 -25.59 39.72
CA MET R 24 -15.70 -24.56 39.63
C MET R 24 -15.36 -23.42 38.68
N THR R 25 -14.13 -23.32 38.18
CA THR R 25 -13.71 -22.13 37.45
C THR R 25 -13.83 -22.26 35.95
N LEU R 26 -14.30 -23.40 35.44
CA LEU R 26 -14.08 -23.75 34.05
C LEU R 26 -14.87 -22.91 33.07
N THR R 27 -15.85 -22.14 33.53
CA THR R 27 -16.53 -21.25 32.60
C THR R 27 -15.67 -20.05 32.21
N VAL R 28 -14.71 -19.67 33.05
CA VAL R 28 -14.06 -18.38 32.87
C VAL R 28 -13.00 -18.46 31.79
N GLN R 29 -12.14 -19.47 31.86
CA GLN R 29 -11.12 -19.66 30.84
C GLN R 29 -11.73 -20.03 29.50
N ALA R 30 -12.86 -20.73 29.51
CA ALA R 30 -13.58 -20.97 28.27
C ALA R 30 -14.18 -19.70 27.73
N ARG R 31 -14.55 -18.77 28.60
CA ARG R 31 -15.13 -17.52 28.13
C ARG R 31 -14.07 -16.60 27.54
N ASN R 32 -12.98 -16.37 28.25
CA ASN R 32 -12.02 -15.38 27.80
C ASN R 32 -11.09 -15.90 26.71
N LEU R 33 -11.26 -17.15 26.29
CA LEU R 33 -10.47 -17.67 25.19
C LEU R 33 -10.89 -17.09 23.86
N LEU R 34 -12.17 -16.71 23.72
CA LEU R 34 -12.69 -16.32 22.41
C LEU R 34 -12.72 -14.82 22.20
N SER R 35 -13.25 -14.06 23.16
CA SER R 35 -13.55 -12.65 22.95
C SER R 35 -12.27 -11.83 22.88
N GLY R 36 -11.98 -11.29 21.70
CA GLY R 36 -10.80 -10.48 21.50
C GLY R 36 -11.12 -9.02 21.17
N THR R 58 -2.58 1.76 8.70
CA THR R 58 -3.39 0.90 7.84
C THR R 58 -2.71 -0.44 7.56
N VAL R 59 -1.42 -0.52 7.85
CA VAL R 59 -0.70 -1.78 7.77
C VAL R 59 -0.90 -2.59 9.04
N TRP R 60 -1.18 -1.91 10.15
CA TRP R 60 -1.33 -2.56 11.44
C TRP R 60 -2.60 -3.40 11.51
N GLY R 61 -3.65 -2.93 10.83
CA GLY R 61 -4.91 -3.65 10.84
C GLY R 61 -4.81 -5.02 10.20
N ILE R 62 -3.88 -5.18 9.25
CA ILE R 62 -3.62 -6.50 8.67
C ILE R 62 -3.05 -7.44 9.73
N LYS R 63 -2.13 -6.95 10.55
CA LYS R 63 -1.55 -7.81 11.56
C LYS R 63 -2.51 -8.12 12.70
N GLN R 64 -3.37 -7.18 13.05
CA GLN R 64 -4.34 -7.50 14.09
C GLN R 64 -5.48 -8.36 13.55
N LEU R 65 -5.77 -8.22 12.27
CA LEU R 65 -6.75 -9.06 11.62
C LEU R 65 -6.29 -10.50 11.58
N GLN R 66 -5.02 -10.71 11.21
CA GLN R 66 -4.53 -12.08 11.18
C GLN R 66 -4.31 -12.64 12.57
N ALA R 67 -4.10 -11.78 13.58
CA ALA R 67 -4.09 -12.26 14.95
C ALA R 67 -5.46 -12.75 15.39
N ARG R 68 -6.51 -12.00 15.04
CA ARG R 68 -7.87 -12.41 15.41
C ARG R 68 -8.29 -13.70 14.71
N VAL R 69 -7.94 -13.83 13.42
CA VAL R 69 -8.35 -15.06 12.75
C VAL R 69 -7.49 -16.24 13.18
N LEU R 70 -6.26 -16.01 13.65
CA LEU R 70 -5.53 -17.10 14.26
C LEU R 70 -6.15 -17.52 15.56
N ALA R 71 -6.71 -16.57 16.32
CA ALA R 71 -7.37 -16.91 17.57
C ALA R 71 -8.60 -17.77 17.34
N VAL R 72 -9.47 -17.36 16.41
CA VAL R 72 -10.67 -18.16 16.22
C VAL R 72 -10.40 -19.46 15.46
N GLU R 73 -9.39 -19.49 14.60
CA GLU R 73 -9.01 -20.73 13.96
C GLU R 73 -8.42 -21.70 14.95
N ARG R 74 -7.80 -21.17 16.01
CA ARG R 74 -7.32 -22.01 17.09
C ARG R 74 -8.49 -22.57 17.90
N TYR R 75 -9.48 -21.72 18.21
CA TYR R 75 -10.61 -22.16 19.03
C TYR R 75 -11.43 -23.22 18.33
N LEU R 76 -11.66 -23.04 17.04
CA LEU R 76 -12.56 -23.94 16.35
C LEU R 76 -11.92 -25.30 16.12
N ARG R 77 -10.59 -25.39 16.14
CA ARG R 77 -9.94 -26.70 16.16
C ARG R 77 -10.27 -27.46 17.43
N ASP R 78 -10.37 -26.76 18.56
CA ASP R 78 -10.68 -27.44 19.81
C ASP R 78 -12.12 -27.88 19.86
N GLN R 79 -13.03 -27.05 19.36
CA GLN R 79 -14.42 -27.50 19.26
C GLN R 79 -14.58 -28.66 18.29
N GLN R 80 -13.77 -28.69 17.23
CA GLN R 80 -13.80 -29.84 16.32
C GLN R 80 -13.28 -31.08 17.00
N LEU R 81 -12.19 -30.95 17.75
CA LEU R 81 -11.56 -32.10 18.38
C LEU R 81 -12.41 -32.64 19.51
N LEU R 82 -13.26 -31.81 20.09
CA LEU R 82 -14.29 -32.38 20.96
C LEU R 82 -15.39 -33.04 20.16
N GLY R 83 -15.74 -32.47 18.99
CA GLY R 83 -16.84 -33.01 18.21
C GLY R 83 -16.59 -34.42 17.71
N ILE R 84 -15.34 -34.76 17.42
CA ILE R 84 -15.02 -36.12 17.01
C ILE R 84 -14.88 -37.06 18.18
N TRP R 85 -14.93 -36.56 19.40
CA TRP R 85 -15.06 -37.42 20.55
C TRP R 85 -16.52 -37.42 20.98
N GLY R 86 -16.79 -38.02 22.13
CA GLY R 86 -18.16 -38.07 22.59
C GLY R 86 -18.65 -36.77 23.18
N CYS R 87 -17.77 -35.91 23.61
CA CYS R 87 -18.16 -34.71 24.34
C CYS R 87 -18.45 -33.61 23.34
N SER R 88 -19.73 -33.31 23.15
CA SER R 88 -20.11 -32.33 22.13
C SER R 88 -19.83 -30.91 22.59
N GLY R 89 -20.55 -30.46 23.61
CA GLY R 89 -20.28 -29.17 24.20
C GLY R 89 -20.48 -29.17 25.70
N LYS R 90 -20.32 -30.35 26.32
CA LYS R 90 -20.75 -30.52 27.71
C LYS R 90 -19.84 -29.82 28.70
N LEU R 91 -18.55 -29.64 28.32
CA LEU R 91 -17.46 -28.98 29.04
C LEU R 91 -16.95 -29.80 30.23
N ILE R 92 -17.72 -30.80 30.66
CA ILE R 92 -17.26 -31.85 31.57
C ILE R 92 -17.82 -33.13 30.96
N CYS R 93 -17.07 -33.75 30.08
CA CYS R 93 -17.60 -34.96 29.52
C CYS R 93 -17.18 -36.14 30.39
N CYS R 94 -17.46 -37.33 29.87
CA CYS R 94 -16.93 -38.57 30.40
C CYS R 94 -16.89 -39.54 29.24
N THR R 95 -16.03 -40.54 29.34
CA THR R 95 -15.89 -41.45 28.20
C THR R 95 -15.57 -42.84 28.72
N ASN R 96 -15.24 -43.74 27.78
CA ASN R 96 -15.25 -45.16 28.05
C ASN R 96 -13.95 -45.80 27.58
N VAL R 97 -12.81 -45.24 27.97
CA VAL R 97 -11.54 -45.94 27.91
C VAL R 97 -11.04 -46.13 29.33
N PRO R 98 -10.66 -47.34 29.72
CA PRO R 98 -10.16 -47.54 31.08
C PRO R 98 -8.77 -46.96 31.22
N TRP R 99 -8.48 -46.46 32.41
CA TRP R 99 -7.24 -45.77 32.66
C TRP R 99 -6.12 -46.77 32.91
N ASN R 100 -5.15 -46.80 32.01
CA ASN R 100 -4.01 -47.69 32.19
C ASN R 100 -3.09 -47.11 33.25
N SER R 101 -2.88 -47.86 34.32
CA SER R 101 -2.06 -47.43 35.44
C SER R 101 -0.57 -47.43 35.13
N SER R 102 -0.17 -47.86 33.92
CA SER R 102 1.22 -47.81 33.52
C SER R 102 1.72 -46.37 33.38
N TRP R 103 0.81 -45.43 33.08
CA TRP R 103 1.24 -44.04 32.99
C TRP R 103 1.29 -43.37 34.35
N SER R 104 0.16 -43.37 35.05
CA SER R 104 0.03 -42.59 36.27
C SER R 104 0.85 -43.17 37.41
N ASN R 105 0.54 -44.42 37.79
CA ASN R 105 1.17 -45.14 38.90
C ASN R 105 1.01 -44.38 40.22
N ARG R 106 -0.15 -43.73 40.38
CA ARG R 106 -0.37 -42.86 41.52
C ARG R 106 -1.75 -43.12 42.11
N ASN R 107 -1.88 -42.78 43.38
CA ASN R 107 -3.13 -43.00 44.10
C ASN R 107 -4.18 -42.00 43.63
N LEU R 108 -5.42 -42.20 44.07
CA LEU R 108 -6.52 -41.39 43.58
C LEU R 108 -6.45 -39.96 44.12
N SER R 109 -6.57 -39.81 45.44
CA SER R 109 -6.77 -38.47 46.00
C SER R 109 -5.54 -37.60 45.93
N GLU R 110 -4.36 -38.20 45.75
CA GLU R 110 -3.14 -37.39 45.61
C GLU R 110 -3.13 -36.61 44.31
N ILE R 111 -3.81 -37.09 43.27
CA ILE R 111 -3.91 -36.30 42.06
C ILE R 111 -5.27 -35.61 42.07
N TRP R 112 -5.94 -35.63 43.21
CA TRP R 112 -7.10 -34.78 43.42
C TRP R 112 -6.99 -33.95 44.69
N ASP R 113 -5.87 -33.97 45.40
CA ASP R 113 -5.67 -33.05 46.51
C ASP R 113 -4.28 -32.47 46.62
N ASN R 114 -3.29 -32.96 45.88
CA ASN R 114 -1.93 -32.46 46.04
C ASN R 114 -1.42 -31.73 44.81
N MET R 115 -1.58 -32.33 43.64
CA MET R 115 -0.95 -31.81 42.45
C MET R 115 -1.74 -30.66 41.85
N THR R 116 -1.02 -29.73 41.26
CA THR R 116 -1.62 -28.65 40.49
C THR R 116 -1.61 -29.03 39.02
N TRP R 117 -2.37 -28.27 38.23
CA TRP R 117 -2.50 -28.61 36.82
C TRP R 117 -1.24 -28.28 36.05
N LEU R 118 -0.50 -27.26 36.47
CA LEU R 118 0.84 -27.06 35.96
C LEU R 118 1.72 -28.26 36.30
N GLN R 119 1.60 -28.77 37.53
CA GLN R 119 2.32 -29.96 37.92
C GLN R 119 1.78 -31.19 37.21
N TRP R 120 0.49 -31.20 36.90
CA TRP R 120 -0.08 -32.33 36.19
C TRP R 120 0.30 -32.33 34.72
N ASP R 121 0.73 -31.18 34.19
CA ASP R 121 1.05 -31.08 32.77
C ASP R 121 2.26 -31.95 32.41
N LYS R 122 3.30 -31.90 33.23
CA LYS R 122 4.57 -32.53 32.85
C LYS R 122 4.50 -34.05 32.91
N GLU R 123 3.71 -34.60 33.83
CA GLU R 123 3.69 -36.04 33.99
C GLU R 123 2.93 -36.75 32.89
N ILE R 124 2.12 -36.03 32.13
CA ILE R 124 1.43 -36.58 30.98
C ILE R 124 1.93 -35.95 29.68
N SER R 125 3.02 -35.20 29.74
CA SER R 125 3.56 -34.56 28.54
C SER R 125 4.49 -35.47 27.75
N ASN R 126 4.92 -36.59 28.34
CA ASN R 126 5.74 -37.55 27.60
C ASN R 126 4.96 -38.21 26.48
N TYR R 127 3.66 -38.34 26.64
CA TYR R 127 2.84 -39.19 25.79
C TYR R 127 1.55 -38.45 25.48
N THR R 128 1.26 -38.29 24.20
CA THR R 128 0.11 -37.53 23.73
C THR R 128 -0.25 -38.14 22.39
N GLN R 129 -1.56 -38.15 22.09
CA GLN R 129 -2.23 -38.73 20.91
C GLN R 129 -2.25 -40.25 20.95
N ILE R 130 -1.56 -40.86 21.92
CA ILE R 130 -1.93 -42.19 22.36
C ILE R 130 -3.34 -42.15 22.91
N ILE R 131 -3.56 -41.23 23.85
CA ILE R 131 -4.83 -41.07 24.52
C ILE R 131 -5.87 -40.58 23.53
N TYR R 132 -5.46 -39.68 22.66
CA TYR R 132 -6.39 -39.08 21.72
C TYR R 132 -6.75 -40.05 20.63
N GLY R 133 -5.80 -40.89 20.21
CA GLY R 133 -6.10 -41.96 19.29
C GLY R 133 -7.01 -43.01 19.89
N LEU R 134 -6.85 -43.29 21.19
CA LEU R 134 -7.74 -44.23 21.85
C LEU R 134 -9.15 -43.67 21.94
N LEU R 135 -9.28 -42.36 22.16
CA LEU R 135 -10.60 -41.76 22.23
C LEU R 135 -11.29 -41.75 20.87
N GLU R 136 -10.53 -41.47 19.80
CA GLU R 136 -11.08 -41.55 18.45
C GLU R 136 -11.51 -42.97 18.13
N GLU R 137 -10.73 -43.95 18.55
CA GLU R 137 -11.05 -45.34 18.25
C GLU R 137 -12.28 -45.79 19.03
N SER R 138 -12.41 -45.34 20.29
CA SER R 138 -13.56 -45.70 21.10
C SER R 138 -14.84 -45.07 20.57
N GLN R 139 -14.77 -43.83 20.10
CA GLN R 139 -15.98 -43.20 19.58
C GLN R 139 -16.34 -43.75 18.20
N ASN R 140 -15.33 -44.03 17.38
CA ASN R 140 -15.57 -44.60 16.06
C ASN R 140 -16.12 -46.02 16.16
N GLN R 141 -15.75 -46.75 17.21
CA GLN R 141 -16.35 -48.05 17.46
C GLN R 141 -17.78 -47.92 17.97
N GLN R 142 -18.01 -46.97 18.88
CA GLN R 142 -19.30 -46.89 19.55
C GLN R 142 -20.39 -46.42 18.60
N GLU R 143 -20.05 -45.52 17.67
CA GLU R 143 -21.04 -45.09 16.67
C GLU R 143 -21.40 -46.23 15.72
N LYS R 144 -20.45 -47.10 15.39
CA LYS R 144 -20.75 -48.25 14.55
C LYS R 144 -21.62 -49.27 15.29
N ASN R 145 -21.33 -49.49 16.56
CA ASN R 145 -22.18 -50.38 17.34
C ASN R 145 -23.56 -49.79 17.58
N GLU R 146 -23.66 -48.47 17.64
CA GLU R 146 -24.97 -47.84 17.79
C GLU R 146 -25.76 -47.92 16.50
N GLN R 147 -25.09 -47.79 15.36
CA GLN R 147 -25.77 -47.96 14.07
C GLN R 147 -26.19 -49.42 13.88
N ASP R 148 -25.41 -50.36 14.39
CA ASP R 148 -25.82 -51.76 14.34
C ASP R 148 -26.99 -52.03 15.29
N LEU R 149 -27.03 -51.31 16.42
CA LEU R 149 -28.16 -51.43 17.34
C LEU R 149 -29.45 -50.90 16.70
N LEU R 150 -29.37 -49.77 16.05
CA LEU R 150 -30.54 -49.24 15.33
C LEU R 150 -30.81 -49.99 14.02
N ALA R 151 -29.87 -50.80 13.55
CA ALA R 151 -30.03 -51.47 12.26
C ALA R 151 -31.11 -52.55 12.32
N LEU R 152 -31.13 -53.35 13.39
CA LEU R 152 -32.23 -54.26 13.60
C LEU R 152 -33.48 -53.57 14.15
N ASP R 153 -33.36 -52.30 14.52
CA ASP R 153 -34.48 -51.49 14.96
C ASP R 153 -35.14 -50.82 13.76
N GLN S 1 -25.24 -10.56 68.68
CA GLN S 1 -24.69 -11.81 68.20
C GLN S 1 -23.63 -11.60 67.15
N VAL S 2 -23.68 -10.45 66.48
CA VAL S 2 -22.78 -10.20 65.36
C VAL S 2 -21.42 -9.86 65.96
N GLN S 3 -20.56 -10.88 66.07
CA GLN S 3 -19.41 -10.81 66.94
C GLN S 3 -18.22 -11.51 66.30
N LEU S 4 -17.03 -11.21 66.84
CA LEU S 4 -15.78 -11.91 66.53
C LEU S 4 -15.16 -12.33 67.86
N GLN S 5 -15.65 -13.44 68.40
CA GLN S 5 -15.11 -14.00 69.64
C GLN S 5 -13.82 -14.72 69.30
N GLN S 6 -12.71 -14.18 69.77
CA GLN S 6 -11.40 -14.67 69.36
C GLN S 6 -10.83 -15.62 70.40
N SER S 7 -9.57 -16.00 70.20
CA SER S 7 -8.85 -16.87 71.12
C SER S 7 -8.25 -16.04 72.25
N GLY S 8 -7.33 -16.64 73.01
CA GLY S 8 -6.74 -15.96 74.14
C GLY S 8 -5.41 -15.29 73.84
N ALA S 9 -4.99 -14.42 74.76
CA ALA S 9 -3.68 -13.81 74.68
C ALA S 9 -2.61 -14.83 75.00
N GLU S 10 -1.54 -14.83 74.23
CA GLU S 10 -0.60 -15.95 74.20
C GLU S 10 0.83 -15.49 74.42
N LEU S 11 1.50 -16.12 75.39
CA LEU S 11 2.91 -15.92 75.67
C LEU S 11 3.64 -17.16 75.16
N VAL S 12 4.00 -17.16 73.88
CA VAL S 12 4.46 -18.37 73.19
C VAL S 12 5.98 -18.35 73.14
N ARG S 13 6.60 -19.49 73.47
CA ARG S 13 8.04 -19.64 73.32
C ARG S 13 8.42 -19.70 71.84
N PRO S 14 9.62 -19.23 71.48
CA PRO S 14 10.04 -19.29 70.07
C PRO S 14 10.32 -20.71 69.62
N GLY S 15 10.15 -20.93 68.32
CA GLY S 15 10.25 -22.26 67.76
C GLY S 15 8.99 -23.08 67.85
N ALA S 16 7.91 -22.53 68.40
CA ALA S 16 6.66 -23.24 68.55
C ALA S 16 5.72 -22.94 67.40
N SER S 17 4.59 -23.65 67.37
CA SER S 17 3.56 -23.48 66.34
C SER S 17 2.28 -23.02 67.02
N VAL S 18 1.71 -21.93 66.54
CA VAL S 18 0.59 -21.26 67.17
C VAL S 18 -0.70 -21.62 66.45
N THR S 19 -1.67 -22.14 67.20
CA THR S 19 -3.02 -22.39 66.71
C THR S 19 -3.97 -21.40 67.36
N LEU S 20 -4.55 -20.50 66.55
CA LEU S 20 -5.51 -19.52 67.02
C LEU S 20 -6.93 -19.94 66.64
N SER S 21 -7.91 -19.17 67.12
CA SER S 21 -9.31 -19.47 66.83
C SER S 21 -10.11 -18.18 66.79
N CYS S 22 -10.73 -17.91 65.65
CA CYS S 22 -11.66 -16.80 65.48
C CYS S 22 -13.05 -17.38 65.24
N LYS S 23 -13.85 -17.43 66.30
CA LYS S 23 -15.26 -17.79 66.18
C LYS S 23 -16.05 -16.54 65.87
N ALA S 24 -16.51 -16.41 64.63
CA ALA S 24 -17.41 -15.32 64.31
C ALA S 24 -18.85 -15.77 64.49
N SER S 25 -19.75 -14.80 64.59
CA SER S 25 -21.15 -15.09 64.80
C SER S 25 -21.98 -13.94 64.26
N GLY S 26 -23.26 -14.23 64.03
CA GLY S 26 -24.19 -13.33 63.38
C GLY S 26 -24.63 -13.79 62.01
N TYR S 27 -23.76 -14.47 61.27
CA TYR S 27 -24.09 -14.99 59.96
C TYR S 27 -23.38 -16.33 59.77
N THR S 28 -23.62 -16.95 58.61
CA THR S 28 -22.89 -18.13 58.22
C THR S 28 -21.52 -17.75 57.67
N PHE S 29 -20.56 -18.68 57.78
CA PHE S 29 -19.26 -18.43 57.16
C PHE S 29 -19.35 -18.48 55.64
N THR S 30 -20.34 -19.21 55.11
CA THR S 30 -20.53 -19.31 53.68
C THR S 30 -20.95 -17.99 53.03
N ASP S 31 -21.40 -17.02 53.83
CA ASP S 31 -21.73 -15.71 53.27
C ASP S 31 -20.47 -14.93 52.95
N TYR S 32 -19.67 -14.59 53.96
CA TYR S 32 -18.63 -13.59 53.76
C TYR S 32 -17.28 -14.10 54.25
N GLU S 33 -16.28 -13.22 54.15
CA GLU S 33 -14.86 -13.60 54.17
C GLU S 33 -14.30 -13.54 55.58
N MET S 34 -13.06 -14.03 55.72
CA MET S 34 -12.30 -13.97 56.97
C MET S 34 -10.88 -13.52 56.68
N HIS S 35 -10.35 -12.69 57.58
CA HIS S 35 -9.08 -12.01 57.38
C HIS S 35 -8.24 -12.08 58.64
N TRP S 36 -6.95 -11.77 58.50
CA TRP S 36 -6.05 -11.67 59.65
C TRP S 36 -5.14 -10.45 59.48
N VAL S 37 -5.21 -9.52 60.43
CA VAL S 37 -4.42 -8.29 60.39
C VAL S 37 -3.54 -8.25 61.64
N LYS S 38 -2.25 -7.98 61.46
CA LYS S 38 -1.38 -7.87 62.62
C LYS S 38 -1.30 -6.42 63.10
N GLN S 39 -0.70 -6.25 64.28
CA GLN S 39 -0.44 -4.94 64.88
C GLN S 39 0.94 -4.97 65.54
N THR S 40 1.96 -4.52 64.81
CA THR S 40 3.26 -4.31 65.41
C THR S 40 3.55 -2.82 65.55
N PRO S 41 4.24 -2.40 66.61
CA PRO S 41 4.63 -0.99 66.71
C PRO S 41 5.70 -0.56 65.72
N VAL S 42 6.36 -1.51 65.04
CA VAL S 42 7.35 -1.15 64.02
C VAL S 42 6.66 -0.58 62.79
N HIS S 43 5.65 -1.29 62.28
CA HIS S 43 4.99 -0.92 61.03
C HIS S 43 3.65 -0.23 61.24
N GLY S 44 2.90 -0.62 62.27
CA GLY S 44 1.54 -0.13 62.43
C GLY S 44 0.54 -1.27 62.35
N LEU S 45 -0.25 -1.30 61.28
CA LEU S 45 -1.09 -2.46 60.97
C LEU S 45 -0.44 -3.25 59.85
N GLU S 46 -0.47 -4.57 59.97
CA GLU S 46 0.25 -5.43 59.03
C GLU S 46 -0.68 -6.42 58.34
N TRP S 47 -0.10 -7.45 57.72
CA TRP S 47 -0.86 -8.43 56.99
C TRP S 47 -0.42 -9.86 57.29
N ILE S 48 -1.41 -10.74 57.34
CA ILE S 48 -1.21 -12.16 57.16
C ILE S 48 -1.91 -12.65 55.89
N GLY S 49 -3.15 -12.24 55.69
CA GLY S 49 -3.89 -12.62 54.51
C GLY S 49 -5.33 -12.94 54.81
N ALA S 50 -5.89 -13.87 54.03
CA ALA S 50 -7.32 -14.09 54.08
C ALA S 50 -7.63 -15.54 53.68
N ILE S 51 -8.85 -15.96 53.99
CA ILE S 51 -9.30 -17.32 53.72
C ILE S 51 -10.75 -17.28 53.24
N VAL S 52 -11.11 -18.23 52.38
CA VAL S 52 -12.48 -18.44 51.94
C VAL S 52 -12.91 -19.82 52.42
N PRO S 53 -13.91 -19.91 53.30
CA PRO S 53 -14.16 -21.16 54.03
C PRO S 53 -15.08 -22.16 53.34
N GLU S 54 -15.76 -21.79 52.25
CA GLU S 54 -16.60 -22.76 51.56
C GLU S 54 -15.76 -23.82 50.85
N THR S 55 -14.64 -23.42 50.29
CA THR S 55 -13.69 -24.32 49.67
C THR S 55 -12.36 -24.36 50.41
N GLY S 56 -11.93 -23.24 50.97
CA GLY S 56 -10.63 -23.13 51.58
C GLY S 56 -9.65 -22.30 50.80
N PHE S 57 -10.13 -21.33 50.03
CA PHE S 57 -9.26 -20.56 49.13
C PHE S 57 -8.48 -19.54 49.94
N THR S 58 -7.16 -19.71 50.03
CA THR S 58 -6.33 -18.91 50.92
C THR S 58 -5.43 -17.96 50.13
N ALA S 59 -5.04 -16.86 50.78
CA ALA S 59 -4.02 -15.99 50.20
C ALA S 59 -3.24 -15.32 51.31
N TYR S 60 -2.00 -14.97 50.98
CA TYR S 60 -1.05 -14.38 51.91
C TYR S 60 -0.32 -13.25 51.20
N THR S 61 0.76 -12.79 51.82
CA THR S 61 1.68 -11.84 51.23
C THR S 61 2.96 -12.55 50.80
N GLN S 62 3.96 -11.76 50.40
CA GLN S 62 5.25 -12.33 50.07
C GLN S 62 6.06 -12.68 51.31
N LYS S 63 5.81 -11.97 52.42
CA LYS S 63 6.61 -12.16 53.63
C LYS S 63 6.31 -13.48 54.31
N PHE S 64 5.05 -13.94 54.27
CA PHE S 64 4.65 -15.06 55.10
C PHE S 64 4.08 -16.21 54.30
N LYS S 65 4.16 -16.14 52.97
CA LYS S 65 3.90 -17.32 52.14
C LYS S 65 4.94 -18.40 52.46
N GLY S 66 4.45 -19.60 52.73
CA GLY S 66 5.34 -20.65 53.17
C GLY S 66 5.72 -20.61 54.64
N LYS S 67 5.15 -19.68 55.40
CA LYS S 67 5.39 -19.59 56.84
C LYS S 67 4.17 -20.00 57.65
N ALA S 68 3.03 -19.37 57.42
CA ALA S 68 1.81 -19.65 58.17
C ALA S 68 0.83 -20.45 57.32
N MET S 69 -0.04 -21.20 57.99
CA MET S 69 -1.08 -21.97 57.35
C MET S 69 -2.44 -21.51 57.84
N LEU S 70 -3.37 -21.32 56.92
CA LEU S 70 -4.76 -21.00 57.24
C LEU S 70 -5.64 -22.21 56.96
N THR S 71 -6.39 -22.63 57.97
CA THR S 71 -7.38 -23.69 57.82
C THR S 71 -8.72 -23.20 58.38
N ALA S 72 -9.80 -23.71 57.79
CA ALA S 72 -11.15 -23.35 58.22
C ALA S 72 -12.03 -24.58 58.15
N ASP S 73 -12.74 -24.87 59.24
CA ASP S 73 -13.65 -26.00 59.30
C ASP S 73 -15.07 -25.50 59.06
N LYS S 74 -15.70 -26.00 57.99
CA LYS S 74 -17.05 -25.60 57.67
C LYS S 74 -18.06 -26.17 58.67
N SER S 75 -17.75 -27.34 59.24
CA SER S 75 -18.68 -27.99 60.16
C SER S 75 -18.70 -27.31 61.52
N SER S 76 -17.54 -27.22 62.18
CA SER S 76 -17.46 -26.68 63.53
C SER S 76 -17.60 -25.15 63.57
N SER S 77 -17.52 -24.48 62.42
CA SER S 77 -17.72 -23.04 62.25
C SER S 77 -16.74 -22.23 63.11
N THR S 78 -15.45 -22.44 62.84
CA THR S 78 -14.37 -21.70 63.49
C THR S 78 -13.39 -21.24 62.42
N ALA S 79 -12.37 -20.49 62.86
CA ALA S 79 -11.22 -20.16 62.03
C ALA S 79 -9.96 -20.61 62.75
N TYR S 80 -8.83 -20.58 62.04
CA TYR S 80 -7.59 -21.08 62.60
C TYR S 80 -6.40 -20.33 62.04
N MET S 81 -5.31 -20.34 62.81
CA MET S 81 -3.98 -20.03 62.34
C MET S 81 -3.10 -21.24 62.57
N GLU S 82 -2.06 -21.38 61.76
CA GLU S 82 -0.98 -22.35 62.03
C GLU S 82 0.33 -21.66 61.69
N LEU S 83 0.91 -20.99 62.69
CA LEU S 83 2.17 -20.31 62.51
C LEU S 83 3.34 -21.28 62.60
N ARG S 84 4.41 -20.96 61.88
CA ARG S 84 5.66 -21.70 61.94
C ARG S 84 6.80 -20.69 61.92
N SER S 85 7.91 -21.05 62.57
CA SER S 85 9.16 -20.28 62.63
C SER S 85 8.93 -18.88 63.20
N LEU S 86 8.57 -18.87 64.48
CA LEU S 86 8.22 -17.63 65.17
C LEU S 86 9.46 -16.79 65.50
N THR S 87 9.37 -15.49 65.24
CA THR S 87 10.41 -14.54 65.57
C THR S 87 9.83 -13.41 66.41
N SER S 88 10.72 -12.54 66.89
CA SER S 88 10.32 -11.46 67.80
C SER S 88 9.51 -10.38 67.11
N GLU S 89 9.66 -10.23 65.79
CA GLU S 89 8.86 -9.25 65.05
C GLU S 89 7.39 -9.67 64.93
N ASP S 90 7.09 -10.96 65.15
CA ASP S 90 5.74 -11.47 65.10
C ASP S 90 4.96 -11.23 66.40
N SER S 91 5.57 -10.62 67.40
CA SER S 91 4.87 -10.29 68.65
C SER S 91 3.89 -9.16 68.37
N ALA S 92 2.61 -9.48 68.24
CA ALA S 92 1.67 -8.53 67.67
C ALA S 92 0.28 -8.77 68.23
N VAL S 93 -0.67 -7.97 67.75
CA VAL S 93 -2.06 -8.04 68.17
C VAL S 93 -2.88 -8.41 66.95
N TYR S 94 -3.37 -9.65 66.93
CA TYR S 94 -4.05 -10.21 65.78
C TYR S 94 -5.52 -9.81 65.81
N PHE S 95 -5.98 -9.20 64.72
CA PHE S 95 -7.37 -8.83 64.52
C PHE S 95 -7.96 -9.72 63.44
N CYS S 96 -8.93 -10.53 63.84
CA CYS S 96 -9.84 -11.19 62.92
C CYS S 96 -10.89 -10.19 62.46
N SER S 97 -11.33 -10.33 61.21
CA SER S 97 -12.32 -9.43 60.64
C SER S 97 -12.94 -10.09 59.42
N ARG S 98 -13.99 -9.45 58.91
CA ARG S 98 -14.72 -9.91 57.74
C ARG S 98 -14.70 -8.85 56.66
N LEU S 99 -14.54 -9.27 55.41
CA LEU S 99 -15.00 -8.51 54.26
C LEU S 99 -16.17 -9.21 53.63
N ARG S 100 -16.92 -8.45 52.85
CA ARG S 100 -17.84 -9.01 51.89
C ARG S 100 -17.12 -9.07 50.54
N LEU S 101 -17.78 -9.63 49.55
CA LEU S 101 -17.34 -9.40 48.18
C LEU S 101 -17.75 -8.00 47.77
N TYR S 102 -16.78 -7.21 47.28
CA TYR S 102 -16.96 -5.82 46.84
C TYR S 102 -17.43 -4.89 47.96
N TRP S 103 -17.03 -5.13 49.21
CA TRP S 103 -17.47 -4.24 50.29
C TRP S 103 -16.35 -4.13 51.35
N TYR S 104 -16.73 -3.64 52.53
CA TYR S 104 -15.88 -3.11 53.56
C TYR S 104 -15.80 -4.07 54.75
N PHE S 105 -15.16 -3.63 55.82
CA PHE S 105 -15.03 -4.41 57.05
C PHE S 105 -16.19 -4.10 57.96
N ASP S 106 -17.09 -5.09 58.15
CA ASP S 106 -18.22 -4.91 59.04
C ASP S 106 -17.78 -4.93 60.50
N VAL S 107 -17.22 -6.06 60.95
CA VAL S 107 -16.99 -6.31 62.36
C VAL S 107 -15.48 -6.33 62.60
N TRP S 108 -15.07 -5.80 63.74
CA TRP S 108 -13.68 -5.80 64.16
C TRP S 108 -13.57 -6.53 65.49
N GLY S 109 -12.60 -7.43 65.58
CA GLY S 109 -12.49 -8.31 66.72
C GLY S 109 -11.81 -7.67 67.91
N THR S 110 -11.50 -8.51 68.89
CA THR S 110 -10.84 -8.04 70.09
C THR S 110 -9.36 -7.78 69.86
N GLY S 111 -8.67 -8.75 69.25
CA GLY S 111 -7.23 -8.66 69.09
C GLY S 111 -6.50 -9.52 70.09
N THR S 112 -5.98 -10.66 69.64
CA THR S 112 -5.22 -11.55 70.50
C THR S 112 -3.75 -11.14 70.48
N THR S 113 -3.19 -10.89 71.65
CA THR S 113 -1.82 -10.41 71.77
C THR S 113 -0.89 -11.60 71.96
N VAL S 114 -0.02 -11.84 70.99
CA VAL S 114 0.91 -12.97 71.04
C VAL S 114 2.32 -12.42 71.08
N THR S 115 3.04 -12.72 72.16
CA THR S 115 4.45 -12.39 72.26
C THR S 115 5.29 -13.64 72.14
N VAL S 116 6.32 -13.56 71.31
CA VAL S 116 7.23 -14.67 71.06
C VAL S 116 8.33 -14.57 72.11
N SER S 117 8.26 -15.42 73.12
CA SER S 117 9.16 -15.34 74.27
C SER S 117 9.30 -16.70 74.96
N GLY T 1 5.97 -4.13 46.48
CA GLY T 1 4.61 -3.84 46.87
C GLY T 1 4.09 -2.54 46.29
N VAL T 2 2.87 -2.16 46.69
CA VAL T 2 2.19 -0.95 46.21
C VAL T 2 2.04 -0.07 47.45
N LEU T 3 3.08 -0.10 48.30
CA LEU T 3 3.06 0.53 49.62
C LEU T 3 2.76 2.02 49.56
N MET T 4 2.00 2.49 50.54
CA MET T 4 1.54 3.88 50.59
C MET T 4 2.56 4.74 51.32
N THR T 5 2.81 5.92 50.79
CA THR T 5 3.72 6.89 51.38
C THR T 5 2.89 8.01 51.99
N GLN T 6 2.92 8.10 53.31
CA GLN T 6 2.06 9.02 54.05
C GLN T 6 2.77 10.34 54.34
N SER T 7 2.02 11.44 54.19
CA SER T 7 2.53 12.77 54.53
C SER T 7 1.36 13.65 54.97
N PRO T 8 1.44 14.29 56.14
CA PRO T 8 2.51 14.17 57.14
C PRO T 8 2.18 13.10 58.16
N LEU T 9 3.20 12.65 58.90
CA LEU T 9 3.01 11.54 59.82
C LEU T 9 2.44 12.01 61.16
N SER T 10 3.19 12.82 61.89
CA SER T 10 2.77 13.27 63.21
C SER T 10 2.13 14.64 63.09
N LEU T 11 0.86 14.74 63.48
CA LEU T 11 0.12 16.00 63.43
C LEU T 11 -0.45 16.32 64.80
N PRO T 12 0.24 17.15 65.58
CA PRO T 12 -0.42 17.76 66.74
C PRO T 12 -1.39 18.84 66.29
N VAL T 13 -2.68 18.53 66.35
CA VAL T 13 -3.73 19.39 65.80
C VAL T 13 -4.60 19.88 66.93
N ARG T 14 -4.77 21.19 67.03
CA ARG T 14 -5.64 21.79 68.05
C ARG T 14 -7.09 21.50 67.74
N LEU T 15 -7.93 21.63 68.77
CA LEU T 15 -9.35 21.32 68.65
C LEU T 15 -10.07 22.44 67.92
N GLY T 16 -10.86 22.07 66.90
CA GLY T 16 -11.63 23.01 66.13
C GLY T 16 -11.06 23.35 64.77
N ASP T 17 -9.77 23.13 64.56
CA ASP T 17 -9.14 23.45 63.28
C ASP T 17 -9.30 22.28 62.30
N GLN T 18 -8.70 22.44 61.12
CA GLN T 18 -8.77 21.45 60.06
C GLN T 18 -7.56 20.52 60.12
N ALA T 19 -7.62 19.44 59.33
CA ALA T 19 -6.53 18.48 59.27
C ALA T 19 -6.49 17.84 57.89
N SER T 20 -5.28 17.58 57.40
CA SER T 20 -5.09 17.02 56.06
C SER T 20 -4.02 15.94 56.13
N ILE T 21 -4.38 14.73 55.74
CA ILE T 21 -3.48 13.58 55.75
C ILE T 21 -3.48 12.96 54.35
N SER T 22 -2.39 13.15 53.60
CA SER T 22 -2.31 12.65 52.24
C SER T 22 -1.48 11.37 52.17
N CYS T 23 -1.83 10.55 51.19
CA CYS T 23 -1.03 9.39 50.81
C CYS T 23 -0.69 9.50 49.34
N ARG T 24 0.46 8.93 48.98
CA ARG T 24 0.88 8.80 47.59
C ARG T 24 1.25 7.35 47.35
N SER T 25 0.63 6.75 46.34
CA SER T 25 0.86 5.35 46.00
C SER T 25 1.88 5.23 44.87
N SER T 26 2.40 4.01 44.71
CA SER T 26 3.38 3.75 43.66
C SER T 26 2.72 3.70 42.29
N GLN T 27 1.61 2.98 42.16
CA GLN T 27 0.80 2.98 40.96
C GLN T 27 -0.52 3.67 41.26
N SER T 28 -1.37 3.77 40.25
CA SER T 28 -2.74 4.19 40.51
C SER T 28 -3.50 3.05 41.16
N ILE T 29 -4.45 3.40 42.01
CA ILE T 29 -5.27 2.42 42.70
C ILE T 29 -6.60 2.23 41.98
N VAL T 30 -6.61 2.52 40.68
CA VAL T 30 -7.79 2.36 39.84
C VAL T 30 -8.11 0.88 39.73
N TYR T 31 -9.19 0.46 40.39
CA TYR T 31 -9.67 -0.90 40.22
C TYR T 31 -10.22 -1.08 38.81
N SER T 32 -10.18 -2.32 38.33
CA SER T 32 -10.33 -2.67 36.93
C SER T 32 -11.74 -2.44 36.37
N ASN T 33 -12.67 -1.92 37.16
CA ASN T 33 -13.93 -1.44 36.63
C ASN T 33 -14.08 0.08 36.73
N GLY T 34 -13.16 0.75 37.42
CA GLY T 34 -13.17 2.20 37.55
C GLY T 34 -13.34 2.69 38.97
N ASN T 35 -13.92 1.87 39.84
CA ASN T 35 -14.28 2.29 41.19
C ASN T 35 -13.15 1.92 42.15
N THR T 36 -12.34 2.89 42.53
CA THR T 36 -11.28 2.67 43.49
C THR T 36 -11.87 2.42 44.88
N TYR T 37 -11.22 1.56 45.65
CA TYR T 37 -11.68 1.20 46.99
C TYR T 37 -10.60 1.59 47.99
N LEU T 38 -10.69 2.82 48.50
CA LEU T 38 -9.81 3.30 49.55
C LEU T 38 -10.49 3.10 50.91
N GLU T 39 -9.68 2.98 51.97
CA GLU T 39 -10.22 2.97 53.32
C GLU T 39 -9.37 3.81 54.25
N TRP T 40 -10.02 4.58 55.11
CA TRP T 40 -9.38 5.35 56.17
C TRP T 40 -9.73 4.72 57.50
N TYR T 41 -8.72 4.46 58.31
CA TYR T 41 -8.88 3.75 59.57
C TYR T 41 -8.76 4.69 60.75
N LEU T 42 -9.78 4.68 61.62
CA LEU T 42 -9.62 5.20 62.96
C LEU T 42 -8.72 4.27 63.77
N GLN T 43 -8.13 4.81 64.84
CA GLN T 43 -7.54 4.00 65.91
C GLN T 43 -7.35 4.86 67.14
N ARG T 44 -7.95 4.46 68.24
CA ARG T 44 -7.57 4.90 69.57
C ARG T 44 -6.66 3.86 70.20
N PRO T 45 -5.84 4.23 71.18
CA PRO T 45 -5.11 3.21 71.93
C PRO T 45 -6.05 2.38 72.78
N GLY T 46 -5.92 1.06 72.68
CA GLY T 46 -6.79 0.14 73.36
C GLY T 46 -8.04 -0.26 72.61
N GLN T 47 -8.13 0.05 71.32
CA GLN T 47 -9.31 -0.25 70.53
C GLN T 47 -8.92 -0.90 69.20
N SER T 48 -9.82 -1.73 68.69
CA SER T 48 -9.65 -2.28 67.35
C SER T 48 -9.83 -1.17 66.32
N PRO T 49 -8.95 -1.07 65.33
CA PRO T 49 -9.04 0.03 64.36
C PRO T 49 -10.22 -0.13 63.42
N LYS T 50 -11.01 0.94 63.28
CA LYS T 50 -12.29 0.88 62.59
C LYS T 50 -12.36 1.95 61.50
N LEU T 51 -13.40 1.85 60.67
CA LEU T 51 -13.44 2.52 59.38
C LEU T 51 -14.10 3.90 59.45
N LEU T 52 -13.49 4.85 58.76
CA LEU T 52 -14.12 6.14 58.47
C LEU T 52 -14.84 6.13 57.13
N ILE T 53 -14.09 5.94 56.05
CA ILE T 53 -14.58 6.10 54.68
C ILE T 53 -14.17 4.84 53.93
N TYR T 54 -15.09 4.26 53.15
CA TYR T 54 -14.71 3.17 52.26
C TYR T 54 -15.06 3.54 50.82
N LYS T 55 -14.31 4.51 50.27
CA LYS T 55 -14.11 4.93 48.88
C LYS T 55 -13.23 6.16 48.89
N VAL T 56 -13.02 6.79 47.73
CA VAL T 56 -12.53 8.16 47.70
C VAL T 56 -13.44 9.08 48.50
N SER T 57 -14.74 9.06 48.20
CA SER T 57 -15.68 9.99 48.80
C SER T 57 -17.00 9.33 49.17
N ASN T 58 -16.96 8.14 49.78
CA ASN T 58 -18.16 7.49 50.31
C ASN T 58 -17.84 6.82 51.63
N ARG T 59 -18.46 7.32 52.70
CA ARG T 59 -18.07 7.07 54.08
C ARG T 59 -18.87 5.93 54.70
N PHE T 60 -18.48 5.60 55.93
CA PHE T 60 -19.18 4.59 56.72
C PHE T 60 -20.41 5.19 57.41
N SER T 61 -21.48 4.41 57.47
CA SER T 61 -22.71 4.84 58.13
C SER T 61 -22.47 4.90 59.63
N GLY T 62 -22.46 6.11 60.18
CA GLY T 62 -22.10 6.35 61.57
C GLY T 62 -20.96 7.32 61.75
N VAL T 63 -20.25 7.66 60.68
CA VAL T 63 -19.18 8.66 60.71
C VAL T 63 -19.82 10.03 60.50
N PRO T 64 -19.51 11.03 61.36
CA PRO T 64 -20.19 12.34 61.24
C PRO T 64 -19.80 13.15 60.01
N ASP T 65 -20.44 14.31 59.85
CA ASP T 65 -20.28 15.15 58.68
C ASP T 65 -19.05 16.06 58.77
N ARG T 66 -17.89 15.48 59.11
CA ARG T 66 -16.66 16.27 59.22
C ARG T 66 -15.47 15.64 58.52
N VAL T 67 -15.48 14.33 58.25
CA VAL T 67 -14.36 13.64 57.62
C VAL T 67 -14.70 13.41 56.17
N SER T 68 -13.77 13.78 55.28
CA SER T 68 -14.00 13.64 53.84
C SER T 68 -12.70 13.20 53.18
N GLY T 69 -12.83 12.47 52.07
CA GLY T 69 -11.66 12.12 51.30
C GLY T 69 -11.64 12.81 49.95
N SER T 70 -10.45 13.00 49.39
CA SER T 70 -10.31 13.61 48.07
C SER T 70 -9.03 13.11 47.45
N GLY T 71 -8.82 13.42 46.19
CA GLY T 71 -7.61 13.07 45.48
C GLY T 71 -7.88 12.22 44.25
N SER T 72 -6.81 12.05 43.47
CA SER T 72 -6.92 11.37 42.18
C SER T 72 -5.58 10.76 41.80
N GLY T 73 -5.62 9.53 41.30
CA GLY T 73 -4.47 8.83 40.76
C GLY T 73 -3.58 8.19 41.81
N THR T 74 -2.72 8.98 42.46
CA THR T 74 -1.87 8.47 43.53
C THR T 74 -2.01 9.32 44.77
N ASP T 75 -2.19 10.62 44.59
CA ASP T 75 -2.32 11.54 45.72
C ASP T 75 -3.76 11.52 46.22
N PHE T 76 -3.94 11.13 47.47
CA PHE T 76 -5.26 11.02 48.07
C PHE T 76 -5.20 11.58 49.49
N THR T 77 -5.90 12.68 49.73
CA THR T 77 -5.82 13.44 50.96
C THR T 77 -7.14 13.33 51.73
N LEU T 78 -7.04 12.95 53.00
CA LEU T 78 -8.13 13.04 53.94
C LEU T 78 -8.19 14.45 54.52
N LYS T 79 -9.40 14.93 54.74
CA LYS T 79 -9.65 16.28 55.25
C LYS T 79 -10.67 16.20 56.36
N ILE T 80 -10.26 16.61 57.55
CA ILE T 80 -11.16 16.73 58.70
C ILE T 80 -11.43 18.22 58.92
N SER T 81 -12.71 18.60 58.91
CA SER T 81 -13.07 20.01 59.04
C SER T 81 -12.89 20.49 60.47
N ARG T 82 -13.45 19.76 61.43
CA ARG T 82 -13.32 20.10 62.85
C ARG T 82 -12.80 18.88 63.61
N VAL T 83 -11.69 19.05 64.31
CA VAL T 83 -10.99 17.96 64.98
C VAL T 83 -11.40 17.92 66.44
N GLU T 84 -11.86 16.76 66.89
CA GLU T 84 -12.20 16.52 68.29
C GLU T 84 -11.23 15.52 68.90
N ALA T 85 -11.43 15.24 70.19
CA ALA T 85 -10.60 14.24 70.88
C ALA T 85 -10.93 12.83 70.43
N GLU T 86 -12.10 12.62 69.82
CA GLU T 86 -12.41 11.33 69.20
C GLU T 86 -11.52 11.07 68.00
N ASP T 87 -11.03 12.13 67.35
CA ASP T 87 -10.25 12.01 66.12
C ASP T 87 -8.77 11.74 66.37
N LEU T 88 -8.31 11.83 67.61
CA LEU T 88 -6.89 11.62 67.89
C LEU T 88 -6.51 10.16 67.72
N GLY T 89 -5.26 9.93 67.34
CA GLY T 89 -4.75 8.58 67.21
C GLY T 89 -4.24 8.30 65.82
N VAL T 90 -4.01 7.01 65.56
CA VAL T 90 -3.29 6.60 64.36
C VAL T 90 -4.29 6.39 63.24
N TYR T 91 -4.00 6.98 62.07
CA TYR T 91 -4.80 6.80 60.87
C TYR T 91 -4.00 6.10 59.80
N TYR T 92 -4.71 5.55 58.80
CA TYR T 92 -4.11 4.69 57.79
C TYR T 92 -4.76 4.90 56.44
N CYS T 93 -4.01 4.59 55.39
CA CYS T 93 -4.56 4.36 54.07
C CYS T 93 -4.73 2.86 53.83
N PHE T 94 -5.29 2.51 52.67
CA PHE T 94 -5.70 1.14 52.37
C PHE T 94 -6.00 1.06 50.89
N GLN T 95 -5.97 -0.16 50.34
CA GLN T 95 -6.12 -0.37 48.91
C GLN T 95 -7.29 -1.29 48.61
N GLY T 96 -7.76 -1.21 47.36
CA GLY T 96 -8.81 -2.09 46.88
C GLY T 96 -8.47 -2.63 45.52
N SER T 97 -7.25 -2.33 45.06
CA SER T 97 -6.86 -2.69 43.71
C SER T 97 -6.65 -4.20 43.58
N HIS T 98 -5.74 -4.75 44.36
CA HIS T 98 -5.38 -6.15 44.25
C HIS T 98 -4.66 -6.60 45.51
N VAL T 99 -4.92 -7.83 45.92
CA VAL T 99 -4.17 -8.45 47.01
C VAL T 99 -2.73 -8.67 46.53
N PRO T 100 -1.72 -8.59 47.41
CA PRO T 100 -1.78 -8.21 48.82
C PRO T 100 -1.89 -6.69 49.02
N TYR T 101 -2.88 -6.25 49.80
CA TYR T 101 -3.01 -4.83 50.03
C TYR T 101 -1.98 -4.38 51.06
N THR T 102 -1.72 -3.08 51.08
CA THR T 102 -0.72 -2.50 51.97
C THR T 102 -1.39 -1.49 52.89
N PHE T 103 -1.27 -1.71 54.20
CA PHE T 103 -1.54 -0.61 55.12
C PHE T 103 -0.39 0.38 55.06
N GLY T 104 -0.65 1.60 55.54
CA GLY T 104 0.34 2.65 55.48
C GLY T 104 1.36 2.55 56.60
N GLY T 105 1.97 3.68 56.89
CA GLY T 105 2.89 3.79 58.00
C GLY T 105 2.29 4.35 59.26
N GLY T 106 1.05 4.82 59.23
CA GLY T 106 0.41 5.37 60.40
C GLY T 106 0.62 6.86 60.54
N THR T 107 -0.48 7.61 60.60
CA THR T 107 -0.44 9.06 60.75
C THR T 107 -1.17 9.44 62.04
N LYS T 108 -0.42 9.89 63.04
CA LYS T 108 -1.00 10.12 64.34
C LYS T 108 -1.48 11.56 64.47
N LEU T 109 -2.74 11.71 64.88
CA LEU T 109 -3.27 13.00 65.29
C LEU T 109 -3.08 13.15 66.79
N GLU T 110 -2.46 14.26 67.17
CA GLU T 110 -2.12 14.60 68.54
C GLU T 110 -2.71 15.97 68.83
N ILE T 111 -2.48 16.46 70.05
CA ILE T 111 -2.84 17.84 70.36
C ILE T 111 -1.57 18.64 70.61
N GLN U 1 44.02 62.36 45.05
CA GLN U 1 44.44 63.55 44.30
C GLN U 1 45.32 63.15 43.15
N VAL U 2 44.77 63.13 41.93
CA VAL U 2 45.53 62.79 40.74
C VAL U 2 45.33 63.88 39.69
N HIS U 3 46.43 64.28 39.05
CA HIS U 3 46.38 65.02 37.79
C HIS U 3 47.69 64.77 37.08
N LEU U 4 47.63 64.69 35.76
CA LEU U 4 48.77 64.27 34.97
C LEU U 4 49.36 65.47 34.26
N GLN U 5 50.50 65.26 33.60
CA GLN U 5 51.15 66.36 32.90
C GLN U 5 51.75 65.84 31.60
N GLU U 6 51.12 66.20 30.49
CA GLU U 6 51.58 65.80 29.17
C GLU U 6 52.68 66.74 28.69
N SER U 7 53.65 66.17 27.98
CA SER U 7 54.75 66.98 27.45
C SER U 7 55.36 66.30 26.23
N GLY U 8 55.45 67.06 25.14
CA GLY U 8 56.19 66.67 23.97
C GLY U 8 56.79 67.91 23.33
N PRO U 9 57.41 67.75 22.16
CA PRO U 9 57.97 68.92 21.44
C PRO U 9 56.90 69.89 20.93
N GLY U 10 55.84 69.38 20.31
CA GLY U 10 54.74 70.22 19.89
C GLY U 10 54.74 70.60 18.42
N LEU U 11 55.90 70.95 17.89
CA LEU U 11 56.06 71.23 16.47
C LEU U 11 56.85 70.09 15.86
N VAL U 12 56.20 69.30 15.02
CA VAL U 12 56.74 68.05 14.52
C VAL U 12 56.79 68.14 13.00
N LYS U 13 57.88 67.65 12.41
CA LYS U 13 57.94 67.53 10.98
C LYS U 13 57.29 66.21 10.55
N PRO U 14 56.83 66.11 9.31
CA PRO U 14 56.44 64.81 8.78
C PRO U 14 57.65 63.90 8.66
N SER U 15 57.41 62.59 8.82
CA SER U 15 58.43 61.54 8.89
C SER U 15 59.46 61.85 9.98
N GLU U 16 58.96 61.97 11.19
CA GLU U 16 59.77 62.25 12.38
C GLU U 16 59.36 61.31 13.50
N THR U 17 60.35 60.79 14.22
CA THR U 17 60.11 59.85 15.30
C THR U 17 59.67 60.60 16.54
N LEU U 18 58.37 60.58 16.81
CA LEU U 18 57.79 61.30 17.94
C LEU U 18 58.00 60.53 19.24
N SER U 19 58.20 61.27 20.32
CA SER U 19 58.22 60.70 21.66
C SER U 19 57.58 61.68 22.64
N LEU U 20 56.87 61.12 23.61
CA LEU U 20 56.02 61.89 24.51
C LEU U 20 56.16 61.35 25.92
N THR U 21 55.92 62.23 26.90
CA THR U 21 55.98 61.83 28.30
C THR U 21 54.72 62.25 29.02
N CYS U 22 54.53 61.70 30.22
CA CYS U 22 53.36 62.01 31.05
C CYS U 22 53.74 61.86 32.51
N ASN U 23 53.58 62.94 33.28
CA ASN U 23 53.86 63.01 34.70
C ASN U 23 52.61 62.71 35.52
N VAL U 24 52.82 62.35 36.78
CA VAL U 24 51.76 61.83 37.64
C VAL U 24 51.52 62.75 38.83
N SER U 25 50.55 62.39 39.67
CA SER U 25 50.33 63.04 40.95
C SER U 25 49.69 62.03 41.90
N GLY U 26 50.39 61.68 42.99
CA GLY U 26 49.81 60.86 44.02
C GLY U 26 49.92 59.36 43.82
N THR U 27 49.31 58.84 42.77
CA THR U 27 49.28 57.40 42.51
C THR U 27 50.46 57.00 41.64
N LEU U 28 51.15 55.93 42.03
CA LEU U 28 52.32 55.49 41.31
C LEU U 28 51.92 54.67 40.08
N VAL U 29 52.91 54.40 39.23
CA VAL U 29 52.68 53.74 37.95
C VAL U 29 52.33 52.26 38.13
N ARG U 30 52.69 51.67 39.26
CA ARG U 30 52.48 50.24 39.45
C ARG U 30 51.01 49.91 39.73
N ASP U 31 50.26 50.88 40.28
CA ASP U 31 48.95 50.59 40.83
C ASP U 31 47.92 50.28 39.75
N ASN U 32 47.66 51.24 38.86
CA ASN U 32 46.45 51.22 38.06
C ASN U 32 46.77 51.04 36.59
N TYR U 33 45.74 50.74 35.81
CA TYR U 33 45.86 50.60 34.37
C TYR U 33 45.96 51.98 33.74
N TRP U 34 46.91 52.16 32.82
CA TRP U 34 47.13 53.44 32.17
C TRP U 34 46.60 53.38 30.74
N SER U 35 46.42 54.55 30.13
CA SER U 35 45.86 54.62 28.80
C SER U 35 46.28 55.93 28.15
N TRP U 36 46.16 55.95 26.83
CA TRP U 36 46.46 57.13 26.02
C TRP U 36 45.34 57.33 25.03
N ILE U 37 44.99 58.59 24.79
CA ILE U 37 43.89 58.96 23.92
C ILE U 37 44.38 60.08 23.02
N ARG U 38 44.03 60.04 21.74
CA ARG U 38 44.23 61.22 20.91
C ARG U 38 42.88 61.78 20.48
N GLN U 39 42.88 63.05 20.10
CA GLN U 39 41.66 63.66 19.61
C GLN U 39 41.98 64.74 18.59
N PRO U 40 41.57 64.58 17.34
CA PRO U 40 41.67 65.67 16.39
C PRO U 40 40.67 66.76 16.71
N LEU U 41 40.91 67.94 16.13
CA LEU U 41 40.09 69.11 16.43
C LEU U 41 38.70 68.94 15.81
N GLY U 42 37.68 69.16 16.64
CA GLY U 42 36.30 68.98 16.23
C GLY U 42 35.89 67.56 15.96
N LYS U 43 36.68 66.58 16.38
CA LYS U 43 36.43 65.19 16.10
C LYS U 43 36.22 64.44 17.40
N GLN U 44 35.67 63.23 17.29
CA GLN U 44 35.57 62.38 18.46
C GLN U 44 36.97 61.93 18.88
N PRO U 45 37.20 61.74 20.17
CA PRO U 45 38.51 61.26 20.63
C PRO U 45 38.75 59.84 20.18
N GLU U 46 40.03 59.51 20.07
CA GLU U 46 40.46 58.19 19.63
C GLU U 46 41.27 57.58 20.76
N TRP U 47 40.72 56.55 21.38
CA TRP U 47 41.43 55.85 22.44
C TRP U 47 42.55 55.04 21.83
N ILE U 48 43.80 55.50 22.04
CA ILE U 48 44.95 54.88 21.41
C ILE U 48 45.19 53.50 22.01
N GLY U 49 44.88 53.33 23.28
CA GLY U 49 45.01 52.04 23.91
C GLY U 49 45.33 52.20 25.37
N TYR U 50 45.65 51.06 25.98
CA TYR U 50 45.92 50.96 27.39
C TYR U 50 47.19 50.16 27.60
N VAL U 51 47.83 50.39 28.74
CA VAL U 51 49.10 49.74 29.07
C VAL U 51 49.14 49.52 30.58
N HIS U 52 49.76 48.42 30.97
CA HIS U 52 49.98 48.08 32.37
C HIS U 52 51.10 47.05 32.40
N ASP U 53 51.77 46.97 33.55
CA ASP U 53 52.80 45.97 33.80
C ASP U 53 52.21 44.56 33.74
N SER U 54 53.10 43.58 33.60
CA SER U 54 52.79 42.14 33.51
C SER U 54 51.91 41.83 32.30
N GLY U 55 52.48 42.02 31.11
CA GLY U 55 51.89 41.55 29.87
C GLY U 55 50.64 42.25 29.42
N ASP U 56 50.32 43.41 30.00
CA ASP U 56 49.10 44.13 29.65
C ASP U 56 49.44 45.25 28.68
N THR U 57 49.69 44.84 27.43
CA THR U 57 50.26 45.72 26.40
C THR U 57 49.47 45.56 25.10
N ASN U 58 48.16 45.69 25.17
CA ASN U 58 47.30 45.53 24.01
C ASN U 58 47.12 46.88 23.34
N TYR U 59 47.29 46.90 22.02
CA TYR U 59 47.30 48.13 21.24
C TYR U 59 46.10 48.23 20.32
N ASN U 60 45.84 49.44 19.85
CA ASN U 60 44.87 49.65 18.80
C ASN U 60 45.39 49.02 17.51
N PRO U 61 44.63 48.13 16.86
CA PRO U 61 45.06 47.60 15.56
C PRO U 61 45.06 48.61 14.42
N SER U 62 44.57 49.83 14.64
CA SER U 62 44.69 50.87 13.63
C SER U 62 46.15 51.27 13.45
N LEU U 63 46.82 51.63 14.55
CA LEU U 63 48.24 51.99 14.44
C LEU U 63 49.10 50.74 14.44
N LYS U 64 49.17 50.07 15.59
CA LYS U 64 49.58 48.68 15.79
C LYS U 64 51.05 48.37 15.47
N SER U 65 51.70 49.21 14.72
CA SER U 65 53.07 48.91 14.32
C SER U 65 54.01 50.08 14.51
N ARG U 66 53.53 51.30 14.26
CA ARG U 66 54.36 52.48 14.38
C ARG U 66 54.33 53.08 15.78
N VAL U 67 53.64 52.42 16.71
CA VAL U 67 53.58 52.89 18.10
C VAL U 67 54.05 51.77 19.02
N HIS U 68 54.87 52.15 20.00
CA HIS U 68 55.39 51.22 21.01
C HIS U 68 55.51 52.01 22.31
N LEU U 69 54.61 51.75 23.25
CA LEU U 69 54.52 52.55 24.45
C LEU U 69 55.65 52.21 25.41
N SER U 70 55.73 52.97 26.51
CA SER U 70 56.79 52.77 27.48
C SER U 70 56.34 53.24 28.85
N LEU U 71 57.07 52.80 29.87
CA LEU U 71 56.82 53.21 31.25
C LEU U 71 58.10 53.76 31.86
N ASP U 72 57.97 54.34 33.05
CA ASP U 72 59.09 54.94 33.77
C ASP U 72 58.80 54.73 35.26
N LYS U 73 59.22 53.58 35.79
CA LYS U 73 58.93 53.26 37.19
C LYS U 73 59.83 54.01 38.15
N SER U 74 61.04 54.36 37.71
CA SER U 74 61.94 55.13 38.56
C SER U 74 61.45 56.56 38.72
N LYS U 75 61.32 57.28 37.62
CA LYS U 75 60.85 58.66 37.65
C LYS U 75 59.34 58.77 37.79
N ASN U 76 58.62 57.64 37.69
CA ASN U 76 57.16 57.57 37.75
C ASN U 76 56.52 58.43 36.66
N LEU U 77 56.85 58.09 35.42
CA LEU U 77 56.22 58.67 34.23
C LEU U 77 55.70 57.56 33.33
N VAL U 78 54.92 57.97 32.33
CA VAL U 78 54.50 57.06 31.27
C VAL U 78 54.91 57.68 29.95
N SER U 79 55.56 56.90 29.09
CA SER U 79 56.15 57.43 27.88
C SER U 79 55.52 56.79 26.65
N LEU U 80 55.76 57.41 25.50
CA LEU U 80 55.18 56.95 24.26
C LEU U 80 56.12 57.24 23.11
N ARG U 81 56.12 56.36 22.12
CA ARG U 81 56.93 56.53 20.92
C ARG U 81 56.08 56.24 19.70
N LEU U 82 56.06 57.18 18.76
CA LEU U 82 55.40 57.03 17.47
C LEU U 82 56.47 57.12 16.39
N THR U 83 56.32 56.33 15.33
CA THR U 83 57.24 56.34 14.21
C THR U 83 56.51 56.85 12.97
N GLY U 84 57.09 57.85 12.32
CA GLY U 84 56.51 58.36 11.08
C GLY U 84 55.23 59.15 11.28
N VAL U 85 55.35 60.35 11.85
CA VAL U 85 54.21 61.24 12.05
C VAL U 85 53.68 61.69 10.70
N THR U 86 52.40 61.43 10.45
CA THR U 86 51.76 61.83 9.21
C THR U 86 50.95 63.09 9.44
N ALA U 87 50.28 63.55 8.37
CA ALA U 87 49.49 64.77 8.44
C ALA U 87 48.21 64.58 9.24
N ALA U 88 47.67 63.36 9.26
CA ALA U 88 46.48 63.06 10.06
C ALA U 88 46.78 62.90 11.54
N ASP U 89 48.06 62.91 11.92
CA ASP U 89 48.45 62.73 13.30
C ASP U 89 48.30 63.99 14.14
N SER U 90 47.94 65.11 13.52
CA SER U 90 47.82 66.38 14.22
C SER U 90 46.58 66.33 15.12
N ALA U 91 46.82 66.07 16.41
CA ALA U 91 45.74 65.86 17.35
C ALA U 91 46.26 66.18 18.75
N ILE U 92 45.34 66.60 19.62
CA ILE U 92 45.72 66.85 21.00
C ILE U 92 45.76 65.53 21.74
N TYR U 93 46.78 65.36 22.59
CA TYR U 93 47.11 64.06 23.13
C TYR U 93 46.90 64.03 24.64
N TYR U 94 46.35 62.93 25.15
CA TYR U 94 45.92 62.80 26.54
C TYR U 94 46.50 61.51 27.11
N CYS U 95 47.10 61.60 28.28
CA CYS U 95 47.41 60.42 29.08
C CYS U 95 46.41 60.34 30.22
N ALA U 96 46.07 59.12 30.64
CA ALA U 96 44.99 58.92 31.60
C ALA U 96 45.12 57.56 32.25
N THR U 97 44.31 57.33 33.28
CA THR U 97 44.16 56.00 33.84
C THR U 97 42.78 55.44 33.49
N THR U 98 42.57 54.19 33.87
CA THR U 98 41.28 53.53 33.68
C THR U 98 41.14 52.41 34.69
N LYS U 99 39.87 52.04 34.93
CA LYS U 99 39.51 50.97 35.85
C LYS U 99 38.80 49.85 35.10
N HIS U 100 38.88 48.65 35.65
CA HIS U 100 38.33 47.48 35.01
C HIS U 100 36.88 47.27 35.42
N GLY U 101 36.34 46.09 35.09
CA GLY U 101 34.97 45.74 35.41
C GLY U 101 34.53 44.55 34.57
N ARG U 102 33.76 43.63 35.15
CA ARG U 102 33.36 42.40 34.49
C ARG U 102 31.86 42.45 34.20
N ARG U 103 31.51 42.47 32.92
CA ARG U 103 30.13 42.32 32.51
C ARG U 103 29.88 40.85 32.21
N ILE U 104 28.97 40.24 32.96
CA ILE U 104 28.69 38.82 32.88
C ILE U 104 27.28 38.63 32.36
N TYR U 105 27.14 37.91 31.25
CA TYR U 105 25.84 37.68 30.63
C TYR U 105 25.45 36.22 30.56
N GLY U 106 26.30 35.31 31.02
CA GLY U 106 25.96 33.91 30.93
C GLY U 106 26.52 33.10 32.08
N VAL U 107 27.11 31.98 31.76
CA VAL U 107 27.77 31.14 32.74
C VAL U 107 29.23 31.56 32.79
N VAL U 108 29.80 31.58 34.00
CA VAL U 108 31.17 32.06 34.16
C VAL U 108 32.16 31.05 33.61
N ALA U 109 31.90 29.76 33.83
CA ALA U 109 32.83 28.71 33.41
C ALA U 109 32.91 28.53 31.91
N PHE U 110 31.98 29.10 31.14
CA PHE U 110 31.97 28.95 29.69
C PHE U 110 32.53 30.17 29.00
N LYS U 111 33.15 31.08 29.74
CA LYS U 111 33.71 32.35 29.24
C LYS U 111 32.65 33.22 28.56
N GLU U 112 31.41 33.20 29.05
CA GLU U 112 30.36 34.05 28.48
C GLU U 112 30.26 35.34 29.27
N TRP U 113 31.33 36.12 29.20
CA TRP U 113 31.48 37.38 29.91
C TRP U 113 32.62 38.14 29.27
N PHE U 114 32.76 39.41 29.64
CA PHE U 114 33.87 40.19 29.13
C PHE U 114 34.28 41.25 30.13
N THR U 115 35.45 41.82 29.90
CA THR U 115 35.97 42.92 30.71
C THR U 115 35.94 44.20 29.89
N TYR U 116 35.54 45.28 30.55
CA TYR U 116 35.48 46.60 29.94
C TYR U 116 36.36 47.55 30.74
N PHE U 117 36.67 48.68 30.13
CA PHE U 117 37.49 49.70 30.78
C PHE U 117 36.83 51.05 30.59
N TYR U 118 37.19 51.99 31.46
CA TYR U 118 36.56 53.31 31.44
C TYR U 118 37.52 54.31 32.08
N MET U 119 37.83 55.38 31.35
CA MET U 119 38.76 56.39 31.82
C MET U 119 38.05 57.30 32.82
N ASP U 120 38.52 57.31 34.06
CA ASP U 120 37.90 58.10 35.11
C ASP U 120 38.51 59.49 35.22
N VAL U 121 39.84 59.58 35.23
CA VAL U 121 40.53 60.84 35.42
C VAL U 121 41.41 61.10 34.20
N TRP U 122 41.76 62.36 34.01
CA TRP U 122 42.34 62.81 32.76
C TRP U 122 43.51 63.73 33.04
N GLY U 123 44.25 64.05 32.00
CA GLY U 123 45.34 65.00 32.06
C GLY U 123 44.89 66.37 31.57
N LYS U 124 45.83 67.10 30.99
CA LYS U 124 45.51 68.42 30.46
C LYS U 124 45.70 68.52 28.96
N GLY U 125 46.72 67.88 28.41
CA GLY U 125 46.84 67.73 26.98
C GLY U 125 48.06 68.44 26.41
N THR U 126 48.26 68.19 25.12
CA THR U 126 49.31 68.84 24.33
C THR U 126 48.83 68.84 22.89
N SER U 127 48.80 70.03 22.28
CA SER U 127 48.47 70.17 20.87
C SER U 127 49.70 69.87 20.01
N VAL U 128 49.93 68.59 19.73
CA VAL U 128 51.08 68.19 18.94
C VAL U 128 50.76 68.44 17.47
N THR U 129 51.55 69.30 16.83
CA THR U 129 51.26 69.78 15.50
C THR U 129 52.30 69.21 14.53
N VAL U 130 51.83 68.63 13.43
CA VAL U 130 52.68 68.24 12.33
C VAL U 130 52.68 69.37 11.31
N SER U 131 53.87 69.77 10.85
CA SER U 131 54.03 70.90 9.96
C SER U 131 55.41 70.83 9.31
N SER U 132 55.54 71.52 8.18
CA SER U 132 56.82 71.60 7.49
C SER U 132 57.78 72.52 8.23
N ALA V 1 26.63 66.83 10.66
CA ALA V 1 27.35 65.97 11.61
C ALA V 1 27.24 66.38 13.10
N PRO V 2 27.26 67.68 13.49
CA PRO V 2 26.90 67.98 14.88
C PRO V 2 25.41 67.84 15.10
N THR V 3 25.02 66.87 15.92
CA THR V 3 23.62 66.63 16.21
C THR V 3 23.15 67.66 17.24
N PHE V 4 22.41 68.66 16.80
CA PHE V 4 21.93 69.72 17.67
C PHE V 4 20.61 69.28 18.28
N VAL V 5 20.64 68.89 19.54
CA VAL V 5 19.42 68.73 20.32
C VAL V 5 19.31 70.00 21.18
N SER V 6 18.52 70.96 20.71
CA SER V 6 18.42 72.26 21.37
C SER V 6 17.32 72.18 22.42
N VAL V 7 17.70 72.24 23.69
CA VAL V 7 16.79 71.91 24.78
C VAL V 7 16.44 73.16 25.57
N ALA V 8 15.15 73.29 25.91
CA ALA V 8 14.73 74.34 26.81
C ALA V 8 15.19 74.00 28.23
N PRO V 9 15.52 75.01 29.04
CA PRO V 9 15.98 74.72 30.40
C PRO V 9 14.83 74.22 31.27
N GLY V 10 15.13 73.20 32.08
CA GLY V 10 14.15 72.54 32.89
C GLY V 10 13.45 71.37 32.22
N GLN V 11 13.65 71.17 30.92
CA GLN V 11 12.94 70.14 30.19
C GLN V 11 13.77 68.86 30.13
N THR V 12 13.36 67.91 29.29
CA THR V 12 13.99 66.60 29.19
C THR V 12 14.78 66.52 27.89
N ALA V 13 16.06 66.20 28.02
CA ALA V 13 16.94 65.94 26.88
C ALA V 13 17.13 64.45 26.70
N ARG V 14 17.14 64.01 25.44
CA ARG V 14 17.33 62.61 25.10
C ARG V 14 18.43 62.51 24.06
N ILE V 15 19.51 61.83 24.41
CA ILE V 15 20.68 61.72 23.55
C ILE V 15 20.77 60.28 23.08
N THR V 16 20.72 60.07 21.77
CA THR V 16 20.98 58.78 21.19
C THR V 16 22.36 58.77 20.55
N CYS V 17 23.05 57.65 20.67
CA CYS V 17 24.42 57.55 20.18
C CYS V 17 24.77 56.10 19.93
N GLY V 18 25.70 55.89 19.00
CA GLY V 18 26.18 54.56 18.69
C GLY V 18 25.30 53.83 17.70
N GLU V 19 25.73 52.61 17.38
CA GLU V 19 25.03 51.76 16.45
C GLU V 19 23.90 51.03 17.18
N GLU V 20 22.86 50.67 16.43
CA GLU V 20 21.78 49.83 16.90
C GLU V 20 22.32 48.53 17.50
N SER V 21 21.78 48.15 18.65
CA SER V 21 22.36 47.09 19.46
C SER V 21 22.16 45.71 18.83
N LEU V 22 23.12 44.82 19.10
CA LEU V 22 23.01 43.44 18.69
C LEU V 22 22.95 42.49 19.89
N GLY V 23 23.94 42.54 20.78
CA GLY V 23 23.95 41.71 21.96
C GLY V 23 23.69 42.51 23.23
N SER V 24 23.98 41.87 24.36
CA SER V 24 23.93 42.57 25.63
C SER V 24 25.11 43.52 25.73
N ARG V 25 24.86 44.71 26.24
CA ARG V 25 25.87 45.76 26.17
C ARG V 25 26.20 46.30 27.54
N SER V 26 27.12 47.27 27.53
CA SER V 26 27.46 48.05 28.71
C SER V 26 27.96 49.39 28.20
N VAL V 27 27.28 50.46 28.56
CA VAL V 27 27.54 51.76 27.95
C VAL V 27 28.26 52.66 28.95
N ILE V 28 29.10 53.54 28.41
CA ILE V 28 29.79 54.58 29.18
C ILE V 28 29.51 55.91 28.51
N TRP V 29 29.03 56.87 29.28
CA TRP V 29 28.80 58.22 28.78
C TRP V 29 29.84 59.15 29.38
N TYR V 30 30.41 60.00 28.52
CA TYR V 30 31.35 61.02 28.90
C TYR V 30 30.71 62.40 28.69
N GLN V 31 31.48 63.44 28.99
CA GLN V 31 31.16 64.78 28.51
C GLN V 31 32.44 65.57 28.31
N GLN V 32 32.32 66.64 27.54
CA GLN V 32 33.47 67.42 27.09
C GLN V 32 33.07 68.88 27.07
N ARG V 33 33.59 69.65 28.00
CA ARG V 33 33.40 71.08 27.95
C ARG V 33 34.41 71.69 26.97
N PRO V 34 34.04 72.76 26.27
CA PRO V 34 34.92 73.30 25.21
C PRO V 34 36.20 73.87 25.78
N GLY V 35 37.33 73.43 25.22
CA GLY V 35 38.63 73.86 25.66
C GLY V 35 39.16 73.13 26.88
N GLN V 36 38.37 72.26 27.49
CA GLN V 36 38.78 71.58 28.71
C GLN V 36 39.11 70.12 28.43
N ALA V 37 39.34 69.38 29.50
CA ALA V 37 39.63 67.95 29.53
C ALA V 37 38.32 67.17 29.57
N PRO V 38 38.32 65.90 29.16
CA PRO V 38 37.10 65.09 29.28
C PRO V 38 36.81 64.75 30.73
N SER V 39 35.63 64.15 30.92
CA SER V 39 35.20 63.70 32.23
C SER V 39 34.10 62.68 32.07
N LEU V 40 34.08 61.71 32.97
CA LEU V 40 33.05 60.68 32.93
C LEU V 40 31.80 61.17 33.64
N ILE V 41 30.64 60.72 33.14
CA ILE V 41 29.38 60.93 33.82
C ILE V 41 28.65 59.63 34.11
N ILE V 42 28.67 58.67 33.19
CA ILE V 42 27.99 57.39 33.41
C ILE V 42 28.96 56.27 33.07
N TYR V 43 29.02 55.23 33.92
CA TYR V 43 29.98 54.14 33.71
C TYR V 43 29.36 52.79 33.41
N ASN V 44 28.16 52.49 33.91
CA ASN V 44 27.49 51.26 33.52
C ASN V 44 26.25 51.64 32.71
N ASN V 45 25.39 50.66 32.43
CA ASN V 45 24.20 50.94 31.62
C ASN V 45 23.24 51.88 32.34
N ASN V 46 23.09 51.76 33.65
CA ASN V 46 22.27 52.73 34.38
C ASN V 46 22.89 53.06 35.73
N ASP V 47 24.21 53.20 35.79
CA ASP V 47 24.89 53.48 37.04
C ASP V 47 25.79 54.69 36.89
N ARG V 48 25.73 55.60 37.86
CA ARG V 48 26.59 56.76 37.86
C ARG V 48 27.54 56.73 39.06
N PRO V 49 28.78 57.24 38.90
CA PRO V 49 29.75 57.12 39.99
C PRO V 49 29.50 58.10 41.13
N SER V 50 30.45 58.16 42.07
CA SER V 50 30.30 59.00 43.24
C SER V 50 30.61 60.46 42.93
N GLY V 51 29.81 61.36 43.49
CA GLY V 51 30.05 62.78 43.38
C GLY V 51 29.38 63.44 42.20
N ILE V 52 29.12 62.69 41.14
CA ILE V 52 28.49 63.20 39.92
C ILE V 52 27.05 63.54 40.27
N PRO V 53 26.45 64.56 39.66
CA PRO V 53 25.04 64.86 39.96
C PRO V 53 24.10 63.79 39.40
N ASP V 54 22.85 63.91 39.82
CA ASP V 54 21.80 62.97 39.46
C ASP V 54 21.22 63.31 38.09
N ARG V 55 20.07 62.70 37.80
CA ARG V 55 19.20 62.95 36.64
C ARG V 55 19.85 62.58 35.31
N PHE V 56 20.94 61.84 35.32
CA PHE V 56 21.50 61.26 34.12
C PHE V 56 21.14 59.78 34.13
N SER V 57 20.05 59.43 33.46
CA SER V 57 19.52 58.07 33.50
C SER V 57 19.88 57.35 32.21
N GLY V 58 20.28 56.09 32.34
CA GLY V 58 20.67 55.32 31.18
C GLY V 58 19.75 54.16 30.88
N SER V 59 19.75 53.69 29.64
CA SER V 59 18.90 52.57 29.29
C SER V 59 19.51 51.26 29.78
N PRO V 60 18.69 50.34 30.28
CA PRO V 60 19.21 49.03 30.67
C PRO V 60 19.62 48.22 29.44
N GLY V 61 20.61 47.34 29.66
CA GLY V 61 21.23 46.62 28.58
C GLY V 61 20.50 45.40 28.06
N SER V 62 19.25 45.19 28.46
CA SER V 62 18.52 44.04 27.97
C SER V 62 17.84 44.29 26.63
N THR V 63 17.72 45.55 26.22
CA THR V 63 16.99 45.87 25.00
C THR V 63 17.85 45.55 23.78
N PHE V 64 17.28 44.81 22.84
CA PHE V 64 18.02 44.20 21.75
C PHE V 64 17.54 44.79 20.44
N GLY V 65 18.38 45.61 19.81
CA GLY V 65 18.00 46.21 18.55
C GLY V 65 17.56 47.66 18.66
N THR V 66 18.14 48.40 19.60
CA THR V 66 17.91 49.83 19.71
C THR V 66 19.25 50.56 19.82
N THR V 67 19.15 51.88 19.82
CA THR V 67 20.31 52.75 19.93
C THR V 67 20.46 53.17 21.39
N ALA V 68 21.71 53.33 21.83
CA ALA V 68 21.99 53.67 23.21
C ALA V 68 21.54 55.10 23.51
N THR V 69 20.67 55.24 24.51
CA THR V 69 20.07 56.51 24.87
C THR V 69 20.62 56.99 26.21
N LEU V 70 20.34 58.26 26.49
CA LEU V 70 20.70 58.90 27.74
C LEU V 70 19.68 59.98 28.02
N THR V 71 19.05 59.94 29.19
CA THR V 71 17.95 60.84 29.52
C THR V 71 18.39 61.81 30.60
N ILE V 72 18.26 63.10 30.32
CA ILE V 72 18.55 64.17 31.28
C ILE V 72 17.25 64.90 31.55
N THR V 73 16.99 65.22 32.81
CA THR V 73 15.92 66.15 33.15
C THR V 73 16.51 67.36 33.86
N SER V 74 15.83 68.51 33.69
CA SER V 74 16.15 69.77 34.34
C SER V 74 17.58 70.25 34.03
N VAL V 75 17.79 70.59 32.76
CA VAL V 75 19.10 71.03 32.29
C VAL V 75 19.36 72.47 32.74
N GLU V 76 20.60 72.91 32.56
CA GLU V 76 21.08 74.16 33.12
C GLU V 76 22.07 74.78 32.13
N ALA V 77 22.74 75.84 32.56
CA ALA V 77 23.69 76.53 31.68
C ALA V 77 25.02 75.79 31.58
N GLY V 78 25.42 75.09 32.65
CA GLY V 78 26.68 74.37 32.63
C GLY V 78 26.68 73.14 31.77
N ASP V 79 25.50 72.62 31.41
CA ASP V 79 25.39 71.39 30.65
C ASP V 79 25.65 71.57 29.15
N GLU V 80 26.12 72.75 28.73
CA GLU V 80 26.62 72.94 27.37
C GLU V 80 27.94 72.20 27.23
N ALA V 81 27.89 70.98 26.72
CA ALA V 81 29.07 70.15 26.58
C ALA V 81 28.78 69.10 25.52
N ASP V 82 29.81 68.74 24.76
CA ASP V 82 29.68 67.67 23.78
C ASP V 82 29.65 66.33 24.51
N TYR V 83 28.75 65.46 24.09
CA TYR V 83 28.66 64.17 24.76
C TYR V 83 29.18 63.07 23.85
N TYR V 84 29.57 61.96 24.49
CA TYR V 84 30.12 60.81 23.80
C TYR V 84 29.62 59.55 24.48
N CYS V 85 29.05 58.66 23.67
CA CYS V 85 28.74 57.31 24.11
C CYS V 85 29.96 56.41 23.91
N HIS V 86 29.92 55.27 24.58
CA HIS V 86 30.99 54.29 24.45
C HIS V 86 30.35 52.93 24.75
N ILE V 87 29.97 52.23 23.72
CA ILE V 87 29.25 50.98 23.88
C ILE V 87 30.24 49.83 23.95
N TRP V 88 29.82 48.76 24.61
CA TRP V 88 30.57 47.53 24.69
C TRP V 88 29.60 46.42 24.30
N ASP V 89 29.45 46.22 22.99
CA ASP V 89 28.57 45.17 22.53
C ASP V 89 29.27 43.84 22.69
N SER V 90 28.59 42.88 23.32
CA SER V 90 29.18 41.58 23.57
C SER V 90 29.23 40.70 22.35
N ARG V 91 28.69 41.15 21.22
CA ARG V 91 28.75 40.42 19.97
C ARG V 91 29.71 41.08 18.97
N ARG V 92 29.61 42.38 18.79
CA ARG V 92 30.53 43.11 17.93
C ARG V 92 31.92 43.15 18.54
N PRO V 93 32.97 43.41 17.73
CA PRO V 93 34.32 43.47 18.31
C PRO V 93 34.60 44.71 19.13
N THR V 94 35.84 44.85 19.59
CA THR V 94 36.21 45.91 20.51
C THR V 94 36.28 47.26 19.80
N ASN V 95 35.54 48.24 20.32
CA ASN V 95 35.50 49.57 19.72
C ASN V 95 36.72 50.37 20.13
N TRP V 96 37.49 50.83 19.15
CA TRP V 96 38.67 51.65 19.42
C TRP V 96 38.43 53.12 19.13
N VAL V 97 37.18 53.53 19.02
CA VAL V 97 36.84 54.94 18.83
C VAL V 97 35.48 55.16 19.48
N PHE V 98 35.24 56.39 19.94
CA PHE V 98 33.98 56.69 20.59
C PHE V 98 32.92 56.97 19.54
N GLY V 99 31.70 57.20 19.99
CA GLY V 99 30.60 57.46 19.10
C GLY V 99 30.63 58.87 18.54
N GLU V 100 29.59 59.19 17.79
CA GLU V 100 29.47 60.53 17.23
C GLU V 100 29.03 61.50 18.30
N GLY V 101 29.79 62.58 18.44
CA GLY V 101 29.60 63.48 19.57
C GLY V 101 28.34 64.30 19.42
N THR V 102 27.53 64.34 20.47
CA THR V 102 26.25 65.05 20.43
C THR V 102 26.42 66.39 21.12
N THR V 103 26.40 67.46 20.32
CA THR V 103 26.40 68.81 20.85
C THR V 103 25.08 69.10 21.54
N LEU V 104 25.15 69.55 22.79
CA LEU V 104 23.95 69.85 23.57
C LEU V 104 23.97 71.33 23.94
N ILE V 105 22.96 72.07 23.48
CA ILE V 105 22.83 73.49 23.75
C ILE V 105 21.50 73.77 24.44
N VAL V 106 21.54 74.63 25.44
CA VAL V 106 20.40 74.95 26.28
C VAL V 106 19.77 76.25 25.79
N LEU V 107 18.45 76.34 25.86
CA LEU V 107 17.75 77.57 25.53
C LEU V 107 17.68 78.50 26.74
N GLN W 1 29.37 -17.53 3.02
CA GLN W 1 30.64 -17.69 3.70
C GLN W 1 30.95 -16.48 4.55
N VAL W 2 31.95 -16.60 5.40
CA VAL W 2 32.43 -15.49 6.23
C VAL W 2 33.92 -15.37 5.99
N GLN W 3 34.35 -14.24 5.49
CA GLN W 3 35.75 -14.05 5.16
C GLN W 3 36.32 -12.87 5.93
N LEU W 4 37.52 -13.07 6.45
CA LEU W 4 38.26 -12.07 7.22
C LEU W 4 39.64 -11.96 6.62
N VAL W 5 39.97 -10.84 6.00
CA VAL W 5 41.26 -10.65 5.37
C VAL W 5 41.99 -9.56 6.13
N GLN W 6 43.20 -9.84 6.57
CA GLN W 6 43.99 -8.81 7.21
C GLN W 6 44.94 -8.19 6.20
N SER W 7 45.84 -7.34 6.67
CA SER W 7 46.90 -6.82 5.83
C SER W 7 48.12 -7.72 5.95
N GLY W 8 49.26 -7.24 5.45
CA GLY W 8 50.49 -8.02 5.50
C GLY W 8 51.35 -7.67 6.70
N ALA W 9 52.33 -8.54 6.96
CA ALA W 9 53.29 -8.37 8.03
C ALA W 9 54.19 -7.18 7.76
N VAL W 10 54.77 -6.61 8.82
CA VAL W 10 55.48 -5.36 8.61
C VAL W 10 56.62 -5.23 9.62
N ILE W 11 57.75 -4.71 9.13
CA ILE W 11 58.84 -4.25 9.98
C ILE W 11 58.46 -2.87 10.50
N LYS W 12 58.64 -2.63 11.79
CA LYS W 12 58.44 -1.27 12.30
C LYS W 12 59.56 -0.89 13.26
N THR W 13 59.96 0.37 13.18
CA THR W 13 60.95 0.92 14.10
C THR W 13 60.37 1.03 15.50
N PRO W 14 61.20 1.01 16.55
CA PRO W 14 60.67 1.16 17.90
C PRO W 14 60.11 2.55 18.15
N GLY W 15 59.01 2.61 18.89
CA GLY W 15 58.37 3.85 19.26
C GLY W 15 57.41 4.42 18.25
N SER W 16 57.08 3.68 17.19
CA SER W 16 56.20 4.19 16.15
C SER W 16 54.76 3.78 16.43
N SER W 17 53.89 3.98 15.45
CA SER W 17 52.50 3.59 15.52
C SER W 17 52.19 2.70 14.32
N VAL W 18 51.44 1.64 14.55
CA VAL W 18 51.17 0.65 13.50
C VAL W 18 49.66 0.55 13.29
N LYS W 19 49.25 0.57 12.03
CA LYS W 19 47.85 0.41 11.66
C LYS W 19 47.66 -0.96 11.01
N ILE W 20 46.62 -1.66 11.44
CA ILE W 20 46.28 -2.98 10.91
C ILE W 20 44.81 -2.98 10.55
N SER W 21 44.50 -3.26 9.29
CA SER W 21 43.14 -3.21 8.81
C SER W 21 42.59 -4.61 8.60
N CYS W 22 41.60 -4.98 9.40
CA CYS W 22 40.90 -6.24 9.22
C CYS W 22 39.63 -5.97 8.43
N ARG W 23 39.53 -6.58 7.25
CA ARG W 23 38.39 -6.38 6.37
C ARG W 23 37.50 -7.61 6.40
N ALA W 24 36.22 -7.41 6.71
CA ALA W 24 35.27 -8.50 6.81
C ALA W 24 34.30 -8.44 5.65
N SER W 25 33.91 -9.62 5.17
CA SER W 25 32.94 -9.66 4.09
C SER W 25 32.18 -10.97 4.16
N GLY W 26 31.00 -10.96 3.56
CA GLY W 26 30.14 -12.13 3.51
C GLY W 26 29.05 -12.18 4.54
N TYR W 27 28.84 -11.11 5.30
CA TYR W 27 27.77 -11.06 6.28
C TYR W 27 27.39 -9.61 6.50
N ASN W 28 26.30 -9.41 7.24
CA ASN W 28 25.86 -8.08 7.57
C ASN W 28 26.76 -7.54 8.67
N PHE W 29 27.63 -6.59 8.32
CA PHE W 29 28.70 -6.16 9.20
C PHE W 29 28.19 -5.38 10.41
N ARG W 30 27.02 -4.76 10.31
CA ARG W 30 26.49 -3.96 11.39
C ARG W 30 25.97 -4.77 12.58
N ASP W 31 26.16 -6.07 12.64
CA ASP W 31 25.50 -6.87 13.67
C ASP W 31 26.43 -7.44 14.71
N TYR W 32 27.63 -7.85 14.33
CA TYR W 32 28.48 -8.64 15.21
C TYR W 32 29.67 -7.82 15.69
N SER W 33 30.26 -8.29 16.77
CA SER W 33 31.44 -7.64 17.32
C SER W 33 32.69 -8.10 16.59
N ILE W 34 33.73 -7.28 16.66
CA ILE W 34 35.04 -7.64 16.14
C ILE W 34 36.01 -7.58 17.29
N HIS W 35 36.66 -8.69 17.60
CA HIS W 35 37.60 -8.72 18.70
C HIS W 35 39.00 -8.77 18.14
N TRP W 36 39.94 -8.21 18.88
CA TRP W 36 41.35 -8.28 18.57
C TRP W 36 42.09 -9.01 19.67
N VAL W 37 42.93 -9.97 19.25
CA VAL W 37 43.67 -10.83 20.16
C VAL W 37 45.08 -10.97 19.60
N ARG W 38 46.05 -11.18 20.49
CA ARG W 38 47.43 -11.28 20.09
C ARG W 38 48.01 -12.63 20.53
N LEU W 39 48.95 -13.13 19.75
CA LEU W 39 49.76 -14.29 20.12
C LEU W 39 51.22 -13.84 20.19
N ILE W 40 51.75 -13.81 21.41
CA ILE W 40 53.17 -13.57 21.63
C ILE W 40 53.81 -14.94 21.67
N PRO W 41 54.99 -15.13 21.08
CA PRO W 41 55.70 -16.41 21.23
C PRO W 41 56.11 -16.65 22.67
N ASP W 42 55.84 -17.87 23.13
CA ASP W 42 56.20 -18.37 24.46
C ASP W 42 55.52 -17.55 25.56
N LYS W 43 54.28 -17.13 25.31
CA LYS W 43 53.46 -16.49 26.32
C LYS W 43 52.03 -17.01 26.37
N GLY W 44 51.58 -17.76 25.38
CA GLY W 44 50.16 -18.03 25.24
C GLY W 44 49.46 -16.85 24.61
N PHE W 45 48.15 -16.99 24.46
CA PHE W 45 47.35 -15.91 23.93
C PHE W 45 47.23 -14.76 24.94
N GLU W 46 46.78 -13.62 24.43
CA GLU W 46 46.50 -12.46 25.25
C GLU W 46 45.41 -11.66 24.58
N TRP W 47 44.34 -11.38 25.31
CA TRP W 47 43.25 -10.61 24.76
C TRP W 47 43.65 -9.14 24.65
N ILE W 48 43.08 -8.45 23.67
CA ILE W 48 43.36 -7.03 23.54
C ILE W 48 42.08 -6.22 23.67
N GLY W 49 41.08 -6.48 22.84
CA GLY W 49 39.91 -5.64 22.99
C GLY W 49 38.81 -6.00 22.03
N TRP W 50 37.74 -5.21 22.06
CA TRP W 50 36.64 -5.47 21.15
C TRP W 50 36.00 -4.17 20.70
N ILE W 51 35.28 -4.27 19.59
CA ILE W 51 34.57 -3.14 19.01
C ILE W 51 33.21 -3.62 18.52
N LYS W 52 32.20 -2.76 18.66
CA LYS W 52 30.90 -2.93 18.04
C LYS W 52 30.72 -1.86 16.99
N PRO W 53 30.54 -2.23 15.72
CA PRO W 53 30.64 -1.26 14.63
C PRO W 53 29.39 -0.45 14.42
N LEU W 54 28.30 -0.79 15.10
CA LEU W 54 27.03 -0.09 14.93
C LEU W 54 27.15 1.36 15.36
N TRP W 55 27.80 1.61 16.48
CA TRP W 55 28.16 2.96 16.84
C TRP W 55 29.65 3.11 17.09
N GLY W 56 30.43 2.07 16.85
CA GLY W 56 31.83 2.15 17.17
C GLY W 56 32.11 2.10 18.65
N ALA W 57 31.29 1.39 19.42
CA ALA W 57 31.53 1.31 20.85
C ALA W 57 32.69 0.36 21.11
N VAL W 58 33.75 0.85 21.73
CA VAL W 58 34.96 0.06 21.91
C VAL W 58 35.10 -0.30 23.37
N SER W 59 35.96 -1.28 23.64
CA SER W 59 36.43 -1.52 24.99
C SER W 59 37.78 -2.19 24.91
N TYR W 60 38.65 -1.84 25.84
CA TYR W 60 40.06 -2.20 25.77
C TYR W 60 40.39 -3.09 26.94
N ALA W 61 41.54 -3.76 26.86
CA ALA W 61 42.06 -4.40 28.05
C ALA W 61 42.65 -3.35 28.97
N ARG W 62 42.92 -3.76 30.21
CA ARG W 62 43.38 -2.78 31.21
C ARG W 62 44.82 -2.38 30.95
N GLN W 63 45.71 -3.35 30.80
CA GLN W 63 47.15 -3.11 30.74
C GLN W 63 47.62 -2.61 29.39
N LEU W 64 46.73 -2.17 28.50
CA LEU W 64 47.11 -1.58 27.24
C LEU W 64 46.42 -0.25 26.97
N GLN W 65 45.80 0.36 27.98
CA GLN W 65 45.10 1.61 27.73
C GLN W 65 46.08 2.75 27.53
N GLY W 66 45.60 3.79 26.83
CA GLY W 66 46.44 4.87 26.38
C GLY W 66 47.34 4.54 25.20
N ARG W 67 47.32 3.30 24.72
CA ARG W 67 48.19 2.89 23.64
C ARG W 67 47.45 2.36 22.42
N VAL W 68 46.20 1.95 22.56
CA VAL W 68 45.48 1.32 21.48
C VAL W 68 44.35 2.22 21.05
N SER W 69 43.96 2.11 19.79
CA SER W 69 42.81 2.83 19.28
C SER W 69 42.13 2.00 18.21
N MET W 70 40.81 2.12 18.13
CA MET W 70 40.05 1.31 17.22
C MET W 70 39.11 2.21 16.43
N THR W 71 39.09 2.06 15.12
CA THR W 71 38.08 2.75 14.33
C THR W 71 37.43 1.73 13.41
N ARG W 72 36.32 2.13 12.80
CA ARG W 72 35.65 1.27 11.84
C ARG W 72 35.13 2.10 10.70
N GLN W 73 34.82 1.44 9.61
CA GLN W 73 34.23 2.06 8.44
C GLN W 73 33.21 1.10 7.86
N LEU W 74 32.02 1.62 7.63
CA LEU W 74 30.88 0.84 7.17
C LEU W 74 30.77 0.94 5.66
N SER W 75 29.87 0.13 5.11
CA SER W 75 29.51 0.22 3.71
C SER W 75 28.22 1.00 3.62
N GLN W 76 28.25 2.14 2.95
CA GLN W 76 27.08 2.99 2.85
C GLN W 76 26.62 3.04 1.40
N ASP W 77 25.87 2.00 1.01
CA ASP W 77 25.21 1.91 -0.28
C ASP W 77 24.13 0.85 -0.18
N PRO W 78 23.02 1.01 -0.90
CA PRO W 78 22.01 -0.06 -0.91
C PRO W 78 22.37 -1.26 -1.75
N ASP W 79 23.52 -1.24 -2.43
CA ASP W 79 23.91 -2.37 -3.27
C ASP W 79 24.76 -3.39 -2.51
N ASP W 80 25.87 -2.95 -1.91
CA ASP W 80 26.82 -3.85 -1.26
C ASP W 80 27.01 -3.44 0.19
N PRO W 81 26.08 -3.79 1.07
CA PRO W 81 26.19 -3.38 2.47
C PRO W 81 27.04 -4.29 3.33
N ASP W 82 27.56 -5.39 2.77
CA ASP W 82 28.10 -6.45 3.60
C ASP W 82 29.48 -6.12 4.15
N TRP W 83 30.34 -5.52 3.35
CA TRP W 83 31.75 -5.43 3.71
C TRP W 83 31.99 -4.34 4.74
N GLY W 84 32.95 -4.57 5.61
CA GLY W 84 33.28 -3.59 6.64
C GLY W 84 34.76 -3.62 6.93
N VAL W 85 35.29 -2.50 7.41
CA VAL W 85 36.72 -2.39 7.69
C VAL W 85 36.90 -1.97 9.14
N ALA W 86 37.78 -2.64 9.87
CA ALA W 86 38.12 -2.23 11.22
C ALA W 86 39.61 -1.95 11.29
N TYR W 87 39.96 -0.73 11.65
CA TYR W 87 41.35 -0.34 11.78
C TYR W 87 41.76 -0.40 13.23
N MET W 88 42.94 -0.95 13.48
CA MET W 88 43.59 -0.88 14.79
C MET W 88 44.81 -0.01 14.66
N GLU W 89 44.96 0.94 15.56
CA GLU W 89 46.17 1.75 15.65
C GLU W 89 46.81 1.48 16.99
N PHE W 90 48.09 1.14 16.96
CA PHE W 90 48.78 0.64 18.14
C PHE W 90 50.07 1.41 18.28
N SER W 91 50.20 2.15 19.37
CA SER W 91 51.28 3.10 19.56
C SER W 91 52.04 2.80 20.83
N GLY W 92 53.19 3.44 20.98
CA GLY W 92 54.07 3.17 22.09
C GLY W 92 54.72 1.82 21.95
N LEU W 93 55.45 1.63 20.86
CA LEU W 93 56.02 0.33 20.55
C LEU W 93 57.22 0.00 21.41
N THR W 94 57.31 -1.25 21.81
CA THR W 94 58.43 -1.84 22.50
C THR W 94 58.90 -3.04 21.69
N PRO W 95 60.13 -3.52 21.89
CA PRO W 95 60.52 -4.78 21.27
C PRO W 95 59.81 -6.01 21.83
N ALA W 96 59.10 -5.89 22.94
CA ALA W 96 58.26 -6.99 23.40
C ALA W 96 57.00 -7.13 22.57
N ASP W 97 56.63 -6.10 21.81
CA ASP W 97 55.41 -6.12 21.02
C ASP W 97 55.52 -6.93 19.74
N THR W 98 56.70 -7.49 19.44
CA THR W 98 56.86 -8.37 18.29
C THR W 98 56.06 -9.65 18.53
N ALA W 99 55.02 -9.84 17.74
CA ALA W 99 54.04 -10.90 17.97
C ALA W 99 53.26 -11.09 16.67
N GLU W 100 52.17 -11.85 16.74
CA GLU W 100 51.27 -11.94 15.61
C GLU W 100 49.84 -11.67 16.06
N TYR W 101 49.15 -10.82 15.32
CA TYR W 101 47.86 -10.27 15.75
C TYR W 101 46.75 -10.87 14.92
N PHE W 102 45.56 -10.99 15.53
CA PHE W 102 44.44 -11.67 14.92
C PHE W 102 43.17 -10.86 15.17
N CYS W 103 42.36 -10.70 14.12
CA CYS W 103 41.00 -10.22 14.26
C CYS W 103 40.05 -11.40 14.17
N VAL W 104 39.04 -11.41 15.05
CA VAL W 104 38.10 -12.52 15.13
C VAL W 104 36.68 -12.01 15.25
N ARG W 105 35.74 -12.91 15.02
CA ARG W 105 34.31 -12.62 15.09
C ARG W 105 33.67 -13.65 15.99
N ARG W 106 32.60 -13.22 16.68
CA ARG W 106 31.76 -14.11 17.45
C ARG W 106 31.19 -15.22 16.58
N GLY W 107 31.08 -16.41 17.16
CA GLY W 107 30.46 -17.52 16.44
C GLY W 107 29.01 -17.24 16.14
N SER W 108 28.58 -17.65 14.94
CA SER W 108 27.34 -17.15 14.36
C SER W 108 26.08 -17.76 14.95
N CYS W 109 26.17 -18.85 15.71
CA CYS W 109 24.96 -19.51 16.19
C CYS W 109 24.34 -18.68 17.29
N ASP W 110 23.03 -18.85 17.47
CA ASP W 110 22.30 -18.08 18.46
C ASP W 110 22.63 -18.50 19.88
N TYR W 111 22.89 -19.79 20.09
CA TYR W 111 23.24 -20.24 21.41
C TYR W 111 24.70 -20.00 21.74
N CYS W 112 25.52 -19.70 20.73
CA CYS W 112 26.92 -19.35 20.95
C CYS W 112 27.02 -18.09 21.79
N GLY W 113 27.97 -18.08 22.71
CA GLY W 113 28.20 -16.94 23.57
C GLY W 113 28.88 -15.80 22.85
N ASP W 114 29.44 -14.89 23.63
CA ASP W 114 30.03 -13.68 23.07
C ASP W 114 31.51 -13.84 22.74
N PHE W 115 32.24 -14.57 23.55
CA PHE W 115 33.66 -14.83 23.33
C PHE W 115 34.08 -15.97 22.41
N PRO W 116 33.43 -17.19 22.39
CA PRO W 116 33.98 -18.28 21.56
C PRO W 116 33.97 -18.00 20.07
N TRP W 117 35.16 -17.83 19.51
CA TRP W 117 35.26 -17.35 18.15
C TRP W 117 35.17 -18.48 17.15
N GLN W 118 34.65 -18.16 15.99
CA GLN W 118 34.59 -19.11 14.89
C GLN W 118 35.57 -18.73 13.79
N TYR W 119 35.47 -17.52 13.28
CA TYR W 119 36.21 -17.10 12.11
C TYR W 119 37.43 -16.30 12.52
N TRP W 120 38.51 -16.48 11.77
CA TRP W 120 39.80 -15.93 12.15
C TRP W 120 40.45 -15.28 10.94
N CYS W 121 41.05 -14.12 11.15
CA CYS W 121 41.87 -13.51 10.13
C CYS W 121 43.18 -14.29 10.00
N GLN W 122 43.90 -14.06 8.91
CA GLN W 122 45.07 -14.88 8.64
C GLN W 122 46.27 -14.53 9.52
N GLY W 123 46.19 -13.50 10.35
CA GLY W 123 47.26 -13.22 11.27
C GLY W 123 48.31 -12.31 10.67
N THR W 124 48.74 -11.31 11.42
CA THR W 124 49.68 -10.32 10.90
C THR W 124 50.89 -10.27 11.82
N VAL W 125 52.07 -10.44 11.25
CA VAL W 125 53.29 -10.44 12.07
C VAL W 125 53.79 -9.02 12.21
N VAL W 126 53.99 -8.59 13.45
CA VAL W 126 54.54 -7.28 13.75
C VAL W 126 55.87 -7.50 14.44
N VAL W 127 56.92 -6.86 13.92
CA VAL W 127 58.28 -7.07 14.37
C VAL W 127 58.96 -5.72 14.55
N VAL W 128 59.59 -5.54 15.70
CA VAL W 128 60.12 -4.26 16.14
C VAL W 128 61.64 -4.33 16.09
N SER W 129 62.25 -3.34 15.44
CA SER W 129 63.70 -3.24 15.35
C SER W 129 64.34 -2.94 16.69
N GLU X 1 43.09 -13.19 39.24
CA GLU X 1 41.78 -12.90 38.68
C GLU X 1 41.00 -14.20 38.45
N ILE X 2 41.18 -14.81 37.29
CA ILE X 2 40.87 -16.22 37.10
C ILE X 2 42.11 -16.86 36.49
N VAL X 3 42.61 -17.90 37.11
CA VAL X 3 43.81 -18.57 36.67
C VAL X 3 43.44 -19.91 36.06
N LEU X 4 44.04 -20.22 34.92
CA LEU X 4 43.79 -21.47 34.23
C LEU X 4 45.06 -22.31 34.25
N THR X 5 44.90 -23.63 34.31
CA THR X 5 46.05 -24.51 34.35
C THR X 5 45.71 -25.79 33.60
N GLN X 6 46.35 -26.02 32.46
CA GLN X 6 46.16 -27.28 31.78
C GLN X 6 46.89 -28.41 32.50
N SER X 7 46.49 -29.64 32.15
CA SER X 7 47.08 -30.84 32.69
C SER X 7 46.87 -31.95 31.67
N PRO X 8 47.85 -32.85 31.49
CA PRO X 8 49.15 -32.96 32.17
C PRO X 8 50.19 -31.97 31.67
N GLY X 9 49.88 -31.27 30.59
CA GLY X 9 50.87 -30.40 29.98
C GLY X 9 51.45 -31.07 28.76
N ILE X 10 52.77 -31.16 28.68
CA ILE X 10 53.39 -31.87 27.57
C ILE X 10 53.17 -33.37 27.73
N LEU X 11 52.48 -33.96 26.77
CA LEU X 11 52.16 -35.38 26.76
C LEU X 11 52.89 -36.01 25.59
N SER X 12 53.01 -37.33 25.59
CA SER X 12 53.72 -38.03 24.54
C SER X 12 53.03 -39.36 24.28
N LEU X 13 52.33 -39.45 23.13
CA LEU X 13 51.66 -40.69 22.76
C LEU X 13 51.81 -40.98 21.28
N SER X 14 51.85 -42.26 20.96
CA SER X 14 51.95 -42.73 19.59
C SER X 14 50.60 -42.54 18.89
N PRO X 15 50.58 -42.53 17.55
CA PRO X 15 49.29 -42.47 16.84
C PRO X 15 48.46 -43.73 17.03
N GLY X 16 47.17 -43.53 17.25
CA GLY X 16 46.24 -44.59 17.54
C GLY X 16 45.89 -44.73 19.00
N GLU X 17 46.71 -44.16 19.89
CA GLU X 17 46.48 -44.24 21.33
C GLU X 17 45.65 -43.04 21.78
N THR X 18 44.38 -43.30 22.08
CA THR X 18 43.44 -42.25 22.46
C THR X 18 43.82 -41.64 23.81
N ALA X 19 43.43 -40.38 24.02
CA ALA X 19 43.94 -39.64 25.17
C ALA X 19 42.85 -38.72 25.71
N THR X 20 43.20 -37.97 26.76
CA THR X 20 42.30 -37.01 27.39
C THR X 20 43.12 -35.96 28.12
N LEU X 21 42.87 -34.70 27.80
CA LEU X 21 43.42 -33.57 28.52
C LEU X 21 42.43 -33.08 29.57
N PHE X 22 42.92 -32.21 30.45
CA PHE X 22 42.10 -31.77 31.57
C PHE X 22 42.64 -30.43 32.05
N CYS X 23 41.85 -29.37 31.95
CA CYS X 23 42.36 -28.07 32.41
C CYS X 23 41.47 -27.51 33.50
N LYS X 24 42.12 -27.03 34.55
CA LYS X 24 41.49 -26.65 35.80
C LYS X 24 41.39 -25.15 35.92
N ALA X 25 40.21 -24.67 36.26
CA ALA X 25 39.97 -23.26 36.52
C ALA X 25 40.26 -22.91 37.96
N SER X 26 40.50 -21.63 38.23
CA SER X 26 40.71 -21.19 39.60
C SER X 26 39.42 -21.20 40.40
N GLN X 27 38.32 -20.73 39.82
CA GLN X 27 37.04 -20.84 40.51
C GLN X 27 35.94 -21.04 39.49
N GLY X 28 34.83 -21.60 39.97
CA GLY X 28 33.83 -22.18 39.10
C GLY X 28 32.67 -21.27 38.81
N GLY X 29 31.60 -21.90 38.33
CA GLY X 29 30.42 -21.20 37.88
C GLY X 29 30.43 -20.81 36.43
N ASN X 30 31.44 -21.21 35.68
CA ASN X 30 31.60 -20.78 34.31
C ASN X 30 31.93 -21.99 33.44
N ALA X 31 31.90 -21.79 32.14
CA ALA X 31 31.97 -22.87 31.18
C ALA X 31 32.99 -22.55 30.10
N MET X 32 33.99 -23.42 29.92
CA MET X 32 35.12 -23.13 29.03
C MET X 32 34.90 -23.65 27.62
N THR X 33 35.84 -23.25 26.75
CA THR X 33 35.92 -23.75 25.39
C THR X 33 37.36 -24.12 25.07
N TRP X 34 37.60 -24.65 23.87
CA TRP X 34 38.90 -25.20 23.54
C TRP X 34 39.33 -24.79 22.14
N TYR X 35 40.63 -24.89 21.88
CA TYR X 35 41.22 -24.51 20.61
C TYR X 35 42.29 -25.50 20.20
N GLN X 36 42.56 -25.53 18.90
CA GLN X 36 43.42 -26.55 18.29
C GLN X 36 44.30 -25.86 17.26
N LYS X 37 45.53 -25.53 17.65
CA LYS X 37 46.47 -24.81 16.80
C LYS X 37 47.50 -25.77 16.24
N ARG X 38 47.59 -25.81 14.91
CA ARG X 38 48.56 -26.66 14.24
C ARG X 38 49.91 -25.98 14.13
N ARG X 39 50.82 -26.62 13.40
CA ARG X 39 52.17 -26.11 13.21
C ARG X 39 52.14 -24.90 12.30
N GLY X 40 52.24 -23.71 12.88
CA GLY X 40 52.33 -22.49 12.12
C GLY X 40 51.12 -22.18 11.28
N GLN X 41 49.93 -22.54 11.74
CA GLN X 41 48.72 -22.30 10.97
C GLN X 41 47.71 -21.55 11.83
N VAL X 42 46.56 -21.28 11.22
CA VAL X 42 45.48 -20.53 11.86
C VAL X 42 44.88 -21.37 12.98
N PRO X 43 44.72 -20.82 14.18
CA PRO X 43 44.05 -21.57 15.25
C PRO X 43 42.59 -21.79 14.91
N ARG X 44 41.98 -22.73 15.62
CA ARG X 44 40.70 -23.27 15.18
C ARG X 44 39.92 -23.76 16.39
N LEU X 45 38.76 -23.18 16.62
CA LEU X 45 37.90 -23.64 17.70
C LEU X 45 37.25 -24.94 17.29
N LEU X 46 37.40 -25.96 18.11
CA LEU X 46 36.84 -27.27 17.81
C LEU X 46 35.68 -27.66 18.71
N ILE X 47 35.52 -27.02 19.86
CA ILE X 47 34.39 -27.32 20.74
C ILE X 47 34.06 -26.07 21.56
N TYR X 48 32.80 -25.69 21.56
CA TYR X 48 32.39 -24.49 22.28
C TYR X 48 31.45 -24.83 23.42
N ASP X 49 31.76 -24.20 24.56
CA ASP X 49 30.99 -23.92 25.76
C ASP X 49 30.78 -25.07 26.74
N THR X 50 30.57 -26.32 26.31
CA THR X 50 31.00 -27.45 27.12
C THR X 50 31.28 -28.64 26.23
N SER X 51 30.31 -28.90 25.37
CA SER X 51 30.23 -30.16 24.63
C SER X 51 29.73 -29.95 23.21
N ARG X 52 29.49 -28.72 22.80
CA ARG X 52 28.96 -28.43 21.48
C ARG X 52 30.15 -28.21 20.58
N ARG X 53 30.33 -29.08 19.61
CA ARG X 53 31.43 -28.93 18.67
C ARG X 53 31.00 -28.02 17.54
N ALA X 54 31.97 -27.36 16.92
CA ALA X 54 31.69 -26.35 15.93
C ALA X 54 31.48 -26.99 14.56
N SER X 55 31.33 -26.17 13.53
CA SER X 55 31.18 -26.68 12.18
C SER X 55 32.52 -27.23 11.68
N GLY X 56 32.43 -28.24 10.83
CA GLY X 56 33.63 -28.87 10.31
C GLY X 56 34.43 -29.63 11.33
N VAL X 57 33.77 -30.13 12.37
CA VAL X 57 34.43 -30.81 13.48
C VAL X 57 33.89 -32.22 13.56
N PRO X 58 34.74 -33.24 13.53
CA PRO X 58 34.26 -34.61 13.73
C PRO X 58 33.92 -34.84 15.19
N ASP X 59 33.07 -35.84 15.43
CA ASP X 59 32.58 -36.13 16.77
C ASP X 59 33.54 -36.96 17.61
N ARG X 60 34.75 -37.24 17.11
CA ARG X 60 35.69 -38.00 17.91
C ARG X 60 36.33 -37.17 19.02
N PHE X 61 36.20 -35.85 18.98
CA PHE X 61 36.50 -35.00 20.13
C PHE X 61 35.24 -34.89 20.98
N VAL X 62 35.32 -35.32 22.22
CA VAL X 62 34.20 -35.20 23.15
C VAL X 62 34.70 -34.53 24.41
N GLY X 63 34.13 -33.38 24.73
CA GLY X 63 34.51 -32.64 25.91
C GLY X 63 33.39 -32.69 26.94
N SER X 64 33.78 -32.57 28.20
CA SER X 64 32.81 -32.66 29.28
C SER X 64 33.40 -32.03 30.51
N GLY X 65 32.64 -32.05 31.60
CA GLY X 65 33.17 -31.59 32.86
C GLY X 65 32.21 -30.71 33.63
N SER X 66 32.57 -30.37 34.86
CA SER X 66 31.74 -29.54 35.71
C SER X 66 32.60 -29.02 36.86
N GLY X 67 32.01 -28.15 37.67
CA GLY X 67 32.73 -27.61 38.81
C GLY X 67 33.81 -26.66 38.34
N THR X 68 35.04 -26.94 38.76
CA THR X 68 36.23 -26.29 38.22
C THR X 68 37.07 -27.26 37.41
N ASP X 69 36.45 -28.28 36.84
CA ASP X 69 37.16 -29.46 36.34
C ASP X 69 36.61 -29.84 34.98
N PHE X 70 37.38 -29.61 33.92
CA PHE X 70 36.92 -29.80 32.56
C PHE X 70 37.86 -30.73 31.78
N PHE X 71 37.26 -31.78 31.22
CA PHE X 71 37.92 -32.83 30.46
C PHE X 71 37.72 -32.63 28.97
N LEU X 72 38.70 -33.08 28.20
CA LEU X 72 38.61 -33.14 26.74
C LEU X 72 39.17 -34.49 26.30
N THR X 73 38.29 -35.39 25.90
CA THR X 73 38.66 -36.74 25.51
C THR X 73 38.75 -36.80 23.99
N ILE X 74 39.91 -37.25 23.50
CA ILE X 74 40.15 -37.43 22.08
C ILE X 74 40.24 -38.94 21.82
N ASN X 75 39.48 -39.42 20.85
CA ASN X 75 39.42 -40.83 20.53
C ASN X 75 39.68 -41.03 19.05
N LYS X 76 40.27 -42.19 18.72
CA LYS X 76 40.55 -42.65 17.36
C LYS X 76 41.35 -41.59 16.60
N LEU X 77 42.43 -41.15 17.23
CA LEU X 77 43.15 -40.02 16.66
C LEU X 77 44.04 -40.48 15.51
N ASP X 78 44.46 -39.51 14.73
CA ASP X 78 45.38 -39.67 13.62
C ASP X 78 46.70 -39.01 14.01
N ARG X 79 47.73 -39.26 13.20
CA ARG X 79 48.93 -38.44 13.29
C ARG X 79 48.65 -37.01 12.84
N GLU X 80 47.62 -36.80 12.03
CA GLU X 80 47.18 -35.46 11.67
C GLU X 80 46.10 -34.90 12.59
N ASP X 81 45.51 -35.73 13.45
CA ASP X 81 44.57 -35.17 14.42
C ASP X 81 45.28 -34.38 15.50
N PHE X 82 46.45 -34.85 15.90
CA PHE X 82 47.20 -34.15 16.94
C PHE X 82 47.70 -32.79 16.46
N ALA X 83 47.46 -31.78 17.29
CA ALA X 83 48.19 -30.53 17.32
C ALA X 83 48.11 -29.98 18.74
N VAL X 84 48.45 -28.71 18.92
CA VAL X 84 48.51 -28.11 20.24
C VAL X 84 47.11 -27.67 20.67
N TYR X 85 46.76 -27.93 21.92
CA TYR X 85 45.42 -27.60 22.42
C TYR X 85 45.47 -26.51 23.47
N TYR X 86 44.52 -25.56 23.39
CA TYR X 86 44.33 -24.49 24.36
C TYR X 86 42.93 -24.57 24.96
N CYS X 87 42.74 -23.96 26.13
CA CYS X 87 41.40 -23.84 26.67
C CYS X 87 41.17 -22.42 27.19
N GLN X 88 39.98 -21.89 26.92
CA GLN X 88 39.64 -20.49 27.15
C GLN X 88 38.44 -20.35 28.08
N GLN X 89 38.64 -19.56 29.14
CA GLN X 89 37.59 -18.92 29.94
C GLN X 89 37.66 -17.46 29.53
N PHE X 90 36.62 -16.66 29.86
CA PHE X 90 35.97 -15.60 29.05
C PHE X 90 36.99 -14.91 28.14
N GLU X 91 38.01 -14.25 28.67
CA GLU X 91 39.14 -13.79 27.86
C GLU X 91 40.46 -14.40 28.29
N PHE X 92 40.45 -15.23 29.32
CA PHE X 92 41.69 -15.73 29.88
C PHE X 92 42.13 -17.01 29.17
N PHE X 93 43.43 -17.18 29.00
CA PHE X 93 43.92 -18.31 28.25
C PHE X 93 44.93 -19.10 29.06
N GLY X 94 44.76 -20.40 29.06
CA GLY X 94 45.74 -21.29 29.64
C GLY X 94 46.96 -21.40 28.76
N LEU X 95 47.99 -22.03 29.31
CA LEU X 95 49.27 -22.05 28.64
C LEU X 95 49.37 -23.16 27.62
N GLY X 96 48.49 -24.13 27.68
CA GLY X 96 48.33 -25.11 26.62
C GLY X 96 48.99 -26.44 26.95
N SER X 97 48.62 -27.44 26.15
CA SER X 97 49.16 -28.77 26.26
C SER X 97 49.65 -29.22 24.90
N GLU X 98 50.45 -30.27 24.89
CA GLU X 98 50.96 -30.80 23.63
C GLU X 98 51.20 -32.30 23.79
N LEU X 99 50.82 -33.05 22.76
CA LEU X 99 50.73 -34.52 22.81
C LEU X 99 51.67 -35.10 21.77
N GLU X 100 52.94 -35.25 22.14
CA GLU X 100 53.99 -35.55 21.18
C GLU X 100 53.85 -36.95 20.60
N VAL X 101 54.07 -37.06 19.29
CA VAL X 101 54.03 -38.34 18.62
C VAL X 101 55.23 -39.15 19.05
N HIS X 102 54.97 -40.33 19.63
CA HIS X 102 56.05 -41.15 20.16
C HIS X 102 56.62 -42.09 19.10
C1 NAG Y . 36.07 32.96 9.89
C2 NAG Y . 37.15 33.84 10.50
C3 NAG Y . 38.54 33.40 10.01
C4 NAG Y . 38.74 31.89 10.18
C5 NAG Y . 37.53 31.10 9.65
C6 NAG Y . 37.55 29.64 9.99
C7 NAG Y . 36.86 35.90 9.11
C8 NAG Y . 36.62 37.38 9.20
N2 NAG Y . 36.93 35.26 10.29
O3 NAG Y . 39.52 34.12 10.73
O4 NAG Y . 39.93 31.49 9.50
O5 NAG Y . 36.31 31.62 10.21
O6 NAG Y . 37.10 29.45 11.32
O7 NAG Y . 36.98 35.34 8.02
C1 NAG Y . 40.94 30.91 10.37
C2 NAG Y . 41.98 31.96 10.78
C3 NAG Y . 42.98 31.36 11.76
C4 NAG Y . 42.27 30.70 12.94
C5 NAG Y . 41.25 29.69 12.44
C6 NAG Y . 40.42 29.08 13.54
C7 NAG Y . 42.62 33.79 9.29
C8 NAG Y . 43.39 34.20 8.06
N2 NAG Y . 42.66 32.50 9.61
O3 NAG Y . 43.86 32.37 12.23
O4 NAG Y . 43.22 30.04 13.78
O5 NAG Y . 40.33 30.35 11.55
O6 NAG Y . 39.02 29.29 13.36
O7 NAG Y . 42.00 34.61 9.96
C1 NAG Z . 36.40 39.99 21.99
C2 NAG Z . 36.58 40.93 23.16
C3 NAG Z . 38.07 41.11 23.46
C4 NAG Z . 38.79 39.76 23.60
C5 NAG Z . 38.43 38.82 22.45
C6 NAG Z . 38.90 37.41 22.67
C7 NAG Z . 34.67 42.46 23.19
C8 NAG Z . 34.17 43.83 22.88
N2 NAG Z . 35.95 42.22 22.92
O3 NAG Z . 38.22 41.87 24.65
O4 NAG Z . 40.19 40.02 23.52
O5 NAG Z . 37.01 38.74 22.28
O6 NAG Z . 40.28 37.27 22.37
O7 NAG Z . 33.93 41.60 23.69
C1 NAG Z . 40.97 39.64 24.66
C2 NAG Z . 42.40 40.08 24.34
C3 NAG Z . 43.33 39.78 25.51
C4 NAG Z . 42.80 40.45 26.77
C5 NAG Z . 41.39 39.94 27.06
C6 NAG Z . 40.75 40.60 28.25
C7 NAG Z . 42.87 40.05 21.93
C8 NAG Z . 43.39 39.25 20.78
N2 NAG Z . 42.88 39.44 23.12
O3 NAG Z . 44.64 40.25 25.21
O4 NAG Z . 43.68 40.32 27.88
O5 NAG Z . 40.55 40.24 25.92
O6 NAG Z . 40.12 39.65 29.09
O7 NAG Z . 42.45 41.20 21.80
C1 BMA Z . 44.04 38.99 28.32
C2 BMA Z . 45.62 38.94 28.31
C3 BMA Z . 46.21 38.12 29.47
C4 BMA Z . 45.47 38.37 30.75
C5 BMA Z . 44.04 37.89 30.53
C6 BMA Z . 43.20 37.87 31.81
O2 BMA Z . 46.16 40.24 28.40
O3 BMA Z . 47.59 38.41 29.66
O4 BMA Z . 46.06 37.66 31.83
O5 BMA Z . 43.41 38.76 29.58
O6 BMA Z . 43.86 38.64 32.81
C1 NAG AA . 24.29 36.70 7.05
C2 NAG AA . 23.82 37.80 7.99
C3 NAG AA . 22.85 38.74 7.25
C4 NAG AA . 23.45 39.23 5.94
C5 NAG AA . 23.98 38.06 5.11
C6 NAG AA . 24.76 38.49 3.89
C7 NAG AA . 23.85 36.98 10.29
C8 NAG AA . 23.05 36.41 11.41
N2 NAG AA . 23.18 37.24 9.15
O3 NAG AA . 22.55 39.85 8.09
O4 NAG AA . 22.43 39.89 5.20
O5 NAG AA . 24.88 37.27 5.90
O6 NAG AA . 23.97 38.40 2.71
O7 NAG AA . 25.05 37.21 10.40
C1 NAG AA . 22.70 41.30 5.05
C2 NAG AA . 21.39 41.94 4.62
C3 NAG AA . 21.59 43.45 4.45
C4 NAG AA . 22.22 44.07 5.70
C5 NAG AA . 23.47 43.27 6.13
C6 NAG AA . 24.01 43.71 7.47
C7 NAG AA . 19.96 40.39 3.35
C8 NAG AA . 19.59 39.89 1.99
N2 NAG AA . 20.91 41.35 3.38
O3 NAG AA . 20.33 44.06 4.19
O4 NAG AA . 22.63 45.39 5.38
O5 NAG AA . 23.14 41.88 6.26
O6 NAG AA . 24.13 42.60 8.35
O7 NAG AA . 19.46 39.95 4.38
C1 BMA AA . 21.82 46.37 6.06
C2 BMA AA . 22.66 47.66 6.20
C3 BMA AA . 21.82 48.77 6.82
C4 BMA AA . 20.50 48.95 6.06
C5 BMA AA . 19.74 47.62 6.00
C6 BMA AA . 18.44 47.70 5.21
O2 BMA AA . 23.07 48.12 4.92
O3 BMA AA . 22.54 50.00 6.87
O4 BMA AA . 19.69 49.92 6.72
O5 BMA AA . 20.60 46.63 5.36
O6 BMA AA . 18.76 47.82 3.83
C1 NAG BA . 23.88 32.37 -7.54
C2 NAG BA . 25.39 32.19 -7.25
C3 NAG BA . 26.21 33.33 -7.85
C4 NAG BA . 25.88 33.52 -9.32
C5 NAG BA . 24.38 33.70 -9.49
C6 NAG BA . 23.96 33.83 -10.94
C7 NAG BA . 25.42 32.91 -4.85
C8 NAG BA . 25.82 32.46 -3.47
N2 NAG BA . 25.67 32.02 -5.82
O3 NAG BA . 27.59 33.02 -7.68
O4 NAG BA . 26.54 34.67 -9.83
O5 NAG BA . 23.69 32.56 -8.95
O6 NAG BA . 24.75 33.01 -11.78
O7 NAG BA . 24.93 34.02 -5.04
C1 NAG BA . 27.60 34.30 -10.75
C2 NAG BA . 28.07 35.58 -11.45
C3 NAG BA . 29.20 35.26 -12.42
C4 NAG BA . 30.33 34.53 -11.71
C5 NAG BA . 29.79 33.30 -10.99
C6 NAG BA . 30.83 32.62 -10.13
C7 NAG BA . 26.74 37.54 -12.07
C8 NAG BA . 25.55 38.04 -12.85
N2 NAG BA . 26.97 36.23 -12.15
O3 NAG BA . 29.69 36.47 -12.99
O4 NAG BA . 31.31 34.11 -12.65
O5 NAG BA . 28.72 33.69 -10.09
O6 NAG BA . 30.90 33.22 -8.84
O7 NAG BA . 27.44 38.29 -11.40
C1 NAG CA . 20.04 -13.48 40.16
C2 NAG CA . 21.49 -13.89 39.95
C3 NAG CA . 21.56 -15.40 39.69
C4 NAG CA . 20.81 -16.19 40.76
C5 NAG CA . 19.42 -15.60 41.01
C6 NAG CA . 18.74 -16.19 42.22
C7 NAG CA . 22.81 -12.06 39.00
C8 NAG CA . 23.31 -11.43 37.74
N2 NAG CA . 22.07 -13.17 38.84
O3 NAG CA . 22.92 -15.80 39.66
O4 NAG CA . 20.67 -17.53 40.30
O5 NAG CA . 19.50 -14.19 41.24
O6 NAG CA . 18.48 -15.19 43.19
O7 NAG CA . 23.04 -11.59 40.11
C1 NAG CA . 21.45 -18.45 41.09
C2 NAG CA . 21.78 -19.63 40.19
C3 NAG CA . 22.62 -20.65 40.96
C4 NAG CA . 23.86 -19.98 41.53
C5 NAG CA . 23.47 -18.77 42.38
C6 NAG CA . 24.66 -17.98 42.86
C7 NAG CA . 20.48 -20.67 38.39
C8 NAG CA . 19.17 -21.29 38.01
N2 NAG CA . 20.58 -20.26 39.65
O3 NAG CA . 22.99 -21.72 40.09
O4 NAG CA . 24.58 -20.91 42.35
O5 NAG CA . 22.67 -17.87 41.60
O6 NAG CA . 25.08 -17.03 41.88
O7 NAG CA . 21.41 -20.56 37.59
C1 NAG DA . 10.48 13.97 30.74
C2 NAG DA . 10.69 14.58 29.36
C3 NAG DA . 10.37 16.07 29.38
C4 NAG DA . 8.95 16.30 29.92
C5 NAG DA . 8.85 15.67 31.30
C6 NAG DA . 7.46 15.76 31.89
C7 NAG DA . 12.32 13.76 27.75
C8 NAG DA . 13.77 13.61 27.42
N2 NAG DA . 12.04 14.36 28.91
O3 NAG DA . 10.46 16.58 28.05
O4 NAG DA . 8.69 17.70 29.99
O5 NAG DA . 9.15 14.27 31.21
O6 NAG DA . 6.47 15.57 30.89
O7 NAG DA . 11.45 13.34 27.01
C1 NAG DA . 7.67 18.10 29.05
C2 NAG DA . 7.03 19.37 29.56
C3 NAG DA . 5.95 19.85 28.59
C4 NAG DA . 6.52 19.99 27.18
C5 NAG DA . 7.21 18.69 26.76
C6 NAG DA . 7.92 18.78 25.43
C7 NAG DA . 6.77 19.95 31.92
C8 NAG DA . 6.11 19.60 33.22
N2 NAG DA . 6.47 19.17 30.89
O3 NAG DA . 5.44 21.09 29.03
O4 NAG DA . 5.45 20.30 26.28
O5 NAG DA . 8.20 18.31 27.73
O6 NAG DA . 9.24 18.27 25.52
O7 NAG DA . 7.54 20.89 31.82
C1 BMA DA . 5.59 21.63 25.71
C2 BMA DA . 4.73 21.72 24.42
C3 BMA DA . 4.80 23.14 23.84
C4 BMA DA . 4.53 24.22 24.91
C5 BMA DA . 5.42 23.99 26.13
C6 BMA DA . 5.06 24.94 27.23
O2 BMA DA . 3.37 21.49 24.72
O3 BMA DA . 3.88 23.32 22.76
O4 BMA DA . 4.78 25.49 24.38
O5 BMA DA . 5.20 22.65 26.63
O6 BMA DA . 3.65 25.03 27.26
C1 MAN DA . 4.61 23.55 21.54
C2 MAN DA . 4.17 24.92 20.93
C3 MAN DA . 2.78 24.81 20.29
C4 MAN DA . 2.68 23.59 19.36
C5 MAN DA . 3.05 22.32 20.15
C6 MAN DA . 3.00 21.06 19.32
O2 MAN DA . 5.03 25.32 19.86
O3 MAN DA . 2.45 25.98 19.57
O4 MAN DA . 1.35 23.46 18.88
O5 MAN DA . 4.40 22.47 20.63
O6 MAN DA . 1.63 20.76 19.06
C1 MAN DA . 3.20 24.62 28.56
C2 MAN DA . 1.88 23.80 28.40
C3 MAN DA . 0.72 24.72 28.00
C4 MAN DA . 0.65 25.96 28.92
C5 MAN DA . 2.00 26.68 28.89
C6 MAN DA . 2.04 27.89 29.79
O2 MAN DA . 1.49 23.19 29.62
O3 MAN DA . -0.53 24.04 28.01
O4 MAN DA . -0.36 26.84 28.47
O5 MAN DA . 3.00 25.76 29.38
O6 MAN DA . 1.63 27.48 31.08
C1 NAG EA . 15.71 22.90 37.76
C2 NAG EA . 16.19 23.09 39.19
C3 NAG EA . 15.00 23.17 40.12
C4 NAG EA . 14.04 24.28 39.69
C5 NAG EA . 13.63 24.05 38.23
C6 NAG EA . 12.80 25.18 37.67
C7 NAG EA . 18.41 22.16 39.63
C8 NAG EA . 19.18 20.95 40.06
N2 NAG EA . 17.08 22.02 39.59
O3 NAG EA . 15.46 23.41 41.45
O4 NAG EA . 12.89 24.30 40.52
O5 NAG EA . 14.80 23.97 37.40
O6 NAG EA . 11.45 25.05 38.09
O7 NAG EA . 18.95 23.21 39.31
C1 NAG EA . 12.87 25.50 41.35
C2 NAG EA . 12.23 25.13 42.69
C3 NAG EA . 12.22 26.34 43.61
C4 NAG EA . 13.62 26.91 43.77
C5 NAG EA . 14.21 27.24 42.40
C6 NAG EA . 15.64 27.70 42.46
C7 NAG EA . 10.45 23.49 43.10
C8 NAG EA . 9.05 23.08 42.80
N2 NAG EA . 10.88 24.60 42.51
O3 NAG EA . 11.70 25.95 44.88
O4 NAG EA . 13.59 28.08 44.57
O5 NAG EA . 14.19 26.06 41.57
O6 NAG EA . 15.74 29.10 42.25
O7 NAG EA . 11.17 22.83 43.85
C1 NAG FA . 12.75 36.15 21.45
C2 NAG FA . 12.12 36.80 22.67
C3 NAG FA . 10.69 37.23 22.36
C4 NAG FA . 10.65 38.12 21.12
C5 NAG FA . 11.34 37.42 19.96
C6 NAG FA . 11.47 38.28 18.73
C7 NAG FA . 13.09 35.98 24.76
C8 NAG FA . 12.97 34.97 25.87
N2 NAG FA . 12.15 35.91 23.81
O3 NAG FA . 10.16 37.92 23.49
O4 NAG FA . 9.31 38.40 20.76
O5 NAG FA . 12.68 37.04 20.33
O6 NAG FA . 10.21 38.56 18.15
O7 NAG FA . 13.98 36.82 24.72
C1 NAG FA . 9.02 39.79 21.01
C2 NAG FA . 7.77 40.19 20.24
C3 NAG FA . 7.41 41.64 20.54
C4 NAG FA . 7.28 41.87 22.03
C5 NAG FA . 8.55 41.40 22.75
C6 NAG FA . 8.42 41.47 24.25
C7 NAG FA . 7.05 39.36 18.05
C8 NAG FA . 7.38 39.24 16.59
N2 NAG FA . 7.94 39.99 18.81
O3 NAG FA . 6.19 41.98 19.88
O4 NAG FA . 7.06 43.25 22.30
O5 NAG FA . 8.82 40.03 22.42
O6 NAG FA . 7.56 40.43 24.73
O7 NAG FA . 6.02 38.89 18.52
C1 NAG GA . 38.70 11.88 28.55
C2 NAG GA . 38.05 12.53 27.34
C3 NAG GA . 39.10 12.82 26.29
C4 NAG GA . 40.27 13.63 26.87
C5 NAG GA . 40.76 13.02 28.18
C6 NAG GA . 41.70 13.94 28.93
C7 NAG GA . 35.87 12.17 26.31
C8 NAG GA . 34.88 11.16 25.80
N2 NAG GA . 37.01 11.68 26.80
O3 NAG GA . 38.52 13.54 25.21
O4 NAG GA . 41.35 13.63 25.96
O5 NAG GA . 39.66 12.75 29.07
O6 NAG GA . 41.35 15.30 28.75
O7 NAG GA . 35.64 13.37 26.30
C1 NAG GA . 41.51 14.94 25.38
C2 NAG GA . 43.00 15.20 25.15
C3 NAG GA . 43.22 16.55 24.48
C4 NAG GA . 42.37 16.66 23.22
C5 NAG GA . 40.91 16.31 23.51
C6 NAG GA . 40.06 16.25 22.26
C7 NAG GA . 44.82 14.37 26.57
C8 NAG GA . 45.46 14.43 27.92
N2 NAG GA . 43.74 15.13 26.40
O3 NAG GA . 44.59 16.68 24.16
O4 NAG GA . 42.40 17.99 22.73
O5 NAG GA . 40.83 15.02 24.13
O6 NAG GA . 39.90 14.90 21.81
O7 NAG GA . 45.25 13.65 25.67
C1 BMA GA . 43.30 18.30 21.62
C2 BMA GA . 43.59 17.10 20.63
C3 BMA GA . 44.49 17.60 19.53
C4 BMA GA . 43.80 18.78 18.79
C5 BMA GA . 43.54 19.92 19.80
C6 BMA GA . 42.81 21.09 19.19
O2 BMA GA . 42.43 16.66 19.96
O3 BMA GA . 44.79 16.56 18.63
O4 BMA GA . 44.61 19.25 17.74
O5 BMA GA . 42.72 19.41 20.87
O6 BMA GA . 43.21 21.21 17.84
C1 NAG HA . 34.12 17.06 27.92
C2 NAG HA . 34.90 17.50 26.68
C3 NAG HA . 36.41 17.41 26.94
C4 NAG HA . 36.78 18.16 28.21
C5 NAG HA . 35.93 17.66 29.37
C6 NAG HA . 36.17 18.44 30.64
C7 NAG HA . 34.67 17.09 24.27
C8 NAG HA . 34.25 16.11 23.23
N2 NAG HA . 34.53 16.68 25.54
O3 NAG HA . 37.12 17.94 25.83
O4 NAG HA . 38.16 17.94 28.49
O5 NAG HA . 34.54 17.82 29.04
O6 NAG HA . 35.62 19.74 30.53
O7 NAG HA . 35.11 18.20 24.00
C1 NAG HA . 38.94 19.14 28.32
C2 NAG HA . 40.21 19.01 29.17
C3 NAG HA . 41.09 20.25 29.01
C4 NAG HA . 41.37 20.50 27.54
C5 NAG HA . 40.07 20.59 26.75
C6 NAG HA . 40.29 20.74 25.26
C7 NAG HA . 40.46 17.85 31.31
C8 NAG HA . 40.00 17.76 32.73
N2 NAG HA . 39.88 18.80 30.57
O3 NAG HA . 42.30 20.06 29.73
O4 NAG HA . 42.10 21.71 27.38
O5 NAG HA . 39.31 19.38 26.95
O6 NAG HA . 39.24 21.51 24.67
O7 NAG HA . 41.31 17.10 30.85
C1 NAG IA . 22.66 26.05 35.28
C2 NAG IA . 21.62 27.12 35.11
C3 NAG IA . 22.28 28.45 34.77
C4 NAG IA . 23.38 28.80 35.78
C5 NAG IA . 24.31 27.60 36.00
C6 NAG IA . 25.23 27.81 37.18
C7 NAG IA . 19.33 26.78 34.32
C8 NAG IA . 18.46 26.38 33.17
N2 NAG IA . 20.65 26.76 34.09
O3 NAG IA . 21.27 29.45 34.75
O4 NAG IA . 24.18 29.86 35.27
O5 NAG IA . 23.55 26.41 36.30
O6 NAG IA . 24.50 28.28 38.31
O7 NAG IA . 18.86 27.11 35.40
C1 NAG IA . 23.81 31.15 35.79
C2 NAG IA . 25.04 32.05 35.93
C3 NAG IA . 24.65 33.44 36.41
C4 NAG IA . 23.58 34.04 35.49
C5 NAG IA . 22.42 33.07 35.32
C6 NAG IA . 21.42 33.52 34.28
C7 NAG IA . 26.00 31.16 38.08
C8 NAG IA . 27.25 30.58 38.69
N2 NAG IA . 26.09 31.46 36.77
O3 NAG IA . 25.82 34.23 36.46
O4 NAG IA . 23.02 35.22 36.06
O5 NAG IA . 22.89 31.77 34.89
O6 NAG IA . 21.16 32.50 33.32
O7 NAG IA . 24.97 31.32 38.75
C1 BMA IA . 23.63 36.44 35.63
C2 BMA IA . 22.60 37.36 34.92
C3 BMA IA . 23.02 38.85 34.90
C4 BMA IA . 23.88 39.29 36.13
C5 BMA IA . 24.89 38.22 36.51
C6 BMA IA . 25.66 38.57 37.76
O2 BMA IA . 21.36 37.31 35.60
O3 BMA IA . 21.84 39.67 34.77
O4 BMA IA . 24.63 40.46 35.88
O5 BMA IA . 24.16 37.05 36.77
O6 BMA IA . 24.79 38.45 38.88
C1 MAN IA . 22.06 40.87 34.01
C2 MAN IA . 20.87 41.85 34.31
C3 MAN IA . 19.64 41.47 33.50
C4 MAN IA . 19.97 41.31 32.02
C5 MAN IA . 21.03 40.22 31.86
C6 MAN IA . 21.46 40.04 30.44
O2 MAN IA . 21.19 43.17 33.91
O3 MAN IA . 18.60 42.44 33.64
O4 MAN IA . 18.81 40.94 31.30
O5 MAN IA . 22.21 40.59 32.61
O6 MAN IA . 22.24 41.18 30.06
C1 MAN IA . 21.15 44.02 35.07
C2 MAN IA . 20.36 45.27 34.67
C3 MAN IA . 21.15 46.07 33.63
C4 MAN IA . 22.59 46.33 34.09
C5 MAN IA . 23.26 45.03 34.50
C6 MAN IA . 24.62 45.26 35.10
O2 MAN IA . 20.16 46.16 35.78
O3 MAN IA . 20.51 47.30 33.34
O4 MAN IA . 23.33 46.90 33.03
O5 MAN IA . 22.46 44.35 35.48
O6 MAN IA . 25.25 46.29 34.34
C1 NAG JA . 10.18 13.29 38.49
C2 NAG JA . 8.83 13.70 37.90
C3 NAG JA . 8.00 14.48 38.93
C4 NAG JA . 7.90 13.71 40.24
C5 NAG JA . 9.28 13.28 40.72
C6 NAG JA . 9.23 12.36 41.93
C7 NAG JA . 9.56 15.61 36.44
C8 NAG JA . 9.52 16.12 35.04
N2 NAG JA . 8.95 14.42 36.65
O3 NAG JA . 6.71 14.71 38.39
O4 NAG JA . 7.36 14.56 41.25
O5 NAG JA . 9.97 12.55 39.69
O6 NAG JA . 8.66 13.02 43.05
O7 NAG JA . 10.11 16.25 37.33
C1 NAG JA . 5.99 14.31 41.59
C2 NAG JA . 5.44 15.62 42.16
C3 NAG JA . 3.95 15.49 42.49
C4 NAG JA . 3.17 14.98 41.28
C5 NAG JA . 3.79 13.67 40.80
C6 NAG JA . 3.13 13.13 39.55
C7 NAG JA . 7.07 17.01 43.34
C8 NAG JA . 7.75 17.29 44.65
N2 NAG JA . 6.19 16.02 43.35
O3 NAG JA . 3.45 16.77 42.87
O4 NAG JA . 1.81 14.77 41.64
O5 NAG JA . 5.17 13.89 40.49
O6 NAG JA . 2.48 14.17 38.82
O7 NAG JA . 7.32 17.66 42.33
C1 NAG KA . 26.57 -16.61 32.13
C2 NAG KA . 26.89 -17.89 31.40
C3 NAG KA . 25.62 -18.50 30.81
C4 NAG KA . 24.55 -18.69 31.88
C5 NAG KA . 24.32 -17.36 32.59
C6 NAG KA . 23.40 -17.50 33.78
C7 NAG KA . 28.92 -18.42 30.15
C8 NAG KA . 29.82 -18.05 29.01
N2 NAG KA . 27.86 -17.64 30.35
O3 NAG KA . 25.96 -19.75 30.22
O4 NAG KA . 23.30 -19.03 31.29
O5 NAG KA . 25.57 -16.86 33.10
O6 NAG KA . 24.00 -16.93 34.94
O7 NAG KA . 29.15 -19.39 30.86
C1 NAG KA . 22.90 -20.39 31.38
C2 NAG KA . 21.53 -20.41 30.68
C3 NAG KA . 21.04 -21.84 30.44
C4 NAG KA . 22.13 -22.64 29.74
C5 NAG KA . 23.37 -22.64 30.61
C6 NAG KA . 24.51 -23.43 30.03
C7 NAG KA . 19.66 -18.84 30.91
C8 NAG KA . 18.72 -18.16 31.85
N2 NAG KA . 20.55 -19.66 31.46
O3 NAG KA . 19.88 -21.76 29.61
O4 NAG KA . 21.74 -23.95 29.32
O5 NAG KA . 23.81 -21.28 30.75
O6 NAG KA . 25.44 -23.79 31.04
O7 NAG KA . 19.62 -18.65 29.70
C1 BMA KA . 20.92 -24.78 30.17
C2 BMA KA . 20.24 -25.81 29.23
C3 BMA KA . 20.50 -27.26 29.71
C4 BMA KA . 20.33 -27.42 31.27
C5 BMA KA . 20.85 -26.20 32.05
C6 BMA KA . 21.68 -26.56 33.26
O2 BMA KA . 20.76 -25.73 27.92
O3 BMA KA . 21.78 -27.76 29.26
O4 BMA KA . 18.97 -27.66 31.60
O5 BMA KA . 21.66 -25.41 31.17
O6 BMA KA . 22.18 -25.36 33.83
C1 MAN KA . 21.96 -29.16 29.60
C2 MAN KA . 23.37 -29.32 30.27
C3 MAN KA . 24.47 -29.42 29.21
C4 MAN KA . 24.14 -30.52 28.21
C5 MAN KA . 22.84 -30.13 27.48
C6 MAN KA . 22.44 -31.14 26.43
O2 MAN KA . 23.45 -30.52 31.03
O3 MAN KA . 25.73 -29.68 29.80
O4 MAN KA . 25.18 -30.67 27.26
O5 MAN KA . 21.77 -30.03 28.47
O6 MAN KA . 23.61 -31.54 25.73
C1 NAG LA . -5.88 42.55 -24.86
C2 NAG LA . -6.29 43.82 -25.58
C3 NAG LA . -6.04 45.04 -24.69
C4 NAG LA . -6.67 44.86 -23.32
C5 NAG LA . -6.27 43.51 -22.73
C6 NAG LA . -7.00 43.15 -21.44
C7 NAG LA . -4.36 44.05 -27.17
C8 NAG LA . -4.02 44.18 -28.63
N2 NAG LA . -5.68 43.97 -26.89
O3 NAG LA . -6.57 46.19 -25.35
O4 NAG LA . -6.23 45.92 -22.47
O5 NAG LA . -6.58 42.45 -23.64
O6 NAG LA . -8.38 42.93 -21.69
O7 NAG LA . -3.48 44.02 -26.31
C1 NAG LA . -7.31 46.74 -21.94
C2 NAG LA . -7.56 47.97 -22.82
C3 NAG LA . -8.74 48.77 -22.28
C4 NAG LA . -9.97 47.89 -22.15
C5 NAG LA . -9.65 46.67 -21.29
C6 NAG LA . -10.78 45.67 -21.22
C7 NAG LA . -5.85 49.20 -24.08
C8 NAG LA . -4.62 50.05 -23.99
N2 NAG LA . -6.37 48.80 -22.91
O3 NAG LA . -9.01 49.86 -23.17
O4 NAG LA . -11.03 48.61 -21.54
O5 NAG LA . -8.53 45.97 -21.85
O6 NAG LA . -10.43 44.45 -21.85
O7 NAG LA . -6.35 48.89 -25.15
C1 NAG MA . -16.53 44.57 -33.81
C2 NAG MA . -17.51 44.95 -34.91
C3 NAG MA . -17.89 46.42 -34.79
C4 NAG MA . -18.36 46.76 -33.37
C5 NAG MA . -17.36 46.26 -32.33
C6 NAG MA . -17.83 46.39 -30.91
C7 NAG MA . -17.08 43.49 -36.84
C8 NAG MA . -16.45 43.38 -38.18
N2 NAG MA . -16.96 44.67 -36.23
O3 NAG MA . -18.91 46.73 -35.71
O4 NAG MA . -18.42 48.18 -33.26
O5 NAG MA . -17.09 44.86 -32.54
O6 NAG MA . -17.68 47.71 -30.44
O7 NAG MA . -17.68 42.56 -36.31
C1 NAG MA . -19.73 48.76 -32.97
C2 NAG MA . -19.51 50.27 -32.95
C3 NAG MA . -20.82 50.99 -32.70
C4 NAG MA . -21.82 50.59 -33.78
C5 NAG MA . -22.03 49.08 -33.73
C6 NAG MA . -22.95 48.57 -34.82
C7 NAG MA . -17.25 50.92 -32.26
C8 NAG MA . -16.36 51.28 -31.11
N2 NAG MA . -18.52 50.64 -31.95
O3 NAG MA . -20.61 52.39 -32.73
O4 NAG MA . -23.03 51.34 -33.73
O5 NAG MA . -20.77 48.41 -33.93
O6 NAG MA . -23.60 47.37 -34.43
O7 NAG MA . -16.83 50.86 -33.41
C1 BMA MA . -23.83 51.32 -32.53
C2 BMA MA . -24.00 52.79 -32.05
C3 BMA MA . -25.24 52.99 -31.19
C4 BMA MA . -26.45 52.35 -31.86
C5 BMA MA . -26.19 50.86 -31.96
C6 BMA MA . -27.38 50.10 -32.51
O2 BMA MA . -24.13 53.66 -33.15
O3 BMA MA . -25.49 54.36 -30.97
O4 BMA MA . -27.62 52.59 -31.08
O5 BMA MA . -25.06 50.65 -32.84
O6 BMA MA . -28.11 50.95 -33.39
C1 NAG NA . -1.66 31.99 -30.63
C2 NAG NA . -2.38 31.81 -31.96
C3 NAG NA . -1.48 31.10 -32.96
C4 NAG NA . -0.13 31.79 -33.08
C5 NAG NA . 0.48 32.01 -31.69
C6 NAG NA . 1.74 32.84 -31.70
C7 NAG NA . -4.79 31.65 -31.55
C8 NAG NA . -5.96 30.73 -31.38
N2 NAG NA . -3.61 31.06 -31.77
O3 NAG NA . -2.12 31.07 -34.23
O4 NAG NA . 0.74 30.96 -33.83
O5 NAG NA . -0.46 32.69 -30.85
O6 NAG NA . 2.82 32.14 -32.31
O7 NAG NA . -4.91 32.86 -31.48
C1 NAG NA . 1.11 31.54 -35.09
C2 NAG NA . 1.71 30.43 -35.93
C3 NAG NA . 2.12 30.97 -37.30
C4 NAG NA . 0.98 31.73 -37.97
C5 NAG NA . 0.35 32.75 -37.01
C6 NAG NA . -0.90 33.38 -37.54
C7 NAG NA . 2.74 28.70 -34.54
C8 NAG NA . 4.00 28.22 -33.91
N2 NAG NA . 2.84 29.82 -35.26
O3 NAG NA . 2.54 29.90 -38.12
O4 NAG NA . 1.48 32.42 -39.10
O5 NAG NA . 0.00 32.12 -35.77
O6 NAG NA . -1.89 33.51 -36.52
O7 NAG NA . 1.67 28.12 -34.39
C1 BMA NA . 1.01 31.84 -40.34
C2 BMA NA . 1.09 32.92 -41.45
C3 BMA NA . 0.69 32.31 -42.80
C4 BMA NA . 1.48 31.02 -43.09
C5 BMA NA . 1.33 30.03 -41.90
C6 BMA NA . 2.14 28.76 -42.10
O2 BMA NA . 2.40 33.40 -41.61
O3 BMA NA . 0.84 33.23 -43.87
O4 BMA NA . 1.00 30.43 -44.27
O5 BMA NA . 1.78 30.69 -40.70
O6 BMA NA . 3.49 29.04 -41.80
C1 NAG OA . 11.68 30.57 -24.13
C2 NAG OA . 11.21 31.97 -23.66
C3 NAG OA . 11.99 33.09 -24.36
C4 NAG OA . 13.49 32.85 -24.30
C5 NAG OA . 13.81 31.45 -24.80
C6 NAG OA . 15.27 31.10 -24.68
C7 NAG OA . 9.05 32.14 -24.92
C8 NAG OA . 7.57 32.38 -24.76
N2 NAG OA . 9.77 32.16 -23.79
O3 NAG OA . 11.66 34.33 -23.75
O4 NAG OA . 14.16 33.78 -25.15
O5 NAG OA . 13.09 30.48 -24.02
O6 NAG OA . 15.84 31.66 -23.49
O7 NAG OA . 9.54 31.93 -26.04
C1 NAG OA . 14.95 34.73 -24.38
C2 NAG OA . 15.89 35.42 -25.35
C3 NAG OA . 16.75 36.45 -24.62
C4 NAG OA . 15.87 37.42 -23.84
C5 NAG OA . 14.90 36.66 -22.93
C6 NAG OA . 13.91 37.55 -22.25
C7 NAG OA . 17.09 34.58 -27.32
C8 NAG OA . 17.97 33.49 -27.86
N2 NAG OA . 16.74 34.45 -26.04
O3 NAG OA . 17.54 37.16 -25.55
O4 NAG OA . 16.67 38.28 -23.04
O5 NAG OA . 14.14 35.71 -23.70
O6 NAG OA . 12.83 37.86 -23.11
O7 NAG OA . 16.72 35.53 -28.00
C1 NAG PA . -42.48 16.03 10.57
C2 NAG PA . -42.43 17.36 11.29
C3 NAG PA . -42.45 17.12 12.80
C4 NAG PA . -43.64 16.27 13.20
C5 NAG PA . -43.71 15.00 12.34
C6 NAG PA . -44.98 14.22 12.53
C7 NAG PA . -41.28 19.10 10.02
C8 NAG PA . -39.97 19.77 9.73
N2 NAG PA . -41.25 18.12 10.91
O3 NAG PA . -42.52 18.37 13.47
O4 NAG PA . -43.50 15.89 14.56
O5 NAG PA . -43.66 15.34 10.93
O6 NAG PA . -45.62 13.95 11.29
O7 NAG PA . -42.32 19.44 9.46
C1 NAG PA . -44.50 16.51 15.39
C2 NAG PA . -43.97 16.55 16.82
C3 NAG PA . -44.98 17.23 17.73
C4 NAG PA . -45.32 18.62 17.21
C5 NAG PA . -45.81 18.53 15.76
C6 NAG PA . -46.04 19.88 15.13
C7 NAG PA . -42.43 14.80 17.56
C8 NAG PA . -42.30 13.39 18.06
N2 NAG PA . -43.67 15.21 17.30
O3 NAG PA . -44.45 17.32 19.06
O4 NAG PA . -46.34 19.20 18.01
O5 NAG PA . -44.83 17.86 14.96
O6 NAG PA . -45.22 20.05 13.98
O7 NAG PA . -41.46 15.52 17.41
C1 NAG QA . -28.25 12.98 -16.12
C2 NAG QA . -26.82 13.34 -16.52
C3 NAG QA . -26.66 13.29 -18.04
C4 NAG QA . -27.14 11.96 -18.60
C5 NAG QA . -28.56 11.70 -18.12
C6 NAG QA . -29.10 10.35 -18.55
C7 NAG QA . -25.43 14.89 -15.23
C8 NAG QA . -25.22 16.31 -14.82
N2 NAG QA . -26.48 14.66 -16.02
O3 NAG QA . -25.29 13.47 -18.35
O4 NAG QA . -27.13 12.03 -20.02
O5 NAG QA . -28.61 11.73 -16.69
O6 NAG QA . -28.07 9.37 -18.54
O7 NAG QA . -24.68 13.99 -14.88
C1 NAG QA . -26.12 11.15 -20.56
C2 NAG QA . -26.38 11.02 -22.06
C3 NAG QA . -25.33 10.11 -22.70
C4 NAG QA . -23.92 10.60 -22.37
C5 NAG QA . -23.77 10.81 -20.86
C6 NAG QA . -22.47 11.47 -20.49
C7 NAG QA . -28.47 10.89 -23.35
C8 NAG QA . -29.82 10.25 -23.45
N2 NAG QA . -27.72 10.50 -22.31
O3 NAG QA . -25.52 10.11 -24.11
O4 NAG QA . -22.98 9.62 -22.81
O5 NAG QA . -24.81 11.66 -20.36
O6 NAG QA . -22.53 12.87 -20.74
O7 NAG QA . -28.07 11.71 -24.16
C1 BMA QA . -22.19 10.11 -23.91
C2 BMA QA . -20.87 9.30 -23.96
C3 BMA QA . -20.03 9.74 -25.16
C4 BMA QA . -20.84 9.73 -26.47
C5 BMA QA . -22.15 10.51 -26.30
C6 BMA QA . -23.03 10.39 -27.51
O2 BMA QA . -21.14 7.93 -24.16
O3 BMA QA . -18.88 8.93 -25.33
O4 BMA QA . -20.09 10.32 -27.50
O5 BMA QA . -22.87 9.98 -25.16
O6 BMA QA . -22.88 9.07 -28.02
C1 MAN QA . -17.71 9.74 -25.12
C2 MAN QA . -16.80 9.64 -26.39
C3 MAN QA . -16.03 8.32 -26.41
C4 MAN QA . -15.34 8.04 -25.07
C5 MAN QA . -16.42 8.04 -23.97
C6 MAN QA . -15.85 7.76 -22.59
O2 MAN QA . -15.80 10.65 -26.41
O3 MAN QA . -15.05 8.31 -27.45
O4 MAN QA . -14.71 6.78 -25.09
O5 MAN QA . -17.03 9.35 -23.93
O6 MAN QA . -15.24 6.47 -22.62
C1 MAN QA . -24.13 8.38 -27.88
C2 MAN QA . -23.84 6.95 -27.31
C3 MAN QA . -23.21 6.06 -28.39
C4 MAN QA . -23.98 6.12 -29.72
C5 MAN QA . -24.10 7.58 -30.16
C6 MAN QA . -24.90 7.74 -31.43
O2 MAN QA . -25.05 6.30 -26.94
O3 MAN QA . -23.08 4.71 -27.96
O4 MAN QA . -23.32 5.37 -30.71
O5 MAN QA . -24.79 8.32 -29.13
O6 MAN QA . -26.08 6.96 -31.30
C1 NAG RA . -33.91 20.16 -24.79
C2 NAG RA . -35.29 20.69 -25.16
C3 NAG RA . -36.16 19.55 -25.66
C4 NAG RA . -35.49 18.84 -26.83
C5 NAG RA . -34.09 18.38 -26.42
C6 NAG RA . -33.30 17.80 -27.57
C7 NAG RA . -35.87 22.69 -23.85
C8 NAG RA . -36.57 23.21 -22.64
N2 NAG RA . -35.91 21.36 -24.03
O3 NAG RA . -37.42 20.09 -26.06
O4 NAG RA . -36.25 17.70 -27.21
O5 NAG RA . -33.33 19.49 -25.93
O6 NAG RA . -33.10 16.41 -27.41
O7 NAG RA . -35.29 23.42 -24.65
C1 NAG RA . -36.88 17.90 -28.50
C2 NAG RA . -38.25 17.22 -28.47
C3 NAG RA . -38.99 17.43 -29.79
C4 NAG RA . -39.08 18.92 -30.12
C5 NAG RA . -37.68 19.52 -30.13
C6 NAG RA . -37.68 21.02 -30.37
C7 NAG RA . -39.02 15.12 -27.43
C8 NAG RA . -38.73 13.67 -27.23
N2 NAG RA . -38.13 15.80 -28.17
O3 NAG RA . -40.30 16.87 -29.70
O4 NAG RA . -39.69 19.11 -31.39
O5 NAG RA . -37.04 19.30 -28.87
O6 NAG RA . -37.14 21.34 -31.63
O7 NAG RA . -40.01 15.66 -26.94
C1 NAG SA . -15.30 20.60 -35.18
C2 NAG SA . -16.47 20.16 -36.05
C3 NAG SA . -16.12 18.87 -36.77
C4 NAG SA . -14.83 19.02 -37.57
C5 NAG SA . -13.72 19.52 -36.65
C6 NAG SA . -12.44 19.86 -37.39
C7 NAG SA . -18.86 20.46 -35.65
C8 NAG SA . -20.00 20.20 -34.72
N2 NAG SA . -17.67 20.00 -35.26
O3 NAG SA . -17.19 18.52 -37.64
O4 NAG SA . -14.47 17.77 -38.13
O5 NAG SA . -14.13 20.73 -35.99
O6 NAG SA . -11.81 18.69 -37.90
O7 NAG SA . -18.99 21.06 -36.71
C1 NAG SA . -14.55 17.82 -39.57
C2 NAG SA . -13.80 16.62 -40.14
C3 NAG SA . -13.87 16.63 -41.66
C4 NAG SA . -15.32 16.69 -42.12
C5 NAG SA . -16.04 17.87 -41.47
C6 NAG SA . -17.52 17.90 -41.77
C7 NAG SA . -11.93 15.61 -38.94
C8 NAG SA . -10.48 15.73 -38.56
N2 NAG SA . -12.43 16.60 -39.69
O3 NAG SA . -13.24 15.46 -42.17
O4 NAG SA . -15.37 16.83 -43.54
O5 NAG SA . -15.92 17.81 -40.04
O6 NAG SA . -18.05 16.58 -41.86
O7 NAG SA . -12.62 14.67 -38.57
C1 NAG TA . -27.98 39.78 -7.55
C2 NAG TA . -26.61 39.44 -8.07
C3 NAG TA . -25.67 40.64 -7.89
C4 NAG TA . -26.27 41.90 -8.48
C5 NAG TA . -27.71 42.11 -8.02
C6 NAG TA . -28.42 43.20 -8.77
C7 NAG TA . -25.27 37.40 -7.99
C8 NAG TA . -24.83 36.24 -7.15
N2 NAG TA . -26.08 38.27 -7.40
O3 NAG TA . -24.42 40.34 -8.49
O4 NAG TA . -25.53 43.04 -8.08
O5 NAG TA . -28.48 40.91 -8.23
O6 NAG TA . -27.96 43.29 -10.11
O7 NAG TA . -24.91 37.52 -9.15
C1 NAG TA . -24.74 43.53 -9.17
C2 NAG TA . -24.56 45.03 -9.03
C3 NAG TA . -23.67 45.56 -10.14
C4 NAG TA . -22.37 44.78 -10.23
C5 NAG TA . -22.63 43.28 -10.25
C6 NAG TA . -21.36 42.47 -10.11
C7 NAG TA . -26.08 46.80 -8.29
C8 NAG TA . -27.45 47.38 -8.40
N2 NAG TA . -25.84 45.71 -9.02
O3 NAG TA . -23.39 46.93 -9.89
O4 NAG TA . -21.69 45.11 -11.44
O5 NAG TA . -23.47 42.90 -9.15
O6 NAG TA . -20.91 42.44 -8.77
O7 NAG TA . -25.23 47.28 -7.54
C1 BMA TA . -20.62 46.09 -11.41
C2 BMA TA . -19.90 46.27 -10.01
C3 BMA TA . -18.82 47.32 -10.18
C4 BMA TA . -17.81 46.88 -11.27
C5 BMA TA . -18.56 46.67 -12.61
C6 BMA TA . -17.68 46.13 -13.72
O2 BMA TA . -19.19 45.11 -9.63
O3 BMA TA . -18.14 47.54 -8.95
O4 BMA TA . -16.80 47.84 -11.45
O5 BMA TA . -19.63 45.71 -12.39
O6 BMA TA . -16.36 46.62 -13.50
C1 NAG UA . -26.08 36.89 -13.39
C2 NAG UA . -24.90 37.84 -13.39
C3 NAG UA . -25.36 39.26 -13.03
C4 NAG UA . -26.51 39.71 -13.93
C5 NAG UA . -27.62 38.66 -13.90
C6 NAG UA . -28.73 38.95 -14.88
C7 NAG UA . -22.60 37.66 -12.59
C8 NAG UA . -21.68 37.09 -11.54
N2 NAG UA . -23.89 37.39 -12.46
O3 NAG UA . -24.27 40.15 -13.19
O4 NAG UA . -27.03 40.94 -13.43
O5 NAG UA . -27.08 37.38 -14.26
O6 NAG UA . -28.61 38.12 -16.03
O7 NAG UA . -22.16 38.36 -13.52
C1 NAG UA . -26.78 42.03 -14.34
C2 NAG UA . -27.74 43.17 -13.95
C3 NAG UA . -27.50 44.38 -14.85
C4 NAG UA . -26.02 44.80 -14.81
C5 NAG UA . -25.13 43.60 -15.16
C6 NAG UA . -23.67 43.92 -15.02
C7 NAG UA . -30.06 43.15 -13.19
C8 NAG UA . -31.43 42.61 -13.42
N2 NAG UA . -29.12 42.75 -14.04
O3 NAG UA . -28.31 45.46 -14.40
O4 NAG UA . -25.80 45.85 -15.74
O5 NAG UA . -25.42 42.51 -14.28
O6 NAG UA . -22.86 42.88 -15.56
O7 NAG UA . -29.81 43.92 -12.27
C1 NAG VA . -31.10 27.68 -25.84
C2 NAG VA . -30.70 26.94 -27.09
C3 NAG VA . -30.18 27.92 -28.13
C4 NAG VA . -31.18 29.05 -28.38
C5 NAG VA . -31.65 29.65 -27.04
C6 NAG VA . -32.83 30.59 -27.22
C7 NAG VA . -29.81 24.66 -27.23
C8 NAG VA . -28.70 23.74 -26.85
N2 NAG VA . -29.71 25.92 -26.80
O3 NAG VA . -29.95 27.19 -29.33
O4 NAG VA . -30.55 30.10 -29.11
O5 NAG VA . -32.09 28.62 -26.15
O6 NAG VA . -33.99 29.86 -27.58
O7 NAG VA . -30.77 24.29 -27.91
C1 NAG VA . -30.83 30.07 -30.52
C2 NAG VA . -30.90 31.48 -31.10
C3 NAG VA . -31.13 31.44 -32.60
C4 NAG VA . -30.08 30.57 -33.29
C5 NAG VA . -29.99 29.20 -32.61
C6 NAG VA . -28.83 28.37 -33.11
C7 NAG VA . -33.20 32.17 -30.36
C8 NAG VA . -33.95 33.22 -29.60
N2 NAG VA . -31.87 32.34 -30.43
O3 NAG VA . -31.11 32.77 -33.09
O4 NAG VA . -30.44 30.31 -34.65
O5 NAG VA . -29.80 29.33 -31.19
O6 NAG VA . -28.00 27.94 -32.05
O7 NAG VA . -33.78 31.21 -30.88
C1 BMA VA . -29.88 31.21 -35.63
C2 BMA VA . -28.98 30.43 -36.63
C3 BMA VA . -28.83 31.14 -38.00
C4 BMA VA . -30.08 31.98 -38.41
C5 BMA VA . -30.60 32.77 -37.24
C6 BMA VA . -31.85 33.58 -37.58
O2 BMA VA . -29.53 29.16 -36.89
O3 BMA VA . -28.51 30.17 -39.01
O4 BMA VA . -29.77 32.91 -39.44
O5 BMA VA . -30.97 31.84 -36.25
O6 BMA VA . -32.84 32.69 -38.08
C1 MAN VA . -27.55 30.65 -39.97
C2 MAN VA . -27.64 29.72 -41.24
C3 MAN VA . -26.92 28.40 -40.97
C4 MAN VA . -25.49 28.65 -40.52
C5 MAN VA . -25.50 29.45 -39.22
C6 MAN VA . -24.11 29.81 -38.76
O2 MAN VA . -26.93 30.29 -42.32
O3 MAN VA . -26.92 27.56 -42.11
O4 MAN VA . -24.84 27.41 -40.32
O5 MAN VA . -26.22 30.71 -39.42
O6 MAN VA . -23.55 30.67 -39.75
C1 MAN VA . -27.81 30.45 -43.44
C2 MAN VA . -27.10 29.85 -44.66
C3 MAN VA . -25.89 30.72 -45.04
C4 MAN VA . -26.27 32.21 -45.14
C5 MAN VA . -26.97 32.66 -43.86
C6 MAN VA . -27.45 34.08 -43.95
O2 MAN VA . -27.93 29.84 -45.81
O3 MAN VA . -25.30 30.29 -46.25
O4 MAN VA . -25.10 32.99 -45.30
O5 MAN VA . -28.11 31.80 -43.63
O6 MAN VA . -26.44 34.83 -44.60
C1 NAG WA . -36.04 12.55 -16.90
C2 NAG WA . -35.36 11.30 -17.46
C3 NAG WA . -36.20 10.68 -18.57
C4 NAG WA . -37.64 10.45 -18.11
C5 NAG WA . -38.21 11.72 -17.49
C6 NAG WA . -39.57 11.50 -16.86
C7 NAG WA . -33.60 12.42 -18.87
C8 NAG WA . -32.13 12.48 -19.12
N2 NAG WA . -34.00 11.57 -17.91
O3 NAG WA . -35.61 9.46 -18.97
O4 NAG WA . -38.44 10.12 -19.24
O5 NAG WA . -37.35 12.21 -16.45
O6 NAG WA . -40.54 11.17 -17.83
O7 NAG WA . -34.38 13.11 -19.53
C1 NAG WA . -38.84 8.74 -19.30
C2 NAG WA . -39.53 8.55 -20.66
C3 NAG WA . -39.89 7.09 -20.87
C4 NAG WA . -38.68 6.19 -20.67
C5 NAG WA . -38.07 6.45 -19.30
C6 NAG WA . -36.81 5.66 -19.04
C7 NAG WA . -40.96 10.17 -21.80
C8 NAG WA . -42.23 10.96 -21.75
N2 NAG WA . -40.71 9.38 -20.75
O3 NAG WA . -40.40 6.92 -22.20
O4 NAG WA . -39.05 4.82 -20.79
O5 NAG WA . -37.72 7.84 -19.19
O6 NAG WA . -36.06 5.49 -20.23
O7 NAG WA . -40.20 10.23 -22.76
C1 NAG XA . -35.60 21.96 16.34
C2 NAG XA . -35.12 21.98 17.78
C3 NAG XA . -34.57 20.61 18.18
C4 NAG XA . -35.59 19.50 17.90
C5 NAG XA . -36.04 19.58 16.45
C6 NAG XA . -37.16 18.62 16.14
C7 NAG XA . -33.95 23.65 19.14
C8 NAG XA . -32.82 24.63 19.20
N2 NAG XA . -34.10 22.99 17.98
O3 NAG XA . -34.23 20.61 19.56
O4 NAG XA . -35.00 18.22 18.06
O5 NAG XA . -36.53 20.89 16.16
O6 NAG XA . -38.27 19.30 15.59
O7 NAG XA . -34.68 23.43 20.09
C1 NAG XA . -35.32 17.53 19.27
C2 NAG XA . -34.53 16.22 19.16
C3 NAG XA . -34.55 15.44 20.48
C4 NAG XA . -34.16 16.33 21.64
C5 NAG XA . -35.11 17.51 21.67
C6 NAG XA . -34.84 18.48 22.80
C7 NAG XA . -34.27 14.65 17.29
C8 NAG XA . -34.98 13.87 16.22
N2 NAG XA . -35.05 15.40 18.08
O3 NAG XA . -33.62 14.36 20.36
O4 NAG XA . -34.06 15.68 22.91
O5 NAG XA . -34.96 18.23 20.45
O6 NAG XA . -36.04 19.08 23.26
O7 NAG XA . -33.05 14.61 17.43
C1 BMA XA . -35.05 14.68 23.24
C2 BMA XA . -34.32 13.67 24.18
C3 BMA XA . -35.07 13.53 25.50
C4 BMA XA . -36.62 13.34 25.31
C5 BMA XA . -37.17 14.27 24.21
C6 BMA XA . -38.44 15.01 24.63
O2 BMA XA . -33.02 14.14 24.49
O3 BMA XA . -34.76 14.62 26.39
O4 BMA XA . -36.92 11.98 24.99
O5 BMA XA . -36.17 15.25 23.88
O6 BMA XA . -39.01 15.61 23.49
C1 MAN XA . -35.38 14.45 27.70
C2 MAN XA . -36.10 15.79 28.04
C3 MAN XA . -35.08 16.85 28.45
C4 MAN XA . -34.21 16.34 29.59
C5 MAN XA . -33.46 15.08 29.11
C6 MAN XA . -32.57 14.46 30.18
O2 MAN XA . -36.96 15.64 29.17
O3 MAN XA . -35.71 18.06 28.83
O4 MAN XA . -33.27 17.32 29.98
O5 MAN XA . -34.42 14.07 28.70
O6 MAN XA . -32.94 15.00 31.46
C1 NAG YA . 32.30 4.15 -37.51
C2 NAG YA . 33.29 4.06 -38.67
C3 NAG YA . 32.66 4.59 -39.95
C4 NAG YA . 31.31 3.92 -40.22
C5 NAG YA . 30.42 3.94 -38.97
C6 NAG YA . 29.17 3.10 -39.09
C7 NAG YA . 34.78 6.01 -38.10
C8 NAG YA . 36.22 6.37 -37.84
N2 NAG YA . 34.57 4.70 -38.39
O3 NAG YA . 33.56 4.37 -41.03
O4 NAG YA . 30.66 4.61 -41.29
O5 NAG YA . 31.14 3.42 -37.83
O6 NAG YA . 29.47 1.72 -38.89
O7 NAG YA . 33.89 6.84 -38.03
C1 NAG YA . 30.39 3.79 -42.46
C2 NAG YA . 31.48 3.97 -43.52
C3 NAG YA . 31.21 3.06 -44.72
C4 NAG YA . 31.04 1.62 -44.27
C5 NAG YA . 29.98 1.51 -43.18
C6 NAG YA . 29.86 0.13 -42.59
C7 NAG YA . 32.74 6.03 -43.90
C8 NAG YA . 32.69 7.45 -44.38
N2 NAG YA . 31.60 5.35 -43.95
O3 NAG YA . 32.30 3.15 -45.64
O4 NAG YA . 30.66 0.80 -45.37
O5 NAG YA . 30.30 2.40 -42.10
O6 NAG YA . 30.71 -0.03 -41.47
O7 NAG YA . 33.79 5.53 -43.51
C1 NAG ZA . 41.90 -5.69 -40.46
C2 NAG ZA . 43.10 -6.58 -40.82
C3 NAG ZA . 43.29 -6.63 -42.33
C4 NAG ZA . 42.00 -7.00 -43.06
C5 NAG ZA . 40.85 -6.12 -42.58
C6 NAG ZA . 39.50 -6.55 -43.10
C7 NAG ZA . 44.66 -6.45 -38.93
C8 NAG ZA . 45.93 -5.88 -38.41
N2 NAG ZA . 44.31 -6.10 -40.17
O3 NAG ZA . 44.32 -7.56 -42.65
O4 NAG ZA . 42.19 -6.77 -44.45
O5 NAG ZA . 40.75 -6.17 -41.14
O6 NAG ZA . 39.32 -6.13 -44.46
O7 NAG ZA . 43.97 -7.21 -38.25
C1 NAG ZA . 42.06 -7.90 -45.33
C2 NAG ZA . 42.23 -7.32 -46.74
C3 NAG ZA . 42.19 -8.44 -47.78
C4 NAG ZA . 43.25 -9.48 -47.47
C5 NAG ZA . 43.01 -10.04 -46.07
C6 NAG ZA . 44.07 -11.03 -45.64
C7 NAG ZA . 41.46 -5.01 -46.92
C8 NAG ZA . 40.30 -4.12 -47.25
N2 NAG ZA . 41.22 -6.33 -47.02
O3 NAG ZA . 42.40 -7.89 -49.07
O4 NAG ZA . 43.39 -10.48 -48.47
O5 NAG ZA . 43.04 -8.97 -45.11
O6 NAG ZA . 43.63 -11.81 -44.54
O7 NAG ZA . 42.55 -4.58 -46.58
C1 BMA ZA . 42.25 -11.27 -48.84
C2 BMA ZA . 42.01 -11.06 -50.36
C3 BMA ZA . 41.20 -12.20 -50.99
C4 BMA ZA . 41.77 -13.55 -50.58
C5 BMA ZA . 41.66 -13.67 -49.07
C6 BMA ZA . 42.14 -15.01 -48.56
O2 BMA ZA . 43.24 -11.03 -51.06
O3 BMA ZA . 41.16 -12.09 -52.40
O4 BMA ZA . 41.05 -14.59 -51.20
O5 BMA ZA . 42.49 -12.63 -48.47
O6 BMA ZA . 43.26 -15.43 -49.34
C1 NAG AB . 35.85 5.79 -25.28
C2 NAG AB . 37.15 5.04 -25.05
C3 NAG AB . 37.99 5.74 -24.01
C4 NAG AB . 38.18 7.22 -24.35
C5 NAG AB . 36.83 7.87 -24.62
C6 NAG AB . 36.94 9.28 -25.13
C7 NAG AB . 37.20 2.62 -25.40
C8 NAG AB . 36.85 1.28 -24.85
N2 NAG AB . 36.87 3.67 -24.65
O3 NAG AB . 39.27 5.10 -23.91
O4 NAG AB . 38.79 7.86 -23.23
O5 NAG AB . 36.14 7.13 -25.63
O6 NAG AB . 37.34 10.17 -24.11
O7 NAG AB . 37.77 2.74 -26.48
C1 NAG AB . 40.10 8.38 -23.57
C2 NAG AB . 40.79 8.73 -22.27
C3 NAG AB . 42.18 9.30 -22.55
C4 NAG AB . 42.98 8.38 -23.47
C5 NAG AB . 42.16 7.97 -24.69
C6 NAG AB . 42.82 6.91 -25.52
C7 NAG AB . 39.16 9.32 -20.53
C8 NAG AB . 38.42 10.41 -19.84
N2 NAG AB . 40.00 9.68 -21.50
O3 NAG AB . 42.88 9.46 -21.31
O4 NAG AB . 44.12 9.11 -23.94
O5 NAG AB . 40.89 7.44 -24.29
O6 NAG AB . 42.02 6.56 -26.65
O7 NAG AB . 39.00 8.14 -20.21
C1 BMA AB . 45.35 8.60 -23.39
C2 BMA AB . 46.51 9.14 -24.28
C3 BMA AB . 47.85 8.66 -23.70
C4 BMA AB . 47.98 9.01 -22.21
C5 BMA AB . 46.76 8.48 -21.42
C6 BMA AB . 46.76 8.87 -19.96
O2 BMA AB . 46.55 10.55 -24.25
O3 BMA AB . 48.94 9.20 -24.42
O4 BMA AB . 49.17 8.45 -21.69
O5 BMA AB . 45.54 9.00 -22.03
O6 BMA AB . 46.10 10.13 -19.85
C1 NAG BB . 28.60 18.86 -22.24
C2 NAG BB . 28.48 18.68 -23.77
C3 NAG BB . 29.37 19.66 -24.52
C4 NAG BB . 29.14 21.10 -24.04
C5 NAG BB . 29.30 21.16 -22.52
C6 NAG BB . 28.98 22.51 -21.95
C7 NAG BB . 29.83 16.59 -24.09
C8 NAG BB . 29.77 15.20 -24.64
N2 NAG BB . 28.70 17.31 -24.22
O3 NAG BB . 29.11 19.57 -25.91
O4 NAG BB . 30.10 21.96 -24.63
O5 NAG BB . 28.39 20.23 -21.89
O6 NAG BB . 27.92 23.14 -22.65
O7 NAG BB . 30.85 17.03 -23.56
C1 NAG BB . 29.49 22.89 -25.56
C2 NAG BB . 30.56 23.85 -26.03
C3 NAG BB . 29.98 24.86 -27.02
C4 NAG BB . 29.28 24.13 -28.16
C5 NAG BB . 28.26 23.13 -27.62
C6 NAG BB . 27.63 22.29 -28.70
C7 NAG BB . 32.47 24.85 -24.84
C8 NAG BB . 32.92 25.56 -23.61
N2 NAG BB . 31.16 24.55 -24.90
O3 NAG BB . 31.02 25.68 -27.53
O4 NAG BB . 28.61 25.08 -29.00
O5 NAG BB . 28.89 22.23 -26.71
O6 NAG BB . 28.52 21.24 -29.08
O7 NAG BB . 33.24 24.55 -25.75
C1 NAG CB . -5.46 -37.74 -26.48
C2 NAG CB . -5.91 -37.44 -27.90
C3 NAG CB . -7.43 -37.54 -27.99
C4 NAG CB . -7.92 -38.88 -27.48
C5 NAG CB . -7.35 -39.16 -26.08
C6 NAG CB . -7.66 -40.55 -25.58
C7 NAG CB . -4.34 -35.95 -29.03
C8 NAG CB . -4.02 -34.52 -29.37
N2 NAG CB . -5.46 -36.13 -28.33
O3 NAG CB . -7.82 -37.37 -29.34
O4 NAG CB . -9.34 -38.87 -27.41
O5 NAG CB . -5.91 -39.04 -26.09
O6 NAG CB . -6.45 -41.27 -25.33
O7 NAG CB . -3.62 -36.88 -29.37
C1 NAG CB . -9.92 -39.77 -28.38
C2 NAG CB . -11.36 -39.34 -28.64
C3 NAG CB . -12.01 -40.26 -29.66
C4 NAG CB . -11.18 -40.28 -30.94
C5 NAG CB . -9.74 -40.67 -30.62
C6 NAG CB . -8.83 -40.58 -31.82
C7 NAG CB . -12.38 -38.22 -26.70
C8 NAG CB . -13.20 -38.39 -25.45
N2 NAG CB . -12.14 -39.33 -27.40
O3 NAG CB . -13.33 -39.81 -29.93
O4 NAG CB . -11.73 -41.23 -31.85
O5 NAG CB . -9.20 -39.78 -29.63
O6 NAG CB . -7.70 -39.77 -31.55
O7 NAG CB . -11.97 -37.13 -27.07
C1 NAG DB . 19.62 -24.43 -15.53
C2 NAG DB . 19.90 -22.94 -15.47
C3 NAG DB . 21.38 -22.68 -15.17
C4 NAG DB . 21.82 -23.46 -13.92
C5 NAG DB . 21.46 -24.93 -14.06
C6 NAG DB . 21.73 -25.73 -12.82
C7 NAG DB . 19.06 -21.06 -16.80
C8 NAG DB . 18.73 -20.57 -18.17
N2 NAG DB . 19.53 -22.31 -16.72
O3 NAG DB . 21.59 -21.29 -14.96
O4 NAG DB . 23.24 -23.34 -13.78
O5 NAG DB . 20.06 -25.05 -14.33
O6 NAG DB . 21.48 -24.96 -11.64
O7 NAG DB . 18.93 -20.35 -15.81
C1 NAG DB . 23.58 -22.57 -12.62
C2 NAG DB . 25.04 -22.85 -12.30
C3 NAG DB . 25.47 -22.03 -11.08
C4 NAG DB . 25.16 -20.55 -11.27
C5 NAG DB . 23.70 -20.36 -11.68
C6 NAG DB . 23.38 -18.94 -12.08
C7 NAG DB . 26.37 -24.90 -12.46
C8 NAG DB . 26.43 -26.36 -12.15
N2 NAG DB . 25.27 -24.26 -12.07
O3 NAG DB . 26.87 -22.21 -10.87
O4 NAG DB . 25.39 -19.86 -10.05
O5 NAG DB . 23.40 -21.17 -12.84
O6 NAG DB . 23.58 -18.72 -13.46
O7 NAG DB . 27.27 -24.32 -13.05
C1 BMA DB . 26.54 -18.99 -10.17
C2 BMA DB . 26.50 -17.92 -9.02
C3 BMA DB . 27.77 -17.06 -9.07
C4 BMA DB . 29.03 -17.92 -9.10
C5 BMA DB . 28.95 -18.91 -10.27
C6 BMA DB . 30.14 -19.84 -10.32
O2 BMA DB . 26.51 -18.56 -7.77
O3 BMA DB . 27.84 -16.15 -7.99
O4 BMA DB . 30.18 -17.12 -9.24
O5 BMA DB . 27.77 -19.72 -10.11
O6 BMA DB . 30.58 -20.03 -9.00
C1 MAN DB . 27.84 -14.82 -8.56
C2 MAN DB . 29.00 -13.98 -7.87
C3 MAN DB . 28.56 -13.41 -6.51
C4 MAN DB . 27.16 -12.78 -6.58
C5 MAN DB . 26.18 -13.83 -7.06
C6 MAN DB . 24.75 -13.33 -7.12
O2 MAN DB . 29.35 -12.84 -8.66
O3 MAN DB . 29.48 -12.45 -6.03
O4 MAN DB . 26.78 -12.33 -5.29
O5 MAN DB . 26.55 -14.21 -8.41
O6 MAN DB . 24.41 -12.90 -5.81
C1 MAN DB . 30.55 -21.43 -8.67
C2 MAN DB . 29.75 -21.59 -7.38
C3 MAN DB . 30.53 -20.92 -6.22
C4 MAN DB . 32.01 -21.34 -6.18
C5 MAN DB . 32.66 -21.20 -7.57
C6 MAN DB . 34.04 -21.77 -7.62
O2 MAN DB . 29.63 -22.96 -7.00
O3 MAN DB . 29.91 -21.18 -4.96
O4 MAN DB . 32.72 -20.53 -5.26
O5 MAN DB . 31.85 -21.91 -8.53
O6 MAN DB . 34.00 -23.04 -6.98
C1 NAG EB . 29.82 -28.09 -22.18
C2 NAG EB . 30.28 -29.32 -22.94
C3 NAG EB . 30.66 -30.43 -21.97
C4 NAG EB . 31.69 -29.93 -20.97
C5 NAG EB . 31.17 -28.68 -20.26
C6 NAG EB . 32.18 -28.06 -19.34
C7 NAG EB . 29.32 -29.55 -25.18
C8 NAG EB . 28.19 -30.08 -26.00
N2 NAG EB . 29.27 -29.77 -23.87
O3 NAG EB . 31.16 -31.54 -22.71
O4 NAG EB . 31.99 -30.95 -20.01
O5 NAG EB . 30.83 -27.68 -21.25
O6 NAG EB . 32.44 -28.90 -18.23
O7 NAG EB . 30.26 -28.94 -25.70
C1 NAG EB . 33.33 -31.46 -20.20
C2 NAG EB . 33.29 -32.98 -19.96
C3 NAG EB . 34.67 -33.59 -20.20
C4 NAG EB . 35.18 -33.23 -21.59
C5 NAG EB . 35.20 -31.70 -21.75
C6 NAG EB . 35.62 -31.26 -23.13
C7 NAG EB . 31.96 -34.29 -18.37
C8 NAG EB . 31.57 -34.47 -16.94
N2 NAG EB . 32.82 -33.30 -18.63
O3 NAG EB . 34.59 -35.00 -20.07
O4 NAG EB . 36.50 -33.74 -21.78
O5 NAG EB . 33.88 -31.19 -21.52
O6 NAG EB . 36.96 -30.78 -23.13
O7 NAG EB . 31.52 -35.01 -19.26
C1 NAG FB . 39.02 -9.88 -16.75
C2 NAG FB . 39.90 -11.08 -16.47
C3 NAG FB . 40.34 -11.09 -15.02
C4 NAG FB . 41.01 -9.76 -14.65
C5 NAG FB . 40.07 -8.61 -15.00
C6 NAG FB . 40.70 -7.25 -14.80
C7 NAG FB . 39.85 -13.36 -17.37
C8 NAG FB . 39.00 -14.56 -17.64
N2 NAG FB . 39.22 -12.33 -16.80
O3 NAG FB . 41.23 -12.16 -14.80
O4 NAG FB . 41.31 -9.72 -13.26
O5 NAG FB . 39.70 -8.68 -16.38
O6 NAG FB . 40.94 -6.99 -13.41
O7 NAG FB . 41.04 -13.32 -17.65
C1 NAG FB . 42.74 -9.77 -13.09
C2 NAG FB . 43.10 -9.30 -11.68
C3 NAG FB . 44.60 -9.40 -11.45
C4 NAG FB . 45.10 -10.81 -11.76
C5 NAG FB . 44.67 -11.22 -13.17
C6 NAG FB . 45.03 -12.65 -13.50
C7 NAG FB . 41.92 -7.60 -10.36
C8 NAG FB . 41.52 -6.16 -10.28
N2 NAG FB . 42.63 -7.95 -11.45
O3 NAG FB . 44.90 -9.06 -10.11
O4 NAG FB . 46.52 -10.84 -11.67
O5 NAG FB . 43.25 -11.11 -13.30
O6 NAG FB . 45.19 -13.42 -12.31
O7 NAG FB . 41.61 -8.42 -9.50
C1 NAG GB . 16.12 -18.12 -42.92
C2 NAG GB . 16.42 -16.79 -42.26
C3 NAG GB . 16.36 -15.67 -43.31
C4 NAG GB . 17.25 -15.98 -44.51
C5 NAG GB . 16.96 -17.39 -45.03
C6 NAG GB . 17.95 -17.84 -46.08
C7 NAG GB . 15.88 -15.91 -40.05
C8 NAG GB . 14.81 -15.72 -39.02
N2 NAG GB . 15.51 -16.53 -41.17
O3 NAG GB . 16.79 -14.45 -42.71
O4 NAG GB . 16.99 -15.05 -45.56
O5 NAG GB . 17.03 -18.35 -43.97
O6 NAG GB . 19.26 -17.34 -45.81
O7 NAG GB . 17.02 -15.50 -39.88
C1 NAG GB . 18.12 -14.17 -45.70
C2 NAG GB . 18.09 -13.54 -47.09
C3 NAG GB . 19.24 -12.55 -47.25
C4 NAG GB . 19.23 -11.53 -46.11
C5 NAG GB . 19.17 -12.23 -44.75
C6 NAG GB . 18.96 -11.27 -43.61
C7 NAG GB . 17.50 -14.43 -49.30
C8 NAG GB . 17.68 -15.57 -50.26
N2 NAG GB . 18.15 -14.56 -48.13
O3 NAG GB . 19.09 -11.87 -48.50
O4 NAG GB . 20.44 -10.78 -46.13
O5 NAG GB . 18.05 -13.14 -44.72
O6 NAG GB . 17.60 -10.86 -43.54
O7 NAG GB . 16.83 -13.46 -49.56
C1 BMA GB . 20.45 -9.45 -46.76
C2 BMA GB . 19.03 -8.80 -47.03
C3 BMA GB . 19.27 -7.48 -47.73
C4 BMA GB . 20.14 -6.57 -46.85
C5 BMA GB . 21.49 -7.27 -46.53
C6 BMA GB . 22.36 -6.48 -45.56
O2 BMA GB . 18.38 -8.42 -45.83
O3 BMA GB . 18.03 -6.85 -48.04
O4 BMA GB . 20.39 -5.34 -47.49
O5 BMA GB . 21.21 -8.56 -45.92
O6 BMA GB . 22.15 -5.09 -45.78
C1 NAG HB . 21.29 -16.93 -38.69
C2 NAG HB . 21.36 -15.53 -39.26
C3 NAG HB . 21.28 -15.57 -40.78
C4 NAG HB . 22.33 -16.50 -41.36
C5 NAG HB . 22.28 -17.86 -40.68
C6 NAG HB . 23.45 -18.74 -41.05
C7 NAG HB . 20.33 -13.39 -38.62
C8 NAG HB . 19.13 -12.74 -38.00
N2 NAG HB . 20.29 -14.73 -38.70
O3 NAG HB . 21.48 -14.26 -41.31
O4 NAG HB . 22.08 -16.66 -42.75
O5 NAG HB . 22.33 -17.71 -39.25
O6 NAG HB . 24.60 -17.96 -41.35
O7 NAG HB . 21.28 -12.74 -39.05
C1 NAG HB . 23.10 -16.09 -43.60
C2 NAG HB . 22.98 -16.78 -44.95
C3 NAG HB . 24.02 -16.23 -45.92
C4 NAG HB . 23.91 -14.70 -46.01
C5 NAG HB . 24.00 -14.09 -44.62
C6 NAG HB . 23.77 -12.60 -44.63
C7 NAG HB . 22.24 -19.09 -45.32
C8 NAG HB . 22.55 -20.54 -45.11
N2 NAG HB . 23.13 -18.23 -44.83
O3 NAG HB . 23.81 -16.80 -47.21
O4 NAG HB . 24.96 -14.18 -46.82
O5 NAG HB . 22.99 -14.67 -43.77
O6 NAG HB . 23.66 -12.08 -43.31
O7 NAG HB . 21.22 -18.71 -45.90
C1 NAG IB . 32.14 -23.76 -28.58
C2 NAG IB . 33.28 -23.53 -27.61
C3 NAG IB . 34.41 -22.79 -28.32
C4 NAG IB . 34.82 -23.51 -29.60
C5 NAG IB . 33.60 -23.82 -30.45
C6 NAG IB . 33.91 -24.72 -31.62
C7 NAG IB . 32.54 -23.39 -25.28
C8 NAG IB . 32.11 -22.49 -24.17
N2 NAG IB . 32.83 -22.79 -26.44
O3 NAG IB . 35.49 -22.70 -27.39
O4 NAG IB . 35.68 -22.67 -30.37
O5 NAG IB . 32.60 -24.49 -29.68
O6 NAG IB . 34.66 -25.85 -31.20
O7 NAG IB . 32.63 -24.61 -25.15
C1 NAG IB . 37.07 -23.00 -30.19
C2 NAG IB . 37.86 -22.78 -31.48
C3 NAG IB . 39.35 -23.06 -31.25
C4 NAG IB . 39.88 -22.25 -30.07
C5 NAG IB . 38.99 -22.44 -28.84
C6 NAG IB . 39.35 -21.51 -27.71
C7 NAG IB . 37.27 -24.88 -32.73
C8 NAG IB . 36.70 -25.37 -34.03
N2 NAG IB . 37.35 -23.54 -32.62
O3 NAG IB . 40.04 -22.75 -32.45
O4 NAG IB . 41.17 -22.71 -29.68
O5 NAG IB . 37.61 -22.18 -29.16
O6 NAG IB . 38.21 -20.77 -27.28
O7 NAG IB . 37.63 -25.66 -31.85
C1 BMA IB . 42.27 -21.95 -30.24
C2 BMA IB . 42.93 -21.09 -29.15
C3 BMA IB . 44.41 -20.72 -29.47
C4 BMA IB . 45.17 -21.74 -30.40
C5 BMA IB . 44.24 -22.31 -31.47
C6 BMA IB . 44.91 -23.37 -32.34
O2 BMA IB . 42.96 -21.79 -27.93
O3 BMA IB . 45.12 -20.56 -28.22
O4 BMA IB . 46.24 -21.12 -31.09
O5 BMA IB . 43.16 -22.89 -30.79
O6 BMA IB . 45.28 -24.48 -31.52
C1 MAN IB . 46.14 -19.53 -28.30
C2 MAN IB . 47.24 -19.84 -27.21
C3 MAN IB . 46.72 -19.44 -25.84
C4 MAN IB . 46.32 -17.97 -25.85
C5 MAN IB . 45.18 -17.76 -26.84
C6 MAN IB . 44.81 -16.31 -26.99
O2 MAN IB . 48.37 -19.01 -27.41
O3 MAN IB . 47.66 -19.68 -24.81
O4 MAN IB . 45.90 -17.58 -24.55
O5 MAN IB . 45.58 -18.21 -28.17
O6 MAN IB . 45.85 -15.67 -27.71
C1 MAN IB . 49.57 -19.80 -27.47
C2 MAN IB . 50.62 -19.04 -26.65
C3 MAN IB . 50.99 -17.75 -27.37
C4 MAN IB . 51.37 -17.97 -28.83
C5 MAN IB . 50.25 -18.74 -29.54
C6 MAN IB . 50.60 -19.12 -30.95
O2 MAN IB . 51.84 -19.78 -26.56
O3 MAN IB . 52.03 -17.06 -26.69
O4 MAN IB . 51.57 -16.74 -29.48
O5 MAN IB . 49.98 -19.96 -28.81
O6 MAN IB . 51.22 -17.98 -31.56
C1 NAG JB . 20.91 -31.92 -16.81
C2 NAG JB . 21.25 -31.64 -15.36
C3 NAG JB . 22.29 -32.62 -14.83
C4 NAG JB . 21.90 -34.08 -15.12
C5 NAG JB . 21.46 -34.24 -16.58
C6 NAG JB . 20.86 -35.60 -16.87
C7 NAG JB . 22.75 -29.65 -15.67
C8 NAG JB . 22.93 -28.22 -15.28
N2 NAG JB . 21.68 -30.25 -15.14
O3 NAG JB . 22.44 -32.44 -13.43
O4 NAG JB . 23.04 -34.89 -14.94
O5 NAG JB . 20.46 -33.27 -16.93
O6 NAG JB . 21.78 -36.43 -17.57
O7 NAG JB . 23.54 -30.21 -16.43
C1 NAG JB . 22.95 -35.77 -13.80
C2 NAG JB . 24.38 -36.25 -13.52
C3 NAG JB . 24.40 -37.15 -12.28
C4 NAG JB . 23.76 -36.44 -11.10
C5 NAG JB . 22.35 -35.98 -11.47
C6 NAG JB . 21.69 -35.16 -10.38
C7 NAG JB . 25.96 -36.45 -15.39
C8 NAG JB . 26.41 -37.30 -16.53
N2 NAG JB . 24.93 -36.95 -14.66
O3 NAG JB . 25.74 -37.48 -11.98
O4 NAG JB . 23.69 -37.32 -9.98
O5 NAG JB . 22.41 -35.13 -12.63
O6 NAG JB . 22.30 -33.88 -10.26
O7 NAG JB . 26.48 -35.37 -15.11
C1 NAG KB . -10.13 -29.76 -31.68
C2 NAG KB . -11.57 -29.32 -31.85
C3 NAG KB . -12.25 -29.13 -30.50
C4 NAG KB . -12.09 -30.36 -29.62
C5 NAG KB . -10.62 -30.75 -29.52
C6 NAG KB . -10.41 -32.06 -28.80
C7 NAG KB . -12.69 -27.81 -33.42
C8 NAG KB . -12.65 -26.49 -34.13
N2 NAG KB . -11.65 -28.09 -32.63
O3 NAG KB . -13.63 -28.84 -30.68
O4 NAG KB . -12.51 -30.08 -28.29
O5 NAG KB . -10.08 -30.91 -30.84
O6 NAG KB . -10.25 -33.13 -29.72
O7 NAG KB . -13.64 -28.57 -33.53
C1 NAG KB . -13.77 -30.61 -27.90
C2 NAG KB . -13.96 -30.10 -26.47
C3 NAG KB . -15.38 -30.36 -25.95
C4 NAG KB . -16.41 -29.83 -26.96
C5 NAG KB . -16.17 -30.54 -28.28
C6 NAG KB . -17.15 -30.14 -29.35
C7 NAG KB . -12.45 -30.09 -24.54
C8 NAG KB . -11.46 -30.89 -23.74
N2 NAG KB . -12.99 -30.73 -25.59
O3 NAG KB . -15.53 -29.69 -24.71
O4 NAG KB . -17.76 -29.92 -26.53
O5 NAG KB . -14.85 -30.18 -28.73
O6 NAG KB . -17.42 -31.22 -30.22
O7 NAG KB . -12.75 -28.95 -24.23
C1 BMA KB . -18.21 -31.09 -25.82
C2 BMA KB . -19.33 -30.63 -24.84
C3 BMA KB . -20.66 -31.34 -25.14
C4 BMA KB . -20.48 -32.89 -25.31
C5 BMA KB . -19.18 -33.27 -26.05
C6 BMA KB . -19.38 -34.35 -27.10
O2 BMA KB . -19.58 -29.24 -24.99
O3 BMA KB . -21.36 -30.73 -26.26
O4 BMA KB . -20.52 -33.54 -24.04
O5 BMA KB . -18.68 -32.09 -26.72
O6 BMA KB . -18.23 -34.38 -27.93
C1 MAN KB . -22.66 -31.33 -26.46
C2 MAN KB . -22.79 -31.74 -27.97
C3 MAN KB . -23.05 -30.53 -28.83
C4 MAN KB . -24.30 -29.80 -28.35
C5 MAN KB . -24.06 -29.32 -26.90
C6 MAN KB . -25.29 -28.64 -26.31
O2 MAN KB . -23.90 -32.61 -28.16
O3 MAN KB . -23.20 -30.89 -30.20
O4 MAN KB . -24.57 -28.70 -29.18
O5 MAN KB . -23.74 -30.45 -26.05
O6 MAN KB . -26.14 -28.19 -27.37
C1 NAG LB . 31.02 11.64 2.11
C2 NAG LB . 31.81 10.34 1.94
C3 NAG LB . 32.70 10.10 3.16
C4 NAG LB . 33.57 11.32 3.44
C5 NAG LB . 32.70 12.56 3.57
C6 NAG LB . 33.51 13.83 3.71
C7 NAG LB . 31.10 8.31 0.79
C8 NAG LB . 30.09 7.20 0.72
N2 NAG LB . 30.91 9.21 1.75
O3 NAG LB . 33.54 8.98 2.89
O4 NAG LB . 34.29 11.12 4.65
O5 NAG LB . 31.91 12.72 2.38
O6 NAG LB . 34.39 14.01 2.61
O7 NAG LB . 32.05 8.37 0.02
C1 NAG MB . -1.21 32.85 -4.22
C2 NAG MB . -1.41 33.35 -2.79
C3 NAG MB . -2.71 34.14 -2.67
C4 NAG MB . -2.78 35.23 -3.74
C5 NAG MB . -2.55 34.65 -5.11
C6 NAG MB . -2.45 35.71 -6.18
C7 NAG MB . -0.80 32.32 -0.66
C8 NAG MB . -0.87 31.10 0.20
N2 NAG MB . -1.40 32.24 -1.85
O3 NAG MB . -2.78 34.72 -1.38
O4 NAG MB . -4.06 35.87 -3.70
O5 NAG MB . -1.30 33.94 -5.14
O6 NAG MB . -1.53 36.73 -5.83
O7 NAG MB . -0.22 33.34 -0.29
C1 NAG NB . 10.45 6.20 -30.87
C2 NAG NB . 9.10 6.11 -31.58
C3 NAG NB . 9.13 5.01 -32.64
C4 NAG NB . 10.31 5.19 -33.59
C5 NAG NB . 11.60 5.30 -32.80
C6 NAG NB . 12.79 5.63 -33.67
C7 NAG NB . 6.83 6.46 -30.76
C8 NAG NB . 5.83 6.12 -29.70
N2 NAG NB . 8.03 5.89 -30.64
O3 NAG NB . 7.91 5.07 -33.39
O4 NAG NB . 10.38 4.08 -34.48
O5 NAG NB . 11.50 6.37 -31.84
O6 NAG NB . 12.40 6.37 -34.82
O7 NAG NB . 6.56 7.21 -31.69
#